data_3MBO
#
_entry.id   3MBO
#
_cell.length_a   226.266
_cell.length_b   226.266
_cell.length_c   75.354
_cell.angle_alpha   90.00
_cell.angle_beta   90.00
_cell.angle_gamma   90.00
#
_symmetry.space_group_name_H-M   'P 41'
#
loop_
_entity.id
_entity.type
_entity.pdbx_description
1 polymer 'Glycosyltransferase, group 1 family'
2 non-polymer "URIDINE-5'-DIPHOSPHATE"
3 non-polymer GLYCEROL
4 non-polymer D-MALATE
5 non-polymer 'MAGNESIUM ION'
6 water water
#
_entity_poly.entity_id   1
_entity_poly.type   'polypeptide(L)'
_entity_poly.pdbx_seq_one_letter_code
;MGSHHHHHHSSGLVPRGSHMASMTGGQQMGRGSMKLKIGITCYPSVGGSGVVGTELGKQLAERGHEIHFITSGLPFRLNK
VYPNIYFHEVTVNQYSVFQYPPYDLALASKMAEVAQRENLDILHVHYAIPHAICAYLAKQMIGERIKIVTTLHGTDITVL
GSDPSLNNLIRFGIEQSDVVTAVSHSLINETHELVKPNKDIQTVYNFIDERVYFKRDMTQLKKEYGISESEKILIHISNF
RKVKRVQDVVQAFAKIVTEVDAKLLLVGDGPEFCTILQLVKNLHIEDRVLFLGKQDNVAELLAMSDLMLLLSEKESFGLV
LLEAMACGVPCIGTRVGGIPEVIQHGDTGYLCEVGDTTGVADQAIQLLKDEELHRNMGERARESVYEQFRSEKIVSQYET
IYYDVLRDDKNGKI
;
_entity_poly.pdbx_strand_id   A,B,C,D,E,F,G,H
#
loop_
_chem_comp.id
_chem_comp.type
_chem_comp.name
_chem_comp.formula
GOL non-polymer GLYCEROL 'C3 H8 O3'
MG non-polymer 'MAGNESIUM ION' 'Mg 2'
MLT non-polymer D-MALATE 'C4 H6 O5'
UDP RNA linking URIDINE-5'-DIPHOSPHATE 'C9 H14 N2 O12 P2'
#
# COMPACT_ATOMS: atom_id res chain seq x y z
N MET A 34 -49.23 17.87 -51.40
CA MET A 34 -49.77 17.72 -50.01
C MET A 34 -48.93 16.77 -49.15
N LYS A 35 -47.86 17.27 -48.56
CA LYS A 35 -47.05 16.50 -47.61
C LYS A 35 -47.57 16.71 -46.19
N LEU A 36 -46.82 16.28 -45.19
CA LEU A 36 -47.36 16.20 -43.83
C LEU A 36 -46.32 16.27 -42.70
N LYS A 37 -46.70 16.90 -41.59
CA LYS A 37 -45.86 16.96 -40.40
C LYS A 37 -46.47 16.05 -39.33
N ILE A 38 -45.73 15.01 -38.93
CA ILE A 38 -46.22 13.98 -38.02
C ILE A 38 -45.40 13.98 -36.73
N GLY A 39 -46.03 13.57 -35.63
CA GLY A 39 -45.35 13.46 -34.33
C GLY A 39 -45.50 12.01 -33.89
N ILE A 40 -44.40 11.27 -33.88
CA ILE A 40 -44.38 9.85 -33.53
C ILE A 40 -43.72 9.76 -32.15
N THR A 41 -44.30 8.95 -31.27
CA THR A 41 -43.75 8.68 -29.94
C THR A 41 -43.73 7.18 -29.65
N CYS A 42 -42.65 6.72 -29.02
CA CYS A 42 -42.50 5.33 -28.66
C CYS A 42 -41.44 5.15 -27.58
N TYR A 43 -41.32 3.92 -27.08
CA TYR A 43 -40.30 3.57 -26.11
C TYR A 43 -38.89 3.50 -26.72
N PRO A 44 -37.84 3.71 -25.89
CA PRO A 44 -36.44 3.60 -26.31
C PRO A 44 -36.14 2.40 -27.21
N SER A 45 -36.32 1.20 -26.67
CA SER A 45 -36.13 -0.05 -27.43
C SER A 45 -36.77 -1.21 -26.66
N VAL A 46 -36.27 -2.42 -26.92
CA VAL A 46 -36.72 -3.67 -26.27
C VAL A 46 -38.16 -4.22 -26.21
N GLY A 47 -38.93 -3.92 -27.26
CA GLY A 47 -40.31 -4.34 -27.35
C GLY A 47 -40.84 -3.98 -28.72
N GLY A 48 -41.99 -4.55 -29.07
CA GLY A 48 -42.65 -4.30 -30.34
C GLY A 48 -42.80 -2.82 -30.64
N SER A 49 -43.51 -2.13 -29.75
CA SER A 49 -43.74 -0.69 -29.86
C SER A 49 -42.51 0.09 -30.29
N GLY A 50 -41.37 -0.21 -29.66
CA GLY A 50 -40.11 0.47 -29.96
C GLY A 50 -39.74 0.56 -31.43
N VAL A 51 -39.42 -0.59 -32.04
CA VAL A 51 -38.92 -0.64 -33.42
C VAL A 51 -40.00 -0.26 -34.45
N VAL A 52 -41.26 -0.54 -34.12
CA VAL A 52 -42.36 -0.36 -35.06
C VAL A 52 -42.65 1.12 -35.31
N GLY A 53 -42.56 1.91 -34.25
CA GLY A 53 -42.62 3.36 -34.37
C GLY A 53 -41.44 3.88 -35.17
N THR A 54 -40.23 3.71 -34.61
CA THR A 54 -38.96 4.14 -35.23
C THR A 54 -38.81 3.90 -36.74
N GLU A 55 -39.34 2.78 -37.20
CA GLU A 55 -39.25 2.37 -38.60
C GLU A 55 -40.26 3.22 -39.38
N LEU A 56 -41.52 3.21 -38.93
CA LEU A 56 -42.57 4.02 -39.54
C LEU A 56 -42.19 5.50 -39.57
N GLY A 57 -41.32 5.91 -38.64
CA GLY A 57 -40.77 7.26 -38.67
C GLY A 57 -39.86 7.43 -39.86
N LYS A 58 -38.90 6.53 -39.99
CA LYS A 58 -37.93 6.56 -41.07
C LYS A 58 -38.65 6.45 -42.41
N GLN A 59 -39.38 5.35 -42.61
CA GLN A 59 -40.14 5.11 -43.84
C GLN A 59 -40.90 6.35 -44.31
N LEU A 60 -41.62 6.98 -43.39
CA LEU A 60 -42.43 8.16 -43.71
C LEU A 60 -41.57 9.36 -44.08
N ALA A 61 -40.50 9.59 -43.30
CA ALA A 61 -39.53 10.65 -43.60
C ALA A 61 -38.97 10.45 -45.01
N GLU A 62 -38.68 9.18 -45.34
CA GLU A 62 -38.14 8.77 -46.63
C GLU A 62 -39.11 9.03 -47.78
N ARG A 63 -40.35 9.37 -47.44
CA ARG A 63 -41.39 9.67 -48.43
C ARG A 63 -41.71 11.16 -48.53
N GLY A 64 -41.01 11.99 -47.74
CA GLY A 64 -41.15 13.45 -47.81
C GLY A 64 -41.92 14.11 -46.68
N HIS A 65 -42.36 13.32 -45.70
CA HIS A 65 -43.10 13.83 -44.56
C HIS A 65 -42.13 14.29 -43.48
N GLU A 66 -42.57 15.26 -42.68
CA GLU A 66 -41.80 15.83 -41.57
C GLU A 66 -42.07 15.06 -40.27
N ILE A 67 -41.09 14.29 -39.80
CA ILE A 67 -41.27 13.32 -38.71
C ILE A 67 -40.60 13.70 -37.38
N HIS A 68 -41.35 14.33 -36.48
CA HIS A 68 -40.81 14.73 -35.19
C HIS A 68 -40.93 13.62 -34.16
N PHE A 69 -39.79 13.13 -33.70
CA PHE A 69 -39.77 12.16 -32.60
C PHE A 69 -39.78 12.85 -31.23
N ILE A 70 -40.76 12.48 -30.41
CA ILE A 70 -40.91 13.07 -29.09
C ILE A 70 -40.91 11.92 -28.08
N THR A 71 -39.72 11.57 -27.58
CA THR A 71 -39.57 10.34 -26.79
C THR A 71 -38.74 10.48 -25.52
N SER A 72 -38.75 9.40 -24.72
CA SER A 72 -37.95 9.26 -23.51
C SER A 72 -36.46 9.56 -23.72
N GLY A 73 -35.96 9.30 -24.93
CA GLY A 73 -34.59 9.59 -25.27
C GLY A 73 -34.29 9.41 -26.75
N LEU A 74 -33.20 8.72 -27.03
CA LEU A 74 -32.75 8.47 -28.40
C LEU A 74 -32.88 6.98 -28.76
N PRO A 75 -33.89 6.63 -29.59
CA PRO A 75 -34.00 5.25 -30.06
C PRO A 75 -32.99 4.94 -31.18
N PHE A 76 -32.70 3.66 -31.37
CA PHE A 76 -31.79 3.18 -32.41
C PHE A 76 -32.29 3.52 -33.81
N VAL A 81 -28.31 8.45 -37.33
CA VAL A 81 -28.55 9.81 -37.82
C VAL A 81 -28.91 9.80 -39.31
N TYR A 82 -30.03 10.44 -39.64
CA TYR A 82 -30.53 10.54 -41.01
C TYR A 82 -30.58 11.99 -41.47
N PRO A 83 -31.15 12.24 -42.62
CA PRO A 83 -31.38 13.64 -42.99
C PRO A 83 -32.79 14.24 -42.75
N ASN A 84 -33.79 13.51 -42.29
CA ASN A 84 -35.09 14.20 -42.24
C ASN A 84 -36.06 14.31 -41.02
N ILE A 85 -35.68 14.00 -39.80
CA ILE A 85 -36.69 14.18 -38.75
C ILE A 85 -36.44 15.13 -37.58
N TYR A 86 -35.35 14.94 -36.89
CA TYR A 86 -35.06 15.68 -35.67
C TYR A 86 -35.64 14.89 -34.54
N PHE A 87 -35.12 15.11 -33.34
CA PHE A 87 -35.54 14.41 -32.13
C PHE A 87 -35.80 15.38 -31.02
N HIS A 88 -36.76 15.04 -30.15
CA HIS A 88 -37.13 15.89 -29.02
C HIS A 88 -37.11 15.05 -27.76
N GLU A 89 -35.91 14.88 -27.18
CA GLU A 89 -35.73 14.13 -25.94
C GLU A 89 -36.52 14.83 -24.83
N VAL A 90 -37.17 14.06 -23.97
CA VAL A 90 -38.00 14.63 -22.90
C VAL A 90 -37.04 14.44 -21.72
N THR A 91 -36.41 15.54 -21.31
CA THR A 91 -35.43 15.56 -20.22
C THR A 91 -36.38 15.41 -19.03
N VAL A 92 -36.02 14.50 -18.13
CA VAL A 92 -36.83 14.18 -16.96
C VAL A 92 -36.13 14.80 -15.72
N ASN A 93 -35.06 15.56 -15.98
CA ASN A 93 -34.19 16.13 -14.93
C ASN A 93 -34.79 17.38 -14.26
N GLN A 94 -34.01 17.97 -13.35
CA GLN A 94 -34.39 19.17 -12.56
C GLN A 94 -35.53 19.14 -11.53
N TYR A 95 -35.62 18.02 -10.83
CA TYR A 95 -36.76 17.74 -9.94
C TYR A 95 -36.32 17.35 -8.55
N SER A 96 -36.97 17.93 -7.55
CA SER A 96 -36.65 17.62 -6.16
C SER A 96 -37.90 17.33 -5.36
N VAL A 97 -37.76 16.50 -4.34
CA VAL A 97 -38.89 16.22 -3.47
C VAL A 97 -40.06 15.86 -4.35
N PHE A 98 -39.77 15.01 -5.31
CA PHE A 98 -40.73 14.54 -6.26
C PHE A 98 -40.84 13.08 -5.97
N GLN A 99 -42.07 12.61 -5.87
CA GLN A 99 -42.26 11.23 -5.52
C GLN A 99 -41.63 10.35 -6.58
N TYR A 100 -41.72 10.73 -7.85
CA TYR A 100 -41.11 9.90 -8.86
C TYR A 100 -40.90 10.66 -10.16
N PRO A 101 -40.01 10.19 -11.03
CA PRO A 101 -39.59 11.04 -12.17
C PRO A 101 -40.87 11.23 -12.99
N PRO A 102 -41.42 12.46 -13.03
CA PRO A 102 -42.70 12.72 -13.69
C PRO A 102 -42.58 12.67 -15.22
N TYR A 103 -42.22 11.49 -15.74
CA TYR A 103 -42.08 11.26 -17.17
C TYR A 103 -43.39 11.55 -17.88
N ASP A 104 -44.45 10.88 -17.42
CA ASP A 104 -45.78 11.01 -18.00
C ASP A 104 -46.10 12.48 -18.27
N LEU A 105 -46.08 13.28 -17.20
CA LEU A 105 -46.39 14.70 -17.29
C LEU A 105 -45.38 15.48 -18.15
N ALA A 106 -44.11 15.07 -18.09
CA ALA A 106 -43.05 15.70 -18.90
C ALA A 106 -43.30 15.43 -20.38
N LEU A 107 -43.63 14.18 -20.69
CA LEU A 107 -43.96 13.76 -22.05
C LEU A 107 -45.13 14.57 -22.60
N ALA A 108 -46.19 14.69 -21.82
CA ALA A 108 -47.34 15.52 -22.19
C ALA A 108 -46.93 16.98 -22.41
N SER A 109 -46.11 17.53 -21.51
CA SER A 109 -45.66 18.93 -21.64
C SER A 109 -44.88 19.19 -22.92
N LYS A 110 -43.92 18.32 -23.21
CA LYS A 110 -43.09 18.46 -24.39
C LYS A 110 -43.90 18.19 -25.67
N MET A 111 -44.75 17.16 -25.62
CA MET A 111 -45.65 16.77 -26.73
C MET A 111 -46.43 17.97 -27.23
N ALA A 112 -47.04 18.69 -26.29
CA ALA A 112 -47.88 19.85 -26.58
C ALA A 112 -47.07 21.08 -26.97
N GLU A 113 -45.86 21.19 -26.41
CA GLU A 113 -44.96 22.28 -26.78
C GLU A 113 -44.46 22.09 -28.22
N VAL A 114 -44.03 20.86 -28.52
CA VAL A 114 -43.46 20.52 -29.84
C VAL A 114 -44.50 20.60 -30.97
N ALA A 115 -45.75 20.33 -30.63
CA ALA A 115 -46.85 20.34 -31.59
C ALA A 115 -47.24 21.75 -32.01
N GLN A 116 -46.69 22.74 -31.32
CA GLN A 116 -47.01 24.13 -31.60
C GLN A 116 -45.87 24.81 -32.36
N ARG A 117 -44.67 24.75 -31.78
CA ARG A 117 -43.48 25.34 -32.39
C ARG A 117 -43.37 24.90 -33.84
N GLU A 118 -43.75 23.65 -34.09
CA GLU A 118 -43.62 22.98 -35.39
C GLU A 118 -44.93 22.87 -36.13
N ASN A 119 -46.04 22.96 -35.40
CA ASN A 119 -47.37 22.84 -35.98
C ASN A 119 -47.59 21.46 -36.65
N LEU A 120 -47.50 20.41 -35.84
CA LEU A 120 -47.75 19.04 -36.29
C LEU A 120 -49.22 18.85 -36.62
N ASP A 121 -49.49 18.09 -37.67
CA ASP A 121 -50.86 17.81 -38.10
C ASP A 121 -51.41 16.53 -37.43
N ILE A 122 -50.50 15.69 -36.94
CA ILE A 122 -50.82 14.38 -36.38
C ILE A 122 -49.87 14.01 -35.26
N LEU A 123 -50.44 13.46 -34.19
CA LEU A 123 -49.66 12.93 -33.08
C LEU A 123 -49.90 11.44 -33.01
N HIS A 124 -48.85 10.67 -33.28
CA HIS A 124 -48.98 9.22 -33.44
C HIS A 124 -48.31 8.48 -32.29
N VAL A 125 -49.13 8.09 -31.32
CA VAL A 125 -48.70 7.43 -30.11
C VAL A 125 -48.73 5.91 -30.24
N HIS A 126 -47.63 5.24 -29.89
CA HIS A 126 -47.57 3.78 -30.03
C HIS A 126 -47.84 2.64 -29.06
N TYR A 127 -47.33 2.69 -27.83
CA TYR A 127 -47.66 1.65 -26.87
C TYR A 127 -48.60 2.59 -26.14
N ALA A 128 -49.73 2.07 -25.65
CA ALA A 128 -50.88 2.93 -25.25
C ALA A 128 -50.85 3.63 -23.89
N ILE A 129 -50.28 2.89 -22.93
CA ILE A 129 -50.37 3.09 -21.50
C ILE A 129 -49.83 4.37 -20.89
N PRO A 130 -48.65 4.85 -21.25
CA PRO A 130 -48.36 6.14 -20.64
C PRO A 130 -48.69 7.20 -21.69
N HIS A 131 -48.76 6.77 -22.95
CA HIS A 131 -48.75 7.65 -24.11
C HIS A 131 -50.12 8.19 -24.55
N ALA A 132 -51.13 7.32 -24.61
CA ALA A 132 -52.42 7.74 -25.15
C ALA A 132 -53.11 8.75 -24.24
N ILE A 133 -52.83 8.66 -22.94
CA ILE A 133 -53.28 9.68 -21.99
C ILE A 133 -52.45 10.96 -22.18
N CYS A 134 -51.13 10.82 -22.16
CA CYS A 134 -50.23 11.96 -22.38
C CYS A 134 -50.56 12.73 -23.66
N ALA A 135 -50.81 12.01 -24.74
CA ALA A 135 -51.18 12.63 -26.01
C ALA A 135 -52.51 13.37 -25.93
N TYR A 136 -53.54 12.68 -25.44
CA TYR A 136 -54.87 13.28 -25.22
C TYR A 136 -54.76 14.55 -24.39
N LEU A 137 -53.97 14.46 -23.33
CA LEU A 137 -53.67 15.56 -22.46
C LEU A 137 -53.02 16.72 -23.23
N ALA A 138 -52.05 16.38 -24.09
CA ALA A 138 -51.33 17.40 -24.84
C ALA A 138 -52.21 18.03 -25.91
N LYS A 139 -53.14 17.24 -26.46
CA LYS A 139 -54.09 17.75 -27.44
C LYS A 139 -54.92 18.85 -26.81
N GLN A 140 -55.41 18.57 -25.61
CA GLN A 140 -56.26 19.51 -24.86
C GLN A 140 -55.53 20.78 -24.48
N MET A 141 -54.21 20.70 -24.39
CA MET A 141 -53.40 21.85 -24.02
C MET A 141 -53.19 22.84 -25.13
N ILE A 142 -53.35 22.41 -26.38
CA ILE A 142 -53.01 23.24 -27.54
C ILE A 142 -54.23 23.57 -28.43
N GLY A 143 -55.37 23.75 -27.79
CA GLY A 143 -56.59 24.16 -28.47
C GLY A 143 -57.13 23.14 -29.47
N GLU A 144 -56.70 21.88 -29.32
CA GLU A 144 -57.16 20.78 -30.17
C GLU A 144 -56.90 21.03 -31.66
N ARG A 145 -55.80 21.71 -31.97
CA ARG A 145 -55.37 21.91 -33.36
C ARG A 145 -55.01 20.55 -34.00
N ILE A 146 -54.44 19.68 -33.18
CA ILE A 146 -53.85 18.42 -33.64
C ILE A 146 -54.87 17.27 -33.72
N LYS A 147 -54.52 16.26 -34.52
CA LYS A 147 -55.27 15.00 -34.61
C LYS A 147 -54.43 13.86 -34.03
N ILE A 148 -55.06 13.02 -33.21
CA ILE A 148 -54.35 11.97 -32.46
C ILE A 148 -54.64 10.57 -32.98
N VAL A 149 -53.57 9.77 -33.07
CA VAL A 149 -53.70 8.35 -33.40
C VAL A 149 -53.01 7.45 -32.37
N THR A 150 -53.81 6.58 -31.75
CA THR A 150 -53.29 5.56 -30.83
C THR A 150 -53.10 4.24 -31.59
N THR A 151 -51.99 3.55 -31.33
CA THR A 151 -51.70 2.27 -31.96
C THR A 151 -51.43 1.18 -30.93
N LEU A 152 -52.50 0.47 -30.52
CA LEU A 152 -52.40 -0.60 -29.52
C LEU A 152 -51.48 -1.74 -30.00
N HIS A 153 -50.34 -1.87 -29.34
CA HIS A 153 -49.50 -3.06 -29.44
C HIS A 153 -49.87 -3.97 -28.27
N GLY A 154 -49.49 -5.24 -28.36
CA GLY A 154 -49.95 -6.24 -27.39
C GLY A 154 -50.07 -5.90 -25.91
N THR A 155 -48.94 -5.66 -25.26
CA THR A 155 -48.84 -5.70 -23.80
C THR A 155 -49.79 -4.78 -23.05
N ASP A 156 -50.04 -3.57 -23.58
CA ASP A 156 -50.87 -2.58 -22.87
C ASP A 156 -52.34 -2.97 -22.72
N ILE A 157 -52.77 -3.98 -23.48
CA ILE A 157 -54.14 -4.46 -23.39
C ILE A 157 -54.21 -5.78 -22.63
N THR A 158 -53.36 -6.74 -22.99
CA THR A 158 -53.45 -8.10 -22.45
C THR A 158 -53.11 -8.23 -20.97
N VAL A 159 -52.31 -7.30 -20.44
CA VAL A 159 -52.03 -7.27 -18.99
C VAL A 159 -52.45 -6.05 -18.18
N LEU A 160 -52.36 -4.87 -18.79
CA LEU A 160 -52.69 -3.61 -18.11
C LEU A 160 -54.20 -3.46 -18.14
N GLY A 161 -54.83 -3.95 -19.21
CA GLY A 161 -56.28 -3.92 -19.34
C GLY A 161 -56.98 -4.66 -18.21
N SER A 162 -56.33 -5.69 -17.68
CA SER A 162 -56.92 -6.47 -16.60
C SER A 162 -56.74 -5.79 -15.23
N ASP A 163 -55.87 -4.78 -15.17
CA ASP A 163 -55.60 -4.06 -13.94
C ASP A 163 -56.70 -3.03 -13.64
N PRO A 164 -57.46 -3.24 -12.53
CA PRO A 164 -58.57 -2.33 -12.20
C PRO A 164 -58.11 -0.90 -11.89
N SER A 165 -56.82 -0.71 -11.63
CA SER A 165 -56.27 0.62 -11.32
C SER A 165 -56.19 1.42 -12.61
N LEU A 166 -55.82 0.75 -13.71
CA LEU A 166 -55.55 1.42 -14.98
C LEU A 166 -56.53 1.20 -16.12
N ASN A 167 -57.36 0.16 -15.98
CA ASN A 167 -58.40 -0.20 -16.93
C ASN A 167 -59.27 0.99 -17.33
N ASN A 168 -59.96 1.58 -16.35
CA ASN A 168 -60.80 2.77 -16.56
C ASN A 168 -60.11 3.81 -17.42
N LEU A 169 -58.81 3.99 -17.18
CA LEU A 169 -58.02 5.00 -17.87
C LEU A 169 -57.78 4.63 -19.33
N ILE A 170 -57.29 3.42 -19.58
CA ILE A 170 -57.09 2.91 -20.93
C ILE A 170 -58.31 3.17 -21.81
N ARG A 171 -59.49 2.82 -21.28
CA ARG A 171 -60.75 3.02 -22.00
C ARG A 171 -60.85 4.45 -22.44
N PHE A 172 -60.64 5.37 -21.49
CA PHE A 172 -60.66 6.79 -21.78
C PHE A 172 -59.57 7.18 -22.78
N GLY A 173 -58.35 6.68 -22.57
CA GLY A 173 -57.25 6.92 -23.49
C GLY A 173 -57.66 6.60 -24.92
N ILE A 174 -58.24 5.42 -25.10
CA ILE A 174 -58.64 4.93 -26.43
C ILE A 174 -59.77 5.76 -27.04
N GLU A 175 -60.91 5.83 -26.35
CA GLU A 175 -62.10 6.55 -26.83
C GLU A 175 -61.79 7.97 -27.27
N GLN A 176 -60.91 8.63 -26.53
CA GLN A 176 -60.62 10.04 -26.70
C GLN A 176 -59.67 10.37 -27.85
N SER A 177 -59.30 9.34 -28.61
CA SER A 177 -58.36 9.49 -29.72
C SER A 177 -59.12 9.48 -31.03
N ASP A 178 -58.56 10.12 -32.05
CA ASP A 178 -59.25 10.27 -33.33
C ASP A 178 -59.34 8.96 -34.09
N VAL A 179 -58.18 8.37 -34.42
CA VAL A 179 -58.11 7.01 -35.01
C VAL A 179 -57.30 6.09 -34.11
N VAL A 180 -57.85 4.92 -33.80
CA VAL A 180 -57.12 3.93 -33.00
C VAL A 180 -56.85 2.69 -33.84
N THR A 181 -55.60 2.26 -33.92
CA THR A 181 -55.27 1.06 -34.68
C THR A 181 -54.62 0.00 -33.79
N ALA A 182 -54.87 -1.27 -34.12
CA ALA A 182 -54.27 -2.38 -33.39
C ALA A 182 -53.41 -3.25 -34.31
N VAL A 183 -52.42 -3.93 -33.72
CA VAL A 183 -51.43 -4.71 -34.45
C VAL A 183 -51.96 -6.05 -34.99
N SER A 184 -53.09 -6.51 -34.47
CA SER A 184 -53.78 -7.66 -35.04
C SER A 184 -55.26 -7.63 -34.68
N HIS A 185 -56.06 -8.41 -35.41
CA HIS A 185 -57.47 -8.58 -35.08
C HIS A 185 -57.64 -9.19 -33.69
N SER A 186 -56.76 -10.13 -33.34
CA SER A 186 -56.84 -10.75 -32.04
C SER A 186 -56.86 -9.67 -30.97
N LEU A 187 -55.96 -8.69 -31.11
CA LEU A 187 -55.80 -7.65 -30.11
C LEU A 187 -57.02 -6.75 -29.99
N ILE A 188 -57.79 -6.66 -31.07
CA ILE A 188 -59.01 -5.85 -31.08
C ILE A 188 -60.10 -6.48 -30.19
N ASN A 189 -60.30 -7.79 -30.34
CA ASN A 189 -61.29 -8.53 -29.56
C ASN A 189 -61.04 -8.41 -28.08
N GLU A 190 -59.80 -8.71 -27.68
CA GLU A 190 -59.38 -8.59 -26.29
C GLU A 190 -59.62 -7.16 -25.78
N THR A 191 -59.23 -6.17 -26.57
CA THR A 191 -59.44 -4.76 -26.22
C THR A 191 -60.91 -4.51 -25.93
N HIS A 192 -61.79 -5.19 -26.67
CA HIS A 192 -63.23 -5.12 -26.43
C HIS A 192 -63.70 -5.96 -25.25
N GLU A 193 -62.98 -7.05 -24.95
CA GLU A 193 -63.38 -7.92 -23.87
C GLU A 193 -63.02 -7.33 -22.51
N LEU A 194 -61.84 -6.71 -22.42
CA LEU A 194 -61.35 -6.19 -21.15
C LEU A 194 -61.59 -4.70 -20.99
N VAL A 195 -61.09 -3.92 -21.93
CA VAL A 195 -61.17 -2.47 -21.82
C VAL A 195 -62.58 -1.97 -22.12
N LYS A 196 -63.29 -2.69 -23.00
CA LYS A 196 -64.68 -2.36 -23.40
C LYS A 196 -64.85 -0.89 -23.75
N PRO A 197 -64.12 -0.41 -24.78
CA PRO A 197 -64.20 0.98 -25.15
C PRO A 197 -65.38 1.26 -26.08
N ASN A 198 -65.84 2.52 -26.08
CA ASN A 198 -66.82 2.98 -27.05
C ASN A 198 -66.36 3.27 -28.48
N LYS A 199 -65.09 2.96 -28.72
CA LYS A 199 -64.46 3.18 -30.02
C LYS A 199 -64.25 1.99 -30.92
N ASP A 200 -64.38 2.22 -32.22
CA ASP A 200 -64.00 1.22 -33.19
C ASP A 200 -62.52 1.38 -33.43
N ILE A 201 -61.81 0.25 -33.40
CA ILE A 201 -60.37 0.28 -33.59
C ILE A 201 -60.03 -0.47 -34.88
N GLN A 202 -59.10 0.10 -35.66
CA GLN A 202 -58.74 -0.41 -36.97
C GLN A 202 -57.64 -1.45 -36.88
N THR A 203 -57.40 -2.17 -37.97
CA THR A 203 -56.33 -3.17 -38.00
C THR A 203 -55.20 -2.81 -38.97
N VAL A 204 -53.97 -2.72 -38.45
CA VAL A 204 -52.78 -2.45 -39.25
C VAL A 204 -51.65 -3.26 -38.64
N TYR A 205 -51.17 -4.26 -39.37
CA TYR A 205 -50.17 -5.17 -38.81
C TYR A 205 -48.84 -4.47 -38.57
N ASN A 206 -47.93 -5.17 -37.91
CA ASN A 206 -46.57 -4.67 -37.80
C ASN A 206 -45.84 -4.89 -39.11
N PHE A 207 -44.63 -4.38 -39.22
CA PHE A 207 -43.84 -4.59 -40.41
C PHE A 207 -42.37 -4.73 -40.08
N ILE A 208 -41.55 -4.81 -41.12
CA ILE A 208 -40.14 -5.06 -40.96
C ILE A 208 -39.34 -4.48 -42.10
N ASP A 209 -38.25 -3.79 -41.75
CA ASP A 209 -37.25 -3.36 -42.72
C ASP A 209 -36.78 -4.63 -43.42
N GLU A 210 -37.13 -4.76 -44.69
CA GLU A 210 -36.79 -5.96 -45.44
C GLU A 210 -35.28 -6.04 -45.65
N ARG A 211 -34.68 -4.87 -45.90
CA ARG A 211 -33.26 -4.74 -46.21
C ARG A 211 -32.33 -5.28 -45.10
N VAL A 212 -32.86 -5.49 -43.90
CA VAL A 212 -32.04 -5.86 -42.74
C VAL A 212 -31.82 -7.35 -42.59
N TYR A 213 -32.82 -8.15 -42.95
CA TYR A 213 -32.79 -9.60 -42.73
C TYR A 213 -32.63 -10.33 -44.04
N PHE A 214 -31.61 -11.16 -44.12
CA PHE A 214 -31.44 -11.96 -45.29
C PHE A 214 -30.58 -13.14 -44.97
N LYS A 215 -30.64 -14.15 -45.80
CA LYS A 215 -29.85 -15.31 -45.57
C LYS A 215 -28.51 -14.69 -45.63
N ARG A 216 -27.63 -15.22 -44.84
CA ARG A 216 -26.32 -14.69 -44.73
C ARG A 216 -25.66 -15.88 -44.22
N ASP A 217 -24.37 -15.89 -44.21
CA ASP A 217 -23.68 -17.05 -43.65
C ASP A 217 -22.77 -16.63 -42.51
N MET A 218 -22.79 -17.43 -41.44
CA MET A 218 -22.15 -17.05 -40.20
C MET A 218 -21.02 -17.98 -39.80
N THR A 219 -20.32 -18.54 -40.79
CA THR A 219 -19.24 -19.52 -40.54
C THR A 219 -18.31 -19.12 -39.38
N GLN A 220 -18.02 -17.82 -39.28
CA GLN A 220 -17.18 -17.27 -38.22
C GLN A 220 -17.82 -17.29 -36.82
N LEU A 221 -19.09 -16.85 -36.74
CA LEU A 221 -19.80 -16.77 -35.46
C LEU A 221 -20.27 -18.14 -34.98
N LYS A 222 -20.68 -18.97 -35.93
CA LYS A 222 -21.07 -20.35 -35.65
C LYS A 222 -19.96 -21.12 -34.91
N LYS A 223 -18.71 -20.72 -35.17
CA LYS A 223 -17.53 -21.34 -34.54
C LYS A 223 -17.29 -20.84 -33.10
N GLU A 224 -17.41 -19.53 -32.88
CA GLU A 224 -17.22 -18.94 -31.56
C GLU A 224 -18.18 -19.51 -30.52
N TYR A 225 -19.32 -20.02 -30.98
CA TYR A 225 -20.31 -20.65 -30.12
C TYR A 225 -20.15 -22.16 -30.09
N GLY A 226 -19.21 -22.67 -30.88
CA GLY A 226 -18.95 -24.10 -30.94
C GLY A 226 -20.14 -24.85 -31.49
N ILE A 227 -20.68 -24.32 -32.59
CA ILE A 227 -21.85 -24.90 -33.24
C ILE A 227 -21.43 -25.52 -34.57
N SER A 228 -20.13 -25.79 -34.69
CA SER A 228 -19.51 -26.40 -35.87
C SER A 228 -19.95 -27.78 -36.37
N GLU A 229 -20.77 -28.43 -35.55
CA GLU A 229 -21.42 -29.61 -35.97
C GLU A 229 -22.17 -28.90 -37.06
N SER A 230 -22.44 -29.58 -38.15
CA SER A 230 -22.95 -28.90 -39.31
C SER A 230 -24.29 -28.17 -39.31
N GLU A 231 -25.33 -28.70 -38.68
CA GLU A 231 -26.62 -28.02 -38.82
C GLU A 231 -27.63 -28.20 -37.70
N LYS A 232 -28.77 -27.51 -37.82
CA LYS A 232 -29.85 -27.63 -36.80
C LYS A 232 -30.00 -26.72 -35.60
N ILE A 233 -29.77 -25.43 -35.82
CA ILE A 233 -29.92 -24.40 -34.79
C ILE A 233 -31.34 -23.87 -34.62
N LEU A 234 -31.91 -24.22 -33.47
CA LEU A 234 -33.22 -23.73 -33.05
C LEU A 234 -33.09 -22.43 -32.28
N ILE A 235 -33.88 -21.42 -32.66
CA ILE A 235 -33.80 -20.11 -32.04
C ILE A 235 -35.07 -19.76 -31.28
N HIS A 236 -34.91 -19.08 -30.16
CA HIS A 236 -36.04 -18.47 -29.48
C HIS A 236 -35.63 -17.12 -28.94
N ILE A 237 -35.60 -16.12 -29.82
CA ILE A 237 -35.43 -14.74 -29.39
C ILE A 237 -36.80 -14.23 -28.95
N SER A 238 -36.84 -13.80 -27.71
CA SER A 238 -38.03 -13.20 -27.20
C SER A 238 -37.95 -12.76 -25.76
N ASN A 239 -39.09 -12.38 -25.23
CA ASN A 239 -39.21 -11.81 -23.92
C ASN A 239 -38.86 -12.83 -22.90
N PHE A 240 -38.69 -12.37 -21.68
CA PHE A 240 -38.38 -13.19 -20.53
C PHE A 240 -39.54 -13.45 -19.57
N ARG A 241 -40.65 -12.74 -19.73
CA ARG A 241 -41.77 -12.82 -18.84
C ARG A 241 -42.39 -14.20 -18.79
N LYS A 242 -43.07 -14.50 -17.69
CA LYS A 242 -43.63 -15.84 -17.44
C LYS A 242 -44.66 -16.26 -18.45
N VAL A 243 -45.28 -15.27 -19.09
CA VAL A 243 -46.30 -15.51 -20.11
C VAL A 243 -45.69 -16.07 -21.41
N LYS A 244 -44.38 -15.92 -21.57
CA LYS A 244 -43.69 -16.34 -22.78
C LYS A 244 -43.54 -17.85 -22.88
N ARG A 245 -43.81 -18.54 -21.77
CA ARG A 245 -43.77 -20.01 -21.69
C ARG A 245 -42.42 -20.58 -22.12
N VAL A 246 -41.34 -19.94 -21.70
CA VAL A 246 -39.98 -20.38 -22.04
C VAL A 246 -39.74 -21.79 -21.49
N GLN A 247 -40.44 -22.09 -20.40
CA GLN A 247 -40.53 -23.44 -19.86
C GLN A 247 -40.72 -24.44 -20.99
N ASP A 248 -41.80 -24.26 -21.74
CA ASP A 248 -42.16 -25.15 -22.84
C ASP A 248 -41.11 -25.15 -23.94
N VAL A 249 -40.50 -23.99 -24.17
CA VAL A 249 -39.52 -23.84 -25.23
C VAL A 249 -38.34 -24.80 -25.04
N VAL A 250 -37.87 -24.92 -23.80
CA VAL A 250 -36.76 -25.85 -23.47
C VAL A 250 -37.23 -27.31 -23.29
N GLN A 251 -38.39 -27.48 -22.66
CA GLN A 251 -39.04 -28.78 -22.53
C GLN A 251 -39.18 -29.50 -23.87
N ALA A 252 -39.79 -28.82 -24.83
CA ALA A 252 -39.92 -29.34 -26.18
C ALA A 252 -38.56 -29.59 -26.81
N PHE A 253 -37.57 -28.76 -26.45
CA PHE A 253 -36.23 -28.89 -27.01
C PHE A 253 -35.50 -30.09 -26.44
N ALA A 254 -35.87 -30.50 -25.22
CA ALA A 254 -35.34 -31.73 -24.64
C ALA A 254 -35.88 -32.93 -25.42
N LYS A 255 -37.18 -32.92 -25.69
CA LYS A 255 -37.86 -33.95 -26.49
C LYS A 255 -37.37 -33.93 -27.94
N ILE A 256 -37.05 -32.74 -28.45
CA ILE A 256 -36.49 -32.57 -29.80
C ILE A 256 -35.09 -33.16 -29.86
N VAL A 257 -34.24 -32.78 -28.91
CA VAL A 257 -32.80 -32.99 -29.03
C VAL A 257 -32.39 -34.46 -28.94
N THR A 258 -33.34 -35.29 -28.54
CA THR A 258 -33.07 -36.67 -28.44
C THR A 258 -32.66 -37.12 -29.83
N GLU A 259 -33.30 -36.56 -30.85
CA GLU A 259 -33.08 -37.05 -32.20
C GLU A 259 -32.32 -36.33 -33.33
N VAL A 260 -32.14 -35.03 -33.31
CA VAL A 260 -31.48 -34.39 -34.47
C VAL A 260 -30.14 -33.65 -34.30
N ASP A 261 -29.52 -33.77 -33.15
CA ASP A 261 -28.28 -33.00 -32.96
C ASP A 261 -28.38 -31.48 -33.14
N ALA A 262 -29.31 -30.88 -32.40
CA ALA A 262 -29.60 -29.44 -32.31
C ALA A 262 -28.88 -28.60 -31.27
N LYS A 263 -29.07 -27.28 -31.38
CA LYS A 263 -28.58 -26.34 -30.38
C LYS A 263 -29.59 -25.22 -30.24
N LEU A 264 -30.18 -25.09 -29.06
CA LEU A 264 -31.15 -24.03 -28.79
C LEU A 264 -30.46 -22.70 -28.49
N LEU A 265 -30.85 -21.66 -29.22
CA LEU A 265 -30.31 -20.33 -29.01
C LEU A 265 -31.33 -19.42 -28.34
N LEU A 266 -31.20 -19.27 -27.02
CA LEU A 266 -32.11 -18.42 -26.24
C LEU A 266 -31.58 -17.00 -26.14
N VAL A 267 -32.45 -16.04 -26.44
CA VAL A 267 -32.05 -14.64 -26.52
C VAL A 267 -32.99 -13.75 -25.69
N GLY A 268 -32.41 -13.04 -24.71
CA GLY A 268 -33.18 -12.13 -23.86
C GLY A 268 -33.21 -12.60 -22.41
N ASP A 269 -33.20 -11.65 -21.47
CA ASP A 269 -33.17 -12.00 -20.04
C ASP A 269 -34.13 -11.15 -19.22
N GLY A 270 -34.66 -11.74 -18.14
CA GLY A 270 -35.62 -11.08 -17.26
C GLY A 270 -36.09 -11.98 -16.13
N PRO A 271 -37.35 -11.78 -15.66
CA PRO A 271 -37.86 -12.47 -14.48
C PRO A 271 -37.63 -13.98 -14.48
N GLU A 272 -38.03 -14.66 -15.55
CA GLU A 272 -37.89 -16.11 -15.58
C GLU A 272 -36.49 -16.56 -15.95
N PHE A 273 -35.63 -15.61 -16.33
CA PHE A 273 -34.29 -15.91 -16.86
C PHE A 273 -33.54 -16.94 -16.01
N CYS A 274 -33.45 -16.68 -14.71
CA CYS A 274 -32.82 -17.62 -13.79
C CYS A 274 -33.57 -18.95 -13.75
N THR A 275 -34.87 -18.87 -13.49
CA THR A 275 -35.73 -20.05 -13.41
C THR A 275 -35.51 -20.99 -14.62
N ILE A 276 -35.39 -20.40 -15.81
CA ILE A 276 -35.15 -21.19 -17.02
C ILE A 276 -33.73 -21.73 -17.07
N LEU A 277 -32.76 -20.91 -16.64
CA LEU A 277 -31.35 -21.32 -16.58
C LEU A 277 -31.16 -22.59 -15.75
N GLN A 278 -32.03 -22.76 -14.76
CA GLN A 278 -32.05 -23.94 -13.93
C GLN A 278 -32.65 -25.15 -14.67
N LEU A 279 -33.84 -24.96 -15.24
CA LEU A 279 -34.60 -26.03 -15.89
C LEU A 279 -33.76 -26.84 -16.88
N VAL A 280 -32.98 -26.14 -17.69
CA VAL A 280 -32.09 -26.76 -18.66
C VAL A 280 -31.05 -27.69 -17.98
N LYS A 281 -30.54 -27.26 -16.83
CA LYS A 281 -29.58 -28.03 -16.03
C LYS A 281 -30.12 -29.41 -15.66
N ASN A 282 -31.30 -29.43 -15.04
CA ASN A 282 -31.98 -30.67 -14.63
C ASN A 282 -32.31 -31.60 -15.80
N LEU A 283 -31.98 -31.16 -17.00
CA LEU A 283 -32.29 -31.89 -18.22
C LEU A 283 -31.05 -32.39 -18.95
N HIS A 284 -29.88 -32.09 -18.36
CA HIS A 284 -28.56 -32.53 -18.89
C HIS A 284 -28.15 -31.86 -20.22
N ILE A 285 -28.94 -30.87 -20.65
CA ILE A 285 -28.85 -30.29 -21.99
C ILE A 285 -28.05 -28.98 -21.86
N GLU A 286 -27.28 -28.86 -20.78
CA GLU A 286 -26.47 -27.67 -20.51
C GLU A 286 -25.53 -27.31 -21.66
N ASP A 287 -24.94 -28.32 -22.30
CA ASP A 287 -23.94 -28.08 -23.33
C ASP A 287 -24.52 -27.89 -24.73
N ARG A 288 -25.86 -27.77 -24.80
CA ARG A 288 -26.56 -27.61 -26.08
C ARG A 288 -27.37 -26.30 -26.14
N VAL A 289 -27.68 -25.77 -24.96
CA VAL A 289 -28.45 -24.55 -24.83
C VAL A 289 -27.52 -23.38 -24.55
N LEU A 290 -27.63 -22.34 -25.36
CA LEU A 290 -26.78 -21.16 -25.21
C LEU A 290 -27.57 -19.93 -24.78
N PHE A 291 -27.42 -19.54 -23.52
CA PHE A 291 -28.14 -18.39 -22.97
C PHE A 291 -27.48 -17.09 -23.36
N LEU A 292 -27.68 -16.67 -24.60
CA LEU A 292 -27.12 -15.43 -25.10
C LEU A 292 -27.63 -14.18 -24.37
N GLY A 293 -28.77 -14.29 -23.70
CA GLY A 293 -29.39 -13.15 -23.02
C GLY A 293 -29.63 -12.00 -23.99
N LYS A 294 -29.47 -10.76 -23.51
CA LYS A 294 -29.74 -9.57 -24.33
C LYS A 294 -28.88 -9.55 -25.58
N GLN A 295 -29.49 -9.20 -26.71
CA GLN A 295 -28.76 -9.09 -27.98
C GLN A 295 -29.31 -7.98 -28.87
N ASP A 296 -28.41 -7.34 -29.61
CA ASP A 296 -28.76 -6.20 -30.45
C ASP A 296 -28.84 -6.58 -31.93
N ASN A 297 -27.85 -7.34 -32.39
CA ASN A 297 -27.85 -7.83 -33.76
C ASN A 297 -28.61 -9.15 -33.84
N VAL A 298 -29.93 -9.04 -33.91
CA VAL A 298 -30.83 -10.18 -34.04
C VAL A 298 -30.79 -10.74 -35.46
N ALA A 299 -30.38 -9.89 -36.41
CA ALA A 299 -30.23 -10.26 -37.81
C ALA A 299 -29.23 -11.41 -37.99
N GLU A 300 -28.03 -11.24 -37.43
CA GLU A 300 -26.97 -12.24 -37.50
C GLU A 300 -27.45 -13.59 -36.97
N LEU A 301 -27.93 -13.59 -35.72
CA LEU A 301 -28.37 -14.80 -35.03
C LEU A 301 -29.44 -15.56 -35.81
N LEU A 302 -30.36 -14.82 -36.43
CA LEU A 302 -31.39 -15.44 -37.24
C LEU A 302 -30.79 -16.06 -38.49
N ALA A 303 -29.85 -15.35 -39.09
CA ALA A 303 -29.23 -15.80 -40.34
C ALA A 303 -28.43 -17.12 -40.27
N MET A 304 -28.32 -17.68 -39.07
CA MET A 304 -27.71 -18.99 -38.89
C MET A 304 -28.64 -20.02 -38.26
N SER A 305 -29.91 -19.66 -38.18
CA SER A 305 -30.92 -20.46 -37.53
C SER A 305 -31.72 -21.21 -38.57
N ASP A 306 -32.22 -22.38 -38.19
CA ASP A 306 -33.01 -23.23 -39.10
C ASP A 306 -34.50 -23.23 -38.75
N LEU A 307 -34.79 -23.32 -37.45
CA LEU A 307 -36.16 -23.41 -36.96
C LEU A 307 -36.37 -22.55 -35.73
N MET A 308 -37.22 -21.53 -35.87
CA MET A 308 -37.64 -20.68 -34.75
C MET A 308 -38.85 -21.25 -33.99
N LEU A 309 -38.84 -21.10 -32.68
CA LEU A 309 -39.98 -21.45 -31.85
C LEU A 309 -40.53 -20.29 -31.01
N LEU A 310 -41.86 -20.21 -30.90
CA LEU A 310 -42.53 -19.26 -30.03
C LEU A 310 -43.73 -19.97 -29.44
N LEU A 311 -43.75 -20.10 -28.12
CA LEU A 311 -44.73 -20.98 -27.46
C LEU A 311 -45.52 -20.18 -26.43
N SER A 312 -45.65 -18.88 -26.67
CA SER A 312 -46.36 -17.97 -25.79
C SER A 312 -47.75 -18.46 -25.47
N GLU A 313 -48.16 -18.31 -24.21
CA GLU A 313 -49.52 -18.65 -23.83
C GLU A 313 -50.49 -17.52 -24.20
N LYS A 314 -49.92 -16.33 -24.46
CA LYS A 314 -50.71 -15.13 -24.70
C LYS A 314 -49.55 -14.50 -25.46
N GLU A 315 -49.84 -14.01 -26.65
CA GLU A 315 -48.93 -13.24 -27.44
C GLU A 315 -49.90 -12.56 -28.33
N SER A 316 -49.50 -11.49 -28.98
CA SER A 316 -50.41 -10.75 -29.80
C SER A 316 -49.89 -10.51 -31.18
N PHE A 317 -48.76 -11.10 -31.51
CA PHE A 317 -48.15 -10.87 -32.80
C PHE A 317 -46.70 -11.24 -32.62
N GLY A 318 -45.89 -10.30 -32.19
CA GLY A 318 -44.51 -10.60 -31.91
C GLY A 318 -43.89 -10.65 -33.27
N LEU A 319 -43.07 -9.67 -33.59
CA LEU A 319 -42.43 -9.69 -34.85
C LEU A 319 -41.48 -10.84 -34.86
N VAL A 320 -40.78 -11.02 -33.76
CA VAL A 320 -39.75 -12.07 -33.82
C VAL A 320 -40.09 -13.19 -34.82
N LEU A 321 -41.38 -13.42 -35.06
CA LEU A 321 -41.82 -14.37 -36.07
C LEU A 321 -41.55 -13.78 -37.46
N LEU A 322 -42.00 -12.55 -37.67
CA LEU A 322 -41.90 -11.87 -38.96
C LEU A 322 -40.45 -11.59 -39.34
N GLU A 323 -39.62 -11.33 -38.32
CA GLU A 323 -38.19 -11.09 -38.51
C GLU A 323 -37.51 -12.36 -39.01
N ALA A 324 -37.91 -13.50 -38.46
CA ALA A 324 -37.38 -14.81 -38.85
C ALA A 324 -37.78 -15.14 -40.27
N MET A 325 -39.09 -15.21 -40.51
CA MET A 325 -39.63 -15.48 -41.84
C MET A 325 -38.99 -14.57 -42.89
N ALA A 326 -38.71 -13.32 -42.52
CA ALA A 326 -38.07 -12.38 -43.44
C ALA A 326 -36.77 -12.90 -44.04
N CYS A 327 -36.08 -13.79 -43.32
CA CYS A 327 -34.86 -14.38 -43.88
C CYS A 327 -34.87 -15.85 -44.28
N GLY A 328 -36.00 -16.52 -44.11
CA GLY A 328 -36.19 -17.87 -44.65
C GLY A 328 -36.68 -18.66 -43.45
N VAL A 329 -36.16 -18.36 -42.26
CA VAL A 329 -36.40 -19.16 -41.05
C VAL A 329 -37.89 -19.45 -40.73
N PRO A 330 -38.29 -20.74 -40.80
CA PRO A 330 -39.67 -21.14 -40.55
C PRO A 330 -39.98 -21.21 -39.07
N CYS A 331 -41.19 -20.79 -38.70
CA CYS A 331 -41.57 -20.69 -37.30
C CYS A 331 -42.58 -21.75 -36.88
N ILE A 332 -42.44 -22.24 -35.65
CA ILE A 332 -43.46 -23.06 -35.00
C ILE A 332 -43.97 -22.32 -33.76
N GLY A 333 -45.18 -21.80 -33.83
CA GLY A 333 -45.75 -21.05 -32.71
C GLY A 333 -47.01 -21.68 -32.15
N THR A 334 -47.31 -21.37 -30.89
CA THR A 334 -48.57 -21.81 -30.29
C THR A 334 -49.74 -21.06 -30.92
N ARG A 335 -50.92 -21.69 -30.89
CA ARG A 335 -52.14 -21.22 -31.55
C ARG A 335 -52.93 -20.03 -30.99
N VAL A 336 -52.40 -19.41 -29.94
CA VAL A 336 -53.01 -18.20 -29.37
C VAL A 336 -52.94 -16.82 -30.02
N GLY A 337 -53.62 -15.87 -29.39
CA GLY A 337 -53.56 -14.46 -29.79
C GLY A 337 -53.59 -14.26 -31.29
N GLY A 338 -52.64 -13.48 -31.78
CA GLY A 338 -52.56 -13.17 -33.20
C GLY A 338 -51.42 -13.88 -33.90
N ILE A 339 -51.05 -15.05 -33.38
CA ILE A 339 -50.04 -15.92 -34.02
C ILE A 339 -50.58 -16.54 -35.33
N PRO A 340 -51.85 -17.00 -35.34
CA PRO A 340 -52.48 -17.54 -36.56
C PRO A 340 -52.58 -16.53 -37.71
N GLU A 341 -52.37 -15.25 -37.42
CA GLU A 341 -52.43 -14.21 -38.45
C GLU A 341 -51.12 -14.13 -39.21
N VAL A 342 -50.02 -14.45 -38.54
CA VAL A 342 -48.70 -14.51 -39.15
C VAL A 342 -48.22 -15.87 -39.68
N ILE A 343 -48.33 -16.89 -38.84
CA ILE A 343 -47.98 -18.26 -39.22
C ILE A 343 -49.20 -18.96 -39.82
N GLN A 344 -49.14 -19.24 -41.11
CA GLN A 344 -50.16 -20.06 -41.75
C GLN A 344 -49.80 -21.52 -41.54
N HIS A 345 -50.57 -22.22 -40.70
CA HIS A 345 -50.29 -23.62 -40.34
C HIS A 345 -49.91 -24.50 -41.54
N GLY A 346 -50.63 -24.31 -42.65
CA GLY A 346 -50.34 -25.05 -43.89
C GLY A 346 -48.95 -25.04 -44.51
N ASP A 347 -48.45 -23.85 -44.82
CA ASP A 347 -47.14 -23.75 -45.48
C ASP A 347 -46.02 -22.85 -44.94
N THR A 348 -46.36 -21.82 -44.17
CA THR A 348 -45.38 -20.75 -43.85
C THR A 348 -44.84 -21.14 -42.46
N GLY A 349 -45.49 -22.08 -41.78
CA GLY A 349 -45.04 -22.53 -40.46
C GLY A 349 -45.88 -23.65 -39.88
N TYR A 350 -46.05 -23.65 -38.55
CA TYR A 350 -46.84 -24.68 -37.85
C TYR A 350 -47.41 -24.17 -36.53
N LEU A 351 -48.72 -24.35 -36.34
CA LEU A 351 -49.38 -23.97 -35.09
C LEU A 351 -49.73 -25.21 -34.31
N CYS A 352 -49.45 -25.18 -33.01
CA CYS A 352 -49.88 -26.26 -32.12
C CYS A 352 -50.27 -25.70 -30.75
N GLU A 353 -51.31 -26.28 -30.18
CA GLU A 353 -51.90 -25.81 -28.93
C GLU A 353 -50.86 -25.59 -27.81
N VAL A 354 -51.12 -24.63 -26.94
CA VAL A 354 -50.19 -24.26 -25.86
C VAL A 354 -49.95 -25.39 -24.85
N GLY A 355 -48.71 -25.48 -24.35
CA GLY A 355 -48.34 -26.50 -23.37
C GLY A 355 -48.02 -27.86 -23.97
N ASP A 356 -48.45 -28.09 -25.21
CA ASP A 356 -48.22 -29.35 -25.93
C ASP A 356 -46.76 -29.12 -26.29
N THR A 357 -45.87 -29.66 -25.46
CA THR A 357 -44.42 -29.53 -25.65
C THR A 357 -44.08 -30.60 -26.67
N THR A 358 -44.65 -31.78 -26.48
CA THR A 358 -44.51 -32.91 -27.41
C THR A 358 -44.94 -32.51 -28.81
N GLY A 359 -46.11 -31.89 -28.91
CA GLY A 359 -46.69 -31.49 -30.20
C GLY A 359 -45.76 -30.64 -31.05
N VAL A 360 -45.18 -29.61 -30.42
CA VAL A 360 -44.18 -28.76 -31.06
C VAL A 360 -42.99 -29.59 -31.53
N ALA A 361 -42.43 -30.33 -30.59
CA ALA A 361 -41.24 -31.18 -30.81
C ALA A 361 -41.35 -32.08 -32.03
N ASP A 362 -42.48 -32.79 -32.14
CA ASP A 362 -42.71 -33.71 -33.26
C ASP A 362 -42.70 -32.97 -34.59
N GLN A 363 -43.53 -31.94 -34.67
CA GLN A 363 -43.60 -31.10 -35.86
C GLN A 363 -42.22 -30.51 -36.16
N ALA A 364 -41.44 -30.28 -35.11
CA ALA A 364 -40.10 -29.71 -35.22
C ALA A 364 -39.09 -30.71 -35.77
N ILE A 365 -39.04 -31.90 -35.19
CA ILE A 365 -38.15 -32.94 -35.72
C ILE A 365 -38.58 -33.36 -37.12
N GLN A 366 -39.89 -33.57 -37.30
CA GLN A 366 -40.46 -33.89 -38.61
C GLN A 366 -39.88 -32.96 -39.68
N LEU A 367 -40.03 -31.66 -39.46
CA LEU A 367 -39.62 -30.63 -40.42
C LEU A 367 -38.11 -30.58 -40.65
N LEU A 368 -37.33 -30.59 -39.56
CA LEU A 368 -35.88 -30.51 -39.67
C LEU A 368 -35.27 -31.73 -40.37
N LYS A 369 -35.89 -32.89 -40.18
CA LYS A 369 -35.46 -34.12 -40.83
C LYS A 369 -35.70 -34.08 -42.34
N ASP A 370 -36.92 -33.80 -42.76
CA ASP A 370 -37.23 -33.66 -44.18
C ASP A 370 -36.62 -32.36 -44.72
N GLU A 371 -35.44 -32.49 -45.32
CA GLU A 371 -34.66 -31.33 -45.78
C GLU A 371 -35.25 -30.66 -47.04
N GLU A 372 -36.13 -31.37 -47.74
CA GLU A 372 -36.80 -30.82 -48.91
C GLU A 372 -38.01 -29.97 -48.52
N LEU A 373 -38.79 -30.46 -47.55
CA LEU A 373 -39.97 -29.75 -47.08
C LEU A 373 -39.60 -28.43 -46.39
N HIS A 374 -38.51 -28.46 -45.63
CA HIS A 374 -38.01 -27.28 -44.93
C HIS A 374 -37.69 -26.14 -45.90
N ARG A 375 -36.81 -26.40 -46.86
CA ARG A 375 -36.36 -25.39 -47.81
C ARG A 375 -37.52 -24.77 -48.59
N ASN A 376 -38.57 -25.55 -48.84
CA ASN A 376 -39.79 -25.07 -49.47
C ASN A 376 -40.66 -24.25 -48.51
N MET A 377 -40.72 -24.68 -47.25
CA MET A 377 -41.49 -23.98 -46.21
C MET A 377 -40.87 -22.60 -45.99
N GLY A 378 -39.59 -22.59 -45.63
CA GLY A 378 -38.82 -21.37 -45.45
C GLY A 378 -38.96 -20.35 -46.57
N GLU A 379 -38.89 -20.83 -47.81
CA GLU A 379 -39.09 -19.99 -49.00
C GLU A 379 -40.51 -19.40 -49.11
N ARG A 380 -41.49 -20.13 -48.60
CA ARG A 380 -42.88 -19.66 -48.57
C ARG A 380 -43.16 -18.67 -47.43
N ALA A 381 -42.49 -18.88 -46.30
CA ALA A 381 -42.55 -17.95 -45.20
C ALA A 381 -42.06 -16.57 -45.64
N ARG A 382 -40.95 -16.54 -46.37
CA ARG A 382 -40.38 -15.31 -46.91
C ARG A 382 -41.30 -14.64 -47.92
N GLU A 383 -42.11 -15.44 -48.59
CA GLU A 383 -43.13 -14.93 -49.49
C GLU A 383 -44.18 -14.20 -48.65
N SER A 384 -44.86 -14.92 -47.76
CA SER A 384 -45.97 -14.34 -46.99
C SER A 384 -45.60 -13.01 -46.35
N VAL A 385 -44.34 -12.87 -45.99
CA VAL A 385 -43.84 -11.64 -45.39
C VAL A 385 -43.83 -10.48 -46.38
N TYR A 386 -43.34 -10.72 -47.60
CA TYR A 386 -43.25 -9.66 -48.61
C TYR A 386 -44.61 -9.36 -49.25
N GLU A 387 -45.62 -10.13 -48.87
CA GLU A 387 -46.96 -9.98 -49.42
C GLU A 387 -48.07 -9.43 -48.53
N GLN A 388 -48.06 -9.83 -47.26
CA GLN A 388 -49.17 -9.59 -46.35
C GLN A 388 -48.67 -8.53 -45.36
N PHE A 389 -47.39 -8.60 -45.06
CA PHE A 389 -46.77 -7.74 -44.06
C PHE A 389 -45.67 -6.86 -44.65
N ARG A 390 -45.75 -6.61 -45.96
CA ARG A 390 -44.75 -5.83 -46.68
C ARG A 390 -44.72 -4.39 -46.16
N SER A 391 -43.50 -3.93 -45.86
CA SER A 391 -43.26 -2.56 -45.38
C SER A 391 -43.82 -1.33 -46.09
N GLU A 392 -43.72 -1.34 -47.42
CA GLU A 392 -44.23 -0.26 -48.26
C GLU A 392 -45.75 -0.28 -48.15
N LYS A 393 -46.32 -1.47 -48.00
CA LYS A 393 -47.77 -1.61 -47.88
C LYS A 393 -48.28 -1.04 -46.56
N ILE A 394 -47.86 -1.66 -45.46
CA ILE A 394 -48.26 -1.25 -44.12
C ILE A 394 -48.04 0.24 -43.87
N VAL A 395 -46.87 0.75 -44.27
CA VAL A 395 -46.57 2.17 -44.13
C VAL A 395 -47.61 2.99 -44.87
N SER A 396 -47.92 2.56 -46.10
CA SER A 396 -48.90 3.24 -46.92
C SER A 396 -50.29 3.24 -46.26
N GLN A 397 -50.52 2.28 -45.36
CA GLN A 397 -51.78 2.19 -44.62
C GLN A 397 -51.90 3.26 -43.55
N TYR A 398 -50.84 3.45 -42.76
CA TYR A 398 -50.80 4.51 -41.76
C TYR A 398 -50.87 5.85 -42.46
N GLU A 399 -50.11 5.98 -43.55
CA GLU A 399 -50.10 7.19 -44.35
C GLU A 399 -51.53 7.52 -44.78
N THR A 400 -52.20 6.55 -45.39
CA THR A 400 -53.58 6.75 -45.88
C THR A 400 -54.61 6.88 -44.75
N ILE A 401 -54.21 6.47 -43.54
CA ILE A 401 -54.98 6.73 -42.33
C ILE A 401 -54.81 8.19 -41.93
N TYR A 402 -53.58 8.67 -41.97
CA TYR A 402 -53.26 10.05 -41.61
C TYR A 402 -54.09 11.01 -42.43
N TYR A 403 -54.10 10.81 -43.75
CA TYR A 403 -54.83 11.68 -44.66
C TYR A 403 -56.33 11.66 -44.41
N ASP A 404 -56.89 10.47 -44.23
CA ASP A 404 -58.33 10.32 -44.12
C ASP A 404 -58.92 10.85 -42.80
N VAL A 405 -58.05 11.38 -41.93
CA VAL A 405 -58.48 11.97 -40.66
C VAL A 405 -58.12 13.47 -40.54
N LEU A 406 -57.55 14.03 -41.61
CA LEU A 406 -57.28 15.46 -41.67
C LEU A 406 -58.30 16.13 -42.60
N ARG A 407 -59.08 15.32 -43.31
CA ARG A 407 -60.18 15.80 -44.13
C ARG A 407 -61.44 15.76 -43.25
N ASP A 408 -62.36 16.69 -43.52
CA ASP A 408 -63.61 16.93 -42.77
C ASP A 408 -63.42 17.47 -41.34
N ASP A 409 -62.48 18.39 -41.17
CA ASP A 409 -62.17 18.95 -39.85
C ASP A 409 -61.47 20.26 -40.26
N LYS B 35 -73.23 18.53 5.01
CA LYS B 35 -73.91 18.24 3.71
C LYS B 35 -72.91 17.95 2.59
N LEU B 36 -71.63 18.15 2.88
CA LEU B 36 -70.59 18.19 1.85
C LEU B 36 -69.63 17.00 1.92
N LYS B 37 -69.59 16.22 0.84
CA LYS B 37 -68.67 15.10 0.73
C LYS B 37 -67.38 15.59 0.08
N ILE B 38 -66.30 15.59 0.85
CA ILE B 38 -65.05 16.23 0.41
C ILE B 38 -63.94 15.21 0.20
N GLY B 39 -63.14 15.41 -0.86
CA GLY B 39 -62.00 14.55 -1.17
C GLY B 39 -60.68 15.29 -1.18
N ILE B 40 -59.88 15.10 -0.13
CA ILE B 40 -58.57 15.75 0.01
C ILE B 40 -57.45 14.87 -0.58
N THR B 41 -56.48 15.51 -1.23
CA THR B 41 -55.31 14.85 -1.78
C THR B 41 -54.06 15.69 -1.54
N CYS B 42 -53.06 15.09 -0.90
CA CYS B 42 -51.79 15.73 -0.58
C CYS B 42 -50.67 14.69 -0.46
N TYR B 43 -49.47 15.13 -0.09
CA TYR B 43 -48.34 14.21 0.08
C TYR B 43 -48.25 13.63 1.49
N PRO B 44 -47.97 12.31 1.58
CA PRO B 44 -47.89 11.57 2.85
C PRO B 44 -47.12 12.32 3.93
N VAL B 46 -43.79 15.80 -0.18
CA VAL B 46 -43.28 16.89 0.64
C VAL B 46 -43.97 16.91 2.01
N GLY B 47 -43.19 17.23 3.04
CA GLY B 47 -43.73 17.50 4.37
C GLY B 47 -44.29 18.91 4.46
N GLY B 48 -44.04 19.70 3.41
CA GLY B 48 -44.59 21.05 3.28
C GLY B 48 -45.96 21.09 2.63
N SER B 49 -46.22 20.15 1.73
CA SER B 49 -47.55 20.00 1.09
C SER B 49 -48.58 19.21 1.87
N GLY B 50 -48.14 18.11 2.47
CA GLY B 50 -48.99 17.28 3.32
C GLY B 50 -48.84 17.83 4.72
N VAL B 51 -49.43 17.13 5.69
CA VAL B 51 -49.56 17.59 7.09
C VAL B 51 -50.55 18.77 7.15
N VAL B 52 -50.34 19.75 6.28
CA VAL B 52 -51.26 20.90 6.14
C VAL B 52 -52.62 20.56 5.54
N GLY B 53 -52.61 19.86 4.41
CA GLY B 53 -53.83 19.33 3.81
C GLY B 53 -54.44 18.23 4.67
N THR B 54 -53.60 17.63 5.52
CA THR B 54 -54.04 16.59 6.44
C THR B 54 -54.86 17.19 7.57
N GLU B 55 -54.27 18.17 8.26
CA GLU B 55 -54.94 18.83 9.39
C GLU B 55 -56.25 19.47 8.96
N LEU B 56 -56.30 19.89 7.69
CA LEU B 56 -57.53 20.41 7.10
C LEU B 56 -58.60 19.32 7.05
N GLY B 57 -58.20 18.11 6.65
CA GLY B 57 -59.10 16.96 6.62
C GLY B 57 -59.42 16.46 8.01
N LYS B 58 -58.40 16.44 8.87
CA LYS B 58 -58.53 16.10 10.29
C LYS B 58 -59.61 16.96 10.97
N GLN B 59 -59.65 18.24 10.63
CA GLN B 59 -60.55 19.20 11.26
C GLN B 59 -61.84 19.49 10.49
N LEU B 60 -61.92 18.99 9.25
CA LEU B 60 -63.16 19.08 8.49
C LEU B 60 -64.13 17.97 8.89
N ALA B 61 -63.57 16.85 9.33
CA ALA B 61 -64.36 15.74 9.85
C ALA B 61 -65.02 16.14 11.18
N GLU B 62 -64.38 17.06 11.90
CA GLU B 62 -64.89 17.57 13.18
C GLU B 62 -66.04 18.58 13.02
N ARG B 63 -66.13 19.21 11.85
CA ARG B 63 -67.23 20.12 11.52
C ARG B 63 -68.42 19.41 10.86
N GLY B 64 -68.29 18.09 10.67
CA GLY B 64 -69.38 17.26 10.18
C GLY B 64 -69.15 16.53 8.87
N HIS B 65 -68.39 17.16 7.97
CA HIS B 65 -68.19 16.69 6.60
C HIS B 65 -67.67 15.25 6.49
N GLU B 66 -67.94 14.62 5.35
CA GLU B 66 -67.39 13.30 5.03
C GLU B 66 -66.10 13.49 4.25
N ILE B 67 -65.00 12.99 4.81
CA ILE B 67 -63.67 13.22 4.22
C ILE B 67 -63.05 11.94 3.67
N HIS B 68 -62.67 12.01 2.40
CA HIS B 68 -62.03 10.91 1.71
C HIS B 68 -60.59 11.30 1.37
N PHE B 69 -59.64 10.63 2.02
CA PHE B 69 -58.24 10.84 1.75
C PHE B 69 -57.80 9.94 0.61
N ILE B 70 -57.62 10.53 -0.56
CA ILE B 70 -57.05 9.82 -1.71
C ILE B 70 -55.58 10.19 -1.80
N THR B 71 -54.71 9.25 -1.49
CA THR B 71 -53.28 9.55 -1.38
C THR B 71 -52.38 8.32 -1.57
N SER B 72 -51.12 8.59 -1.92
CA SER B 72 -50.13 7.56 -2.23
C SER B 72 -49.49 6.87 -1.01
N GLY B 73 -49.57 7.49 0.16
CA GLY B 73 -48.97 6.92 1.36
C GLY B 73 -49.96 6.67 2.48
N LEU B 74 -49.51 5.94 3.50
CA LEU B 74 -50.35 5.62 4.66
C LEU B 74 -49.60 6.39 5.77
N PRO B 75 -50.14 7.57 6.18
CA PRO B 75 -49.45 8.38 7.21
C PRO B 75 -50.12 8.89 8.47
N PHE B 76 -51.44 9.04 8.46
CA PHE B 76 -52.20 9.52 9.64
C PHE B 76 -53.41 8.64 9.39
N TYR B 82 -60.41 8.30 13.14
CA TYR B 82 -61.48 9.28 13.07
C TYR B 82 -62.72 8.67 12.41
N PRO B 83 -63.91 8.90 13.01
CA PRO B 83 -65.17 8.30 12.54
C PRO B 83 -65.72 8.87 11.23
N ASN B 84 -65.09 9.93 10.71
CA ASN B 84 -65.50 10.51 9.42
C ASN B 84 -64.35 10.71 8.41
N ILE B 85 -63.37 9.81 8.45
CA ILE B 85 -62.34 9.74 7.40
C ILE B 85 -62.11 8.31 6.94
N TYR B 86 -61.98 8.13 5.63
CA TYR B 86 -61.59 6.85 5.06
C TYR B 86 -60.39 7.05 4.14
N PHE B 87 -59.44 6.12 4.17
CA PHE B 87 -58.25 6.21 3.33
C PHE B 87 -58.40 5.48 2.02
N HIS B 88 -57.49 5.77 1.09
CA HIS B 88 -57.47 5.10 -0.22
C HIS B 88 -56.03 4.83 -0.66
N GLU B 89 -55.72 3.54 -0.80
CA GLU B 89 -54.36 3.07 -1.01
C GLU B 89 -53.63 3.84 -2.12
N VAL B 90 -54.20 3.81 -3.33
CA VAL B 90 -53.53 4.28 -4.55
C VAL B 90 -52.28 3.48 -4.91
N THR B 91 -52.41 2.15 -4.91
CA THR B 91 -51.33 1.24 -5.23
C THR B 91 -50.54 1.66 -6.47
N VAL B 92 -49.22 1.47 -6.42
CA VAL B 92 -48.36 1.79 -7.56
C VAL B 92 -47.65 0.53 -8.10
N ASN B 93 -47.98 -0.63 -7.53
CA ASN B 93 -47.34 -1.92 -7.86
C ASN B 93 -47.42 -2.41 -9.31
N GLN B 94 -48.11 -1.64 -10.15
CA GLN B 94 -48.26 -1.94 -11.58
C GLN B 94 -47.11 -1.51 -12.50
N TYR B 95 -46.11 -2.39 -12.61
CA TYR B 95 -44.93 -2.13 -13.43
C TYR B 95 -44.41 -3.37 -14.16
N SER B 96 -44.43 -3.27 -15.48
CA SER B 96 -43.84 -4.26 -16.39
C SER B 96 -43.58 -3.36 -17.60
N VAL B 97 -42.32 -3.44 -18.06
CA VAL B 97 -41.68 -2.44 -18.87
C VAL B 97 -41.81 -1.23 -17.98
N PHE B 98 -41.47 -1.42 -16.72
CA PHE B 98 -41.78 -0.41 -15.74
C PHE B 98 -40.40 0.17 -15.70
N GLN B 99 -40.28 1.25 -16.46
CA GLN B 99 -39.13 2.12 -16.47
C GLN B 99 -39.49 3.21 -15.47
N TYR B 100 -40.75 3.56 -15.53
CA TYR B 100 -41.47 4.68 -14.92
C TYR B 100 -42.66 4.05 -14.21
N PRO B 101 -42.63 4.02 -12.86
CA PRO B 101 -43.79 3.55 -12.08
C PRO B 101 -44.98 4.49 -12.31
N PRO B 102 -46.01 4.03 -13.06
CA PRO B 102 -47.15 4.87 -13.39
C PRO B 102 -47.92 5.26 -12.13
N TYR B 103 -47.46 6.32 -11.47
CA TYR B 103 -48.08 6.81 -10.24
C TYR B 103 -49.19 7.80 -10.54
N ASP B 104 -48.95 8.68 -11.52
CA ASP B 104 -49.90 9.72 -11.89
C ASP B 104 -51.19 9.15 -12.48
N LEU B 105 -51.02 8.26 -13.45
CA LEU B 105 -52.16 7.60 -14.10
C LEU B 105 -52.92 6.73 -13.09
N ALA B 106 -52.19 6.18 -12.14
CA ALA B 106 -52.78 5.40 -11.05
C ALA B 106 -53.50 6.31 -10.07
N LEU B 107 -52.94 7.51 -9.85
CA LEU B 107 -53.55 8.47 -8.95
C LEU B 107 -54.84 9.03 -9.54
N ALA B 108 -54.75 9.54 -10.77
CA ALA B 108 -55.89 10.07 -11.50
C ALA B 108 -57.01 9.05 -11.61
N SER B 109 -56.66 7.77 -11.47
CA SER B 109 -57.63 6.68 -11.53
C SER B 109 -58.33 6.51 -10.19
N LYS B 110 -57.56 6.44 -9.12
CA LYS B 110 -58.14 6.27 -7.78
C LYS B 110 -59.09 7.43 -7.45
N MET B 111 -58.76 8.61 -7.95
CA MET B 111 -59.64 9.76 -7.81
C MET B 111 -60.96 9.52 -8.52
N ALA B 112 -60.89 8.94 -9.72
CA ALA B 112 -62.08 8.68 -10.53
C ALA B 112 -62.97 7.62 -9.90
N GLU B 113 -62.33 6.61 -9.29
CA GLU B 113 -63.05 5.54 -8.59
C GLU B 113 -63.75 6.07 -7.34
N VAL B 114 -62.99 6.73 -6.46
CA VAL B 114 -63.50 7.22 -5.18
C VAL B 114 -64.60 8.26 -5.34
N ALA B 115 -64.55 9.02 -6.44
CA ALA B 115 -65.52 10.08 -6.70
C ALA B 115 -66.76 9.64 -7.48
N GLN B 116 -66.75 8.41 -7.98
CA GLN B 116 -67.88 7.88 -8.74
C GLN B 116 -68.71 6.88 -7.93
N ARG B 117 -68.08 6.25 -6.94
CA ARG B 117 -68.78 5.29 -6.06
C ARG B 117 -69.26 5.97 -4.79
N GLU B 118 -68.44 6.87 -4.24
CA GLU B 118 -68.80 7.60 -3.03
C GLU B 118 -69.40 8.96 -3.38
N ASN B 119 -69.38 9.28 -4.67
CA ASN B 119 -70.10 10.44 -5.22
C ASN B 119 -69.76 11.85 -4.74
N LEU B 120 -68.46 12.16 -4.70
CA LEU B 120 -68.01 13.44 -4.18
C LEU B 120 -68.56 14.74 -4.77
N ASP B 121 -68.60 15.78 -3.94
CA ASP B 121 -68.98 17.12 -4.38
C ASP B 121 -67.74 17.90 -4.85
N ILE B 122 -66.63 17.70 -4.14
CA ILE B 122 -65.41 18.47 -4.32
C ILE B 122 -64.19 17.56 -4.40
N LEU B 123 -63.16 18.02 -5.09
CA LEU B 123 -61.88 17.32 -5.08
C LEU B 123 -60.76 18.33 -4.80
N HIS B 124 -60.37 18.44 -3.53
CA HIS B 124 -59.33 19.38 -3.14
C HIS B 124 -57.95 18.74 -3.24
N VAL B 125 -57.05 19.45 -3.91
CA VAL B 125 -55.73 18.95 -4.19
C VAL B 125 -54.74 20.01 -3.78
N HIS B 126 -53.54 19.58 -3.44
CA HIS B 126 -52.49 20.47 -2.98
C HIS B 126 -51.28 20.25 -3.84
N TYR B 127 -50.44 21.26 -3.99
CA TYR B 127 -49.30 21.10 -4.87
C TYR B 127 -49.77 20.75 -6.24
N ALA B 128 -49.65 21.72 -7.13
CA ALA B 128 -50.16 21.69 -8.49
C ALA B 128 -49.63 20.70 -9.49
N ILE B 129 -48.35 20.38 -9.41
CA ILE B 129 -47.71 19.60 -10.47
C ILE B 129 -48.19 18.14 -10.59
N PRO B 130 -48.05 17.34 -9.52
CA PRO B 130 -48.45 15.95 -9.71
C PRO B 130 -49.96 15.77 -9.70
N HIS B 131 -50.63 16.30 -8.69
CA HIS B 131 -52.05 15.97 -8.44
C HIS B 131 -53.11 16.95 -8.99
N ALA B 132 -52.72 17.91 -9.82
CA ALA B 132 -53.73 18.82 -10.40
C ALA B 132 -54.17 18.36 -11.77
N ILE B 133 -53.18 17.98 -12.60
CA ILE B 133 -53.41 17.32 -13.89
C ILE B 133 -54.08 15.97 -13.65
N CYS B 134 -53.70 15.31 -12.54
CA CYS B 134 -54.32 14.08 -12.11
C CYS B 134 -55.81 14.26 -11.85
N ALA B 135 -56.15 15.38 -11.20
CA ALA B 135 -57.53 15.71 -10.85
C ALA B 135 -58.37 16.03 -12.08
N TYR B 136 -57.75 16.74 -13.04
CA TYR B 136 -58.41 17.05 -14.31
C TYR B 136 -58.90 15.80 -15.05
N LEU B 137 -58.10 14.72 -15.01
CA LEU B 137 -58.45 13.47 -15.70
C LEU B 137 -59.69 12.80 -15.11
N ALA B 138 -59.73 12.71 -13.78
CA ALA B 138 -60.83 12.08 -13.06
C ALA B 138 -62.15 12.79 -13.38
N LYS B 139 -62.16 14.10 -13.18
CA LYS B 139 -63.31 14.92 -13.59
C LYS B 139 -63.71 14.58 -15.02
N GLN B 140 -62.73 14.60 -15.93
CA GLN B 140 -62.98 14.25 -17.34
C GLN B 140 -63.56 12.86 -17.49
N MET B 141 -63.03 11.90 -16.75
CA MET B 141 -63.47 10.50 -16.85
C MET B 141 -64.84 10.25 -16.24
N ILE B 142 -65.17 10.98 -15.19
CA ILE B 142 -66.45 10.78 -14.48
C ILE B 142 -67.58 11.72 -14.94
N GLY B 143 -67.31 12.49 -15.98
CA GLY B 143 -68.32 13.33 -16.63
C GLY B 143 -68.71 14.61 -15.94
N GLU B 144 -67.70 15.44 -15.61
CA GLU B 144 -67.87 16.79 -15.05
C GLU B 144 -68.84 16.84 -13.84
N ARG B 145 -68.86 15.75 -13.06
CA ARG B 145 -69.79 15.60 -11.93
C ARG B 145 -69.14 16.12 -10.64
N ILE B 146 -68.07 16.89 -10.77
CA ILE B 146 -67.28 17.29 -9.61
C ILE B 146 -66.61 18.65 -9.80
N LYS B 147 -66.41 19.37 -8.69
CA LYS B 147 -65.71 20.64 -8.70
C LYS B 147 -64.32 20.48 -8.09
N ILE B 148 -63.35 21.23 -8.63
CA ILE B 148 -61.95 21.11 -8.22
C ILE B 148 -61.46 22.37 -7.51
N VAL B 149 -60.71 22.18 -6.44
CA VAL B 149 -60.04 23.28 -5.74
C VAL B 149 -58.54 22.96 -5.63
N THR B 150 -57.73 23.63 -6.46
CA THR B 150 -56.27 23.47 -6.38
C THR B 150 -55.71 24.46 -5.38
N THR B 151 -54.67 24.05 -4.65
CA THR B 151 -53.99 24.95 -3.71
C THR B 151 -52.47 24.94 -3.96
N LEU B 152 -51.98 26.06 -4.51
CA LEU B 152 -50.57 26.20 -4.81
C LEU B 152 -49.76 26.41 -3.53
N HIS B 153 -48.96 25.41 -3.18
CA HIS B 153 -47.97 25.56 -2.12
C HIS B 153 -46.85 26.05 -3.00
N GLY B 154 -45.96 26.84 -2.40
CA GLY B 154 -44.85 27.50 -3.09
C GLY B 154 -43.97 26.73 -4.07
N THR B 155 -43.48 25.58 -3.61
CA THR B 155 -42.43 24.78 -4.28
C THR B 155 -42.81 24.39 -5.72
N ASP B 156 -44.09 24.09 -5.96
CA ASP B 156 -44.53 23.66 -7.30
C ASP B 156 -44.34 24.71 -8.39
N ILE B 157 -43.90 25.89 -8.00
CA ILE B 157 -43.72 27.02 -8.93
C ILE B 157 -42.28 27.53 -8.93
N THR B 158 -41.85 28.12 -7.82
CA THR B 158 -40.55 28.76 -7.72
C THR B 158 -39.37 27.82 -8.01
N VAL B 159 -39.61 26.51 -7.88
CA VAL B 159 -38.66 25.50 -8.33
C VAL B 159 -38.92 24.76 -9.65
N LEU B 160 -40.16 24.30 -9.87
CA LEU B 160 -40.50 23.57 -11.09
C LEU B 160 -40.89 24.47 -12.24
N GLY B 161 -41.75 25.45 -11.98
CA GLY B 161 -42.25 26.37 -13.01
C GLY B 161 -41.20 27.23 -13.67
N SER B 162 -39.94 27.00 -13.31
CA SER B 162 -38.81 27.70 -13.91
C SER B 162 -38.33 27.06 -15.24
N ASP B 163 -38.46 25.74 -15.37
CA ASP B 163 -38.13 25.04 -16.62
C ASP B 163 -39.36 24.81 -17.51
N PRO B 164 -39.39 25.47 -18.69
CA PRO B 164 -40.52 25.45 -19.64
C PRO B 164 -40.91 24.06 -20.17
N SER B 165 -40.06 23.07 -19.90
CA SER B 165 -40.36 21.68 -20.24
C SER B 165 -41.72 21.32 -19.63
N LEU B 166 -42.02 21.94 -18.49
CA LEU B 166 -43.23 21.64 -17.71
C LEU B 166 -44.18 22.81 -17.40
N ASN B 167 -43.72 24.02 -17.67
CA ASN B 167 -44.47 25.25 -17.37
C ASN B 167 -45.89 25.30 -17.94
N ASN B 168 -46.06 24.90 -19.20
CA ASN B 168 -47.40 24.91 -19.81
C ASN B 168 -48.36 23.88 -19.23
N LEU B 169 -47.82 22.96 -18.43
CA LEU B 169 -48.64 21.99 -17.71
C LEU B 169 -49.26 22.61 -16.45
N ILE B 170 -48.42 23.21 -15.60
CA ILE B 170 -48.86 23.92 -14.40
C ILE B 170 -49.97 24.87 -14.78
N ARG B 171 -49.73 25.66 -15.83
CA ARG B 171 -50.67 26.63 -16.38
C ARG B 171 -52.02 25.97 -16.65
N PHE B 172 -52.00 24.83 -17.34
CA PHE B 172 -53.21 24.09 -17.72
C PHE B 172 -53.89 23.45 -16.52
N GLY B 173 -53.09 22.99 -15.57
CA GLY B 173 -53.61 22.45 -14.32
C GLY B 173 -54.39 23.53 -13.58
N ILE B 174 -53.76 24.70 -13.41
CA ILE B 174 -54.38 25.84 -12.74
C ILE B 174 -55.63 26.30 -13.48
N GLU B 175 -55.46 26.82 -14.71
CA GLU B 175 -56.56 27.29 -15.54
C GLU B 175 -57.79 26.39 -15.52
N GLN B 176 -57.57 25.09 -15.46
CA GLN B 176 -58.65 24.11 -15.58
C GLN B 176 -59.35 23.76 -14.25
N SER B 177 -58.77 24.20 -13.13
CA SER B 177 -59.39 24.00 -11.82
C SER B 177 -60.66 24.82 -11.72
N ASP B 178 -61.61 24.38 -10.88
CA ASP B 178 -62.83 25.15 -10.65
C ASP B 178 -62.55 26.35 -9.76
N VAL B 179 -61.77 26.14 -8.70
CA VAL B 179 -61.29 27.21 -7.83
C VAL B 179 -59.81 27.02 -7.57
N VAL B 180 -59.04 28.10 -7.62
CA VAL B 180 -57.62 28.02 -7.28
C VAL B 180 -57.29 28.93 -6.11
N THR B 181 -56.43 28.44 -5.22
CA THR B 181 -55.99 29.21 -4.05
C THR B 181 -54.46 29.12 -3.86
N ALA B 182 -53.89 30.14 -3.21
CA ALA B 182 -52.46 30.16 -2.90
C ALA B 182 -52.21 30.59 -1.46
N VAL B 183 -51.16 30.03 -0.86
CA VAL B 183 -50.83 30.30 0.53
C VAL B 183 -50.07 31.61 0.77
N SER B 184 -50.03 32.46 -0.25
CA SER B 184 -49.32 33.74 -0.16
C SER B 184 -49.75 34.70 -1.27
N HIS B 185 -49.43 35.99 -1.13
CA HIS B 185 -49.62 36.97 -2.21
C HIS B 185 -48.39 37.01 -3.11
N SER B 186 -47.22 36.85 -2.50
CA SER B 186 -45.98 36.76 -3.24
C SER B 186 -45.96 35.51 -4.10
N LEU B 187 -46.75 34.52 -3.71
CA LEU B 187 -46.92 33.32 -4.51
C LEU B 187 -47.93 33.51 -5.64
N ILE B 188 -49.01 34.24 -5.36
CA ILE B 188 -49.99 34.59 -6.39
C ILE B 188 -49.31 35.44 -7.45
N ASN B 189 -48.38 36.27 -7.02
CA ASN B 189 -47.63 37.15 -7.91
C ASN B 189 -46.68 36.40 -8.84
N GLU B 190 -45.90 35.47 -8.28
CA GLU B 190 -44.97 34.69 -9.09
C GLU B 190 -45.70 33.91 -10.16
N THR B 191 -46.82 33.28 -9.78
CA THR B 191 -47.61 32.49 -10.71
C THR B 191 -48.07 33.30 -11.91
N HIS B 192 -48.61 34.48 -11.64
CA HIS B 192 -49.16 35.34 -12.70
C HIS B 192 -48.11 35.93 -13.66
N GLU B 193 -46.84 35.72 -13.34
CA GLU B 193 -45.76 36.19 -14.18
C GLU B 193 -44.84 35.08 -14.67
N LEU B 194 -44.65 34.05 -13.85
CA LEU B 194 -43.88 32.87 -14.26
C LEU B 194 -44.68 31.98 -15.20
N VAL B 195 -45.92 31.72 -14.82
CA VAL B 195 -46.79 30.77 -15.50
C VAL B 195 -47.85 31.51 -16.33
N LYS B 196 -48.31 32.66 -15.82
CA LYS B 196 -49.32 33.52 -16.46
C LYS B 196 -50.61 32.82 -16.85
N PRO B 197 -51.29 32.19 -15.88
CA PRO B 197 -52.57 31.53 -16.13
C PRO B 197 -53.74 32.48 -16.42
N ASN B 198 -54.63 32.10 -17.34
CA ASN B 198 -55.89 32.84 -17.53
C ASN B 198 -56.90 32.80 -16.37
N LYS B 199 -56.55 32.02 -15.35
CA LYS B 199 -57.27 31.97 -14.09
C LYS B 199 -56.85 33.00 -13.06
N ASP B 200 -57.71 33.26 -12.09
CA ASP B 200 -57.36 34.16 -10.99
C ASP B 200 -57.45 33.46 -9.64
N ILE B 201 -56.44 33.70 -8.81
CA ILE B 201 -56.30 32.94 -7.58
C ILE B 201 -56.37 33.84 -6.33
N GLN B 202 -57.10 33.36 -5.32
CA GLN B 202 -57.21 34.05 -4.05
C GLN B 202 -56.23 33.50 -2.99
N THR B 203 -55.97 34.31 -1.96
CA THR B 203 -55.02 33.96 -0.90
C THR B 203 -55.72 33.24 0.25
N VAL B 204 -55.10 32.17 0.73
CA VAL B 204 -55.52 31.51 1.97
C VAL B 204 -54.11 31.13 2.47
N TYR B 205 -53.76 31.65 3.65
CA TYR B 205 -52.44 31.46 4.30
C TYR B 205 -52.41 30.07 4.96
N ASN B 206 -51.22 29.54 5.14
CA ASN B 206 -51.04 28.25 5.82
C ASN B 206 -51.06 28.35 7.33
N PHE B 207 -51.95 27.61 7.96
CA PHE B 207 -51.96 27.49 9.41
C PHE B 207 -50.97 26.42 9.86
N ILE B 208 -50.45 26.57 11.07
CA ILE B 208 -49.62 25.52 11.64
C ILE B 208 -50.38 24.76 12.73
N ASP B 209 -49.83 23.62 13.15
CA ASP B 209 -50.38 22.82 14.23
C ASP B 209 -50.10 23.48 15.59
N GLU B 210 -50.98 24.41 15.96
CA GLU B 210 -50.86 25.16 17.21
C GLU B 210 -50.95 24.23 18.44
N ARG B 211 -51.10 22.93 18.18
CA ARG B 211 -51.22 21.92 19.22
C ARG B 211 -49.92 21.13 19.43
N VAL B 212 -48.95 21.37 18.54
CA VAL B 212 -47.60 20.79 18.66
C VAL B 212 -46.52 21.87 18.91
N TYR B 213 -46.80 23.09 18.47
CA TYR B 213 -45.91 24.23 18.72
C TYR B 213 -46.38 25.23 19.78
N PHE B 214 -45.71 25.17 20.93
CA PHE B 214 -46.00 26.06 22.07
C PHE B 214 -44.77 26.23 22.95
N LYS B 215 -44.74 27.31 23.74
CA LYS B 215 -43.67 27.51 24.72
C LYS B 215 -43.47 26.22 25.52
N ARG B 216 -42.24 25.73 25.57
CA ARG B 216 -41.96 24.48 26.27
C ARG B 216 -40.92 24.63 27.37
N ASP B 217 -40.95 23.69 28.31
CA ASP B 217 -40.13 23.69 29.52
C ASP B 217 -38.98 22.92 28.86
N MET B 218 -38.02 23.67 28.30
CA MET B 218 -36.95 23.11 27.47
C MET B 218 -35.53 23.40 27.98
N THR B 219 -35.41 23.48 29.30
CA THR B 219 -34.13 23.65 30.00
C THR B 219 -33.40 22.45 30.59
N GLN B 220 -34.13 21.35 30.74
CA GLN B 220 -33.61 20.12 31.36
C GLN B 220 -32.81 19.16 30.49
N LEU B 221 -33.38 18.77 29.35
CA LEU B 221 -32.71 17.89 28.39
C LEU B 221 -31.89 18.82 27.48
N LYS B 222 -32.19 20.12 27.55
CA LYS B 222 -31.42 21.17 26.90
C LYS B 222 -29.95 21.14 27.33
N LYS B 223 -29.72 20.82 28.61
CA LYS B 223 -28.37 20.75 29.18
C LYS B 223 -27.52 19.64 28.56
N GLU B 224 -28.19 18.57 28.10
CA GLU B 224 -27.53 17.41 27.52
C GLU B 224 -26.81 17.75 26.22
N TYR B 225 -27.13 18.91 25.66
CA TYR B 225 -26.47 19.42 24.45
C TYR B 225 -25.26 20.27 24.80
N GLY B 226 -24.82 20.22 26.07
CA GLY B 226 -23.72 21.03 26.56
C GLY B 226 -24.06 22.51 26.56
N ILE B 227 -25.32 22.79 26.23
CA ILE B 227 -25.83 24.14 26.08
C ILE B 227 -26.54 24.98 27.14
N SER B 228 -26.36 24.63 28.40
CA SER B 228 -27.10 25.30 29.46
C SER B 228 -26.37 26.51 29.98
N GLU B 229 -25.21 26.77 29.41
CA GLU B 229 -24.46 27.91 29.82
C GLU B 229 -25.50 28.93 29.50
N SER B 230 -25.57 30.05 30.19
CA SER B 230 -26.65 30.96 29.85
C SER B 230 -26.17 31.65 28.61
N GLU B 231 -26.13 30.80 27.59
CA GLU B 231 -25.68 31.06 26.25
C GLU B 231 -26.47 32.01 25.36
N LYS B 232 -27.79 32.12 25.49
CA LYS B 232 -28.47 32.87 24.43
C LYS B 232 -28.57 32.37 22.99
N ILE B 233 -28.95 31.10 22.84
CA ILE B 233 -28.88 30.46 21.53
C ILE B 233 -29.62 30.89 20.27
N LEU B 234 -29.03 30.60 19.12
CA LEU B 234 -29.61 30.89 17.80
C LEU B 234 -29.81 29.61 17.01
N ILE B 235 -30.99 29.46 16.41
CA ILE B 235 -31.30 28.28 15.58
C ILE B 235 -31.50 28.63 14.11
N HIS B 236 -31.32 27.63 13.27
CA HIS B 236 -31.61 27.74 11.86
C HIS B 236 -32.02 26.34 11.45
N ILE B 237 -33.29 26.20 11.06
CA ILE B 237 -33.74 25.00 10.40
C ILE B 237 -34.18 25.39 8.99
N SER B 238 -33.27 25.26 8.05
CA SER B 238 -33.58 25.45 6.65
C SER B 238 -33.92 24.10 6.03
N ASN B 239 -34.10 24.12 4.71
CA ASN B 239 -34.09 22.90 3.92
C ASN B 239 -32.57 23.08 3.91
N PHE B 240 -31.87 22.20 3.21
CA PHE B 240 -30.41 22.25 3.08
C PHE B 240 -29.68 22.73 1.82
N ARG B 241 -30.46 23.04 0.80
CA ARG B 241 -29.96 23.42 -0.51
C ARG B 241 -29.21 24.75 -0.47
N LYS B 242 -28.57 25.09 -1.58
CA LYS B 242 -27.76 26.32 -1.71
C LYS B 242 -28.60 27.58 -1.91
N VAL B 243 -29.86 27.39 -2.32
CA VAL B 243 -30.82 28.49 -2.50
C VAL B 243 -31.15 29.15 -1.15
N LYS B 244 -31.11 28.35 -0.08
CA LYS B 244 -31.43 28.81 1.28
C LYS B 244 -30.32 29.68 1.89
N ARG B 245 -29.21 29.82 1.16
CA ARG B 245 -28.11 30.72 1.53
C ARG B 245 -27.61 30.56 2.96
N VAL B 246 -27.27 29.32 3.34
CA VAL B 246 -26.73 29.03 4.68
C VAL B 246 -25.33 29.62 4.89
N GLN B 247 -24.58 29.78 3.80
CA GLN B 247 -23.27 30.43 3.81
C GLN B 247 -23.28 31.75 4.56
N ASP B 248 -24.45 32.42 4.55
CA ASP B 248 -24.65 33.66 5.28
C ASP B 248 -24.91 33.39 6.75
N VAL B 249 -25.83 32.48 7.05
CA VAL B 249 -26.21 32.17 8.43
C VAL B 249 -24.98 31.92 9.31
N VAL B 250 -24.09 31.05 8.84
CA VAL B 250 -22.82 30.80 9.51
C VAL B 250 -21.97 32.06 9.55
N GLN B 251 -21.81 32.70 8.39
CA GLN B 251 -21.01 33.94 8.28
C GLN B 251 -21.46 35.01 9.25
N ALA B 252 -22.76 35.03 9.55
CA ALA B 252 -23.33 36.03 10.46
C ALA B 252 -23.12 35.66 11.92
N PHE B 253 -23.26 34.36 12.23
CA PHE B 253 -22.99 33.87 13.58
C PHE B 253 -21.60 34.28 14.04
N ALA B 254 -20.63 34.15 13.14
CA ALA B 254 -19.26 34.56 13.40
C ALA B 254 -19.17 36.04 13.80
N LYS B 255 -19.86 36.89 13.05
CA LYS B 255 -19.83 38.34 13.31
C LYS B 255 -20.60 38.75 14.56
N ILE B 256 -21.61 37.97 14.93
CA ILE B 256 -22.43 38.27 16.11
C ILE B 256 -21.87 37.71 17.42
N VAL B 257 -21.24 36.53 17.33
CA VAL B 257 -20.71 35.84 18.52
C VAL B 257 -19.56 36.60 19.18
N THR B 258 -18.96 37.55 18.46
CA THR B 258 -17.88 38.39 19.00
C THR B 258 -18.40 39.38 20.04
N GLU B 259 -19.72 39.47 20.18
CA GLU B 259 -20.32 40.39 21.14
C GLU B 259 -21.42 39.75 22.01
N VAL B 260 -21.75 38.49 21.74
CA VAL B 260 -22.69 37.71 22.56
C VAL B 260 -22.14 36.31 22.74
N ASP B 261 -22.23 35.77 23.96
CA ASP B 261 -21.80 34.40 24.24
C ASP B 261 -23.04 33.65 23.72
N ALA B 262 -22.98 33.23 22.47
CA ALA B 262 -24.11 32.67 21.74
C ALA B 262 -23.67 31.31 21.20
N LYS B 263 -24.64 30.42 20.98
CA LYS B 263 -24.41 29.11 20.36
C LYS B 263 -25.39 28.90 19.20
N LEU B 264 -24.94 28.19 18.17
CA LEU B 264 -25.73 27.99 16.96
C LEU B 264 -26.24 26.55 16.82
N LEU B 265 -27.44 26.41 16.26
CA LEU B 265 -28.00 25.11 15.90
C LEU B 265 -28.32 25.09 14.41
N LEU B 266 -27.61 24.24 13.65
CA LEU B 266 -27.85 24.11 12.22
C LEU B 266 -28.63 22.85 11.91
N VAL B 267 -29.96 22.97 11.96
CA VAL B 267 -30.86 21.84 11.75
C VAL B 267 -31.18 21.65 10.27
N GLY B 268 -30.96 20.45 9.76
CA GLY B 268 -31.20 20.16 8.35
C GLY B 268 -29.93 19.77 7.63
N ASP B 269 -29.92 18.54 7.10
CA ASP B 269 -28.77 17.99 6.38
C ASP B 269 -29.10 17.85 4.89
N GLY B 270 -28.19 18.35 4.05
CA GLY B 270 -28.35 18.28 2.60
C GLY B 270 -27.09 18.49 1.79
N PRO B 271 -27.23 19.00 0.56
CA PRO B 271 -26.15 19.20 -0.41
C PRO B 271 -25.04 20.10 0.08
N GLU B 272 -25.39 21.13 0.84
CA GLU B 272 -24.42 22.13 1.27
C GLU B 272 -23.64 21.74 2.52
N PHE B 273 -24.05 20.64 3.15
CA PHE B 273 -23.42 20.15 4.38
C PHE B 273 -21.90 20.30 4.36
N CYS B 274 -21.25 19.65 3.39
CA CYS B 274 -19.80 19.69 3.25
C CYS B 274 -19.22 21.11 3.29
N THR B 275 -19.82 22.00 2.51
CA THR B 275 -19.34 23.38 2.37
C THR B 275 -19.44 24.15 3.70
N ILE B 276 -20.58 24.01 4.37
CA ILE B 276 -20.84 24.69 5.64
C ILE B 276 -20.02 24.05 6.76
N LEU B 277 -19.88 22.72 6.72
CA LEU B 277 -19.06 21.98 7.67
C LEU B 277 -17.64 22.53 7.68
N GLN B 278 -17.18 22.99 6.52
CA GLN B 278 -15.88 23.65 6.39
C GLN B 278 -15.93 25.10 6.88
N LEU B 279 -16.96 25.84 6.46
CA LEU B 279 -17.10 27.26 6.79
C LEU B 279 -16.93 27.56 8.28
N VAL B 280 -17.25 26.57 9.12
CA VAL B 280 -17.00 26.66 10.55
C VAL B 280 -15.65 26.03 10.91
N LYS B 281 -15.37 24.88 10.32
CA LYS B 281 -14.13 24.14 10.54
C LYS B 281 -12.90 25.05 10.48
N ASN B 282 -12.88 25.96 9.51
CA ASN B 282 -11.75 26.86 9.34
C ASN B 282 -11.97 28.27 9.91
N LEU B 283 -13.17 28.76 9.66
CA LEU B 283 -13.60 29.97 10.26
C LEU B 283 -13.61 29.43 11.64
N HIS B 284 -13.59 30.33 12.58
CA HIS B 284 -13.17 30.09 13.91
C HIS B 284 -13.82 29.03 14.78
N ILE B 285 -15.13 28.84 14.76
CA ILE B 285 -15.65 27.88 15.73
C ILE B 285 -16.52 26.73 15.35
N GLU B 286 -16.19 25.55 15.85
CA GLU B 286 -17.07 24.41 15.75
C GLU B 286 -17.41 23.90 17.13
N ASP B 287 -17.02 24.66 18.13
CA ASP B 287 -17.09 24.26 19.53
C ASP B 287 -18.48 24.81 19.87
N ARG B 288 -18.90 25.85 19.13
CA ARG B 288 -20.22 26.43 19.31
C ARG B 288 -21.25 26.47 18.16
N VAL B 289 -20.96 25.71 17.10
CA VAL B 289 -21.91 25.54 16.00
C VAL B 289 -21.96 24.08 15.57
N LEU B 290 -22.54 23.22 16.41
CA LEU B 290 -22.73 21.78 16.11
C LEU B 290 -23.96 21.62 15.20
N PHE B 291 -23.77 20.88 14.11
CA PHE B 291 -24.86 20.56 13.17
C PHE B 291 -25.65 19.46 13.87
N LEU B 292 -26.90 19.74 14.18
CA LEU B 292 -27.73 18.82 14.95
C LEU B 292 -28.18 17.65 14.10
N GLY B 293 -27.91 17.72 12.79
CA GLY B 293 -28.28 16.67 11.84
C GLY B 293 -29.73 16.94 11.49
N LYS B 294 -30.26 16.20 10.51
CA LYS B 294 -31.66 16.33 10.12
C LYS B 294 -32.38 15.60 11.24
N GLN B 295 -33.16 16.35 12.02
CA GLN B 295 -34.00 15.77 13.05
C GLN B 295 -35.46 15.83 12.64
N ASP B 296 -36.22 14.79 13.00
CA ASP B 296 -37.67 14.77 12.76
C ASP B 296 -38.39 15.64 13.80
N ASN B 297 -37.75 15.80 14.95
CA ASN B 297 -38.26 16.66 16.02
C ASN B 297 -37.52 17.99 16.05
N VAL B 298 -38.06 18.98 15.35
CA VAL B 298 -37.51 20.34 15.35
C VAL B 298 -38.19 21.20 16.41
N ALA B 299 -39.50 21.00 16.59
CA ALA B 299 -40.33 21.75 17.51
C ALA B 299 -39.73 21.90 18.90
N GLU B 300 -39.19 20.80 19.43
CA GLU B 300 -38.64 20.75 20.76
C GLU B 300 -37.43 21.67 20.89
N LEU B 301 -36.46 21.49 20.01
CA LEU B 301 -35.26 22.32 20.01
C LEU B 301 -35.51 23.71 19.40
N LEU B 302 -36.79 24.00 19.12
CA LEU B 302 -37.22 25.35 18.77
C LEU B 302 -37.55 26.16 20.01
N ALA B 303 -38.35 25.58 20.91
CA ALA B 303 -38.69 26.21 22.19
C ALA B 303 -37.41 26.51 22.96
N MET B 304 -36.48 25.57 22.91
CA MET B 304 -35.13 25.72 23.44
C MET B 304 -34.44 26.95 22.86
N SER B 305 -34.70 27.23 21.59
CA SER B 305 -34.07 28.34 20.88
C SER B 305 -34.50 29.71 21.41
N ASP B 306 -33.77 30.74 21.03
CA ASP B 306 -34.04 32.12 21.47
C ASP B 306 -34.16 33.11 20.31
N LEU B 307 -33.94 32.62 19.08
CA LEU B 307 -34.02 33.42 17.85
C LEU B 307 -33.53 32.62 16.62
N MET B 308 -34.39 32.50 15.61
CA MET B 308 -34.03 31.76 14.40
C MET B 308 -33.62 32.69 13.26
N LEU B 309 -32.87 32.16 12.31
CA LEU B 309 -32.45 32.93 11.14
C LEU B 309 -32.87 32.25 9.84
N LEU B 310 -33.28 33.06 8.87
CA LEU B 310 -33.73 32.58 7.57
C LEU B 310 -33.32 33.69 6.61
N LEU B 311 -32.28 33.42 5.83
CA LEU B 311 -31.65 34.43 4.99
C LEU B 311 -31.63 33.93 3.55
N SER B 312 -32.63 33.12 3.20
CA SER B 312 -32.81 32.59 1.84
C SER B 312 -32.98 33.71 0.83
N GLU B 313 -32.62 33.43 -0.42
CA GLU B 313 -32.83 34.40 -1.49
C GLU B 313 -34.28 34.26 -1.98
N LYS B 314 -34.80 33.03 -1.96
CA LYS B 314 -36.13 32.72 -2.49
C LYS B 314 -37.06 31.75 -1.74
N GLU B 315 -38.06 32.32 -1.06
CA GLU B 315 -39.11 31.55 -0.40
C GLU B 315 -40.53 32.16 -0.45
N SER B 316 -41.46 31.38 -0.97
CA SER B 316 -42.85 31.77 -1.13
C SER B 316 -43.64 31.99 0.14
N PHE B 317 -43.44 31.09 1.10
CA PHE B 317 -44.08 31.14 2.39
C PHE B 317 -43.11 30.42 3.30
N GLY B 318 -42.99 30.85 4.54
CA GLY B 318 -42.10 30.11 5.42
C GLY B 318 -42.90 29.33 6.44
N LEU B 319 -43.00 28.03 6.26
CA LEU B 319 -43.72 27.23 7.22
C LEU B 319 -43.03 27.18 8.57
N VAL B 320 -41.71 27.10 8.56
CA VAL B 320 -40.96 27.03 9.82
C VAL B 320 -40.95 28.34 10.61
N LEU B 321 -41.22 29.46 9.93
CA LEU B 321 -41.30 30.77 10.60
C LEU B 321 -42.48 30.81 11.58
N LEU B 322 -43.67 30.39 11.13
CA LEU B 322 -44.80 30.17 12.02
C LEU B 322 -44.37 29.19 13.11
N GLU B 323 -44.00 27.99 12.69
CA GLU B 323 -43.46 26.97 13.59
C GLU B 323 -42.45 27.52 14.61
N ALA B 324 -41.75 28.59 14.25
CA ALA B 324 -40.85 29.27 15.18
C ALA B 324 -41.64 30.21 16.09
N MET B 325 -42.38 31.13 15.47
CA MET B 325 -43.20 32.10 16.20
C MET B 325 -44.28 31.43 17.07
N ALA B 326 -44.93 30.41 16.51
CA ALA B 326 -46.00 29.67 17.19
C ALA B 326 -45.60 29.13 18.56
N CYS B 327 -44.31 28.99 18.80
CA CYS B 327 -43.83 28.62 20.13
C CYS B 327 -42.91 29.68 20.75
N GLY B 328 -43.15 30.94 20.37
CA GLY B 328 -42.56 32.09 21.02
C GLY B 328 -41.08 32.34 20.73
N VAL B 329 -40.72 32.21 19.46
CA VAL B 329 -39.35 32.48 19.04
C VAL B 329 -39.34 33.65 18.05
N PRO B 330 -38.68 34.76 18.44
CA PRO B 330 -38.43 35.87 17.52
C PRO B 330 -37.47 35.42 16.43
N CYS B 331 -37.54 36.06 15.26
CA CYS B 331 -36.70 35.66 14.13
C CYS B 331 -36.33 36.80 13.19
N ILE B 332 -35.18 36.65 12.54
CA ILE B 332 -34.74 37.58 11.52
C ILE B 332 -34.82 36.89 10.16
N GLY B 333 -35.66 37.44 9.29
CA GLY B 333 -35.85 36.91 7.94
C GLY B 333 -35.56 37.97 6.90
N THR B 334 -35.21 37.54 5.68
CA THR B 334 -34.89 38.46 4.59
C THR B 334 -36.12 38.94 3.83
N ARG B 335 -36.03 40.17 3.32
CA ARG B 335 -37.13 40.84 2.63
C ARG B 335 -36.99 40.08 1.31
N VAL B 336 -37.81 39.04 1.14
CA VAL B 336 -37.68 38.15 0.00
C VAL B 336 -38.99 37.37 -0.07
N GLY B 337 -39.52 37.24 -1.29
CA GLY B 337 -40.70 36.44 -1.55
C GLY B 337 -41.83 36.73 -0.59
N GLY B 338 -42.34 35.67 0.05
CA GLY B 338 -43.49 35.79 0.93
C GLY B 338 -43.14 35.84 2.42
N ILE B 339 -41.96 36.37 2.73
CA ILE B 339 -41.52 36.53 4.13
C ILE B 339 -42.23 37.72 4.83
N PRO B 340 -42.32 38.91 4.16
CA PRO B 340 -43.05 40.03 4.75
C PRO B 340 -44.58 39.83 4.80
N GLU B 341 -45.04 38.59 4.69
CA GLU B 341 -46.45 38.28 4.90
C GLU B 341 -46.59 37.50 6.20
N VAL B 342 -45.45 37.22 6.83
CA VAL B 342 -45.37 36.44 8.06
C VAL B 342 -44.63 37.27 9.10
N ILE B 343 -43.71 38.12 8.64
CA ILE B 343 -42.95 38.99 9.53
C ILE B 343 -43.30 40.45 9.33
N GLN B 344 -43.56 41.12 10.43
CA GLN B 344 -43.84 42.53 10.38
C GLN B 344 -42.64 43.11 11.10
N HIS B 345 -41.91 43.98 10.43
CA HIS B 345 -40.71 44.53 11.03
C HIS B 345 -41.27 45.22 12.22
N GLY B 346 -40.67 45.04 13.39
CA GLY B 346 -41.31 45.59 14.55
C GLY B 346 -41.42 44.55 15.62
N ASP B 347 -42.58 44.49 16.25
CA ASP B 347 -42.81 43.61 17.37
C ASP B 347 -42.69 42.13 17.08
N THR B 348 -42.99 41.72 15.85
CA THR B 348 -42.93 40.29 15.53
C THR B 348 -41.52 39.80 15.22
N GLY B 349 -40.80 40.56 14.40
CA GLY B 349 -39.43 40.22 14.01
C GLY B 349 -38.76 41.32 13.21
N TYR B 350 -37.74 40.95 12.43
CA TYR B 350 -36.98 41.90 11.62
C TYR B 350 -36.80 41.44 10.19
N LEU B 351 -36.76 42.41 9.28
CA LEU B 351 -36.48 42.15 7.87
C LEU B 351 -35.23 42.90 7.41
N CYS B 352 -34.25 42.15 6.93
CA CYS B 352 -33.00 42.73 6.44
C CYS B 352 -32.72 42.25 5.02
N GLU B 353 -32.00 43.08 4.26
CA GLU B 353 -31.68 42.80 2.86
C GLU B 353 -31.10 41.40 2.66
N VAL B 354 -31.41 40.82 1.50
CA VAL B 354 -30.93 39.49 1.14
C VAL B 354 -29.40 39.68 1.01
N GLY B 355 -28.64 38.83 1.70
CA GLY B 355 -27.19 38.90 1.71
C GLY B 355 -26.32 39.80 2.57
N ASP B 356 -26.96 40.51 3.49
CA ASP B 356 -26.26 41.41 4.40
C ASP B 356 -25.87 40.91 5.79
N THR B 357 -24.80 40.12 5.83
CA THR B 357 -24.30 39.51 7.06
C THR B 357 -23.98 40.51 8.18
N THR B 358 -23.20 41.54 7.86
CA THR B 358 -22.87 42.62 8.79
C THR B 358 -24.13 43.33 9.30
N GLY B 359 -25.14 43.43 8.42
CA GLY B 359 -26.41 44.06 8.74
C GLY B 359 -27.32 43.19 9.59
N VAL B 360 -27.37 41.90 9.28
CA VAL B 360 -28.11 40.91 10.07
C VAL B 360 -27.46 40.78 11.44
N ALA B 361 -26.13 40.84 11.47
CA ALA B 361 -25.36 40.78 12.70
C ALA B 361 -25.93 41.72 13.76
N ASP B 362 -26.03 43.00 13.39
CA ASP B 362 -26.60 44.05 14.25
C ASP B 362 -27.88 43.61 14.95
N GLN B 363 -28.92 43.34 14.17
CA GLN B 363 -30.24 43.04 14.69
C GLN B 363 -30.27 41.86 15.65
N ALA B 364 -29.30 40.97 15.52
CA ALA B 364 -29.14 39.88 16.46
C ALA B 364 -28.47 40.30 17.77
N ILE B 365 -27.29 40.91 17.68
CA ILE B 365 -26.52 41.37 18.86
C ILE B 365 -27.32 42.42 19.63
N GLN B 366 -28.03 43.28 18.90
CA GLN B 366 -28.93 44.26 19.50
C GLN B 366 -30.00 43.61 20.39
N LEU B 367 -30.67 42.60 19.85
CA LEU B 367 -31.78 41.94 20.55
C LEU B 367 -31.33 41.04 21.69
N LEU B 368 -30.21 40.35 21.50
CA LEU B 368 -29.65 39.46 22.53
C LEU B 368 -29.14 40.22 23.76
N LYS B 369 -28.82 41.51 23.57
CA LYS B 369 -28.40 42.40 24.66
C LYS B 369 -29.56 42.76 25.59
N ASP B 370 -30.55 43.45 25.04
CA ASP B 370 -31.78 43.79 25.76
C ASP B 370 -32.51 42.53 26.22
N GLU B 371 -33.18 42.62 27.37
CA GLU B 371 -33.95 41.51 27.91
C GLU B 371 -35.45 41.70 27.70
N GLU B 372 -35.94 42.88 28.04
CA GLU B 372 -37.37 43.21 27.92
C GLU B 372 -37.87 43.10 26.49
N LEU B 373 -37.32 43.94 25.59
CA LEU B 373 -37.71 43.95 24.18
C LEU B 373 -37.68 42.57 23.55
N HIS B 374 -36.65 41.78 23.88
CA HIS B 374 -36.52 40.40 23.38
C HIS B 374 -37.71 39.54 23.82
N ARG B 375 -38.14 39.71 25.06
CA ARG B 375 -39.30 38.98 25.59
C ARG B 375 -40.60 39.55 25.06
N ASN B 376 -40.65 40.88 24.90
CA ASN B 376 -41.80 41.58 24.33
C ASN B 376 -42.11 41.06 22.93
N MET B 377 -41.08 41.06 22.07
CA MET B 377 -41.20 40.60 20.69
C MET B 377 -41.56 39.12 20.60
N GLY B 378 -40.96 38.31 21.48
CA GLY B 378 -41.18 36.87 21.53
C GLY B 378 -42.62 36.49 21.81
N GLU B 379 -43.36 37.42 22.43
CA GLU B 379 -44.77 37.19 22.76
C GLU B 379 -45.72 37.72 21.68
N ARG B 380 -45.45 38.91 21.16
CA ARG B 380 -46.23 39.45 20.04
C ARG B 380 -46.05 38.65 18.76
N ALA B 381 -44.85 38.07 18.59
CA ALA B 381 -44.58 37.16 17.49
C ALA B 381 -45.42 35.91 17.64
N ARG B 382 -45.45 35.35 18.86
CA ARG B 382 -46.34 34.23 19.18
C ARG B 382 -47.81 34.60 18.93
N GLU B 383 -48.17 35.84 19.23
CA GLU B 383 -49.55 36.31 19.11
C GLU B 383 -50.03 36.50 17.67
N SER B 384 -49.22 37.16 16.84
CA SER B 384 -49.58 37.43 15.44
C SER B 384 -49.95 36.14 14.72
N VAL B 385 -49.34 35.03 15.14
CA VAL B 385 -49.69 33.70 14.64
C VAL B 385 -51.15 33.42 14.87
N TYR B 386 -51.57 33.43 16.13
CA TYR B 386 -52.94 33.09 16.52
C TYR B 386 -53.94 34.22 16.20
N GLU B 387 -53.48 35.24 15.47
CA GLU B 387 -54.35 36.34 15.08
C GLU B 387 -54.78 36.25 13.62
N GLN B 388 -53.82 35.97 12.74
CA GLN B 388 -54.10 35.85 11.30
C GLN B 388 -53.74 34.48 10.70
N PHE B 389 -53.20 33.58 11.52
CA PHE B 389 -52.88 32.22 11.09
C PHE B 389 -53.56 31.17 11.98
N ARG B 390 -54.76 31.49 12.46
CA ARG B 390 -55.56 30.59 13.30
C ARG B 390 -55.98 29.33 12.56
N SER B 391 -55.71 28.17 13.15
CA SER B 391 -56.13 26.88 12.56
C SER B 391 -57.59 26.87 12.13
N GLU B 392 -58.47 27.32 13.02
CA GLU B 392 -59.91 27.37 12.75
C GLU B 392 -60.31 28.52 11.79
N LYS B 393 -59.48 29.56 11.72
CA LYS B 393 -59.75 30.72 10.88
C LYS B 393 -59.49 30.40 9.41
N ILE B 394 -58.39 29.67 9.17
CA ILE B 394 -58.02 29.26 7.82
C ILE B 394 -58.98 28.20 7.28
N VAL B 395 -59.22 27.14 8.05
CA VAL B 395 -60.20 26.11 7.70
C VAL B 395 -61.55 26.77 7.31
N SER B 396 -61.91 27.81 8.06
CA SER B 396 -63.13 28.57 7.80
C SER B 396 -63.16 29.15 6.39
N GLN B 397 -62.03 29.68 5.94
CA GLN B 397 -61.91 30.20 4.58
C GLN B 397 -62.14 29.09 3.56
N TYR B 398 -61.48 27.95 3.77
CA TYR B 398 -61.59 26.82 2.86
C TYR B 398 -63.04 26.35 2.73
N GLU B 399 -63.74 26.26 3.86
CA GLU B 399 -65.13 25.78 3.85
C GLU B 399 -66.03 26.69 3.04
N THR B 400 -65.92 28.01 3.26
CA THR B 400 -66.71 29.00 2.52
C THR B 400 -66.43 28.90 1.02
N ILE B 401 -65.18 28.61 0.66
CA ILE B 401 -64.81 28.35 -0.73
C ILE B 401 -65.57 27.11 -1.23
N TYR B 402 -65.41 26.00 -0.51
CA TYR B 402 -66.04 24.73 -0.87
C TYR B 402 -67.51 24.89 -1.22
N TYR B 403 -68.24 25.63 -0.39
CA TYR B 403 -69.66 25.86 -0.61
C TYR B 403 -69.92 26.83 -1.75
N ASP B 404 -69.11 27.88 -1.84
CA ASP B 404 -69.26 28.91 -2.87
C ASP B 404 -69.01 28.38 -4.28
N VAL B 405 -68.15 27.38 -4.41
CA VAL B 405 -67.87 26.77 -5.70
C VAL B 405 -69.00 25.83 -6.13
N LEU B 406 -69.57 25.09 -5.21
CA LEU B 406 -70.68 24.20 -5.53
C LEU B 406 -72.01 24.84 -5.92
N ARG B 407 -72.20 26.07 -5.47
CA ARG B 407 -73.46 26.83 -5.47
C ARG B 407 -74.32 27.32 -6.66
N ASP B 408 -73.78 27.74 -7.78
CA ASP B 408 -74.65 28.38 -8.78
C ASP B 408 -75.84 27.67 -9.44
N ASP B 409 -75.67 26.40 -9.79
CA ASP B 409 -76.53 25.54 -10.61
C ASP B 409 -77.54 24.76 -9.77
N LYS C 35 -7.23 27.06 -17.97
CA LYS C 35 -7.10 27.47 -19.40
C LYS C 35 -6.87 26.26 -20.31
N LEU C 36 -7.41 25.11 -19.93
CA LEU C 36 -7.11 23.85 -20.63
C LEU C 36 -8.31 23.18 -21.26
N LYS C 37 -8.10 22.61 -22.44
CA LYS C 37 -9.13 21.83 -23.11
C LYS C 37 -8.78 20.36 -22.95
N ILE C 38 -9.58 19.65 -22.15
CA ILE C 38 -9.31 18.26 -21.80
C ILE C 38 -10.29 17.33 -22.52
N GLY C 39 -9.76 16.24 -23.08
CA GLY C 39 -10.58 15.17 -23.61
C GLY C 39 -10.67 14.05 -22.60
N ILE C 40 -11.84 13.42 -22.50
CA ILE C 40 -12.04 12.34 -21.52
C ILE C 40 -12.78 11.13 -22.09
N THR C 41 -12.08 10.01 -22.13
CA THR C 41 -12.70 8.74 -22.45
C THR C 41 -12.90 8.03 -21.14
N CYS C 42 -13.96 7.24 -21.06
CA CYS C 42 -14.19 6.37 -19.91
C CYS C 42 -15.41 5.55 -20.20
N TYR C 43 -15.48 4.35 -19.64
CA TYR C 43 -16.61 3.47 -19.88
C TYR C 43 -17.94 4.19 -19.62
N PRO C 44 -18.88 4.03 -20.56
CA PRO C 44 -20.18 4.71 -20.55
C PRO C 44 -21.06 4.45 -19.33
N SER C 45 -21.08 3.24 -18.80
CA SER C 45 -21.89 3.08 -17.62
C SER C 45 -21.59 1.99 -16.61
N VAL C 46 -22.05 2.25 -15.38
CA VAL C 46 -21.99 1.35 -14.23
C VAL C 46 -20.65 0.84 -13.72
N GLY C 47 -19.67 1.71 -13.56
CA GLY C 47 -18.41 1.30 -12.99
C GLY C 47 -17.72 2.35 -12.15
N GLY C 48 -16.79 1.96 -11.31
CA GLY C 48 -16.03 2.95 -10.59
C GLY C 48 -15.28 3.75 -11.61
N SER C 49 -14.72 3.05 -12.58
CA SER C 49 -14.08 3.60 -13.79
C SER C 49 -14.92 4.65 -14.52
N GLY C 50 -16.15 4.29 -14.84
CA GLY C 50 -17.04 5.14 -15.62
C GLY C 50 -17.52 6.38 -14.90
N VAL C 51 -17.72 6.26 -13.59
CA VAL C 51 -18.32 7.34 -12.81
C VAL C 51 -17.31 8.38 -12.30
N VAL C 52 -16.12 7.91 -11.91
CA VAL C 52 -15.03 8.79 -11.46
C VAL C 52 -14.60 9.69 -12.62
N GLY C 53 -14.61 9.13 -13.82
CA GLY C 53 -14.33 9.91 -15.04
C GLY C 53 -15.39 10.96 -15.30
N THR C 54 -16.65 10.55 -15.19
CA THR C 54 -17.78 11.45 -15.38
C THR C 54 -17.74 12.57 -14.36
N GLU C 55 -17.60 12.22 -13.09
CA GLU C 55 -17.53 13.22 -12.02
C GLU C 55 -16.28 14.10 -12.11
N LEU C 56 -15.18 13.52 -12.60
CA LEU C 56 -13.98 14.29 -12.89
C LEU C 56 -14.26 15.27 -14.03
N GLY C 57 -15.17 14.89 -14.93
CA GLY C 57 -15.58 15.76 -16.02
C GLY C 57 -16.29 17.01 -15.53
N LYS C 58 -17.46 16.81 -14.93
CA LYS C 58 -18.32 17.90 -14.45
C LYS C 58 -17.55 18.91 -13.62
N GLN C 59 -16.68 18.41 -12.75
CA GLN C 59 -15.94 19.26 -11.83
C GLN C 59 -14.76 19.96 -12.49
N LEU C 60 -14.24 19.39 -13.57
CA LEU C 60 -13.22 20.06 -14.37
C LEU C 60 -13.86 21.17 -15.19
N ALA C 61 -15.13 20.97 -15.54
CA ALA C 61 -15.92 21.98 -16.22
C ALA C 61 -16.09 23.24 -15.37
N GLU C 62 -16.62 23.08 -14.15
CA GLU C 62 -16.76 24.20 -13.20
C GLU C 62 -15.52 25.04 -12.92
N ARG C 63 -14.34 24.48 -13.22
CA ARG C 63 -13.07 25.13 -12.93
C ARG C 63 -12.62 25.89 -14.19
N GLY C 64 -13.58 26.19 -15.06
CA GLY C 64 -13.29 26.80 -16.35
C GLY C 64 -12.52 26.10 -17.45
N HIS C 65 -12.68 24.77 -17.53
CA HIS C 65 -12.05 23.93 -18.55
C HIS C 65 -13.01 23.48 -19.64
N GLU C 66 -12.51 23.32 -20.85
CA GLU C 66 -13.30 22.76 -21.95
C GLU C 66 -13.13 21.25 -21.97
N ILE C 67 -14.20 20.55 -21.59
CA ILE C 67 -14.16 19.10 -21.47
C ILE C 67 -14.89 18.45 -22.66
N HIS C 68 -14.19 17.53 -23.32
CA HIS C 68 -14.76 16.81 -24.46
C HIS C 68 -14.85 15.35 -24.11
N PHE C 69 -16.02 14.92 -23.66
CA PHE C 69 -16.24 13.51 -23.42
C PHE C 69 -16.18 12.78 -24.74
N ILE C 70 -15.53 11.62 -24.75
CA ILE C 70 -15.37 10.86 -25.98
C ILE C 70 -15.54 9.39 -25.67
N THR C 71 -16.77 8.89 -25.73
CA THR C 71 -17.02 7.51 -25.30
C THR C 71 -18.17 6.79 -26.04
N SER C 72 -18.14 5.45 -26.00
CA SER C 72 -19.12 4.55 -26.65
C SER C 72 -20.60 4.97 -26.57
N GLY C 73 -21.06 5.27 -25.35
CA GLY C 73 -22.41 5.76 -25.12
C GLY C 73 -22.37 7.05 -24.31
N LEU C 74 -23.41 7.29 -23.51
CA LEU C 74 -23.40 8.43 -22.58
C LEU C 74 -23.26 7.96 -21.13
N PRO C 75 -22.25 8.50 -20.41
CA PRO C 75 -21.93 8.17 -19.01
C PRO C 75 -23.30 8.71 -18.58
N PHE C 76 -23.93 8.03 -17.62
CA PHE C 76 -25.32 8.31 -17.22
C PHE C 76 -25.10 9.54 -16.33
N ARG C 77 -25.42 10.70 -16.91
CA ARG C 77 -25.18 12.04 -16.34
C ARG C 77 -23.82 12.60 -16.81
N LYS C 80 -26.74 16.06 -16.55
CA LYS C 80 -27.20 16.36 -17.91
C LYS C 80 -26.88 17.79 -18.39
N VAL C 81 -26.13 17.87 -19.49
CA VAL C 81 -25.76 19.11 -20.19
C VAL C 81 -25.20 20.39 -19.56
N TYR C 82 -24.15 20.21 -18.74
CA TYR C 82 -23.37 21.34 -18.22
C TYR C 82 -22.67 22.25 -19.23
N PRO C 83 -22.44 23.53 -18.85
CA PRO C 83 -21.97 24.53 -19.84
C PRO C 83 -20.66 24.23 -20.57
N ASN C 84 -19.64 23.79 -19.86
CA ASN C 84 -18.35 23.52 -20.51
C ASN C 84 -18.07 22.05 -20.79
N ILE C 85 -19.13 21.29 -21.09
CA ILE C 85 -18.97 19.89 -21.51
C ILE C 85 -19.57 19.63 -22.91
N TYR C 86 -18.86 18.83 -23.70
CA TYR C 86 -19.30 18.44 -25.04
C TYR C 86 -19.14 16.94 -25.24
N PHE C 87 -20.20 16.28 -25.71
CA PHE C 87 -20.23 14.84 -25.90
C PHE C 87 -19.87 14.44 -27.35
N HIS C 88 -19.29 13.26 -27.53
CA HIS C 88 -18.95 12.72 -28.85
C HIS C 88 -19.21 11.22 -28.87
N GLU C 89 -20.32 10.80 -29.49
CA GLU C 89 -20.84 9.43 -29.30
C GLU C 89 -19.97 8.30 -29.84
N VAL C 90 -19.12 8.59 -30.83
CA VAL C 90 -18.22 7.60 -31.46
C VAL C 90 -18.93 6.35 -32.02
N THR C 91 -20.01 6.56 -32.80
CA THR C 91 -20.80 5.46 -33.36
C THR C 91 -19.93 4.41 -34.07
N VAL C 92 -20.37 3.16 -34.02
CA VAL C 92 -19.64 2.04 -34.62
C VAL C 92 -20.34 1.49 -35.89
N ASN C 93 -21.37 2.18 -36.38
CA ASN C 93 -22.29 1.66 -37.43
C ASN C 93 -21.98 1.44 -38.96
N GLN C 94 -20.89 2.00 -39.50
CA GLN C 94 -20.64 1.97 -40.98
C GLN C 94 -20.26 0.67 -41.75
N TYR C 95 -19.90 -0.37 -41.00
CA TYR C 95 -19.28 -1.61 -41.45
C TYR C 95 -20.14 -2.40 -42.44
N SER C 96 -19.47 -2.95 -43.46
CA SER C 96 -20.11 -3.90 -44.36
C SER C 96 -19.93 -5.33 -43.88
N VAL C 97 -20.86 -5.77 -43.03
CA VAL C 97 -20.76 -7.06 -42.33
C VAL C 97 -19.43 -7.38 -41.61
N PHE C 98 -18.92 -6.38 -40.90
CA PHE C 98 -17.61 -6.49 -40.25
C PHE C 98 -18.26 -7.44 -39.27
N GLN C 99 -17.69 -8.63 -39.13
CA GLN C 99 -18.20 -9.70 -38.26
C GLN C 99 -17.84 -9.45 -36.79
N TYR C 100 -17.15 -8.33 -36.55
CA TYR C 100 -16.81 -7.88 -35.20
C TYR C 100 -16.91 -6.36 -35.18
N PRO C 101 -17.58 -5.80 -34.16
CA PRO C 101 -17.62 -4.34 -34.02
C PRO C 101 -16.27 -3.80 -33.50
N PRO C 102 -15.50 -3.10 -34.37
CA PRO C 102 -14.21 -2.59 -33.92
C PRO C 102 -14.38 -1.35 -33.06
N TYR C 103 -14.84 -1.55 -31.83
CA TYR C 103 -15.04 -0.46 -30.89
C TYR C 103 -13.81 0.38 -30.60
N ASP C 104 -12.73 -0.29 -30.22
CA ASP C 104 -11.45 0.34 -29.93
C ASP C 104 -10.99 1.20 -31.12
N LEU C 105 -10.91 0.58 -32.29
CA LEU C 105 -10.50 1.27 -33.51
C LEU C 105 -11.27 2.57 -33.75
N ALA C 106 -12.60 2.50 -33.68
CA ALA C 106 -13.44 3.69 -33.83
C ALA C 106 -13.12 4.71 -32.73
N LEU C 107 -12.90 4.19 -31.52
CA LEU C 107 -12.57 5.02 -30.36
C LEU C 107 -11.24 5.74 -30.56
N ALA C 108 -10.28 5.07 -31.22
CA ALA C 108 -8.96 5.64 -31.50
C ALA C 108 -9.03 6.70 -32.59
N SER C 109 -9.86 6.45 -33.60
CA SER C 109 -10.05 7.38 -34.70
C SER C 109 -10.82 8.61 -34.23
N LYS C 110 -11.90 8.38 -33.51
CA LYS C 110 -12.70 9.48 -33.00
C LYS C 110 -11.91 10.32 -32.00
N MET C 111 -10.95 9.69 -31.32
CA MET C 111 -10.04 10.42 -30.45
C MET C 111 -9.19 11.35 -31.30
N ALA C 112 -8.48 10.79 -32.28
CA ALA C 112 -7.56 11.56 -33.11
C ALA C 112 -8.24 12.71 -33.86
N GLU C 113 -9.47 12.48 -34.31
CA GLU C 113 -10.25 13.49 -35.02
C GLU C 113 -10.56 14.69 -34.11
N VAL C 114 -11.24 14.43 -32.98
CA VAL C 114 -11.64 15.48 -32.04
C VAL C 114 -10.43 16.25 -31.53
N ALA C 115 -9.36 15.52 -31.22
CA ALA C 115 -8.12 16.09 -30.72
C ALA C 115 -7.55 17.18 -31.64
N GLN C 116 -8.03 17.21 -32.87
CA GLN C 116 -7.51 18.13 -33.88
C GLN C 116 -8.53 19.21 -34.24
N ARG C 117 -9.78 18.81 -34.45
CA ARG C 117 -10.87 19.74 -34.74
C ARG C 117 -11.19 20.62 -33.51
N GLU C 118 -10.70 20.21 -32.35
CA GLU C 118 -10.86 21.02 -31.14
C GLU C 118 -9.56 21.42 -30.47
N ASN C 119 -8.42 21.04 -31.08
CA ASN C 119 -7.09 21.39 -30.59
C ASN C 119 -6.87 21.01 -29.10
N LEU C 120 -7.25 19.78 -28.76
CA LEU C 120 -7.18 19.27 -27.38
C LEU C 120 -5.76 19.25 -26.84
N ASP C 121 -5.61 19.64 -25.58
CA ASP C 121 -4.30 19.68 -24.93
C ASP C 121 -3.94 18.36 -24.28
N ILE C 122 -4.94 17.72 -23.67
CA ILE C 122 -4.73 16.51 -22.87
C ILE C 122 -5.82 15.47 -23.14
N LEU C 123 -5.42 14.20 -23.26
CA LEU C 123 -6.38 13.14 -23.44
C LEU C 123 -6.35 12.15 -22.27
N HIS C 124 -7.10 12.49 -21.22
CA HIS C 124 -7.21 11.64 -20.03
C HIS C 124 -8.07 10.40 -20.26
N VAL C 125 -7.42 9.24 -20.32
CA VAL C 125 -8.08 7.96 -20.45
C VAL C 125 -8.27 7.30 -19.10
N HIS C 126 -9.49 6.84 -18.85
CA HIS C 126 -9.84 6.19 -17.62
C HIS C 126 -10.16 4.74 -17.87
N TYR C 127 -9.69 3.93 -16.96
CA TYR C 127 -9.89 2.51 -16.95
C TYR C 127 -8.99 1.77 -17.85
N ALA C 128 -8.24 2.47 -18.64
CA ALA C 128 -7.06 1.88 -19.15
C ALA C 128 -7.01 0.81 -20.19
N ILE C 129 -7.67 -0.31 -20.00
CA ILE C 129 -7.19 -1.39 -20.82
C ILE C 129 -7.56 -1.20 -22.24
N PRO C 130 -8.82 -0.94 -22.56
CA PRO C 130 -9.09 -0.67 -23.96
C PRO C 130 -8.54 0.67 -24.35
N HIS C 131 -8.76 1.67 -23.50
CA HIS C 131 -8.53 3.06 -23.80
C HIS C 131 -7.13 3.47 -24.03
N ALA C 132 -6.26 2.96 -23.20
CA ALA C 132 -4.85 3.32 -23.28
C ALA C 132 -4.23 3.05 -24.66
N ILE C 133 -4.46 1.86 -25.21
CA ILE C 133 -3.92 1.49 -26.53
C ILE C 133 -4.46 2.43 -27.61
N CYS C 134 -5.74 2.75 -27.51
CA CYS C 134 -6.38 3.67 -28.42
C CYS C 134 -5.83 5.08 -28.29
N ALA C 135 -5.75 5.58 -27.07
CA ALA C 135 -5.16 6.89 -26.80
C ALA C 135 -3.76 6.95 -27.38
N TYR C 136 -3.02 5.85 -27.27
CA TYR C 136 -1.70 5.74 -27.87
C TYR C 136 -1.75 5.97 -29.38
N LEU C 137 -2.68 5.27 -30.03
CA LEU C 137 -2.86 5.37 -31.48
C LEU C 137 -3.24 6.77 -31.92
N ALA C 138 -4.29 7.32 -31.31
CA ALA C 138 -4.75 8.69 -31.56
C ALA C 138 -3.61 9.71 -31.50
N LYS C 139 -2.74 9.57 -30.50
CA LYS C 139 -1.56 10.41 -30.34
C LYS C 139 -0.58 10.27 -31.51
N GLN C 140 -0.46 9.04 -32.01
CA GLN C 140 0.46 8.75 -33.11
C GLN C 140 -0.10 9.20 -34.46
N MET C 141 -1.43 9.34 -34.53
CA MET C 141 -2.11 9.75 -35.77
C MET C 141 -2.10 11.26 -35.95
N ILE C 142 -1.79 11.99 -34.88
CA ILE C 142 -1.64 13.45 -34.96
C ILE C 142 -0.22 13.93 -34.58
N GLY C 143 0.78 13.14 -34.99
CA GLY C 143 2.19 13.48 -34.82
C GLY C 143 2.65 13.86 -33.43
N GLU C 144 2.01 13.30 -32.40
CA GLU C 144 2.34 13.58 -30.99
C GLU C 144 2.08 15.03 -30.60
N ARG C 145 1.00 15.60 -31.12
CA ARG C 145 0.59 16.95 -30.74
C ARG C 145 -0.23 17.07 -29.45
N ILE C 146 -0.30 15.97 -28.69
CA ILE C 146 -1.11 15.93 -27.47
C ILE C 146 -0.44 15.15 -26.35
N LYS C 147 -1.06 15.15 -25.17
CA LYS C 147 -0.51 14.45 -24.00
C LYS C 147 -1.50 13.44 -23.44
N ILE C 148 -1.02 12.21 -23.23
CA ILE C 148 -1.85 11.13 -22.70
C ILE C 148 -1.70 11.05 -21.18
N VAL C 149 -2.83 11.05 -20.45
CA VAL C 149 -2.82 10.77 -19.01
C VAL C 149 -3.75 9.59 -18.70
N THR C 150 -3.17 8.41 -18.46
CA THR C 150 -3.93 7.18 -18.20
C THR C 150 -4.11 6.93 -16.71
N THR C 151 -5.25 6.35 -16.33
CA THR C 151 -5.51 6.08 -14.93
C THR C 151 -5.95 4.65 -14.77
N LEU C 152 -5.19 3.90 -13.98
CA LEU C 152 -5.55 2.52 -13.66
C LEU C 152 -6.56 2.53 -12.52
N HIS C 153 -7.67 1.83 -12.72
CA HIS C 153 -8.63 1.58 -11.65
C HIS C 153 -8.46 0.11 -11.30
N GLY C 154 -9.48 -0.50 -10.70
CA GLY C 154 -9.36 -1.90 -10.27
C GLY C 154 -8.95 -3.12 -11.09
N THR C 155 -9.73 -3.41 -12.12
CA THR C 155 -9.77 -4.72 -12.77
C THR C 155 -8.84 -4.79 -13.99
N ASP C 156 -8.46 -3.63 -14.51
CA ASP C 156 -7.53 -3.55 -15.64
C ASP C 156 -6.15 -4.13 -15.33
N ILE C 157 -5.79 -4.12 -14.04
CA ILE C 157 -4.52 -4.65 -13.57
C ILE C 157 -4.71 -6.00 -12.88
N THR C 158 -5.60 -6.04 -11.89
CA THR C 158 -5.81 -7.21 -11.03
C THR C 158 -6.40 -8.45 -11.70
N VAL C 159 -7.26 -8.28 -12.70
CA VAL C 159 -7.83 -9.42 -13.44
C VAL C 159 -7.38 -9.48 -14.90
N LEU C 160 -7.21 -8.32 -15.53
CA LEU C 160 -6.82 -8.25 -16.94
C LEU C 160 -5.35 -8.51 -17.17
N GLY C 161 -4.50 -7.92 -16.33
CA GLY C 161 -3.05 -8.07 -16.41
C GLY C 161 -2.52 -9.48 -16.22
N SER C 162 -3.37 -10.38 -15.72
CA SER C 162 -2.99 -11.78 -15.53
C SER C 162 -3.15 -12.62 -16.80
N ASP C 163 -3.93 -12.12 -17.77
CA ASP C 163 -4.12 -12.76 -19.08
C ASP C 163 -3.04 -12.31 -20.06
N PRO C 164 -2.15 -13.24 -20.48
CA PRO C 164 -0.98 -13.01 -21.33
C PRO C 164 -1.27 -12.43 -22.73
N SER C 165 -2.44 -12.75 -23.27
CA SER C 165 -2.89 -12.21 -24.56
C SER C 165 -2.92 -10.70 -24.41
N LEU C 166 -3.17 -10.25 -23.19
CA LEU C 166 -3.42 -8.84 -22.91
C LEU C 166 -2.38 -8.13 -22.04
N ASN C 167 -1.74 -8.90 -21.16
CA ASN C 167 -0.67 -8.40 -20.26
C ASN C 167 0.47 -7.57 -20.85
N ASN C 168 1.00 -8.00 -21.99
CA ASN C 168 2.09 -7.30 -22.67
C ASN C 168 1.55 -6.02 -23.30
N LEU C 169 0.27 -6.07 -23.66
CA LEU C 169 -0.42 -4.92 -24.19
C LEU C 169 -0.58 -3.82 -23.11
N ILE C 170 -0.98 -4.21 -21.90
CA ILE C 170 -1.10 -3.26 -20.79
C ILE C 170 0.23 -2.60 -20.44
N ARG C 171 1.30 -3.39 -20.50
CA ARG C 171 2.65 -2.89 -20.26
C ARG C 171 2.96 -1.75 -21.22
N PHE C 172 2.81 -2.04 -22.51
CA PHE C 172 3.03 -1.06 -23.56
C PHE C 172 2.13 0.15 -23.38
N GLY C 173 0.85 -0.12 -23.18
CA GLY C 173 -0.15 0.91 -22.92
C GLY C 173 0.25 1.86 -21.80
N ILE C 174 0.69 1.31 -20.68
CA ILE C 174 1.20 2.13 -19.58
C ILE C 174 2.47 2.86 -20.00
N GLU C 175 3.55 2.11 -20.23
CA GLU C 175 4.85 2.70 -20.58
C GLU C 175 4.72 3.87 -21.57
N GLN C 176 3.84 3.72 -22.56
CA GLN C 176 3.77 4.67 -23.64
C GLN C 176 2.91 5.89 -23.35
N SER C 177 2.12 5.81 -22.28
CA SER C 177 1.34 6.96 -21.82
C SER C 177 2.25 7.98 -21.14
N ASP C 178 1.96 9.26 -21.35
CA ASP C 178 2.81 10.34 -20.83
C ASP C 178 2.84 10.42 -19.31
N VAL C 179 1.66 10.35 -18.70
CA VAL C 179 1.54 10.32 -17.25
C VAL C 179 0.49 9.30 -16.81
N VAL C 180 0.90 8.35 -15.97
CA VAL C 180 0.00 7.32 -15.46
C VAL C 180 -0.25 7.54 -13.98
N THR C 181 -1.45 7.21 -13.53
CA THR C 181 -1.81 7.31 -12.12
C THR C 181 -2.55 6.04 -11.67
N ALA C 182 -2.99 6.03 -10.42
CA ALA C 182 -3.78 4.92 -9.86
C ALA C 182 -4.59 5.40 -8.67
N VAL C 183 -5.68 4.70 -8.38
CA VAL C 183 -6.66 5.16 -7.39
C VAL C 183 -6.34 4.77 -5.94
N SER C 184 -5.28 3.98 -5.77
CA SER C 184 -4.82 3.57 -4.45
C SER C 184 -3.49 2.85 -4.54
N HIS C 185 -2.62 3.15 -3.58
CA HIS C 185 -1.32 2.55 -3.42
C HIS C 185 -1.33 1.03 -3.62
N SER C 186 -2.39 0.37 -3.13
CA SER C 186 -2.62 -1.05 -3.35
C SER C 186 -2.39 -1.46 -4.80
N LEU C 187 -3.01 -0.72 -5.71
CA LEU C 187 -2.93 -1.03 -7.13
C LEU C 187 -1.52 -0.93 -7.69
N ILE C 188 -0.82 0.17 -7.39
CA ILE C 188 0.57 0.36 -7.82
C ILE C 188 1.36 -0.91 -7.61
N ASN C 189 1.33 -1.40 -6.37
CA ASN C 189 2.05 -2.61 -6.01
C ASN C 189 1.56 -3.83 -6.78
N GLU C 190 0.26 -3.88 -7.04
CA GLU C 190 -0.30 -4.93 -7.87
C GLU C 190 0.09 -4.68 -9.33
N THR C 191 0.26 -3.41 -9.70
CA THR C 191 0.68 -3.05 -11.05
C THR C 191 2.08 -3.58 -11.34
N HIS C 192 3.05 -3.13 -10.55
CA HIS C 192 4.44 -3.58 -10.72
C HIS C 192 4.61 -5.07 -10.43
N GLU C 193 3.63 -5.67 -9.76
CA GLU C 193 3.70 -7.08 -9.49
C GLU C 193 3.38 -7.87 -10.73
N LEU C 194 2.30 -7.49 -11.42
CA LEU C 194 1.80 -8.28 -12.56
C LEU C 194 2.30 -7.79 -13.93
N VAL C 195 2.08 -6.52 -14.23
CA VAL C 195 2.43 -5.94 -15.52
C VAL C 195 3.93 -5.66 -15.65
N LYS C 196 4.55 -5.16 -14.58
CA LYS C 196 5.98 -4.83 -14.54
C LYS C 196 6.35 -3.72 -15.53
N PRO C 197 5.71 -2.54 -15.40
CA PRO C 197 5.98 -1.46 -16.35
C PRO C 197 7.24 -0.70 -16.02
N ASN C 198 8.00 -0.29 -17.05
CA ASN C 198 9.19 0.55 -16.85
C ASN C 198 8.80 2.03 -16.76
N LYS C 199 7.54 2.27 -16.44
CA LYS C 199 6.97 3.60 -16.25
C LYS C 199 6.81 3.85 -14.75
N ASP C 200 7.03 5.09 -14.31
CA ASP C 200 6.72 5.43 -12.91
C ASP C 200 5.32 6.05 -12.76
N ILE C 201 4.51 5.41 -11.92
CA ILE C 201 3.11 5.76 -11.76
C ILE C 201 2.87 6.45 -10.40
N GLN C 202 1.95 7.41 -10.36
CA GLN C 202 1.66 8.10 -9.10
C GLN C 202 0.21 7.93 -8.63
N THR C 203 0.01 7.95 -7.32
CA THR C 203 -1.29 7.66 -6.73
C THR C 203 -2.17 8.90 -6.69
N VAL C 204 -3.37 8.80 -7.26
CA VAL C 204 -4.44 9.77 -7.03
C VAL C 204 -5.75 9.05 -6.69
N TYR C 205 -6.26 9.31 -5.48
CA TYR C 205 -7.45 8.63 -4.97
C TYR C 205 -8.71 8.93 -5.75
N ASN C 206 -9.67 8.03 -5.65
CA ASN C 206 -11.00 8.27 -6.18
C ASN C 206 -11.79 9.20 -5.29
N PHE C 207 -13.00 9.56 -5.70
CA PHE C 207 -13.82 10.54 -5.00
C PHE C 207 -15.27 10.50 -5.49
N ILE C 208 -16.16 11.10 -4.72
CA ILE C 208 -17.55 11.23 -5.13
C ILE C 208 -18.12 12.58 -4.68
N ASP C 209 -18.97 13.16 -5.52
CA ASP C 209 -19.62 14.44 -5.28
C ASP C 209 -20.17 14.36 -3.85
N GLU C 210 -19.82 15.36 -3.04
CA GLU C 210 -20.25 15.41 -1.64
C GLU C 210 -21.51 16.28 -1.63
N ARG C 211 -22.08 16.49 -2.81
CA ARG C 211 -23.27 17.30 -2.98
C ARG C 211 -24.50 16.42 -3.17
N VAL C 212 -24.28 15.17 -3.59
CA VAL C 212 -25.39 14.27 -3.93
C VAL C 212 -25.68 13.24 -2.83
N TYR C 213 -24.70 13.00 -1.94
CA TYR C 213 -24.85 12.00 -0.89
C TYR C 213 -24.97 12.64 0.49
N PHE C 214 -26.18 12.57 1.05
CA PHE C 214 -26.51 13.12 2.38
C PHE C 214 -27.78 12.43 2.89
N LYS C 215 -28.13 12.65 4.17
CA LYS C 215 -29.31 12.00 4.75
C LYS C 215 -30.60 12.80 4.54
N ARG C 216 -31.68 12.08 4.24
CA ARG C 216 -33.01 12.68 4.02
C ARG C 216 -34.11 11.75 4.53
N ASP C 217 -35.31 12.31 4.71
CA ASP C 217 -36.48 11.57 5.19
C ASP C 217 -37.08 10.69 4.08
N MET C 218 -36.85 9.38 4.19
CA MET C 218 -37.21 8.46 3.13
C MET C 218 -38.48 7.66 3.44
N THR C 219 -39.35 8.22 4.28
CA THR C 219 -40.54 7.49 4.78
C THR C 219 -41.38 6.88 3.65
N GLN C 220 -41.29 7.47 2.47
CA GLN C 220 -41.95 6.94 1.28
C GLN C 220 -41.31 5.66 0.76
N LEU C 221 -40.07 5.78 0.28
CA LEU C 221 -39.33 4.65 -0.28
C LEU C 221 -39.33 3.44 0.64
N LYS C 222 -39.23 3.68 1.94
CA LYS C 222 -39.35 2.62 2.93
C LYS C 222 -40.71 1.93 2.74
N LYS C 223 -41.78 2.70 2.86
CA LYS C 223 -43.13 2.17 2.74
C LYS C 223 -43.31 1.51 1.40
N GLU C 224 -42.62 2.04 0.40
CA GLU C 224 -42.78 1.54 -0.94
C GLU C 224 -42.42 0.07 -1.09
N TYR C 225 -41.36 -0.42 -0.45
CA TYR C 225 -41.03 -1.84 -0.59
C TYR C 225 -40.67 -2.63 0.67
N GLY C 226 -40.62 -3.95 0.53
CA GLY C 226 -40.34 -4.77 1.70
C GLY C 226 -39.46 -3.79 2.44
N ILE C 227 -39.86 -3.50 3.68
CA ILE C 227 -39.16 -2.59 4.60
C ILE C 227 -40.01 -3.01 5.80
N SER C 228 -39.55 -2.59 6.98
CA SER C 228 -40.25 -2.82 8.23
C SER C 228 -39.89 -1.60 9.03
N GLU C 229 -40.30 -1.58 10.28
CA GLU C 229 -39.80 -0.58 11.18
C GLU C 229 -39.73 -1.26 12.54
N SER C 230 -38.84 -0.81 13.40
CA SER C 230 -37.92 0.27 13.12
C SER C 230 -36.90 -0.21 12.12
N GLU C 231 -36.32 0.74 11.40
CA GLU C 231 -35.41 0.42 10.33
C GLU C 231 -34.14 -0.24 10.81
N LYS C 232 -33.85 -1.41 10.23
CA LYS C 232 -32.57 -2.07 10.36
C LYS C 232 -32.14 -2.56 9.00
N ILE C 233 -31.87 -1.65 8.09
CA ILE C 233 -31.53 -2.04 6.72
C ILE C 233 -30.08 -2.04 6.24
N LEU C 234 -29.54 -3.24 6.05
CA LEU C 234 -28.20 -3.40 5.51
C LEU C 234 -28.25 -3.37 3.99
N ILE C 235 -27.28 -2.71 3.37
CA ILE C 235 -27.21 -2.60 1.91
C ILE C 235 -25.86 -3.09 1.36
N HIS C 236 -25.91 -3.84 0.27
CA HIS C 236 -24.70 -4.24 -0.45
C HIS C 236 -24.76 -3.97 -1.94
N ILE C 237 -24.79 -2.70 -2.27
CA ILE C 237 -24.79 -2.29 -3.63
C ILE C 237 -23.46 -2.66 -4.17
N SER C 238 -23.42 -3.02 -5.43
CA SER C 238 -22.17 -3.34 -6.03
C SER C 238 -22.46 -4.41 -7.03
N ASN C 239 -21.49 -4.72 -7.84
CA ASN C 239 -21.68 -5.65 -8.92
C ASN C 239 -21.77 -7.02 -8.39
N PHE C 240 -22.24 -7.96 -9.24
CA PHE C 240 -22.19 -9.38 -8.91
C PHE C 240 -21.19 -10.42 -9.41
N ARG C 241 -19.96 -10.04 -9.70
CA ARG C 241 -18.95 -10.94 -10.27
C ARG C 241 -18.46 -11.78 -9.09
N LYS C 242 -17.92 -12.96 -9.37
CA LYS C 242 -17.50 -13.90 -8.31
C LYS C 242 -16.48 -13.30 -7.34
N VAL C 243 -15.70 -12.35 -7.82
CA VAL C 243 -14.64 -11.70 -7.04
C VAL C 243 -15.22 -10.79 -5.96
N LYS C 244 -16.47 -10.36 -6.13
CA LYS C 244 -17.14 -9.49 -5.17
C LYS C 244 -17.63 -10.29 -3.99
N ARG C 245 -17.83 -11.59 -4.22
CA ARG C 245 -18.30 -12.52 -3.21
C ARG C 245 -19.50 -12.15 -2.34
N VAL C 246 -20.60 -11.83 -3.03
CA VAL C 246 -21.88 -11.69 -2.44
C VAL C 246 -22.32 -12.99 -1.72
N GLN C 247 -21.64 -14.06 -2.09
CA GLN C 247 -21.69 -15.38 -1.49
C GLN C 247 -21.66 -15.29 0.06
N ASP C 248 -20.78 -14.41 0.54
CA ASP C 248 -20.54 -14.18 1.97
C ASP C 248 -21.41 -13.08 2.57
N VAL C 249 -21.67 -12.00 1.84
CA VAL C 249 -22.47 -10.89 2.34
C VAL C 249 -23.86 -11.42 2.68
N VAL C 250 -24.41 -12.26 1.80
CA VAL C 250 -25.75 -12.82 2.01
C VAL C 250 -25.76 -13.84 3.14
N GLN C 251 -24.82 -14.79 3.07
CA GLN C 251 -24.60 -15.78 4.13
C GLN C 251 -24.42 -15.13 5.50
N ALA C 252 -23.62 -14.05 5.54
CA ALA C 252 -23.43 -13.26 6.74
C ALA C 252 -24.75 -12.68 7.19
N PHE C 253 -25.54 -12.20 6.24
CA PHE C 253 -26.87 -11.66 6.53
C PHE C 253 -27.77 -12.71 7.18
N ALA C 254 -27.79 -13.90 6.60
CA ALA C 254 -28.57 -15.02 7.14
C ALA C 254 -28.29 -15.20 8.63
N LYS C 255 -27.08 -14.86 9.04
CA LYS C 255 -26.66 -15.00 10.44
C LYS C 255 -26.68 -13.67 11.20
N ILE C 256 -26.97 -12.56 10.49
CA ILE C 256 -27.21 -11.28 11.15
C ILE C 256 -28.69 -11.15 11.47
N VAL C 257 -29.51 -11.92 10.75
CA VAL C 257 -30.97 -11.88 10.88
C VAL C 257 -31.51 -12.73 12.04
N THR C 258 -30.66 -13.62 12.57
CA THR C 258 -31.07 -14.53 13.62
C THR C 258 -30.94 -13.88 14.99
N GLU C 259 -30.22 -12.77 15.08
CA GLU C 259 -30.01 -12.08 16.35
C GLU C 259 -30.64 -10.68 16.38
N VAL C 260 -30.92 -10.15 15.19
CA VAL C 260 -31.66 -8.89 14.99
C VAL C 260 -32.58 -9.05 13.76
N ASP C 261 -33.71 -8.35 13.74
CA ASP C 261 -34.56 -8.36 12.55
C ASP C 261 -34.24 -7.19 11.63
N ALA C 262 -34.14 -7.48 10.33
CA ALA C 262 -33.70 -6.50 9.35
C ALA C 262 -33.97 -6.95 7.91
N LYS C 263 -33.71 -6.06 6.95
CA LYS C 263 -33.83 -6.34 5.53
C LYS C 263 -32.50 -6.06 4.82
N LEU C 264 -32.20 -6.83 3.78
CA LEU C 264 -31.01 -6.58 2.97
C LEU C 264 -31.36 -5.97 1.62
N LEU C 265 -30.60 -4.94 1.23
CA LEU C 265 -30.76 -4.30 -0.07
C LEU C 265 -29.62 -4.67 -1.01
N LEU C 266 -29.85 -5.68 -1.86
CA LEU C 266 -28.89 -6.07 -2.88
C LEU C 266 -29.12 -5.24 -4.13
N VAL C 267 -28.18 -4.33 -4.40
CA VAL C 267 -28.25 -3.44 -5.57
C VAL C 267 -27.25 -3.88 -6.63
N GLY C 268 -27.72 -4.03 -7.86
CA GLY C 268 -26.86 -4.39 -8.99
C GLY C 268 -27.18 -5.74 -9.59
N ASP C 269 -26.48 -6.06 -10.69
CA ASP C 269 -26.58 -7.40 -11.30
C ASP C 269 -25.24 -7.88 -11.88
N GLY C 270 -25.25 -9.10 -12.38
CA GLY C 270 -24.05 -9.70 -12.94
C GLY C 270 -24.19 -11.21 -12.99
N PRO C 271 -23.07 -11.90 -13.26
CA PRO C 271 -23.01 -13.34 -13.49
C PRO C 271 -23.46 -14.16 -12.28
N GLU C 272 -23.12 -13.70 -11.09
CA GLU C 272 -23.48 -14.39 -9.86
C GLU C 272 -24.79 -13.89 -9.26
N PHE C 273 -25.63 -13.23 -10.07
CA PHE C 273 -26.95 -12.84 -9.61
C PHE C 273 -27.81 -14.07 -9.42
N CYS C 274 -27.94 -14.88 -10.47
CA CYS C 274 -28.77 -16.09 -10.44
C CYS C 274 -28.40 -17.06 -9.33
N THR C 275 -27.12 -17.15 -9.03
CA THR C 275 -26.63 -18.08 -8.01
C THR C 275 -26.83 -17.56 -6.58
N ILE C 276 -26.84 -16.24 -6.41
CA ILE C 276 -27.12 -15.61 -5.12
C ILE C 276 -28.62 -15.61 -4.82
N LEU C 277 -29.43 -15.54 -5.88
CA LEU C 277 -30.89 -15.64 -5.75
C LEU C 277 -31.27 -16.99 -5.16
N GLN C 278 -30.63 -18.04 -5.67
CA GLN C 278 -30.80 -19.39 -5.19
C GLN C 278 -30.35 -19.49 -3.73
N LEU C 279 -29.18 -18.93 -3.45
CA LEU C 279 -28.58 -18.96 -2.12
C LEU C 279 -29.52 -18.39 -1.07
N VAL C 280 -30.13 -17.24 -1.35
CA VAL C 280 -31.10 -16.62 -0.45
C VAL C 280 -32.34 -17.50 -0.32
N LYS C 281 -32.73 -18.16 -1.41
CA LYS C 281 -33.98 -18.92 -1.48
C LYS C 281 -33.98 -20.14 -0.55
N ASN C 282 -32.97 -20.99 -0.64
CA ASN C 282 -32.85 -22.15 0.24
C ASN C 282 -32.09 -21.87 1.55
N LEU C 283 -31.95 -20.60 1.89
CA LEU C 283 -31.65 -20.20 3.26
C LEU C 283 -32.94 -20.30 4.07
N HIS C 284 -34.07 -20.16 3.38
CA HIS C 284 -35.46 -20.34 3.90
C HIS C 284 -35.93 -19.21 4.82
N ILE C 285 -35.16 -18.12 4.91
CA ILE C 285 -35.60 -16.96 5.67
C ILE C 285 -35.11 -15.99 4.54
N GLU C 286 -35.99 -15.83 3.55
CA GLU C 286 -35.70 -15.15 2.29
C GLU C 286 -36.37 -13.80 2.04
N ASP C 287 -37.56 -13.63 2.63
CA ASP C 287 -38.42 -12.45 2.41
C ASP C 287 -37.69 -11.19 2.82
N ARG C 288 -36.64 -11.35 3.63
CA ARG C 288 -35.89 -10.23 4.18
C ARG C 288 -34.65 -9.80 3.39
N VAL C 289 -34.63 -10.15 2.10
CA VAL C 289 -33.58 -9.73 1.17
C VAL C 289 -34.22 -9.24 -0.14
N LEU C 290 -34.05 -7.95 -0.43
CA LEU C 290 -34.65 -7.33 -1.61
C LEU C 290 -33.64 -7.16 -2.75
N PHE C 291 -33.87 -7.87 -3.85
CA PHE C 291 -33.04 -7.77 -5.05
C PHE C 291 -33.46 -6.58 -5.92
N LEU C 292 -32.78 -5.48 -5.67
CA LEU C 292 -32.94 -4.21 -6.34
C LEU C 292 -31.84 -4.23 -7.38
N GLY C 293 -32.10 -4.73 -8.56
CA GLY C 293 -31.04 -4.75 -9.54
C GLY C 293 -30.66 -3.44 -10.22
N LYS C 294 -29.53 -2.88 -9.84
CA LYS C 294 -28.90 -1.81 -10.60
C LYS C 294 -29.31 -0.37 -10.88
N GLN C 295 -29.79 0.36 -9.88
CA GLN C 295 -30.12 1.77 -10.04
C GLN C 295 -29.20 2.82 -10.72
N ASP C 296 -29.78 3.84 -11.36
CA ASP C 296 -29.11 4.98 -11.98
C ASP C 296 -28.62 6.02 -10.97
N ASN C 297 -29.08 5.88 -9.73
CA ASN C 297 -28.61 6.69 -8.63
C ASN C 297 -28.88 5.99 -7.30
N VAL C 298 -27.81 5.76 -6.54
CA VAL C 298 -27.88 5.09 -5.25
C VAL C 298 -28.03 6.05 -4.06
N ALA C 299 -27.68 7.32 -4.28
CA ALA C 299 -27.76 8.35 -3.24
C ALA C 299 -29.02 8.23 -2.41
N GLU C 300 -30.14 7.95 -3.07
CA GLU C 300 -31.42 7.78 -2.40
C GLU C 300 -31.38 6.62 -1.41
N LEU C 301 -31.34 5.39 -1.94
CA LEU C 301 -31.43 4.19 -1.10
C LEU C 301 -30.17 3.88 -0.27
N LEU C 302 -29.23 4.83 -0.24
CA LEU C 302 -28.16 4.80 0.76
C LEU C 302 -28.57 5.66 1.93
N ALA C 303 -29.16 6.81 1.63
CA ALA C 303 -29.65 7.74 2.65
C ALA C 303 -30.82 7.17 3.44
N MET C 304 -31.13 5.89 3.22
CA MET C 304 -32.14 5.18 4.00
C MET C 304 -31.60 3.90 4.63
N SER C 305 -30.30 3.67 4.47
CA SER C 305 -29.67 2.45 4.96
C SER C 305 -28.95 2.68 6.29
N ASP C 306 -28.47 1.58 6.89
CA ASP C 306 -27.78 1.64 8.17
C ASP C 306 -26.36 1.09 8.12
N LEU C 307 -26.17 0.00 7.36
CA LEU C 307 -24.84 -0.59 7.25
C LEU C 307 -24.47 -0.91 5.79
N MET C 308 -23.17 -0.90 5.50
CA MET C 308 -22.65 -1.19 4.17
C MET C 308 -21.66 -2.37 4.23
N LEU C 309 -22.10 -3.54 3.75
CA LEU C 309 -21.20 -4.69 3.70
C LEU C 309 -20.41 -4.73 2.40
N LEU C 310 -19.14 -5.09 2.51
CA LEU C 310 -18.28 -5.32 1.35
C LEU C 310 -17.23 -6.35 1.72
N LEU C 311 -17.30 -7.50 1.05
CA LEU C 311 -16.46 -8.63 1.44
C LEU C 311 -15.63 -9.23 0.29
N SER C 312 -15.24 -8.39 -0.67
CA SER C 312 -14.52 -8.81 -1.86
C SER C 312 -13.24 -9.58 -1.56
N GLU C 313 -12.81 -10.41 -2.50
CA GLU C 313 -11.53 -11.10 -2.38
C GLU C 313 -10.42 -10.27 -3.04
N LYS C 314 -10.83 -9.23 -3.75
CA LYS C 314 -9.93 -8.28 -4.39
C LYS C 314 -10.67 -6.98 -4.61
N GLU C 315 -10.10 -5.88 -4.13
CA GLU C 315 -10.75 -4.57 -4.22
C GLU C 315 -9.54 -3.67 -4.29
N SER C 316 -9.37 -2.96 -5.36
CA SER C 316 -8.20 -2.10 -5.59
C SER C 316 -8.59 -0.78 -4.97
N PHE C 317 -9.88 -0.43 -5.05
CA PHE C 317 -10.43 0.71 -4.32
C PHE C 317 -11.86 0.72 -3.79
N GLY C 318 -12.75 -0.05 -4.43
CA GLY C 318 -14.16 -0.03 -4.09
C GLY C 318 -15.05 1.17 -3.82
N LEU C 319 -15.05 2.09 -4.78
CA LEU C 319 -15.77 3.36 -4.68
C LEU C 319 -17.13 3.47 -3.96
N VAL C 320 -17.73 2.33 -3.63
CA VAL C 320 -19.06 2.29 -3.01
C VAL C 320 -18.97 2.56 -1.51
N LEU C 321 -17.75 2.64 -1.00
CA LEU C 321 -17.54 2.93 0.41
C LEU C 321 -17.55 4.43 0.68
N LEU C 322 -17.13 5.21 -0.30
CA LEU C 322 -17.07 6.66 -0.16
C LEU C 322 -18.47 7.22 -0.26
N GLU C 323 -19.24 6.69 -1.19
CA GLU C 323 -20.63 7.08 -1.41
C GLU C 323 -21.46 6.77 -0.16
N ALA C 324 -21.21 5.59 0.42
CA ALA C 324 -21.85 5.19 1.67
C ALA C 324 -21.55 6.19 2.78
N MET C 325 -20.29 6.24 3.21
CA MET C 325 -19.82 7.10 4.31
C MET C 325 -20.08 8.59 4.15
N ALA C 326 -20.20 9.04 2.89
CA ALA C 326 -20.51 10.44 2.61
C ALA C 326 -21.85 10.88 3.19
N CYS C 327 -22.65 9.90 3.60
CA CYS C 327 -23.90 10.17 4.31
C CYS C 327 -24.08 9.32 5.58
N GLY C 328 -23.18 9.51 6.53
CA GLY C 328 -23.25 8.85 7.84
C GLY C 328 -23.56 7.38 7.96
N VAL C 329 -23.14 6.60 6.96
CA VAL C 329 -23.28 5.13 7.00
C VAL C 329 -21.98 4.36 7.25
N PRO C 330 -21.94 3.58 8.35
CA PRO C 330 -20.80 2.73 8.66
C PRO C 330 -20.63 1.59 7.66
N CYS C 331 -19.39 1.16 7.47
CA CYS C 331 -19.03 0.11 6.52
C CYS C 331 -18.32 -1.06 7.16
N ILE C 332 -18.69 -2.28 6.76
CA ILE C 332 -17.93 -3.46 7.16
C ILE C 332 -17.29 -4.06 5.91
N GLY C 333 -15.98 -3.87 5.78
CA GLY C 333 -15.25 -4.34 4.61
C GLY C 333 -14.12 -5.32 4.91
N THR C 334 -13.97 -6.33 4.06
CA THR C 334 -12.85 -7.25 4.16
C THR C 334 -11.53 -6.52 3.98
N ARG C 335 -10.54 -6.91 4.76
CA ARG C 335 -9.22 -6.28 4.78
C ARG C 335 -8.40 -6.74 3.59
N VAL C 336 -8.86 -6.38 2.39
CA VAL C 336 -8.17 -6.78 1.19
C VAL C 336 -7.83 -5.55 0.32
N GLY C 337 -6.80 -5.70 -0.50
CA GLY C 337 -6.38 -4.65 -1.44
C GLY C 337 -6.37 -3.22 -0.89
N GLY C 338 -7.28 -2.41 -1.39
CA GLY C 338 -7.28 -0.99 -1.11
C GLY C 338 -8.31 -0.55 -0.09
N ILE C 339 -9.23 -1.45 0.29
CA ILE C 339 -10.29 -1.15 1.29
C ILE C 339 -9.75 -0.41 2.53
N PRO C 340 -8.72 -0.98 3.20
CA PRO C 340 -8.30 -0.38 4.47
C PRO C 340 -7.70 1.00 4.31
N GLU C 341 -7.48 1.42 3.07
CA GLU C 341 -6.99 2.77 2.85
C GLU C 341 -8.14 3.77 2.97
N VAL C 342 -9.36 3.25 2.93
CA VAL C 342 -10.56 4.06 3.06
C VAL C 342 -11.16 3.89 4.47
N ILE C 343 -11.26 2.64 4.91
CA ILE C 343 -11.78 2.29 6.24
C ILE C 343 -10.69 2.36 7.33
N GLN C 344 -10.88 3.26 8.30
CA GLN C 344 -10.16 3.21 9.57
C GLN C 344 -11.00 2.37 10.51
N HIS C 345 -10.42 1.30 11.05
CA HIS C 345 -11.18 0.22 11.69
C HIS C 345 -12.03 0.57 12.90
N GLY C 346 -11.44 1.24 13.88
CA GLY C 346 -12.17 1.51 15.12
C GLY C 346 -13.24 2.51 14.75
N ASP C 347 -12.83 3.58 14.06
CA ASP C 347 -13.67 4.75 13.83
C ASP C 347 -14.74 5.08 12.78
N THR C 348 -14.44 4.72 11.52
CA THR C 348 -15.27 5.09 10.37
C THR C 348 -16.16 3.84 10.40
N GLY C 349 -15.53 2.67 10.34
CA GLY C 349 -16.25 1.41 10.29
C GLY C 349 -15.26 0.31 10.58
N TYR C 350 -15.70 -0.93 10.48
CA TYR C 350 -14.88 -2.06 10.88
C TYR C 350 -14.32 -2.77 9.65
N LEU C 351 -13.19 -3.46 9.83
CA LEU C 351 -12.63 -4.35 8.81
C LEU C 351 -12.74 -5.78 9.30
N CYS C 352 -12.67 -6.74 8.38
CA CYS C 352 -12.71 -8.16 8.74
C CYS C 352 -12.08 -9.05 7.67
N GLU C 353 -12.21 -10.36 7.84
CA GLU C 353 -11.45 -11.29 7.03
C GLU C 353 -12.26 -11.92 5.89
N VAL C 354 -11.58 -12.12 4.76
CA VAL C 354 -12.16 -12.75 3.59
C VAL C 354 -12.74 -14.13 3.94
N GLY C 355 -14.06 -14.25 3.89
CA GLY C 355 -14.74 -15.52 4.11
C GLY C 355 -15.22 -15.75 5.52
N ASP C 356 -14.79 -14.90 6.45
CA ASP C 356 -15.19 -15.01 7.85
C ASP C 356 -16.59 -14.42 8.03
N THR C 357 -17.60 -15.23 7.69
CA THR C 357 -19.00 -14.80 7.74
C THR C 357 -19.50 -14.51 9.14
N THR C 358 -18.89 -15.17 10.13
CA THR C 358 -19.27 -14.98 11.54
C THR C 358 -18.60 -13.74 12.13
N GLY C 359 -17.49 -13.30 11.53
CA GLY C 359 -16.83 -12.05 11.91
C GLY C 359 -17.69 -10.86 11.56
N VAL C 360 -17.96 -10.72 10.27
CA VAL C 360 -18.92 -9.74 9.75
C VAL C 360 -20.22 -9.77 10.55
N ALA C 361 -20.77 -10.98 10.73
CA ALA C 361 -22.04 -11.19 11.41
C ALA C 361 -22.04 -10.61 12.83
N ASP C 362 -21.22 -11.19 13.71
CA ASP C 362 -21.12 -10.78 15.10
C ASP C 362 -20.55 -9.37 15.28
N GLN C 363 -19.85 -8.89 14.27
CA GLN C 363 -19.38 -7.51 14.25
C GLN C 363 -20.52 -6.53 13.98
N ALA C 364 -21.48 -6.97 13.17
CA ALA C 364 -22.62 -6.13 12.78
C ALA C 364 -23.67 -6.03 13.88
N ILE C 365 -24.15 -7.18 14.35
CA ILE C 365 -25.22 -7.27 15.36
C ILE C 365 -24.88 -6.56 16.67
N GLN C 366 -23.63 -6.12 16.79
CA GLN C 366 -23.23 -5.23 17.87
C GLN C 366 -23.55 -3.79 17.47
N LEU C 367 -22.96 -3.35 16.35
CA LEU C 367 -23.11 -1.98 15.86
C LEU C 367 -24.58 -1.58 15.67
N LEU C 368 -25.44 -2.57 15.47
CA LEU C 368 -26.86 -2.34 15.24
C LEU C 368 -27.68 -2.29 16.52
N LYS C 369 -27.03 -2.60 17.66
CA LYS C 369 -27.67 -2.52 18.98
C LYS C 369 -27.27 -1.27 19.77
N ASP C 370 -26.00 -0.87 19.67
CA ASP C 370 -25.52 0.35 20.30
C ASP C 370 -25.82 1.56 19.39
N GLU C 371 -26.76 2.38 19.82
CA GLU C 371 -27.16 3.59 19.08
C GLU C 371 -26.06 4.65 19.10
N GLU C 372 -25.35 4.75 20.23
CA GLU C 372 -24.29 5.73 20.41
C GLU C 372 -23.11 5.48 19.49
N LEU C 373 -22.61 4.24 19.51
CA LEU C 373 -21.48 3.81 18.68
C LEU C 373 -21.74 4.13 17.21
N HIS C 374 -22.91 3.73 16.73
CA HIS C 374 -23.35 4.00 15.35
C HIS C 374 -23.44 5.49 15.00
N ARG C 375 -24.17 6.26 15.82
CA ARG C 375 -24.45 7.68 15.53
C ARG C 375 -23.17 8.51 15.49
N ASN C 376 -22.07 7.89 15.90
CA ASN C 376 -20.74 8.50 15.83
C ASN C 376 -19.80 7.79 14.85
N MET C 377 -20.02 6.50 14.63
CA MET C 377 -19.27 5.78 13.61
C MET C 377 -19.54 6.43 12.26
N GLY C 378 -20.82 6.60 11.93
CA GLY C 378 -21.23 7.33 10.72
C GLY C 378 -20.79 8.79 10.73
N GLU C 379 -20.65 9.35 11.93
CA GLU C 379 -20.27 10.75 12.12
C GLU C 379 -18.89 11.04 11.52
N ARG C 380 -17.85 10.35 12.01
CA ARG C 380 -16.46 10.57 11.58
C ARG C 380 -16.21 9.99 10.18
N ALA C 381 -17.04 9.01 9.80
CA ALA C 381 -16.99 8.44 8.45
C ALA C 381 -17.19 9.54 7.41
N ARG C 382 -18.19 10.37 7.64
CA ARG C 382 -18.44 11.58 6.87
C ARG C 382 -17.23 12.53 6.94
N GLU C 383 -16.60 12.62 8.12
CA GLU C 383 -15.42 13.47 8.30
C GLU C 383 -14.29 13.05 7.37
N SER C 384 -14.01 11.74 7.35
CA SER C 384 -12.96 11.18 6.51
C SER C 384 -13.17 11.48 5.02
N VAL C 385 -14.33 11.11 4.50
CA VAL C 385 -14.71 11.38 3.11
C VAL C 385 -14.66 12.89 2.78
N TYR C 386 -14.73 13.73 3.81
CA TYR C 386 -14.73 15.17 3.63
C TYR C 386 -13.34 15.77 3.73
N GLU C 387 -12.46 15.11 4.48
CA GLU C 387 -11.09 15.58 4.65
C GLU C 387 -10.07 14.84 3.79
N GLN C 388 -10.08 13.50 3.86
CA GLN C 388 -9.14 12.67 3.11
C GLN C 388 -9.44 12.58 1.61
N PHE C 389 -10.70 12.38 1.27
CA PHE C 389 -11.10 12.19 -0.13
C PHE C 389 -11.92 13.35 -0.67
N ARG C 390 -11.54 14.58 -0.32
CA ARG C 390 -12.27 15.76 -0.77
C ARG C 390 -12.06 15.97 -2.26
N SER C 391 -13.17 16.14 -2.99
CA SER C 391 -13.15 16.36 -4.42
C SER C 391 -12.22 17.54 -4.77
N GLU C 392 -12.51 18.71 -4.20
CA GLU C 392 -11.74 19.92 -4.47
C GLU C 392 -10.23 19.73 -4.28
N LYS C 393 -9.89 18.79 -3.41
CA LYS C 393 -8.49 18.43 -3.16
C LYS C 393 -7.98 17.53 -4.29
N ILE C 394 -8.72 16.43 -4.52
CA ILE C 394 -8.34 15.43 -5.52
C ILE C 394 -8.33 15.99 -6.95
N VAL C 395 -9.44 16.59 -7.38
CA VAL C 395 -9.53 17.19 -8.71
C VAL C 395 -8.30 18.06 -8.97
N SER C 396 -7.90 18.84 -7.97
CA SER C 396 -6.67 19.61 -8.04
C SER C 396 -5.47 18.71 -8.26
N GLN C 397 -5.40 17.60 -7.53
CA GLN C 397 -4.30 16.62 -7.72
C GLN C 397 -4.17 16.24 -9.20
N TYR C 398 -5.30 15.93 -9.85
CA TYR C 398 -5.33 15.67 -11.30
C TYR C 398 -4.94 16.93 -12.07
N GLU C 399 -5.36 18.10 -11.57
CA GLU C 399 -5.23 19.35 -12.30
C GLU C 399 -3.78 19.86 -12.37
N THR C 400 -3.10 19.92 -11.24
CA THR C 400 -1.67 20.26 -11.24
C THR C 400 -0.89 19.22 -12.05
N ILE C 401 -1.48 18.04 -12.22
CA ILE C 401 -0.93 17.00 -13.09
C ILE C 401 -1.03 17.42 -14.55
N TYR C 402 -2.22 17.91 -14.95
CA TYR C 402 -2.43 18.39 -16.31
C TYR C 402 -1.48 19.52 -16.62
N TYR C 403 -1.27 20.40 -15.65
CA TYR C 403 -0.40 21.55 -15.86
C TYR C 403 1.08 21.16 -15.86
N ASP C 404 1.45 20.20 -15.02
CA ASP C 404 2.85 19.78 -14.94
C ASP C 404 3.29 18.93 -16.12
N VAL C 405 2.33 18.34 -16.82
CA VAL C 405 2.60 17.55 -18.01
C VAL C 405 2.65 18.43 -19.28
N LEU C 406 2.56 19.74 -19.09
CA LEU C 406 2.57 20.68 -20.20
C LEU C 406 3.67 21.73 -20.09
N ARG C 407 4.59 21.53 -19.15
CA ARG C 407 5.66 22.51 -18.90
C ARG C 407 6.95 22.12 -19.62
N ASP C 408 7.34 22.93 -20.60
CA ASP C 408 8.63 22.79 -21.28
C ASP C 408 8.72 21.52 -22.14
N ASP C 409 7.65 20.70 -22.10
CA ASP C 409 7.64 19.39 -22.75
C ASP C 409 7.34 19.50 -24.25
N LYS D 35 13.41 -19.37 -47.96
CA LYS D 35 14.13 -19.25 -46.66
C LYS D 35 13.44 -18.28 -45.68
N LEU D 36 12.23 -17.85 -46.04
CA LEU D 36 11.51 -16.82 -45.28
C LEU D 36 10.51 -17.40 -44.26
N LYS D 37 10.28 -16.64 -43.19
CA LYS D 37 9.38 -17.04 -42.11
C LYS D 37 8.25 -16.02 -42.01
N ILE D 38 7.10 -16.36 -42.60
CA ILE D 38 5.99 -15.42 -42.78
C ILE D 38 4.81 -15.68 -41.81
N GLY D 39 4.16 -14.60 -41.37
CA GLY D 39 2.95 -14.69 -40.57
C GLY D 39 1.82 -14.02 -41.33
N ILE D 40 0.81 -14.79 -41.69
CA ILE D 40 -0.28 -14.29 -42.54
C ILE D 40 -1.57 -14.12 -41.74
N THR D 41 -2.06 -12.89 -41.67
CA THR D 41 -3.30 -12.59 -40.95
C THR D 41 -4.45 -12.23 -41.88
N CYS D 42 -5.49 -13.05 -41.85
CA CYS D 42 -6.68 -12.86 -42.69
C CYS D 42 -7.94 -13.49 -42.07
N TYR D 43 -9.04 -13.39 -42.80
CA TYR D 43 -10.36 -13.83 -42.30
C TYR D 43 -10.82 -15.24 -42.74
N PRO D 44 -12.03 -15.68 -42.28
CA PRO D 44 -12.60 -17.00 -42.64
C PRO D 44 -12.93 -16.56 -44.06
N SER D 45 -13.46 -17.48 -44.88
CA SER D 45 -13.90 -17.19 -46.24
C SER D 45 -15.22 -16.58 -46.72
N VAL D 46 -15.34 -16.38 -48.03
CA VAL D 46 -16.51 -15.73 -48.67
C VAL D 46 -16.61 -14.25 -48.25
N GLY D 47 -15.53 -13.73 -47.67
CA GLY D 47 -15.39 -12.31 -47.40
C GLY D 47 -14.36 -11.77 -48.38
N GLY D 48 -14.18 -12.52 -49.47
CA GLY D 48 -13.24 -12.16 -50.54
C GLY D 48 -11.74 -12.27 -50.37
N SER D 49 -11.24 -11.59 -49.34
CA SER D 49 -9.81 -11.54 -49.01
C SER D 49 -9.36 -12.88 -48.43
N GLY D 50 -10.22 -13.48 -47.61
CA GLY D 50 -9.91 -14.70 -46.87
C GLY D 50 -9.28 -15.86 -47.66
N VAL D 51 -10.02 -16.36 -48.65
CA VAL D 51 -9.57 -17.48 -49.47
C VAL D 51 -8.21 -17.25 -50.15
N VAL D 52 -7.94 -16.02 -50.57
CA VAL D 52 -6.69 -15.65 -51.22
C VAL D 52 -5.47 -15.75 -50.28
N GLY D 53 -5.67 -15.39 -49.02
CA GLY D 53 -4.63 -15.53 -47.99
C GLY D 53 -4.25 -16.98 -47.75
N THR D 54 -5.27 -17.83 -47.53
CA THR D 54 -5.10 -19.27 -47.33
C THR D 54 -4.37 -19.91 -48.50
N GLU D 55 -4.70 -19.48 -49.72
CA GLU D 55 -4.05 -20.00 -50.93
C GLU D 55 -2.58 -19.56 -50.99
N LEU D 56 -2.36 -18.25 -50.83
CA LEU D 56 -1.02 -17.66 -50.83
C LEU D 56 -0.15 -18.29 -49.76
N GLY D 57 -0.76 -18.62 -48.62
CA GLY D 57 -0.08 -19.28 -47.51
C GLY D 57 0.32 -20.73 -47.80
N LYS D 58 -0.56 -21.44 -48.50
CA LYS D 58 -0.30 -22.81 -48.93
C LYS D 58 0.86 -22.88 -49.94
N GLN D 59 0.75 -22.08 -51.00
CA GLN D 59 1.72 -22.10 -52.10
C GLN D 59 3.09 -21.53 -51.74
N LEU D 60 3.19 -20.94 -50.55
CA LEU D 60 4.47 -20.48 -50.03
C LEU D 60 5.15 -21.58 -49.22
N ALA D 61 4.35 -22.39 -48.54
CA ALA D 61 4.82 -23.59 -47.86
C ALA D 61 5.30 -24.61 -48.88
N GLU D 62 4.45 -24.90 -49.88
CA GLU D 62 4.75 -25.84 -50.96
C GLU D 62 6.12 -25.58 -51.62
N ARG D 63 6.53 -24.32 -51.66
CA ARG D 63 7.83 -23.96 -52.24
C ARG D 63 8.84 -23.54 -51.18
N GLY D 64 8.64 -23.96 -49.92
CA GLY D 64 9.68 -23.85 -48.90
C GLY D 64 9.41 -23.12 -47.58
N HIS D 65 8.99 -21.86 -47.67
CA HIS D 65 8.89 -20.96 -46.51
C HIS D 65 8.04 -21.49 -45.34
N GLU D 66 8.46 -21.17 -44.13
CA GLU D 66 7.71 -21.47 -42.91
C GLU D 66 6.57 -20.46 -42.71
N ILE D 67 5.33 -20.95 -42.70
CA ILE D 67 4.17 -20.08 -42.61
C ILE D 67 3.51 -20.16 -41.24
N HIS D 68 3.04 -19.01 -40.74
CA HIS D 68 2.40 -18.92 -39.43
C HIS D 68 1.04 -18.21 -39.52
N PHE D 69 -0.01 -19.00 -39.69
CA PHE D 69 -1.37 -18.47 -39.87
C PHE D 69 -1.59 -17.92 -38.46
N ILE D 70 -1.77 -16.60 -38.35
CA ILE D 70 -2.06 -15.98 -37.06
C ILE D 70 -3.47 -15.46 -37.39
N THR D 71 -4.49 -16.19 -36.96
CA THR D 71 -5.86 -15.84 -37.33
C THR D 71 -6.84 -15.86 -36.16
N SER D 72 -8.05 -15.36 -36.40
CA SER D 72 -9.11 -15.24 -35.38
C SER D 72 -9.50 -16.68 -35.02
N GLY D 73 -10.05 -17.41 -35.98
CA GLY D 73 -10.51 -18.77 -35.73
C GLY D 73 -10.37 -20.11 -36.43
N LEU D 74 -10.92 -20.19 -37.64
CA LEU D 74 -10.92 -21.41 -38.45
C LEU D 74 -9.96 -21.08 -39.60
N PRO D 75 -9.89 -19.79 -40.02
CA PRO D 75 -8.97 -19.42 -41.10
C PRO D 75 -7.54 -19.90 -40.87
N LYS D 80 -5.73 -32.57 -45.94
CA LYS D 80 -4.35 -32.92 -45.62
C LYS D 80 -3.80 -32.02 -44.51
N VAL D 81 -2.48 -32.05 -44.35
CA VAL D 81 -1.75 -31.20 -43.40
C VAL D 81 -0.29 -31.13 -43.83
N TYR D 82 0.21 -29.91 -44.07
CA TYR D 82 1.56 -29.73 -44.57
C TYR D 82 2.55 -29.36 -43.46
N PRO D 83 3.84 -29.69 -43.66
CA PRO D 83 4.87 -29.47 -42.63
C PRO D 83 5.27 -28.00 -42.43
N ASN D 84 4.65 -27.09 -43.17
CA ASN D 84 4.98 -25.66 -43.09
C ASN D 84 3.81 -24.70 -42.86
N ILE D 85 2.69 -25.23 -42.38
CA ILE D 85 1.53 -24.40 -42.07
C ILE D 85 1.08 -24.47 -40.61
N TYR D 86 1.61 -23.55 -39.81
CA TYR D 86 1.29 -23.48 -38.39
C TYR D 86 0.09 -22.58 -38.15
N PHE D 87 -0.72 -22.91 -37.14
CA PHE D 87 -1.97 -22.20 -36.86
C PHE D 87 -2.04 -21.75 -35.41
N HIS D 88 -1.95 -20.44 -35.18
CA HIS D 88 -2.10 -19.90 -33.84
C HIS D 88 -3.43 -19.16 -33.74
N GLU D 89 -4.36 -19.71 -32.97
CA GLU D 89 -5.66 -19.05 -32.79
C GLU D 89 -5.55 -18.00 -31.70
N VAL D 90 -6.23 -16.87 -31.91
CA VAL D 90 -6.34 -15.82 -30.90
C VAL D 90 -7.60 -16.06 -30.07
N THR D 91 -7.43 -16.28 -28.77
CA THR D 91 -8.59 -16.51 -27.89
C THR D 91 -9.34 -15.20 -27.71
N VAL D 92 -10.41 -15.04 -28.49
CA VAL D 92 -11.27 -13.86 -28.46
C VAL D 92 -11.76 -13.54 -27.03
N ASN D 93 -11.76 -14.57 -26.18
CA ASN D 93 -12.09 -14.44 -24.76
C ASN D 93 -10.84 -14.48 -23.88
N SER D 96 -17.46 -13.80 -17.31
CA SER D 96 -16.10 -13.73 -17.82
C SER D 96 -16.10 -13.03 -19.15
N VAL D 97 -14.93 -12.58 -19.58
CA VAL D 97 -14.85 -11.86 -20.84
C VAL D 97 -15.75 -10.62 -20.91
N PHE D 98 -15.58 -9.73 -19.93
CA PHE D 98 -16.32 -8.46 -19.82
C PHE D 98 -15.99 -7.41 -20.90
N GLN D 99 -16.85 -6.41 -21.03
CA GLN D 99 -16.64 -5.40 -22.04
C GLN D 99 -17.40 -5.79 -23.27
N TYR D 100 -17.05 -5.12 -24.37
CA TYR D 100 -17.47 -5.49 -25.69
C TYR D 100 -16.10 -5.95 -26.14
N PRO D 101 -16.08 -7.22 -26.54
CA PRO D 101 -14.85 -7.99 -26.62
C PRO D 101 -13.80 -7.27 -27.42
N PRO D 102 -12.61 -7.21 -26.85
CA PRO D 102 -11.52 -6.51 -27.49
C PRO D 102 -10.73 -7.45 -28.41
N TYR D 103 -11.41 -8.04 -29.39
CA TYR D 103 -10.79 -8.95 -30.35
C TYR D 103 -9.56 -8.33 -31.00
N ASP D 104 -9.70 -7.08 -31.43
CA ASP D 104 -8.68 -6.42 -32.24
C ASP D 104 -7.34 -6.28 -31.51
N LEU D 105 -7.38 -5.77 -30.28
CA LEU D 105 -6.19 -5.67 -29.44
C LEU D 105 -5.65 -7.04 -29.07
N ALA D 106 -6.55 -8.01 -28.92
CA ALA D 106 -6.17 -9.38 -28.61
C ALA D 106 -5.55 -10.09 -29.83
N LEU D 107 -5.89 -9.63 -31.04
CA LEU D 107 -5.23 -10.09 -32.27
C LEU D 107 -3.87 -9.41 -32.44
N ALA D 108 -3.80 -8.16 -32.03
CA ALA D 108 -2.60 -7.35 -32.14
C ALA D 108 -1.50 -7.85 -31.20
N SER D 109 -1.92 -8.47 -30.10
CA SER D 109 -0.98 -9.02 -29.14
C SER D 109 -0.43 -10.35 -29.64
N LYS D 110 -1.32 -11.23 -30.09
CA LYS D 110 -0.91 -12.55 -30.59
C LYS D 110 0.05 -12.44 -31.77
N MET D 111 -0.16 -11.44 -32.62
CA MET D 111 0.79 -11.14 -33.69
C MET D 111 2.16 -10.89 -33.09
N ALA D 112 2.22 -10.03 -32.06
CA ALA D 112 3.47 -9.66 -31.39
C ALA D 112 4.10 -10.86 -30.67
N GLU D 113 3.25 -11.71 -30.09
CA GLU D 113 3.71 -12.95 -29.46
C GLU D 113 4.38 -13.84 -30.50
N VAL D 114 3.59 -14.33 -31.45
CA VAL D 114 4.09 -15.21 -32.52
C VAL D 114 5.28 -14.57 -33.23
N ALA D 115 5.29 -13.25 -33.30
CA ALA D 115 6.37 -12.51 -33.92
C ALA D 115 7.74 -12.79 -33.30
N GLN D 116 7.83 -12.79 -31.97
CA GLN D 116 9.10 -13.00 -31.29
C GLN D 116 9.43 -14.48 -31.06
N ARG D 117 8.39 -15.28 -30.75
CA ARG D 117 8.58 -16.70 -30.47
C ARG D 117 9.09 -17.49 -31.67
N GLU D 118 8.87 -16.95 -32.87
CA GLU D 118 9.28 -17.62 -34.11
C GLU D 118 10.25 -16.78 -34.93
N ASN D 119 10.68 -15.64 -34.40
CA ASN D 119 11.39 -14.67 -35.18
C ASN D 119 10.33 -14.18 -36.11
N LEU D 120 10.51 -14.39 -37.40
CA LEU D 120 9.50 -14.01 -38.36
C LEU D 120 9.97 -12.82 -39.10
N ASP D 121 10.32 -13.04 -40.34
CA ASP D 121 10.75 -11.99 -41.22
C ASP D 121 9.65 -11.02 -41.58
N ILE D 122 8.46 -11.52 -41.85
CA ILE D 122 7.40 -10.68 -42.39
C ILE D 122 6.05 -11.03 -41.82
N LEU D 123 5.26 -10.01 -41.53
CA LEU D 123 3.86 -10.20 -41.20
C LEU D 123 3.10 -9.68 -42.40
N HIS D 124 2.34 -10.57 -43.05
CA HIS D 124 1.60 -10.20 -44.27
C HIS D 124 0.11 -10.12 -43.99
N VAL D 125 -0.38 -8.88 -43.97
CA VAL D 125 -1.77 -8.56 -43.62
C VAL D 125 -2.69 -8.51 -44.86
N HIS D 126 -3.90 -9.06 -44.73
CA HIS D 126 -4.87 -9.03 -45.82
C HIS D 126 -5.93 -8.04 -46.25
N TYR D 127 -6.45 -7.28 -45.28
CA TYR D 127 -7.51 -6.28 -45.48
C TYR D 127 -7.14 -5.30 -44.36
N ALA D 128 -7.01 -4.02 -44.74
CA ALA D 128 -6.27 -3.02 -43.98
C ALA D 128 -6.84 -2.55 -42.64
N ILE D 129 -8.13 -2.23 -42.60
CA ILE D 129 -8.69 -1.45 -41.49
C ILE D 129 -8.77 -2.08 -40.10
N PRO D 130 -8.92 -3.40 -40.07
CA PRO D 130 -8.77 -4.22 -38.84
C PRO D 130 -7.42 -4.98 -38.60
N HIS D 131 -6.64 -5.32 -39.64
CA HIS D 131 -5.40 -6.07 -39.50
C HIS D 131 -4.18 -5.16 -39.68
N ALA D 132 -4.22 -4.26 -40.66
CA ALA D 132 -3.05 -3.42 -40.94
C ALA D 132 -2.64 -2.62 -39.70
N ILE D 133 -3.59 -2.41 -38.80
CA ILE D 133 -3.38 -1.57 -37.62
C ILE D 133 -3.05 -2.39 -36.37
N CYS D 134 -3.45 -3.67 -36.39
CA CYS D 134 -3.02 -4.63 -35.37
C CYS D 134 -1.52 -4.92 -35.52
N ALA D 135 -1.08 -5.03 -36.77
CA ALA D 135 0.32 -5.25 -37.09
C ALA D 135 1.17 -4.08 -36.61
N TYR D 136 0.61 -2.88 -36.68
CA TYR D 136 1.30 -1.67 -36.23
C TYR D 136 1.75 -1.76 -34.76
N LEU D 137 0.81 -2.04 -33.87
CA LEU D 137 1.12 -2.23 -32.45
C LEU D 137 2.07 -3.40 -32.24
N ALA D 138 1.80 -4.50 -32.95
CA ALA D 138 2.64 -5.69 -32.91
C ALA D 138 4.07 -5.39 -33.32
N LYS D 139 4.24 -4.32 -34.09
CA LYS D 139 5.56 -3.86 -34.49
C LYS D 139 6.18 -2.94 -33.43
N GLN D 140 5.34 -2.19 -32.73
CA GLN D 140 5.83 -1.27 -31.70
C GLN D 140 6.20 -1.99 -30.42
N MET D 141 5.48 -3.08 -30.13
CA MET D 141 5.69 -3.85 -28.92
C MET D 141 6.93 -4.73 -28.98
N ILE D 142 7.30 -5.15 -30.18
CA ILE D 142 8.44 -6.04 -30.36
C ILE D 142 9.67 -5.29 -30.88
N GLY D 143 9.50 -3.98 -31.11
CA GLY D 143 10.61 -3.10 -31.44
C GLY D 143 11.17 -3.19 -32.86
N GLU D 144 10.33 -2.89 -33.85
CA GLU D 144 10.73 -2.64 -35.25
C GLU D 144 11.70 -3.68 -35.83
N ARG D 145 11.50 -4.95 -35.51
CA ARG D 145 12.40 -6.02 -35.96
C ARG D 145 11.67 -6.91 -36.98
N ILE D 146 10.62 -6.36 -37.60
CA ILE D 146 9.78 -7.09 -38.53
C ILE D 146 9.20 -6.20 -39.63
N LYS D 147 9.12 -6.72 -40.85
CA LYS D 147 8.51 -5.99 -41.95
C LYS D 147 7.05 -6.41 -42.16
N ILE D 148 6.18 -5.41 -42.26
CA ILE D 148 4.76 -5.63 -42.49
C ILE D 148 4.38 -5.35 -43.95
N VAL D 149 3.70 -6.32 -44.57
CA VAL D 149 3.14 -6.12 -45.91
C VAL D 149 1.61 -6.19 -45.86
N THR D 150 0.99 -5.06 -46.18
CA THR D 150 -0.46 -4.89 -46.19
C THR D 150 -0.98 -5.09 -47.59
N THR D 151 -2.08 -5.82 -47.72
CA THR D 151 -2.75 -5.98 -49.00
C THR D 151 -4.11 -5.32 -48.95
N LEU D 152 -4.25 -4.21 -49.67
CA LEU D 152 -5.54 -3.56 -49.82
C LEU D 152 -6.34 -4.37 -50.80
N HIS D 153 -7.30 -5.12 -50.28
CA HIS D 153 -8.34 -5.75 -51.11
C HIS D 153 -9.40 -4.72 -51.44
N GLY D 154 -10.52 -5.16 -52.01
CA GLY D 154 -11.52 -4.22 -52.49
C GLY D 154 -12.15 -3.31 -51.44
N THR D 155 -13.00 -3.90 -50.63
CA THR D 155 -14.05 -3.17 -49.90
C THR D 155 -13.54 -2.27 -48.77
N ASP D 156 -12.39 -2.59 -48.19
CA ASP D 156 -11.82 -1.73 -47.13
C ASP D 156 -11.70 -0.27 -47.55
N ILE D 157 -11.16 -0.05 -48.74
CA ILE D 157 -11.01 1.28 -49.32
C ILE D 157 -12.35 1.85 -49.83
N THR D 158 -13.04 1.08 -50.66
CA THR D 158 -14.21 1.58 -51.38
C THR D 158 -15.47 1.81 -50.53
N VAL D 159 -15.72 0.94 -49.56
CA VAL D 159 -16.89 1.16 -48.69
C VAL D 159 -17.11 1.66 -47.27
N LEU D 160 -16.25 1.24 -46.33
CA LEU D 160 -16.43 1.48 -44.90
C LEU D 160 -15.34 2.52 -44.64
N GLY D 161 -14.42 2.68 -45.59
CA GLY D 161 -13.37 3.70 -45.50
C GLY D 161 -13.80 4.96 -46.22
N SER D 162 -15.10 5.05 -46.55
CA SER D 162 -15.67 6.21 -47.24
C SER D 162 -16.17 7.28 -46.29
N ASP D 163 -16.74 6.83 -45.15
CA ASP D 163 -17.21 7.74 -44.09
C ASP D 163 -16.04 8.39 -43.35
N PRO D 164 -16.23 9.61 -42.84
CA PRO D 164 -15.16 10.28 -42.10
C PRO D 164 -14.71 9.46 -40.90
N SER D 165 -15.67 8.77 -40.30
CA SER D 165 -15.51 7.98 -39.09
C SER D 165 -14.22 7.17 -39.00
N LEU D 166 -13.77 6.63 -40.13
CA LEU D 166 -12.66 5.67 -40.15
C LEU D 166 -11.45 6.07 -41.00
N ASN D 167 -11.58 7.12 -41.81
CA ASN D 167 -10.53 7.49 -42.78
C ASN D 167 -9.12 7.56 -42.21
N ASN D 168 -8.90 8.51 -41.30
CA ASN D 168 -7.60 8.70 -40.69
C ASN D 168 -6.92 7.39 -40.27
N LEU D 169 -7.73 6.41 -39.85
CA LEU D 169 -7.23 5.14 -39.35
C LEU D 169 -6.58 4.28 -40.43
N ILE D 170 -7.19 4.29 -41.61
CA ILE D 170 -6.65 3.58 -42.78
C ILE D 170 -5.41 4.32 -43.28
N ARG D 171 -5.56 5.62 -43.55
CA ARG D 171 -4.46 6.47 -43.97
C ARG D 171 -3.23 6.15 -43.14
N PHE D 172 -3.43 6.10 -41.83
CA PHE D 172 -2.38 5.73 -40.89
C PHE D 172 -1.87 4.31 -41.11
N GLY D 173 -2.78 3.35 -41.16
CA GLY D 173 -2.43 1.94 -41.37
C GLY D 173 -1.70 1.68 -42.68
N ILE D 174 -1.97 2.50 -43.69
CA ILE D 174 -1.30 2.39 -44.98
C ILE D 174 0.05 3.07 -44.95
N GLU D 175 0.11 4.26 -44.34
CA GLU D 175 1.35 5.04 -44.23
C GLU D 175 2.43 4.32 -43.40
N GLN D 176 1.98 3.59 -42.39
CA GLN D 176 2.89 3.03 -41.40
C GLN D 176 3.30 1.59 -41.73
N SER D 177 2.68 0.99 -42.74
CA SER D 177 3.11 -0.30 -43.27
C SER D 177 4.42 -0.17 -44.04
N ASP D 178 5.06 -1.31 -44.31
CA ASP D 178 6.33 -1.28 -45.02
C ASP D 178 6.14 -1.38 -46.52
N VAL D 179 5.40 -2.38 -46.97
CA VAL D 179 4.92 -2.41 -48.35
C VAL D 179 3.38 -2.47 -48.36
N VAL D 180 2.79 -1.88 -49.40
CA VAL D 180 1.34 -1.87 -49.55
C VAL D 180 1.00 -2.32 -50.97
N THR D 181 0.06 -3.27 -51.09
CA THR D 181 -0.36 -3.80 -52.38
C THR D 181 -1.86 -3.64 -52.60
N ALA D 182 -2.26 -3.44 -53.85
CA ALA D 182 -3.67 -3.39 -54.22
C ALA D 182 -3.96 -4.39 -55.30
N VAL D 183 -5.17 -4.95 -55.27
CA VAL D 183 -5.57 -6.04 -56.16
C VAL D 183 -6.02 -5.58 -57.56
N SER D 184 -5.95 -4.27 -57.79
CA SER D 184 -6.19 -3.66 -59.11
C SER D 184 -5.72 -2.21 -59.06
N HIS D 185 -5.40 -1.63 -60.21
CA HIS D 185 -5.01 -0.22 -60.27
C HIS D 185 -6.19 0.70 -59.99
N SER D 186 -7.38 0.26 -60.36
CA SER D 186 -8.58 1.02 -60.04
C SER D 186 -8.71 1.21 -58.53
N LEU D 187 -8.17 0.27 -57.76
CA LEU D 187 -8.20 0.38 -56.33
C LEU D 187 -7.13 1.33 -55.81
N ILE D 188 -6.05 1.49 -56.57
CA ILE D 188 -4.99 2.44 -56.21
C ILE D 188 -5.50 3.86 -56.37
N ASN D 189 -6.15 4.14 -57.51
CA ASN D 189 -6.67 5.47 -57.75
C ASN D 189 -7.74 5.87 -56.75
N GLU D 190 -8.63 4.93 -56.45
CA GLU D 190 -9.66 5.09 -55.43
C GLU D 190 -9.09 5.42 -54.06
N THR D 191 -7.98 4.77 -53.71
CA THR D 191 -7.32 4.99 -52.42
C THR D 191 -6.84 6.43 -52.27
N HIS D 192 -6.16 6.94 -53.29
CA HIS D 192 -5.61 8.29 -53.25
C HIS D 192 -6.68 9.39 -53.29
N GLU D 193 -7.88 9.02 -53.74
CA GLU D 193 -8.97 9.97 -53.84
C GLU D 193 -9.61 10.19 -52.48
N LEU D 194 -9.89 9.11 -51.76
CA LEU D 194 -10.69 9.19 -50.53
C LEU D 194 -9.99 8.92 -49.19
N VAL D 195 -8.94 8.11 -49.21
CA VAL D 195 -8.14 7.84 -48.01
C VAL D 195 -6.92 8.78 -47.99
N LYS D 196 -6.30 9.00 -49.14
CA LYS D 196 -5.23 9.97 -49.34
C LYS D 196 -3.90 9.64 -48.64
N PRO D 197 -3.50 8.34 -48.63
CA PRO D 197 -2.30 7.93 -47.93
C PRO D 197 -1.07 8.54 -48.54
N ASN D 198 -0.09 8.86 -47.70
CA ASN D 198 1.20 9.32 -48.16
C ASN D 198 2.13 8.14 -48.44
N LYS D 199 1.52 7.01 -48.76
CA LYS D 199 2.27 5.81 -49.12
C LYS D 199 2.14 5.49 -50.61
N ASP D 200 3.26 5.08 -51.20
CA ASP D 200 3.27 4.59 -52.57
C ASP D 200 2.85 3.12 -52.59
N ILE D 201 1.66 2.86 -53.15
CA ILE D 201 1.12 1.50 -53.13
C ILE D 201 1.35 0.79 -54.48
N GLN D 202 1.45 -0.54 -54.44
CA GLN D 202 1.84 -1.37 -55.59
C GLN D 202 0.75 -2.38 -55.94
N THR D 203 0.66 -2.79 -57.21
CA THR D 203 -0.41 -3.70 -57.65
C THR D 203 0.02 -5.16 -57.70
N VAL D 204 -0.82 -6.03 -57.16
CA VAL D 204 -0.70 -7.47 -57.35
C VAL D 204 -2.11 -8.06 -57.38
N TYR D 205 -2.44 -8.74 -58.47
CA TYR D 205 -3.79 -9.27 -58.64
C TYR D 205 -4.14 -10.41 -57.66
N ASN D 206 -5.43 -10.73 -57.62
CA ASN D 206 -5.89 -11.95 -56.95
C ASN D 206 -5.77 -13.13 -57.91
N PHE D 207 -6.16 -14.30 -57.45
CA PHE D 207 -6.08 -15.48 -58.29
C PHE D 207 -7.09 -16.52 -57.87
N ILE D 208 -7.35 -17.44 -58.79
CA ILE D 208 -8.38 -18.42 -58.62
C ILE D 208 -7.71 -19.74 -58.33
N ASP D 209 -8.41 -20.62 -57.63
CA ASP D 209 -7.91 -21.98 -57.41
C ASP D 209 -8.11 -22.77 -58.70
N GLU D 210 -7.08 -22.76 -59.54
CA GLU D 210 -7.11 -23.36 -60.87
C GLU D 210 -7.78 -24.73 -60.86
N ARG D 211 -7.52 -25.49 -59.80
CA ARG D 211 -8.00 -26.87 -59.65
C ARG D 211 -9.37 -26.97 -58.95
N VAL D 212 -10.12 -25.86 -58.93
CA VAL D 212 -11.46 -25.82 -58.36
C VAL D 212 -12.46 -25.14 -59.29
N TYR D 213 -11.97 -24.15 -60.04
CA TYR D 213 -12.76 -23.47 -61.06
C TYR D 213 -12.23 -23.80 -62.45
N PHE D 214 -12.86 -24.79 -63.07
CA PHE D 214 -12.49 -25.31 -64.39
C PHE D 214 -13.73 -25.69 -65.17
N LYS D 215 -13.60 -25.81 -66.49
CA LYS D 215 -14.70 -26.25 -67.33
C LYS D 215 -14.88 -27.77 -67.20
N ARG D 216 -16.14 -28.17 -67.04
CA ARG D 216 -16.52 -29.58 -66.95
C ARG D 216 -17.95 -29.76 -67.48
N ASP D 217 -18.19 -30.84 -68.22
CA ASP D 217 -19.53 -31.15 -68.72
C ASP D 217 -20.45 -31.46 -67.54
N MET D 218 -21.52 -30.68 -67.43
CA MET D 218 -22.53 -30.87 -66.39
C MET D 218 -23.31 -32.15 -66.52
N THR D 219 -23.60 -32.57 -67.74
CA THR D 219 -24.29 -33.82 -67.87
C THR D 219 -25.49 -33.85 -66.96
N GLN D 220 -26.36 -32.86 -67.09
CA GLN D 220 -27.57 -32.85 -66.32
C GLN D 220 -27.41 -32.89 -64.83
N LEU D 221 -26.45 -32.15 -64.35
CA LEU D 221 -26.45 -31.92 -62.95
C LEU D 221 -27.43 -30.73 -62.94
N LYS D 222 -27.85 -30.35 -64.15
CA LYS D 222 -28.76 -29.26 -64.47
C LYS D 222 -30.24 -29.44 -64.26
N LYS D 223 -30.67 -30.69 -64.30
CA LYS D 223 -32.10 -30.99 -64.18
C LYS D 223 -32.81 -30.76 -62.86
N GLU D 224 -32.14 -31.00 -61.76
CA GLU D 224 -32.79 -30.92 -60.50
C GLU D 224 -33.36 -29.52 -60.47
N TYR D 225 -32.64 -28.64 -61.11
CA TYR D 225 -33.05 -27.26 -61.22
C TYR D 225 -34.17 -27.20 -62.25
N GLY D 226 -34.43 -28.31 -62.89
CA GLY D 226 -35.46 -28.41 -63.93
C GLY D 226 -35.35 -27.73 -65.28
N ILE D 227 -34.10 -27.53 -65.73
CA ILE D 227 -33.81 -26.66 -66.86
C ILE D 227 -32.95 -27.36 -67.92
N SER D 228 -33.21 -28.64 -68.12
CA SER D 228 -32.32 -29.52 -68.87
C SER D 228 -32.61 -29.39 -70.38
N GLU D 229 -33.46 -28.46 -70.83
CA GLU D 229 -33.83 -28.24 -72.32
C GLU D 229 -32.73 -27.56 -73.28
N SER D 230 -32.82 -27.55 -74.65
CA SER D 230 -31.69 -26.98 -75.40
C SER D 230 -31.87 -25.69 -74.71
N GLU D 231 -30.79 -25.33 -74.03
CA GLU D 231 -30.78 -24.51 -72.85
C GLU D 231 -29.91 -23.35 -72.90
N LYS D 232 -30.36 -22.19 -72.58
CA LYS D 232 -29.49 -21.04 -72.59
C LYS D 232 -29.48 -20.21 -71.30
N ILE D 233 -28.56 -20.57 -70.35
CA ILE D 233 -28.55 -20.01 -69.01
C ILE D 233 -27.56 -18.97 -68.47
N LEU D 234 -28.09 -17.85 -68.00
CA LEU D 234 -27.26 -16.77 -67.52
C LEU D 234 -27.14 -16.82 -65.99
N ILE D 235 -25.93 -16.67 -65.47
CA ILE D 235 -25.72 -16.60 -64.03
C ILE D 235 -25.41 -15.17 -63.58
N HIS D 236 -25.79 -14.85 -62.34
CA HIS D 236 -25.36 -13.61 -61.69
C HIS D 236 -25.15 -13.84 -60.21
N ILE D 237 -23.89 -14.00 -59.81
CA ILE D 237 -23.51 -14.07 -58.40
C ILE D 237 -23.16 -12.67 -57.91
N SER D 238 -23.84 -12.25 -56.83
CA SER D 238 -23.55 -10.94 -56.21
C SER D 238 -24.07 -10.78 -54.78
N ASN D 239 -23.81 -9.59 -54.23
CA ASN D 239 -24.12 -9.26 -52.85
C ASN D 239 -25.58 -8.91 -52.65
N PHE D 240 -26.31 -8.76 -53.75
CA PHE D 240 -27.68 -8.27 -53.72
C PHE D 240 -27.77 -6.93 -53.00
N ARG D 241 -26.65 -6.23 -52.97
CA ARG D 241 -26.65 -4.87 -52.45
C ARG D 241 -27.08 -3.87 -53.53
N LYS D 242 -27.43 -2.68 -53.09
CA LYS D 242 -27.91 -1.61 -53.94
C LYS D 242 -26.93 -1.29 -55.06
N VAL D 243 -25.65 -1.33 -54.72
CA VAL D 243 -24.55 -1.02 -55.64
C VAL D 243 -24.53 -1.95 -56.86
N LYS D 244 -24.73 -3.25 -56.62
CA LYS D 244 -24.58 -4.27 -57.67
C LYS D 244 -25.51 -4.09 -58.86
N ARG D 245 -26.54 -3.25 -58.69
CA ARG D 245 -27.54 -2.96 -59.73
C ARG D 245 -28.16 -4.25 -60.25
N VAL D 246 -28.79 -5.02 -59.37
CA VAL D 246 -29.43 -6.26 -59.76
C VAL D 246 -30.71 -5.96 -60.57
N GLN D 247 -31.23 -4.75 -60.41
CA GLN D 247 -32.38 -4.25 -61.18
C GLN D 247 -32.06 -4.33 -62.67
N ASP D 248 -30.89 -3.82 -63.03
CA ASP D 248 -30.42 -3.84 -64.41
C ASP D 248 -30.19 -5.26 -64.93
N VAL D 249 -29.72 -6.16 -64.06
CA VAL D 249 -29.51 -7.57 -64.42
C VAL D 249 -30.81 -8.27 -64.82
N VAL D 250 -31.90 -7.92 -64.12
CA VAL D 250 -33.21 -8.44 -64.44
C VAL D 250 -33.76 -7.80 -65.73
N GLN D 251 -33.71 -6.47 -65.78
CA GLN D 251 -34.20 -5.70 -66.94
C GLN D 251 -33.56 -6.21 -68.23
N ALA D 252 -32.24 -6.43 -68.19
CA ALA D 252 -31.51 -6.96 -69.34
C ALA D 252 -32.07 -8.31 -69.73
N PHE D 253 -32.20 -9.18 -68.73
CA PHE D 253 -32.68 -10.55 -68.94
C PHE D 253 -34.10 -10.60 -69.48
N ALA D 254 -34.89 -9.59 -69.13
CA ALA D 254 -36.26 -9.45 -69.63
C ALA D 254 -36.28 -9.22 -71.15
N LYS D 255 -35.50 -8.23 -71.60
CA LYS D 255 -35.37 -7.93 -73.02
C LYS D 255 -34.69 -9.08 -73.75
N ILE D 256 -33.79 -9.77 -73.04
CA ILE D 256 -33.06 -10.91 -73.61
C ILE D 256 -34.00 -12.05 -74.01
N VAL D 257 -34.86 -12.44 -73.07
CA VAL D 257 -35.71 -13.61 -73.21
C VAL D 257 -36.78 -13.43 -74.31
N THR D 258 -36.98 -12.20 -74.75
CA THR D 258 -37.87 -11.87 -75.87
C THR D 258 -37.37 -12.65 -77.10
N GLU D 259 -36.06 -12.85 -77.19
CA GLU D 259 -35.40 -13.46 -78.35
C GLU D 259 -34.55 -14.71 -78.12
N VAL D 260 -34.26 -15.00 -76.85
CA VAL D 260 -33.54 -16.22 -76.45
C VAL D 260 -34.51 -16.92 -75.51
N ASP D 261 -34.49 -18.25 -75.56
CA ASP D 261 -35.30 -19.07 -74.67
C ASP D 261 -34.36 -19.35 -73.50
N ALA D 262 -34.25 -18.39 -72.59
CA ALA D 262 -33.20 -18.41 -71.56
C ALA D 262 -33.70 -18.42 -70.11
N LYS D 263 -32.77 -18.65 -69.18
CA LYS D 263 -33.05 -18.59 -67.75
C LYS D 263 -31.99 -17.79 -67.00
N LEU D 264 -32.40 -17.15 -65.90
CA LEU D 264 -31.47 -16.38 -65.08
C LEU D 264 -31.25 -17.02 -63.71
N LEU D 265 -30.00 -17.42 -63.46
CA LEU D 265 -29.56 -17.84 -62.15
C LEU D 265 -29.15 -16.63 -61.33
N LEU D 266 -29.93 -16.34 -60.29
CA LEU D 266 -29.60 -15.29 -59.31
C LEU D 266 -29.06 -15.93 -58.05
N VAL D 267 -27.77 -15.77 -57.81
CA VAL D 267 -27.10 -16.43 -56.69
C VAL D 267 -26.77 -15.41 -55.60
N GLY D 268 -27.43 -15.55 -54.45
CA GLY D 268 -27.14 -14.71 -53.29
C GLY D 268 -28.34 -14.21 -52.52
N ASP D 269 -28.06 -13.65 -51.35
CA ASP D 269 -29.05 -12.94 -50.56
C ASP D 269 -28.51 -11.57 -50.18
N GLY D 270 -29.38 -10.72 -49.68
CA GLY D 270 -28.98 -9.37 -49.28
C GLY D 270 -30.16 -8.41 -49.14
N PRO D 271 -29.85 -7.12 -48.91
CA PRO D 271 -30.82 -6.04 -48.76
C PRO D 271 -31.86 -6.00 -49.87
N GLU D 272 -31.43 -5.76 -51.11
CA GLU D 272 -32.36 -5.54 -52.22
C GLU D 272 -33.19 -6.77 -52.62
N PHE D 273 -32.99 -7.90 -51.93
CA PHE D 273 -33.66 -9.14 -52.27
C PHE D 273 -35.14 -8.95 -52.53
N CYS D 274 -35.79 -8.19 -51.65
CA CYS D 274 -37.21 -7.91 -51.78
C CYS D 274 -37.50 -7.13 -53.06
N THR D 275 -37.01 -5.90 -53.13
CA THR D 275 -37.27 -4.99 -54.27
C THR D 275 -36.91 -5.61 -55.63
N ILE D 276 -36.13 -6.69 -55.60
CA ILE D 276 -35.75 -7.42 -56.80
C ILE D 276 -36.71 -8.59 -57.07
N LEU D 277 -37.10 -9.29 -56.01
CA LEU D 277 -38.04 -10.41 -56.10
C LEU D 277 -39.41 -9.97 -56.63
N GLN D 278 -39.92 -8.87 -56.11
CA GLN D 278 -41.17 -8.34 -56.63
C GLN D 278 -41.09 -7.49 -57.90
N LEU D 279 -39.91 -7.47 -58.51
CA LEU D 279 -39.72 -7.00 -59.87
C LEU D 279 -39.74 -8.07 -60.96
N VAL D 280 -39.01 -9.16 -60.72
CA VAL D 280 -39.02 -10.32 -61.59
C VAL D 280 -40.41 -10.97 -61.62
N LYS D 281 -41.22 -10.64 -60.62
CA LYS D 281 -42.58 -11.14 -60.53
C LYS D 281 -43.54 -10.34 -61.41
N ASN D 282 -43.46 -9.00 -61.36
CA ASN D 282 -44.31 -8.15 -62.20
C ASN D 282 -43.76 -7.69 -63.55
N LEU D 283 -42.73 -8.39 -64.01
CA LEU D 283 -42.24 -8.24 -65.36
C LEU D 283 -42.47 -9.51 -66.17
N HIS D 284 -43.30 -10.39 -65.60
CA HIS D 284 -43.79 -11.66 -66.20
C HIS D 284 -42.80 -12.78 -66.53
N ILE D 285 -41.64 -12.72 -65.89
CA ILE D 285 -40.49 -13.58 -66.23
C ILE D 285 -40.26 -14.45 -64.98
N GLU D 286 -41.22 -14.46 -64.07
CA GLU D 286 -41.11 -15.21 -62.82
C GLU D 286 -40.77 -16.69 -63.02
N ASP D 287 -41.24 -17.27 -64.12
CA ASP D 287 -41.09 -18.70 -64.38
C ASP D 287 -39.74 -19.10 -64.98
N ARG D 288 -38.90 -18.11 -65.28
CA ARG D 288 -37.60 -18.35 -65.90
C ARG D 288 -36.47 -17.66 -65.15
N VAL D 289 -36.68 -17.43 -63.85
CA VAL D 289 -35.64 -16.88 -62.98
C VAL D 289 -35.61 -17.66 -61.67
N LEU D 290 -34.49 -18.32 -61.42
CA LEU D 290 -34.31 -19.11 -60.21
C LEU D 290 -33.56 -18.31 -59.16
N PHE D 291 -34.12 -18.23 -57.97
CA PHE D 291 -33.48 -17.56 -56.85
C PHE D 291 -32.79 -18.59 -55.96
N LEU D 292 -31.62 -19.07 -56.40
CA LEU D 292 -30.88 -20.09 -55.66
C LEU D 292 -30.50 -19.65 -54.26
N GLY D 293 -30.62 -18.35 -53.99
CA GLY D 293 -30.25 -17.77 -52.69
C GLY D 293 -28.78 -17.99 -52.39
N LYS D 294 -28.38 -17.72 -51.15
CA LYS D 294 -27.01 -17.96 -50.69
C LYS D 294 -26.62 -19.43 -50.91
N GLN D 295 -25.62 -19.65 -51.75
CA GLN D 295 -25.21 -21.00 -52.10
C GLN D 295 -23.92 -21.35 -51.36
N ASP D 296 -23.67 -22.64 -51.18
CA ASP D 296 -22.43 -23.11 -50.54
C ASP D 296 -21.21 -22.92 -51.44
N ASN D 297 -21.23 -23.55 -52.62
CA ASN D 297 -20.16 -23.36 -53.60
C ASN D 297 -20.68 -23.02 -55.00
N VAL D 298 -20.25 -21.86 -55.49
CA VAL D 298 -20.68 -21.34 -56.77
C VAL D 298 -20.08 -22.14 -57.93
N ALA D 299 -18.90 -22.73 -57.70
CA ALA D 299 -18.18 -23.50 -58.72
C ALA D 299 -19.07 -24.39 -59.59
N GLU D 300 -20.02 -25.06 -58.97
CA GLU D 300 -21.00 -25.88 -59.68
C GLU D 300 -21.77 -25.05 -60.71
N LEU D 301 -22.50 -24.05 -60.24
CA LEU D 301 -23.42 -23.27 -61.06
C LEU D 301 -22.69 -22.58 -62.20
N LEU D 302 -21.54 -22.00 -61.90
CA LEU D 302 -20.72 -21.32 -62.90
C LEU D 302 -20.39 -22.22 -64.09
N ALA D 303 -19.85 -23.39 -63.80
CA ALA D 303 -19.47 -24.36 -64.84
C ALA D 303 -20.65 -24.75 -65.71
N MET D 304 -21.83 -24.76 -65.12
CA MET D 304 -23.06 -25.09 -65.82
C MET D 304 -23.57 -23.96 -66.72
N SER D 305 -23.36 -22.72 -66.29
CA SER D 305 -23.95 -21.54 -66.96
C SER D 305 -23.32 -21.20 -68.32
N ASP D 306 -23.92 -20.23 -69.02
CA ASP D 306 -23.48 -19.86 -70.36
C ASP D 306 -23.11 -18.40 -70.50
N LEU D 307 -23.46 -17.57 -69.52
CA LEU D 307 -23.11 -16.16 -69.57
C LEU D 307 -23.26 -15.58 -68.18
N MET D 308 -22.35 -14.67 -67.85
CA MET D 308 -22.39 -14.06 -66.55
C MET D 308 -22.59 -12.56 -66.72
N LEU D 309 -23.70 -12.07 -66.17
CA LEU D 309 -24.00 -10.64 -66.15
C LEU D 309 -23.46 -10.07 -64.86
N LEU D 310 -22.72 -8.98 -64.96
CA LEU D 310 -22.28 -8.21 -63.80
C LEU D 310 -22.40 -6.77 -64.22
N LEU D 311 -23.36 -6.07 -63.63
CA LEU D 311 -23.68 -4.72 -64.09
C LEU D 311 -23.62 -3.66 -62.99
N SER D 312 -22.61 -3.75 -62.13
CA SER D 312 -22.48 -2.89 -60.96
C SER D 312 -22.10 -1.46 -61.31
N GLU D 313 -22.40 -0.54 -60.41
CA GLU D 313 -22.03 0.86 -60.59
C GLU D 313 -20.70 1.16 -59.90
N LYS D 314 -20.33 0.32 -58.95
CA LYS D 314 -19.01 0.38 -58.32
C LYS D 314 -18.48 -1.03 -58.06
N GLU D 315 -17.48 -1.44 -58.82
CA GLU D 315 -16.87 -2.72 -58.61
C GLU D 315 -15.39 -2.55 -58.47
N SER D 316 -14.84 -3.19 -57.47
CA SER D 316 -13.44 -3.08 -57.17
C SER D 316 -12.61 -4.11 -57.92
N PHE D 317 -13.23 -5.01 -58.66
CA PHE D 317 -12.47 -6.06 -59.33
C PHE D 317 -13.32 -7.23 -59.77
N GLY D 318 -13.90 -7.96 -58.83
CA GLY D 318 -14.76 -9.07 -59.16
C GLY D 318 -14.12 -10.42 -59.33
N LEU D 319 -13.92 -11.12 -58.23
CA LEU D 319 -13.33 -12.43 -58.31
C LEU D 319 -14.25 -13.32 -59.08
N VAL D 320 -15.54 -13.18 -58.90
CA VAL D 320 -16.45 -14.02 -59.68
C VAL D 320 -16.14 -13.82 -61.15
N LEU D 321 -15.51 -12.69 -61.46
CA LEU D 321 -15.13 -12.36 -62.83
C LEU D 321 -14.04 -13.31 -63.29
N LEU D 322 -13.13 -13.64 -62.38
CA LEU D 322 -12.07 -14.62 -62.61
C LEU D 322 -12.65 -16.02 -62.67
N GLU D 323 -13.51 -16.32 -61.70
CA GLU D 323 -14.11 -17.64 -61.55
C GLU D 323 -14.94 -18.03 -62.76
N ALA D 324 -15.81 -17.13 -63.20
CA ALA D 324 -16.61 -17.38 -64.38
C ALA D 324 -15.71 -17.76 -65.53
N MET D 325 -14.78 -16.87 -65.85
CA MET D 325 -13.83 -17.06 -66.93
C MET D 325 -12.98 -18.33 -66.76
N ALA D 326 -12.50 -18.57 -65.53
CA ALA D 326 -11.70 -19.75 -65.22
C ALA D 326 -12.42 -21.05 -65.58
N CYS D 327 -13.75 -21.04 -65.50
CA CYS D 327 -14.52 -22.20 -65.98
C CYS D 327 -15.47 -21.88 -67.12
N GLY D 328 -14.91 -21.44 -68.24
CA GLY D 328 -15.63 -21.41 -69.50
C GLY D 328 -16.82 -20.50 -69.69
N VAL D 329 -17.02 -19.54 -68.79
CA VAL D 329 -18.22 -18.69 -68.79
C VAL D 329 -17.69 -17.31 -69.19
N PRO D 330 -18.08 -16.83 -70.38
CA PRO D 330 -17.80 -15.45 -70.80
C PRO D 330 -18.64 -14.46 -69.97
N CYS D 331 -18.21 -13.20 -69.93
CA CYS D 331 -18.86 -12.19 -69.10
C CYS D 331 -19.30 -10.92 -69.82
N ILE D 332 -20.41 -10.35 -69.36
CA ILE D 332 -20.78 -9.01 -69.75
C ILE D 332 -20.73 -8.14 -68.51
N GLY D 333 -19.81 -7.20 -68.50
CA GLY D 333 -19.54 -6.40 -67.33
C GLY D 333 -19.61 -4.93 -67.65
N THR D 334 -20.05 -4.13 -66.68
CA THR D 334 -20.08 -2.68 -66.79
C THR D 334 -18.68 -2.13 -67.01
N ARG D 335 -18.57 -1.06 -67.78
CA ARG D 335 -17.27 -0.44 -68.07
C ARG D 335 -16.60 0.17 -66.83
N VAL D 336 -17.30 0.11 -65.69
CA VAL D 336 -16.80 0.69 -64.45
C VAL D 336 -15.78 -0.07 -63.61
N GLY D 337 -15.05 0.65 -62.76
CA GLY D 337 -14.13 0.07 -61.79
C GLY D 337 -12.93 -0.66 -62.37
N GLY D 338 -12.53 -1.74 -61.69
CA GLY D 338 -11.40 -2.57 -62.11
C GLY D 338 -11.80 -3.72 -63.01
N ILE D 339 -13.05 -3.67 -63.48
CA ILE D 339 -13.59 -4.66 -64.42
C ILE D 339 -12.91 -4.57 -65.79
N PRO D 340 -12.66 -3.35 -66.30
CA PRO D 340 -11.92 -3.23 -67.56
C PRO D 340 -10.51 -3.80 -67.51
N GLU D 341 -10.02 -4.15 -66.32
CA GLU D 341 -8.72 -4.82 -66.17
C GLU D 341 -8.79 -6.34 -66.42
N VAL D 342 -10.00 -6.89 -66.36
CA VAL D 342 -10.21 -8.32 -66.51
C VAL D 342 -10.78 -8.68 -67.89
N ILE D 343 -11.83 -7.99 -68.31
CA ILE D 343 -12.47 -8.28 -69.60
C ILE D 343 -11.68 -7.66 -70.76
N GLN D 344 -11.92 -8.14 -71.98
CA GLN D 344 -11.33 -7.54 -73.18
C GLN D 344 -12.51 -7.51 -74.16
N HIS D 345 -12.85 -6.31 -74.64
CA HIS D 345 -14.20 -6.05 -75.17
C HIS D 345 -14.70 -7.06 -76.20
N GLY D 346 -13.84 -7.53 -77.09
CA GLY D 346 -14.29 -8.47 -78.14
C GLY D 346 -13.95 -9.84 -77.68
N ASP D 347 -12.82 -9.97 -77.01
CA ASP D 347 -12.19 -11.30 -76.79
C ASP D 347 -12.65 -12.33 -75.78
N THR D 348 -12.82 -11.94 -74.52
CA THR D 348 -13.10 -12.90 -73.47
C THR D 348 -14.34 -12.40 -72.72
N GLY D 349 -15.15 -11.60 -73.41
CA GLY D 349 -16.34 -11.01 -72.82
C GLY D 349 -16.76 -9.75 -73.52
N TYR D 350 -17.45 -8.87 -72.80
CA TYR D 350 -17.98 -7.63 -73.36
C TYR D 350 -18.06 -6.57 -72.28
N LEU D 351 -17.73 -5.33 -72.63
CA LEU D 351 -17.97 -4.21 -71.73
C LEU D 351 -19.21 -3.44 -72.19
N CYS D 352 -19.80 -2.70 -71.26
CA CYS D 352 -21.02 -1.97 -71.53
C CYS D 352 -21.08 -0.77 -70.61
N GLU D 353 -21.80 0.27 -71.03
CA GLU D 353 -22.05 1.41 -70.16
C GLU D 353 -22.97 1.00 -69.00
N VAL D 354 -22.74 1.61 -67.84
CA VAL D 354 -23.44 1.23 -66.62
C VAL D 354 -24.87 1.77 -66.60
N GLY D 355 -25.83 0.89 -66.34
CA GLY D 355 -27.25 1.27 -66.34
C GLY D 355 -27.93 1.14 -67.69
N ASP D 356 -27.16 0.75 -68.70
CA ASP D 356 -27.66 0.50 -70.05
C ASP D 356 -28.27 -0.90 -70.12
N THR D 357 -29.49 -1.00 -69.60
CA THR D 357 -30.20 -2.27 -69.45
C THR D 357 -30.42 -2.95 -70.80
N THR D 358 -30.67 -2.14 -71.83
CA THR D 358 -30.89 -2.64 -73.19
C THR D 358 -29.59 -2.96 -73.92
N GLY D 359 -28.54 -2.17 -73.68
CA GLY D 359 -27.23 -2.37 -74.33
C GLY D 359 -26.61 -3.72 -74.01
N VAL D 360 -26.65 -4.08 -72.72
CA VAL D 360 -26.31 -5.41 -72.24
C VAL D 360 -27.16 -6.46 -72.95
N ALA D 361 -28.47 -6.19 -73.00
CA ALA D 361 -29.45 -7.10 -73.59
C ALA D 361 -29.13 -7.54 -75.02
N ASP D 362 -28.85 -6.59 -75.90
CA ASP D 362 -28.65 -6.89 -77.32
C ASP D 362 -27.33 -7.60 -77.59
N GLN D 363 -26.30 -7.21 -76.86
CA GLN D 363 -24.99 -7.82 -77.00
C GLN D 363 -25.03 -9.22 -76.41
N ALA D 364 -26.00 -9.45 -75.53
CA ALA D 364 -26.22 -10.77 -74.94
C ALA D 364 -26.96 -11.73 -75.86
N ILE D 365 -27.97 -11.21 -76.58
CA ILE D 365 -28.75 -12.01 -77.54
C ILE D 365 -27.94 -12.29 -78.79
N GLN D 366 -27.04 -11.37 -79.12
CA GLN D 366 -26.10 -11.54 -80.22
C GLN D 366 -25.15 -12.72 -79.97
N LEU D 367 -24.65 -12.81 -78.74
CA LEU D 367 -23.66 -13.82 -78.35
C LEU D 367 -24.25 -15.22 -78.28
N LEU D 368 -25.41 -15.33 -77.62
CA LEU D 368 -26.01 -16.64 -77.37
C LEU D 368 -26.47 -17.31 -78.67
N LYS D 369 -26.75 -16.48 -79.67
CA LYS D 369 -27.21 -16.98 -80.96
C LYS D 369 -26.05 -17.52 -81.82
N ASP D 370 -24.93 -16.81 -81.85
CA ASP D 370 -23.76 -17.27 -82.60
C ASP D 370 -22.94 -18.27 -81.77
N GLU D 371 -23.09 -19.55 -82.07
CA GLU D 371 -22.55 -20.62 -81.22
C GLU D 371 -21.03 -20.83 -81.31
N GLU D 372 -20.47 -20.64 -82.51
CA GLU D 372 -19.02 -20.77 -82.71
C GLU D 372 -18.26 -19.61 -82.05
N LEU D 373 -18.92 -18.46 -81.92
CA LEU D 373 -18.35 -17.30 -81.23
C LEU D 373 -18.35 -17.53 -79.73
N HIS D 374 -19.39 -18.18 -79.23
CA HIS D 374 -19.51 -18.50 -77.82
C HIS D 374 -18.50 -19.55 -77.38
N ARG D 375 -18.32 -20.56 -78.22
CA ARG D 375 -17.26 -21.56 -78.00
C ARG D 375 -15.88 -20.89 -77.92
N ASN D 376 -15.61 -19.97 -78.85
CA ASN D 376 -14.31 -19.31 -78.95
C ASN D 376 -14.04 -18.34 -77.82
N MET D 377 -14.97 -17.40 -77.61
CA MET D 377 -14.86 -16.45 -76.50
C MET D 377 -14.74 -17.17 -75.16
N GLY D 378 -15.52 -18.25 -75.01
CA GLY D 378 -15.42 -19.11 -73.86
C GLY D 378 -14.02 -19.66 -73.68
N GLU D 379 -13.43 -20.16 -74.77
CA GLU D 379 -12.12 -20.81 -74.73
C GLU D 379 -10.99 -19.81 -74.43
N ARG D 380 -11.09 -18.63 -75.04
CA ARG D 380 -10.12 -17.57 -74.84
C ARG D 380 -10.10 -17.07 -73.40
N ALA D 381 -11.28 -17.00 -72.78
CA ALA D 381 -11.40 -16.53 -71.39
C ALA D 381 -10.56 -17.39 -70.47
N ARG D 382 -10.58 -18.69 -70.71
CA ARG D 382 -9.84 -19.67 -69.90
C ARG D 382 -8.34 -19.57 -70.09
N GLU D 383 -7.91 -18.91 -71.17
CA GLU D 383 -6.49 -18.66 -71.43
C GLU D 383 -6.06 -17.33 -70.85
N SER D 384 -6.91 -16.31 -71.01
CA SER D 384 -6.59 -14.96 -70.55
C SER D 384 -6.49 -14.89 -69.03
N VAL D 385 -7.07 -15.89 -68.37
CA VAL D 385 -7.04 -15.98 -66.91
C VAL D 385 -5.80 -16.72 -66.42
N TYR D 386 -5.47 -17.85 -67.05
CA TYR D 386 -4.24 -18.57 -66.71
C TYR D 386 -3.00 -17.73 -67.04
N GLU D 387 -3.13 -16.84 -68.01
CA GLU D 387 -1.96 -16.11 -68.50
C GLU D 387 -1.56 -14.93 -67.62
N GLN D 388 -2.54 -14.16 -67.16
CA GLN D 388 -2.28 -12.94 -66.35
C GLN D 388 -2.70 -12.99 -64.90
N PHE D 389 -3.39 -14.07 -64.50
CA PHE D 389 -3.81 -14.24 -63.08
C PHE D 389 -3.43 -15.57 -62.44
N ARG D 390 -2.63 -16.39 -63.11
CA ARG D 390 -2.22 -17.72 -62.57
C ARG D 390 -1.46 -17.65 -61.24
N SER D 391 -1.90 -18.46 -60.28
CA SER D 391 -1.33 -18.46 -58.93
C SER D 391 0.20 -18.52 -58.93
N GLU D 392 0.77 -19.41 -59.75
CA GLU D 392 2.22 -19.52 -59.91
C GLU D 392 2.90 -18.15 -60.02
N LYS D 393 2.48 -17.36 -60.99
CA LYS D 393 3.10 -16.06 -61.31
C LYS D 393 2.91 -15.03 -60.19
N ILE D 394 1.68 -14.92 -59.71
CA ILE D 394 1.30 -13.92 -58.71
C ILE D 394 1.84 -14.22 -57.30
N VAL D 395 1.79 -15.49 -56.89
CA VAL D 395 2.38 -15.91 -55.63
C VAL D 395 3.90 -15.69 -55.65
N SER D 396 4.49 -15.75 -56.85
CA SER D 396 5.91 -15.53 -57.04
C SER D 396 6.21 -14.03 -57.04
N GLN D 397 5.21 -13.24 -57.42
CA GLN D 397 5.33 -11.78 -57.41
C GLN D 397 5.40 -11.23 -56.00
N TYR D 398 4.57 -11.79 -55.10
CA TYR D 398 4.60 -11.44 -53.68
C TYR D 398 5.90 -11.91 -53.05
N GLU D 399 6.36 -13.10 -53.45
CA GLU D 399 7.60 -13.66 -52.91
C GLU D 399 8.72 -12.63 -53.01
N THR D 400 8.93 -12.10 -54.22
CA THR D 400 9.95 -11.07 -54.44
C THR D 400 9.66 -9.74 -53.74
N ILE D 401 8.39 -9.48 -53.40
CA ILE D 401 8.03 -8.31 -52.61
C ILE D 401 8.54 -8.50 -51.17
N TYR D 402 8.58 -9.77 -50.75
CA TYR D 402 9.15 -10.10 -49.45
C TYR D 402 10.65 -9.80 -49.44
N TYR D 403 11.42 -10.57 -50.19
CA TYR D 403 12.87 -10.39 -50.29
C TYR D 403 13.26 -8.95 -50.60
N ASP D 404 12.44 -8.27 -51.39
CA ASP D 404 12.71 -6.88 -51.79
C ASP D 404 12.67 -5.90 -50.63
N VAL D 405 11.79 -6.14 -49.66
CA VAL D 405 11.66 -5.22 -48.52
C VAL D 405 12.61 -5.56 -47.36
N LEU D 406 13.45 -6.57 -47.55
CA LEU D 406 14.42 -6.94 -46.51
C LEU D 406 15.82 -6.46 -46.84
N ARG D 407 16.06 -6.22 -48.13
CA ARG D 407 17.34 -5.74 -48.58
C ARG D 407 17.72 -4.46 -47.88
N ASP D 408 18.92 -4.45 -47.32
CA ASP D 408 19.48 -3.31 -46.64
C ASP D 408 19.00 -3.21 -45.20
N ASP D 409 18.22 -4.21 -44.76
CA ASP D 409 17.67 -4.19 -43.41
C ASP D 409 16.91 -5.47 -43.05
N LYS E 35 17.34 -26.41 2.81
CA LYS E 35 18.78 -26.71 2.58
C LYS E 35 19.53 -25.50 2.01
N LEU E 36 19.30 -24.33 2.60
CA LEU E 36 19.91 -23.12 2.07
C LEU E 36 21.07 -22.60 2.89
N LYS E 37 21.84 -21.71 2.26
CA LYS E 37 22.93 -21.00 2.90
C LYS E 37 22.64 -19.51 2.74
N ILE E 38 22.27 -18.86 3.85
CA ILE E 38 21.83 -17.46 3.81
C ILE E 38 22.87 -16.51 4.43
N GLY E 39 23.03 -15.35 3.82
CA GLY E 39 23.93 -14.34 4.34
C GLY E 39 23.05 -13.24 4.87
N ILE E 40 22.91 -13.19 6.20
CA ILE E 40 22.11 -12.16 6.83
C ILE E 40 23.01 -10.98 7.21
N THR E 41 22.50 -9.78 7.01
CA THR E 41 23.18 -8.56 7.40
C THR E 41 22.17 -7.72 8.14
N CYS E 42 22.60 -7.03 9.20
CA CYS E 42 21.74 -6.10 9.94
C CYS E 42 22.45 -5.57 11.17
N TYR E 43 21.81 -4.64 11.85
CA TYR E 43 22.40 -3.97 13.01
C TYR E 43 22.50 -4.79 14.31
N PRO E 44 23.31 -4.30 15.29
CA PRO E 44 23.45 -4.91 16.61
C PRO E 44 22.17 -5.02 17.46
N SER E 45 22.30 -5.50 18.71
CA SER E 45 21.18 -5.88 19.59
C SER E 45 20.07 -4.86 19.85
N VAL E 46 20.27 -3.62 19.40
CA VAL E 46 19.28 -2.56 19.58
C VAL E 46 18.67 -2.15 18.23
N GLY E 47 17.36 -1.95 18.23
CA GLY E 47 16.63 -1.50 17.04
C GLY E 47 15.69 -2.55 16.48
N GLY E 48 14.54 -2.08 15.99
CA GLY E 48 13.56 -2.94 15.33
C GLY E 48 14.18 -3.67 14.16
N SER E 49 14.85 -2.90 13.30
CA SER E 49 15.59 -3.47 12.15
C SER E 49 16.59 -4.54 12.62
N GLY E 50 17.43 -4.16 13.58
CA GLY E 50 18.45 -5.06 14.12
C GLY E 50 17.92 -6.37 14.68
N VAL E 51 17.05 -6.29 15.69
CA VAL E 51 16.63 -7.49 16.43
C VAL E 51 15.87 -8.52 15.59
N VAL E 52 15.06 -8.05 14.65
CA VAL E 52 14.23 -8.92 13.81
C VAL E 52 15.10 -9.76 12.86
N GLY E 53 15.96 -9.09 12.10
CA GLY E 53 16.87 -9.76 11.18
C GLY E 53 17.68 -10.82 11.91
N THR E 54 18.05 -10.50 13.15
CA THR E 54 18.74 -11.44 14.03
C THR E 54 17.86 -12.63 14.39
N GLU E 55 16.73 -12.37 15.03
CA GLU E 55 15.82 -13.44 15.47
C GLU E 55 15.43 -14.35 14.31
N LEU E 56 15.11 -13.74 13.16
CA LEU E 56 14.85 -14.50 11.93
C LEU E 56 15.95 -15.55 11.71
N GLY E 57 17.17 -15.09 11.45
CA GLY E 57 18.30 -15.97 11.19
C GLY E 57 18.42 -17.07 12.22
N LYS E 58 18.32 -16.67 13.48
CA LYS E 58 18.37 -17.60 14.61
C LYS E 58 17.41 -18.76 14.36
N GLN E 59 16.11 -18.45 14.26
CA GLN E 59 15.08 -19.46 14.05
C GLN E 59 15.24 -20.14 12.71
N LEU E 60 15.72 -19.39 11.72
CA LEU E 60 15.92 -19.89 10.37
C LEU E 60 16.94 -21.03 10.42
N ALA E 61 17.83 -20.96 11.40
CA ALA E 61 18.80 -22.01 11.66
C ALA E 61 18.15 -23.31 12.14
N GLU E 62 17.18 -23.19 13.05
CA GLU E 62 16.46 -24.34 13.61
C GLU E 62 15.94 -25.31 12.56
N ARG E 63 15.54 -24.79 11.40
CA ARG E 63 15.02 -25.63 10.30
C ARG E 63 16.13 -26.25 9.45
N GLY E 64 17.37 -26.00 9.84
CA GLY E 64 18.52 -26.57 9.16
C GLY E 64 19.02 -25.69 8.03
N HIS E 65 19.47 -24.48 8.38
CA HIS E 65 19.97 -23.53 7.41
C HIS E 65 21.30 -22.96 7.84
N GLU E 66 22.30 -23.05 6.98
CA GLU E 66 23.56 -22.39 7.23
C GLU E 66 23.29 -20.89 7.22
N ILE E 67 23.55 -20.22 8.34
CA ILE E 67 23.28 -18.78 8.47
C ILE E 67 24.56 -18.01 8.82
N HIS E 68 25.07 -17.25 7.85
CA HIS E 68 26.31 -16.51 8.06
C HIS E 68 26.00 -15.05 8.36
N PHE E 69 26.11 -14.68 9.62
CA PHE E 69 25.89 -13.29 10.00
C PHE E 69 27.06 -12.45 9.54
N ILE E 70 26.81 -11.63 8.53
CA ILE E 70 27.80 -10.69 8.04
C ILE E 70 27.41 -9.31 8.55
N THR E 71 27.89 -8.96 9.74
CA THR E 71 27.39 -7.78 10.45
C THR E 71 28.46 -6.78 10.86
N SER E 72 28.01 -5.59 11.22
CA SER E 72 28.87 -4.45 11.55
C SER E 72 29.66 -4.69 12.82
N GLY E 73 28.98 -5.15 13.87
CA GLY E 73 29.61 -5.38 15.16
C GLY E 73 29.14 -6.64 15.86
N LEU E 74 28.45 -6.48 16.98
CA LEU E 74 27.80 -7.62 17.64
C LEU E 74 26.44 -7.23 18.22
N PRO E 75 25.42 -8.03 17.96
CA PRO E 75 24.10 -7.75 18.51
C PRO E 75 23.56 -8.97 19.22
N PHE E 76 24.08 -10.06 18.69
CA PHE E 76 23.65 -11.43 18.88
C PHE E 76 24.18 -12.13 20.09
N ARG E 77 23.83 -11.77 21.30
CA ARG E 77 24.42 -12.55 22.37
C ARG E 77 23.55 -13.77 22.46
N LEU E 78 23.66 -14.67 21.49
CA LEU E 78 22.85 -15.88 21.50
C LEU E 78 23.66 -16.70 22.46
N ASN E 79 23.39 -16.44 23.73
CA ASN E 79 24.27 -16.83 24.85
C ASN E 79 25.26 -17.95 24.53
N LYS E 80 24.89 -18.80 23.57
CA LYS E 80 25.74 -19.89 23.11
C LYS E 80 26.03 -19.71 21.62
N VAL E 81 27.22 -20.13 21.20
CA VAL E 81 27.54 -20.25 19.79
C VAL E 81 26.45 -21.28 19.43
N TYR E 82 25.58 -20.89 18.50
CA TYR E 82 24.40 -21.68 18.12
C TYR E 82 24.92 -22.71 17.13
N PRO E 83 24.19 -23.84 16.97
CA PRO E 83 24.55 -25.01 16.17
C PRO E 83 25.20 -24.80 14.79
N ASN E 84 24.56 -24.01 13.93
CA ASN E 84 25.10 -23.73 12.59
C ASN E 84 25.22 -22.29 12.08
N ILE E 85 24.95 -21.33 12.97
CA ILE E 85 25.24 -19.91 12.72
C ILE E 85 26.59 -19.28 13.04
N TYR E 86 27.14 -18.55 12.06
CA TYR E 86 28.49 -18.00 12.16
C TYR E 86 28.46 -16.48 12.14
N PHE E 87 29.39 -15.87 12.86
CA PHE E 87 29.46 -14.42 12.94
C PHE E 87 30.75 -13.92 12.30
N HIS E 88 30.62 -13.04 11.31
CA HIS E 88 31.76 -12.46 10.58
C HIS E 88 31.80 -10.96 10.85
N GLU E 89 32.71 -10.52 11.70
CA GLU E 89 32.88 -9.09 11.95
C GLU E 89 33.51 -8.41 10.72
N VAL E 90 33.15 -7.15 10.50
CA VAL E 90 33.82 -6.32 9.51
C VAL E 90 34.88 -5.49 10.21
N THR E 91 36.14 -5.84 9.98
CA THR E 91 37.26 -5.28 10.74
C THR E 91 37.52 -3.79 10.51
N VAL E 92 37.30 -3.35 9.27
CA VAL E 92 37.41 -1.94 8.84
C VAL E 92 38.64 -1.18 9.40
N ASN E 93 39.75 -1.89 9.57
CA ASN E 93 40.95 -1.35 10.23
C ASN E 93 41.92 -0.82 9.18
N GLN E 94 41.55 0.32 8.58
CA GLN E 94 42.40 1.06 7.66
C GLN E 94 41.88 2.41 8.17
N TYR E 95 42.70 3.08 8.97
CA TYR E 95 42.34 4.33 9.64
C TYR E 95 43.32 5.35 9.04
N SER E 96 44.35 4.88 8.34
CA SER E 96 45.34 5.76 7.73
C SER E 96 44.82 6.65 6.60
N VAL E 97 44.78 7.96 6.86
CA VAL E 97 44.21 8.97 5.94
C VAL E 97 42.88 8.52 5.31
N PHE E 98 42.07 7.85 6.11
CA PHE E 98 40.75 7.36 5.70
C PHE E 98 39.75 8.50 5.73
N GLN E 99 40.01 9.47 6.61
CA GLN E 99 39.11 10.59 6.93
C GLN E 99 37.85 10.15 7.68
N TYR E 100 37.05 9.28 7.05
CA TYR E 100 35.79 8.81 7.60
C TYR E 100 35.66 7.31 7.40
N PRO E 101 35.21 6.57 8.44
CA PRO E 101 35.15 5.10 8.42
C PRO E 101 34.54 4.74 7.07
N PRO E 102 35.13 3.76 6.36
CA PRO E 102 34.58 3.33 5.08
C PRO E 102 33.84 2.03 5.40
N TYR E 103 33.18 1.98 6.55
CA TYR E 103 32.39 0.81 6.97
C TYR E 103 31.51 0.30 5.85
N ASP E 104 30.91 1.25 5.11
CA ASP E 104 30.01 0.93 4.00
C ASP E 104 30.63 -0.10 3.07
N LEU E 105 31.90 0.13 2.71
CA LEU E 105 32.61 -0.68 1.73
C LEU E 105 33.17 -1.98 2.31
N ALA E 106 33.59 -1.93 3.56
CA ALA E 106 34.00 -3.15 4.26
C ALA E 106 32.86 -4.16 4.23
N LEU E 107 31.64 -3.65 4.34
CA LEU E 107 30.43 -4.46 4.32
C LEU E 107 30.16 -5.06 2.95
N ALA E 108 30.65 -4.39 1.91
CA ALA E 108 30.50 -4.85 0.53
C ALA E 108 31.44 -5.99 0.20
N SER E 109 32.73 -5.79 0.43
CA SER E 109 33.72 -6.85 0.15
C SER E 109 33.53 -8.06 1.07
N LYS E 110 33.26 -7.79 2.35
CA LYS E 110 33.01 -8.87 3.29
C LYS E 110 31.84 -9.72 2.81
N MET E 111 30.84 -9.08 2.21
CA MET E 111 29.72 -9.80 1.59
C MET E 111 30.24 -10.69 0.46
N ALA E 112 31.09 -10.12 -0.39
CA ALA E 112 31.66 -10.82 -1.54
C ALA E 112 32.66 -11.92 -1.15
N GLU E 113 33.53 -11.60 -0.18
CA GLU E 113 34.49 -12.56 0.37
C GLU E 113 33.72 -13.80 0.88
N VAL E 114 32.75 -13.56 1.75
CA VAL E 114 31.95 -14.62 2.36
C VAL E 114 31.18 -15.42 1.32
N ALA E 115 30.42 -14.71 0.47
CA ALA E 115 29.61 -15.36 -0.58
C ALA E 115 30.37 -16.44 -1.34
N GLN E 116 31.68 -16.21 -1.49
CA GLN E 116 32.56 -17.12 -2.19
C GLN E 116 33.11 -18.27 -1.34
N ARG E 117 33.76 -17.94 -0.22
CA ARG E 117 34.33 -18.97 0.65
C ARG E 117 33.29 -19.99 1.11
N GLU E 118 32.16 -19.47 1.59
CA GLU E 118 31.02 -20.28 2.00
C GLU E 118 29.98 -20.02 0.93
N ASN E 119 29.78 -21.01 0.05
CA ASN E 119 28.97 -20.83 -1.16
C ASN E 119 27.60 -20.45 -0.57
N LEU E 120 27.11 -19.28 -0.95
CA LEU E 120 25.91 -18.68 -0.33
C LEU E 120 24.86 -18.66 -1.43
N ASP E 121 23.61 -18.88 -1.03
CA ASP E 121 22.47 -18.86 -1.94
C ASP E 121 21.79 -17.48 -1.93
N ILE E 122 21.42 -17.00 -0.76
CA ILE E 122 20.73 -15.73 -0.61
C ILE E 122 21.58 -14.74 0.18
N LEU E 123 21.38 -13.44 -0.08
CA LEU E 123 22.05 -12.40 0.69
C LEU E 123 21.01 -11.45 1.30
N HIS E 124 20.47 -11.84 2.45
CA HIS E 124 19.37 -11.09 3.05
C HIS E 124 19.81 -9.85 3.85
N VAL E 125 19.69 -8.70 3.24
CA VAL E 125 19.97 -7.46 3.90
C VAL E 125 18.77 -7.03 4.67
N HIS E 126 18.96 -6.25 5.72
CA HIS E 126 17.88 -5.67 6.49
C HIS E 126 18.22 -4.20 6.65
N TYR E 127 17.24 -3.33 6.67
CA TYR E 127 17.52 -1.90 6.70
C TYR E 127 18.27 -1.46 5.46
N ALA E 128 17.59 -0.68 4.65
CA ALA E 128 18.02 -0.28 3.32
C ALA E 128 19.23 0.58 2.97
N ILE E 129 19.47 1.68 3.68
CA ILE E 129 20.38 2.71 3.18
C ILE E 129 21.89 2.50 3.40
N PRO E 130 22.26 1.70 4.41
CA PRO E 130 23.64 1.26 4.24
C PRO E 130 23.68 -0.01 3.40
N HIS E 131 22.81 -0.96 3.73
CA HIS E 131 22.91 -2.37 3.31
C HIS E 131 22.49 -2.73 1.88
N ALA E 132 21.41 -2.14 1.39
CA ALA E 132 20.88 -2.50 0.06
C ALA E 132 21.90 -2.26 -1.07
N ILE E 133 22.67 -1.18 -0.96
CA ILE E 133 23.66 -0.81 -1.97
C ILE E 133 24.92 -1.69 -1.88
N CYS E 134 25.17 -2.25 -0.70
CA CYS E 134 26.31 -3.15 -0.50
C CYS E 134 25.96 -4.54 -0.99
N ALA E 135 24.74 -4.98 -0.69
CA ALA E 135 24.22 -6.22 -1.23
C ALA E 135 24.39 -6.19 -2.75
N TYR E 136 24.14 -5.01 -3.33
CA TYR E 136 24.30 -4.82 -4.76
C TYR E 136 25.74 -4.94 -5.21
N LEU E 137 26.62 -4.17 -4.58
CA LEU E 137 28.04 -4.22 -4.88
C LEU E 137 28.57 -5.65 -4.80
N ALA E 138 28.16 -6.38 -3.77
CA ALA E 138 28.57 -7.77 -3.63
C ALA E 138 28.09 -8.63 -4.80
N LYS E 139 26.80 -8.52 -5.13
CA LYS E 139 26.19 -9.27 -6.22
C LYS E 139 26.95 -9.07 -7.52
N GLN E 140 27.46 -7.87 -7.75
CA GLN E 140 28.18 -7.57 -8.98
C GLN E 140 29.65 -7.98 -8.96
N MET E 141 30.24 -7.96 -7.77
CA MET E 141 31.65 -8.32 -7.58
C MET E 141 31.92 -9.81 -7.78
N ILE E 142 30.93 -10.65 -7.44
CA ILE E 142 31.04 -12.11 -7.62
C ILE E 142 30.16 -12.52 -8.80
N GLY E 143 30.01 -11.61 -9.76
CA GLY E 143 29.39 -11.88 -11.05
C GLY E 143 27.95 -12.24 -11.33
N GLU E 144 27.03 -11.63 -10.55
CA GLU E 144 25.58 -11.84 -10.69
C GLU E 144 25.26 -13.31 -10.43
N ARG E 145 25.99 -13.92 -9.50
CA ARG E 145 25.78 -15.33 -9.18
C ARG E 145 25.36 -15.47 -7.71
N ILE E 146 24.21 -14.88 -7.40
CA ILE E 146 23.65 -14.80 -6.04
C ILE E 146 22.30 -14.08 -6.05
N LYS E 147 21.54 -14.21 -4.96
CA LYS E 147 20.22 -13.60 -4.84
C LYS E 147 20.08 -12.64 -3.66
N ILE E 148 19.60 -11.43 -3.95
CA ILE E 148 19.40 -10.40 -2.93
C ILE E 148 17.92 -10.26 -2.52
N VAL E 149 17.62 -10.54 -1.25
CA VAL E 149 16.30 -10.29 -0.68
C VAL E 149 16.42 -9.17 0.35
N THR E 150 15.87 -8.01 0.04
CA THR E 150 15.97 -6.82 0.90
C THR E 150 14.66 -6.51 1.62
N THR E 151 14.72 -6.25 2.93
CA THR E 151 13.51 -5.92 3.66
C THR E 151 13.62 -4.55 4.34
N LEU E 152 12.77 -3.64 3.89
CA LEU E 152 12.69 -2.32 4.44
C LEU E 152 12.02 -2.31 5.77
N HIS E 153 12.62 -1.61 6.70
CA HIS E 153 12.07 -1.38 8.01
C HIS E 153 11.96 0.09 7.87
N GLY E 154 11.08 0.70 8.63
CA GLY E 154 10.57 2.00 8.29
C GLY E 154 11.41 3.22 8.10
N THR E 155 12.38 3.45 8.95
CA THR E 155 13.13 4.69 8.83
C THR E 155 13.91 4.82 7.54
N ASP E 156 14.28 3.72 6.94
CA ASP E 156 15.00 3.76 5.67
C ASP E 156 14.16 4.39 4.56
N ILE E 157 12.85 4.35 4.72
CA ILE E 157 11.90 4.96 3.79
C ILE E 157 11.24 6.22 4.39
N THR E 158 10.97 6.15 5.70
CA THR E 158 10.37 7.23 6.46
C THR E 158 11.20 8.53 6.39
N VAL E 159 12.39 8.52 6.97
CA VAL E 159 13.18 9.74 7.13
C VAL E 159 14.33 9.89 6.12
N LEU E 160 14.69 8.80 5.45
CA LEU E 160 15.79 8.80 4.50
C LEU E 160 15.33 8.98 3.06
N GLY E 161 14.08 8.63 2.79
CA GLY E 161 13.50 8.83 1.46
C GLY E 161 13.26 10.31 1.22
N SER E 162 13.18 11.06 2.32
CA SER E 162 12.98 12.49 2.29
C SER E 162 14.25 13.26 1.89
N ASP E 163 15.41 12.69 2.22
CA ASP E 163 16.70 13.34 1.94
C ASP E 163 17.08 13.18 0.46
N PRO E 164 17.24 14.31 -0.25
CA PRO E 164 17.62 14.31 -1.67
C PRO E 164 19.02 13.74 -1.91
N SER E 165 19.91 13.97 -0.94
CA SER E 165 21.25 13.40 -0.95
C SER E 165 21.23 11.86 -0.96
N LEU E 166 20.07 11.24 -0.70
CA LEU E 166 19.90 9.76 -0.65
C LEU E 166 18.81 9.04 -1.46
N ASN E 167 17.73 9.74 -1.72
CA ASN E 167 16.59 9.12 -2.33
C ASN E 167 16.97 8.54 -3.63
N ASN E 168 17.83 9.23 -4.33
CA ASN E 168 18.20 8.75 -5.62
C ASN E 168 18.74 7.38 -5.35
N LEU E 169 19.42 7.23 -4.24
CA LEU E 169 20.01 5.96 -3.87
C LEU E 169 19.08 4.82 -3.50
N ILE E 170 18.06 5.02 -2.68
CA ILE E 170 17.30 3.83 -2.29
C ILE E 170 16.61 3.18 -3.46
N ARG E 171 16.00 4.02 -4.26
CA ARG E 171 15.37 3.63 -5.52
C ARG E 171 16.21 2.57 -6.20
N PHE E 172 17.48 2.89 -6.43
CA PHE E 172 18.40 1.97 -7.06
C PHE E 172 18.51 0.65 -6.29
N GLY E 173 18.61 0.76 -4.97
CA GLY E 173 18.72 -0.42 -4.11
C GLY E 173 17.50 -1.30 -4.23
N ILE E 174 16.34 -0.73 -3.90
CA ILE E 174 15.06 -1.45 -3.94
C ILE E 174 14.80 -2.06 -5.31
N GLU E 175 15.19 -1.34 -6.37
CA GLU E 175 15.01 -1.85 -7.73
C GLU E 175 15.99 -2.96 -8.04
N GLN E 176 17.25 -2.75 -7.72
CA GLN E 176 18.30 -3.67 -8.11
C GLN E 176 18.30 -4.97 -7.30
N SER E 177 17.57 -4.96 -6.18
CA SER E 177 17.40 -6.15 -5.34
C SER E 177 16.49 -7.15 -6.05
N ASP E 178 16.87 -8.43 -6.00
CA ASP E 178 16.08 -9.46 -6.66
C ASP E 178 14.68 -9.57 -6.04
N VAL E 179 14.61 -9.49 -4.70
CA VAL E 179 13.34 -9.40 -3.97
C VAL E 179 13.37 -8.30 -2.92
N VAL E 180 12.22 -7.67 -2.69
CA VAL E 180 12.07 -6.64 -1.67
C VAL E 180 10.80 -6.89 -0.87
N THR E 181 10.89 -6.74 0.46
CA THR E 181 9.73 -6.87 1.32
C THR E 181 9.70 -5.74 2.37
N ALA E 182 8.50 -5.38 2.82
CA ALA E 182 8.35 -4.35 3.85
C ALA E 182 7.57 -4.89 5.04
N VAL E 183 7.60 -4.18 6.16
CA VAL E 183 7.08 -4.69 7.43
C VAL E 183 5.61 -4.39 7.69
N SER E 184 4.97 -3.70 6.75
CA SER E 184 3.56 -3.40 6.84
C SER E 184 3.05 -3.02 5.46
N HIS E 185 1.81 -2.57 5.42
CA HIS E 185 1.25 -2.02 4.19
C HIS E 185 1.52 -0.53 4.15
N SER E 186 1.43 0.11 5.30
CA SER E 186 1.82 1.51 5.45
C SER E 186 3.20 1.74 4.86
N LEU E 187 4.14 0.90 5.24
CA LEU E 187 5.50 1.01 4.74
C LEU E 187 5.49 1.02 3.21
N ILE E 188 4.90 -0.02 2.63
CA ILE E 188 4.86 -0.19 1.17
C ILE E 188 4.42 1.09 0.46
N ASN E 189 3.38 1.72 1.00
CA ASN E 189 2.80 2.90 0.39
C ASN E 189 3.65 4.15 0.61
N GLU E 190 4.30 4.22 1.76
CA GLU E 190 5.30 5.27 2.04
C GLU E 190 6.53 5.08 1.14
N THR E 191 6.76 3.84 0.73
CA THR E 191 7.84 3.51 -0.18
C THR E 191 7.51 4.05 -1.56
N HIS E 192 6.30 3.75 -2.04
CA HIS E 192 5.86 4.21 -3.36
C HIS E 192 5.66 5.72 -3.40
N GLU E 193 4.98 6.27 -2.41
CA GLU E 193 4.73 7.70 -2.38
C GLU E 193 6.05 8.48 -2.38
N LEU E 194 6.95 8.13 -1.46
CA LEU E 194 8.20 8.89 -1.27
C LEU E 194 9.36 8.54 -2.24
N VAL E 195 9.69 7.25 -2.36
CA VAL E 195 10.83 6.80 -3.17
C VAL E 195 10.50 6.51 -4.63
N LYS E 196 9.31 5.97 -4.86
CA LYS E 196 8.82 5.64 -6.20
C LYS E 196 9.60 4.62 -7.04
N PRO E 197 10.04 3.52 -6.40
CA PRO E 197 10.64 2.40 -7.13
C PRO E 197 9.76 1.65 -8.12
N ASN E 198 10.34 1.28 -9.25
CA ASN E 198 9.67 0.40 -10.22
C ASN E 198 9.40 -0.99 -9.66
N LYS E 199 9.77 -1.20 -8.40
CA LYS E 199 9.72 -2.51 -7.78
C LYS E 199 8.45 -2.85 -7.04
N ASP E 200 8.03 -4.10 -7.17
CA ASP E 200 6.90 -4.60 -6.43
C ASP E 200 7.38 -5.14 -5.10
N ILE E 201 7.28 -4.32 -4.06
CA ILE E 201 7.49 -4.76 -2.70
C ILE E 201 6.35 -5.73 -2.30
N GLN E 202 6.63 -6.65 -1.38
CA GLN E 202 5.58 -7.52 -0.84
C GLN E 202 5.60 -7.61 0.69
N THR E 203 4.42 -7.61 1.29
CA THR E 203 4.29 -7.44 2.74
C THR E 203 4.56 -8.73 3.49
N VAL E 204 5.43 -8.62 4.49
CA VAL E 204 5.68 -9.67 5.46
C VAL E 204 5.90 -9.02 6.82
N TYR E 205 4.97 -9.29 7.73
CA TYR E 205 4.97 -8.66 9.06
C TYR E 205 6.20 -9.01 9.91
N ASN E 206 6.51 -8.15 10.87
CA ASN E 206 7.51 -8.47 11.86
C ASN E 206 7.00 -9.57 12.78
N PHE E 207 7.81 -9.92 13.78
CA PHE E 207 7.50 -10.97 14.74
C PHE E 207 8.53 -10.92 15.87
N ILE E 208 8.31 -11.69 16.91
CA ILE E 208 9.25 -11.72 18.01
C ILE E 208 9.20 -13.06 18.75
N ASP E 209 10.37 -13.55 19.14
CA ASP E 209 10.51 -14.80 19.86
C ASP E 209 9.57 -14.73 21.06
N GLU E 210 8.61 -15.66 21.07
CA GLU E 210 7.53 -15.68 22.05
C GLU E 210 8.00 -16.47 23.26
N ARG E 211 8.97 -17.36 23.05
CA ARG E 211 9.63 -18.11 24.12
C ARG E 211 10.36 -17.20 25.12
N VAL E 212 10.23 -15.89 24.91
CA VAL E 212 10.94 -14.88 25.71
C VAL E 212 9.98 -14.01 26.52
N TYR E 213 8.70 -14.04 26.15
CA TYR E 213 7.69 -13.17 26.77
C TYR E 213 6.54 -13.97 27.42
N PHE E 214 6.32 -13.77 28.70
CA PHE E 214 5.22 -14.43 29.36
C PHE E 214 4.87 -13.66 30.59
N LYS E 215 3.63 -13.75 31.03
CA LYS E 215 3.29 -13.07 32.24
C LYS E 215 4.20 -13.80 33.17
N ARG E 216 4.91 -13.08 34.00
CA ARG E 216 5.79 -13.73 34.94
C ARG E 216 5.77 -12.78 36.09
N ASP E 217 6.03 -13.25 37.29
CA ASP E 217 6.00 -12.25 38.37
C ASP E 217 7.39 -11.64 38.66
N MET E 218 7.49 -10.33 38.44
CA MET E 218 8.70 -9.59 38.78
C MET E 218 8.07 -8.94 40.01
N THR E 219 8.17 -9.64 41.14
CA THR E 219 7.52 -9.24 42.40
C THR E 219 8.71 -8.63 43.17
N GLN E 220 9.92 -9.12 42.89
CA GLN E 220 11.14 -8.67 43.56
C GLN E 220 11.62 -7.29 43.09
N LEU E 221 11.94 -7.16 41.81
CA LEU E 221 12.47 -5.88 41.31
C LEU E 221 11.44 -4.75 41.32
N LYS E 222 10.19 -5.10 41.63
CA LYS E 222 9.16 -4.11 41.91
C LYS E 222 9.53 -3.32 43.17
N LYS E 223 10.34 -3.94 44.05
CA LYS E 223 10.84 -3.31 45.26
C LYS E 223 11.94 -2.29 44.93
N GLU E 224 12.98 -2.74 44.22
CA GLU E 224 14.10 -1.88 43.84
C GLU E 224 13.67 -0.58 43.17
N TYR E 225 12.78 -0.69 42.19
CA TYR E 225 12.30 0.48 41.44
C TYR E 225 11.38 1.38 42.27
N GLY E 226 10.91 0.86 43.39
CA GLY E 226 10.05 1.60 44.29
C GLY E 226 8.66 1.78 43.73
N ILE E 227 8.00 0.66 43.45
CA ILE E 227 6.59 0.69 43.04
C ILE E 227 5.72 0.01 44.10
N SER E 228 4.58 0.61 44.40
CA SER E 228 3.69 0.10 45.44
C SER E 228 2.83 -1.03 44.81
N GLU E 229 2.00 -1.68 45.62
CA GLU E 229 1.09 -2.70 45.11
C GLU E 229 -0.36 -2.39 44.59
N SER E 230 -0.73 -1.12 44.60
CA SER E 230 -1.92 -0.67 43.89
C SER E 230 -1.65 -0.74 42.39
N GLU E 231 -0.42 -1.16 42.06
CA GLU E 231 0.06 -1.37 40.70
C GLU E 231 -0.22 -0.17 39.79
N LYS E 232 -0.86 -0.45 38.66
CA LYS E 232 -1.15 0.53 37.61
C LYS E 232 -0.02 1.25 36.89
N ILE E 233 0.98 0.47 36.49
CA ILE E 233 2.13 1.00 35.75
C ILE E 233 2.11 1.01 34.23
N LEU E 234 2.67 2.07 33.66
CA LEU E 234 2.71 2.25 32.22
C LEU E 234 4.16 2.23 31.73
N ILE E 235 4.39 1.45 30.68
CA ILE E 235 5.72 1.37 30.07
C ILE E 235 5.71 1.98 28.66
N HIS E 236 6.76 2.72 28.32
CA HIS E 236 6.93 3.25 26.97
C HIS E 236 8.37 3.18 26.51
N ILE E 237 8.64 2.29 25.57
CA ILE E 237 9.98 2.05 25.07
C ILE E 237 10.25 2.24 23.58
N SER E 238 11.14 3.19 23.27
CA SER E 238 11.67 3.42 21.92
C SER E 238 12.99 4.19 21.96
N ASN E 239 13.34 4.88 20.87
CA ASN E 239 14.36 5.92 20.86
C ASN E 239 13.69 7.06 21.71
N PHE E 240 14.43 8.13 21.93
CA PHE E 240 13.84 9.38 22.24
C PHE E 240 14.24 10.11 21.03
N ARG E 241 13.27 10.23 20.12
CA ARG E 241 13.47 10.96 18.88
C ARG E 241 12.12 11.69 18.87
N LYS E 242 12.06 12.83 18.19
CA LYS E 242 10.86 13.68 18.19
C LYS E 242 9.68 13.06 17.44
N VAL E 243 9.95 12.02 16.67
CA VAL E 243 8.93 11.24 15.98
C VAL E 243 8.08 10.47 16.99
N LYS E 244 8.75 9.81 17.94
CA LYS E 244 8.07 9.06 19.01
C LYS E 244 7.10 10.06 19.64
N ARG E 245 7.60 11.28 19.85
CA ARG E 245 6.90 12.37 20.56
C ARG E 245 6.53 11.92 21.96
N VAL E 246 7.57 11.52 22.69
CA VAL E 246 7.47 11.13 24.10
C VAL E 246 6.90 12.29 24.90
N GLN E 247 6.85 13.47 24.29
CA GLN E 247 6.22 14.65 24.87
C GLN E 247 4.79 14.27 25.24
N ASP E 248 4.05 13.76 24.24
CA ASP E 248 2.66 13.37 24.42
C ASP E 248 2.49 12.20 25.36
N VAL E 249 3.40 11.22 25.28
CA VAL E 249 3.34 10.03 26.14
C VAL E 249 3.48 10.39 27.62
N VAL E 250 4.04 11.57 27.88
CA VAL E 250 4.27 12.06 29.23
C VAL E 250 3.15 13.02 29.65
N GLN E 251 2.81 13.96 28.75
CA GLN E 251 1.69 14.90 28.95
C GLN E 251 0.43 14.12 29.30
N ALA E 252 0.21 13.04 28.57
CA ALA E 252 -0.91 12.14 28.84
C ALA E 252 -0.74 11.48 30.19
N PHE E 253 0.48 11.06 30.52
CA PHE E 253 0.74 10.43 31.80
C PHE E 253 0.39 11.37 32.96
N ALA E 254 0.79 12.63 32.82
CA ALA E 254 0.51 13.65 33.83
C ALA E 254 -0.99 13.79 34.08
N LYS E 255 -1.79 13.63 33.03
CA LYS E 255 -3.25 13.62 33.13
C LYS E 255 -3.75 12.31 33.76
N ILE E 256 -3.15 11.19 33.35
CA ILE E 256 -3.55 9.86 33.83
C ILE E 256 -3.31 9.70 35.33
N VAL E 257 -2.26 10.37 35.83
CA VAL E 257 -1.85 10.22 37.24
C VAL E 257 -2.72 11.02 38.21
N THR E 258 -3.28 12.13 37.73
CA THR E 258 -4.22 12.95 38.51
C THR E 258 -5.48 12.19 38.92
N GLU E 259 -5.71 11.05 38.27
CA GLU E 259 -6.91 10.24 38.45
C GLU E 259 -6.72 8.88 39.08
N VAL E 260 -5.57 8.27 38.78
CA VAL E 260 -5.20 6.94 39.28
C VAL E 260 -3.73 6.95 39.72
N ASP E 261 -3.41 6.24 40.80
CA ASP E 261 -2.04 6.10 41.29
C ASP E 261 -1.23 5.20 40.35
N ALA E 262 -0.22 5.78 39.71
CA ALA E 262 0.53 5.12 38.67
C ALA E 262 1.94 5.66 38.51
N LYS E 263 2.90 4.76 38.31
CA LYS E 263 4.27 5.11 37.95
C LYS E 263 4.41 4.99 36.44
N LEU E 264 5.43 5.65 35.87
CA LEU E 264 5.76 5.48 34.44
C LEU E 264 7.18 4.96 34.26
N LEU E 265 7.35 4.10 33.25
CA LEU E 265 8.66 3.56 32.92
C LEU E 265 9.05 3.91 31.48
N LEU E 266 9.95 4.88 31.35
CA LEU E 266 10.52 5.22 30.06
C LEU E 266 11.77 4.39 29.82
N VAL E 267 12.02 4.05 28.56
CA VAL E 267 13.15 3.20 28.20
C VAL E 267 13.70 3.68 26.85
N GLY E 268 14.97 4.06 26.85
CA GLY E 268 15.63 4.61 25.65
C GLY E 268 16.56 5.75 26.01
N ASP E 269 17.45 6.11 25.09
CA ASP E 269 18.49 7.10 25.38
C ASP E 269 18.59 8.25 24.36
N GLY E 270 17.58 8.38 23.51
CA GLY E 270 17.62 9.35 22.41
C GLY E 270 17.90 10.82 22.76
N PRO E 271 17.84 11.70 21.74
CA PRO E 271 18.19 13.12 21.81
C PRO E 271 17.24 13.99 22.63
N GLU E 272 15.96 13.67 22.61
CA GLU E 272 14.96 14.42 23.37
C GLU E 272 14.82 13.91 24.81
N PHE E 273 15.73 13.02 25.19
CA PHE E 273 15.83 12.54 26.58
C PHE E 273 16.05 13.70 27.55
N CYS E 274 16.74 14.75 27.11
CA CYS E 274 16.97 15.93 27.95
C CYS E 274 15.72 16.80 28.13
N THR E 275 14.95 16.99 27.06
CA THR E 275 13.73 17.80 27.11
C THR E 275 12.50 17.05 27.65
N ILE E 276 12.60 15.73 27.76
CA ILE E 276 11.57 14.92 28.43
C ILE E 276 11.87 14.84 29.93
N LEU E 277 13.16 14.69 30.26
CA LEU E 277 13.63 14.68 31.64
C LEU E 277 13.30 16.01 32.31
N GLN E 278 13.49 17.10 31.58
CA GLN E 278 13.17 18.43 32.07
C GLN E 278 11.65 18.67 32.06
N LEU E 279 10.94 17.99 31.14
CA LEU E 279 9.49 18.10 31.04
C LEU E 279 8.78 17.53 32.26
N VAL E 280 9.18 16.33 32.68
CA VAL E 280 8.60 15.71 33.88
C VAL E 280 9.12 16.41 35.14
N LYS E 281 10.05 17.35 34.96
CA LYS E 281 10.58 18.16 36.05
C LYS E 281 9.87 19.51 36.17
N ASN E 282 9.29 19.96 35.06
CA ASN E 282 8.39 21.13 35.07
C ASN E 282 7.03 20.77 35.64
N LEU E 283 6.48 19.65 35.18
CA LEU E 283 5.32 19.04 35.81
C LEU E 283 5.81 18.38 37.08
N HIS E 284 5.27 18.81 38.22
CA HIS E 284 5.83 18.47 39.53
C HIS E 284 5.81 16.98 39.90
N ILE E 285 5.39 16.15 38.95
CA ILE E 285 5.35 14.71 39.09
C ILE E 285 6.68 14.18 38.59
N GLU E 286 7.74 14.35 39.38
CA GLU E 286 9.08 13.93 38.99
C GLU E 286 9.31 12.63 39.78
N ASP E 287 8.40 12.32 40.69
CA ASP E 287 8.48 11.11 41.51
C ASP E 287 7.60 9.97 40.96
N ARG E 288 6.98 10.21 39.80
CA ARG E 288 6.07 9.24 39.20
C ARG E 288 6.52 8.81 37.80
N VAL E 289 7.68 9.31 37.37
CA VAL E 289 8.31 8.88 36.12
C VAL E 289 9.67 8.28 36.43
N LEU E 290 9.98 7.19 35.76
CA LEU E 290 11.22 6.46 35.97
C LEU E 290 11.98 6.33 34.66
N PHE E 291 13.13 6.99 34.59
CA PHE E 291 14.01 6.92 33.41
C PHE E 291 15.02 5.79 33.56
N LEU E 292 14.68 4.63 33.02
CA LEU E 292 15.49 3.43 33.17
C LEU E 292 16.64 3.37 32.16
N GLY E 293 16.96 4.51 31.56
CA GLY E 293 18.07 4.64 30.62
C GLY E 293 17.87 3.82 29.36
N LYS E 294 18.91 3.12 28.93
CA LYS E 294 18.82 2.22 27.79
C LYS E 294 19.02 0.91 28.51
N GLN E 295 17.92 0.32 28.97
CA GLN E 295 17.92 -0.95 29.76
C GLN E 295 18.09 -2.13 28.85
N ASP E 296 19.03 -3.02 29.19
CA ASP E 296 19.48 -4.13 28.28
C ASP E 296 18.47 -5.16 27.83
N ASN E 297 17.57 -5.57 28.71
CA ASN E 297 16.55 -6.57 28.38
C ASN E 297 15.17 -6.09 28.78
N VAL E 298 14.32 -5.85 27.79
CA VAL E 298 13.00 -5.26 28.02
C VAL E 298 11.94 -6.30 28.38
N ALA E 299 12.11 -7.55 27.93
CA ALA E 299 11.15 -8.62 28.22
C ALA E 299 10.83 -8.75 29.71
N GLU E 300 11.83 -8.45 30.54
CA GLU E 300 11.70 -8.40 31.99
C GLU E 300 10.69 -7.49 32.66
N LEU E 301 10.83 -6.19 32.37
CA LEU E 301 10.09 -5.13 33.02
C LEU E 301 8.85 -4.84 32.18
N LEU E 302 8.68 -5.59 31.10
CA LEU E 302 7.49 -5.51 30.28
C LEU E 302 6.40 -6.38 30.88
N ALA E 303 6.75 -7.64 31.13
CA ALA E 303 5.86 -8.61 31.74
C ALA E 303 5.16 -8.06 32.98
N MET E 304 5.87 -7.26 33.77
CA MET E 304 5.36 -6.73 35.04
C MET E 304 4.38 -5.57 34.91
N SER E 305 4.35 -4.92 33.74
CA SER E 305 3.51 -3.74 33.52
C SER E 305 2.11 -4.07 33.00
N ASP E 306 1.21 -3.08 33.09
CA ASP E 306 -0.23 -3.26 32.84
C ASP E 306 -0.73 -2.62 31.52
N LEU E 307 -0.07 -1.56 31.10
CA LEU E 307 -0.49 -0.79 29.92
C LEU E 307 0.68 -0.12 29.20
N MET E 308 0.88 -0.48 27.94
CA MET E 308 1.90 0.14 27.09
C MET E 308 1.37 1.38 26.34
N LEU E 309 2.21 2.41 26.23
CA LEU E 309 1.92 3.55 25.39
C LEU E 309 2.88 3.65 24.21
N LEU E 310 2.33 3.99 23.06
CA LEU E 310 3.11 4.38 21.90
C LEU E 310 2.35 5.45 21.14
N LEU E 311 2.95 6.62 20.99
CA LEU E 311 2.25 7.74 20.38
C LEU E 311 3.55 8.08 19.65
N SER E 312 3.56 7.86 18.34
CA SER E 312 4.71 8.16 17.50
C SER E 312 3.87 8.82 16.42
N GLU E 313 4.46 9.76 15.70
CA GLU E 313 3.75 10.43 14.61
C GLU E 313 3.95 9.74 13.26
N LYS E 314 4.95 8.90 13.18
CA LYS E 314 5.20 8.23 11.94
C LYS E 314 5.28 6.73 12.01
N GLU E 315 5.25 6.16 13.19
CA GLU E 315 5.77 4.84 13.35
C GLU E 315 5.25 3.88 12.33
N SER E 316 6.21 3.29 11.63
CA SER E 316 6.02 2.33 10.54
C SER E 316 5.49 0.98 10.91
N PHE E 317 5.95 0.44 12.03
CA PHE E 317 5.43 -0.79 12.57
C PHE E 317 6.30 -0.34 13.71
N GLY E 318 6.00 -0.89 14.87
CA GLY E 318 6.62 -0.48 16.13
C GLY E 318 6.55 -1.90 16.66
N LEU E 319 7.71 -2.51 16.82
CA LEU E 319 7.83 -3.90 17.28
C LEU E 319 7.51 -4.01 18.76
N VAL E 320 7.75 -2.93 19.49
CA VAL E 320 7.47 -2.83 20.92
C VAL E 320 6.02 -3.22 21.29
N LEU E 321 5.08 -2.90 20.39
CA LEU E 321 3.66 -3.27 20.55
C LEU E 321 3.44 -4.77 20.36
N LEU E 322 4.24 -5.37 19.49
CA LEU E 322 4.17 -6.78 19.25
C LEU E 322 4.75 -7.50 20.44
N GLU E 323 5.64 -6.82 21.17
CA GLU E 323 6.21 -7.35 22.40
C GLU E 323 5.27 -7.29 23.62
N ALA E 324 4.77 -6.10 23.93
CA ALA E 324 3.90 -5.90 25.09
C ALA E 324 2.71 -6.87 25.06
N MET E 325 2.08 -6.98 23.90
CA MET E 325 0.91 -7.84 23.68
C MET E 325 1.21 -9.32 23.91
N ALA E 326 2.40 -9.76 23.48
CA ALA E 326 2.83 -11.15 23.62
C ALA E 326 3.06 -11.56 25.08
N CYS E 327 3.06 -10.56 25.98
CA CYS E 327 2.91 -10.82 27.41
C CYS E 327 1.70 -10.11 28.05
N GLY E 328 0.61 -10.06 27.29
CA GLY E 328 -0.71 -9.68 27.78
C GLY E 328 -0.86 -8.25 28.24
N VAL E 329 -0.06 -7.36 27.67
CA VAL E 329 -0.15 -5.95 27.98
C VAL E 329 -0.88 -5.21 26.86
N PRO E 330 -2.13 -4.77 27.12
CA PRO E 330 -2.87 -3.91 26.20
C PRO E 330 -2.05 -2.68 25.82
N CYS E 331 -2.19 -2.24 24.57
CA CYS E 331 -1.41 -1.13 24.05
C CYS E 331 -2.27 0.01 23.51
N ILE E 332 -2.07 1.20 24.07
CA ILE E 332 -2.67 2.42 23.53
C ILE E 332 -1.70 3.03 22.52
N GLY E 333 -2.07 2.97 21.25
CA GLY E 333 -1.24 3.50 20.18
C GLY E 333 -1.78 4.79 19.59
N THR E 334 -1.18 5.19 18.47
CA THR E 334 -1.70 6.27 17.65
C THR E 334 -2.19 5.73 16.32
N ARG E 335 -3.06 6.47 15.65
CA ARG E 335 -3.67 6.04 14.40
C ARG E 335 -2.78 6.64 13.30
N VAL E 336 -1.61 6.05 13.09
CA VAL E 336 -0.71 6.45 12.00
C VAL E 336 0.15 5.26 11.64
N GLY E 337 0.93 5.41 10.57
CA GLY E 337 1.81 4.35 10.08
C GLY E 337 1.12 2.99 10.04
N GLY E 338 1.87 1.96 10.42
CA GLY E 338 1.36 0.60 10.38
C GLY E 338 0.82 0.08 11.69
N ILE E 339 0.71 0.98 12.69
CA ILE E 339 0.24 0.60 14.04
C ILE E 339 -1.15 -0.05 14.02
N PRO E 340 -2.10 0.53 13.26
CA PRO E 340 -3.46 -0.03 13.18
C PRO E 340 -3.53 -1.37 12.45
N GLU E 341 -2.39 -1.87 11.99
CA GLU E 341 -2.33 -3.22 11.44
C GLU E 341 -2.00 -4.22 12.54
N VAL E 342 -1.48 -3.68 13.65
CA VAL E 342 -1.13 -4.49 14.81
C VAL E 342 -2.28 -4.48 15.81
N ILE E 343 -2.68 -3.28 16.23
CA ILE E 343 -3.76 -3.07 17.21
C ILE E 343 -5.13 -3.04 16.52
N GLN E 344 -6.08 -3.77 17.08
CA GLN E 344 -7.50 -3.66 16.70
C GLN E 344 -8.25 -2.78 17.71
N HIS E 345 -8.72 -1.63 17.25
CA HIS E 345 -9.35 -0.61 18.12
C HIS E 345 -10.46 -1.51 18.67
N GLY E 346 -10.50 -1.64 19.99
CA GLY E 346 -11.49 -2.48 20.67
C GLY E 346 -11.42 -3.94 21.06
N ASP E 347 -10.39 -4.63 20.58
CA ASP E 347 -10.20 -6.06 20.85
C ASP E 347 -8.86 -6.32 21.55
N THR E 348 -7.85 -5.55 21.18
CA THR E 348 -6.48 -5.80 21.62
C THR E 348 -5.93 -4.52 22.20
N GLY E 349 -6.60 -3.40 21.93
CA GLY E 349 -6.14 -2.10 22.39
C GLY E 349 -6.90 -0.93 21.80
N TYR E 350 -6.44 0.27 22.12
CA TYR E 350 -7.07 1.49 21.66
C TYR E 350 -6.06 2.21 20.79
N LEU E 351 -6.48 3.31 20.17
CA LEU E 351 -5.58 4.23 19.45
C LEU E 351 -6.24 5.58 19.24
N CYS E 352 -5.41 6.62 19.19
CA CYS E 352 -5.91 7.99 19.17
C CYS E 352 -5.15 8.82 18.15
N GLU E 353 -5.66 10.01 17.85
CA GLU E 353 -5.01 10.84 16.85
C GLU E 353 -3.80 11.57 17.42
N VAL E 354 -2.73 11.59 16.63
CA VAL E 354 -1.48 12.27 16.96
C VAL E 354 -1.71 13.70 17.46
N GLY E 355 -1.16 14.02 18.64
CA GLY E 355 -1.28 15.35 19.22
C GLY E 355 -2.24 15.43 20.38
N ASP E 356 -3.33 14.67 20.30
CA ASP E 356 -4.35 14.60 21.33
C ASP E 356 -3.90 13.76 22.54
N THR E 357 -4.01 14.33 23.73
CA THR E 357 -3.55 13.66 24.97
C THR E 357 -4.61 13.57 26.06
N THR E 358 -5.61 14.46 26.01
CA THR E 358 -6.76 14.38 26.90
C THR E 358 -7.63 13.19 26.49
N GLY E 359 -7.61 12.86 25.21
CA GLY E 359 -8.35 11.72 24.68
C GLY E 359 -7.65 10.40 24.91
N VAL E 360 -6.33 10.40 24.76
CA VAL E 360 -5.48 9.25 25.09
C VAL E 360 -5.59 8.93 26.59
N ALA E 361 -5.39 9.96 27.41
CA ALA E 361 -5.48 9.83 28.86
C ALA E 361 -6.80 9.22 29.26
N ASP E 362 -7.90 9.85 28.83
CA ASP E 362 -9.27 9.42 29.14
C ASP E 362 -9.63 7.99 28.72
N GLN E 363 -8.70 7.34 28.02
CA GLN E 363 -8.84 5.93 27.68
C GLN E 363 -7.98 4.98 28.52
N ALA E 364 -6.82 5.47 28.96
CA ALA E 364 -5.93 4.70 29.82
C ALA E 364 -6.59 4.45 31.18
N ILE E 365 -6.83 5.55 31.92
CA ILE E 365 -7.55 5.52 33.20
C ILE E 365 -8.71 4.53 33.17
N GLN E 366 -9.63 4.72 32.21
CA GLN E 366 -10.81 3.90 32.03
C GLN E 366 -10.50 2.39 31.92
N LEU E 367 -9.44 2.06 31.17
CA LEU E 367 -9.01 0.68 31.01
C LEU E 367 -8.43 0.11 32.31
N LEU E 368 -7.85 0.99 33.11
CA LEU E 368 -7.16 0.59 34.34
C LEU E 368 -8.11 0.35 35.50
N LYS E 369 -9.21 1.09 35.54
CA LYS E 369 -10.23 0.98 36.61
C LYS E 369 -11.00 -0.35 36.60
N ASP E 370 -11.24 -0.88 35.41
CA ASP E 370 -11.88 -2.19 35.27
C ASP E 370 -10.86 -3.26 34.90
N GLU E 371 -10.64 -4.20 35.81
CA GLU E 371 -9.72 -5.32 35.58
C GLU E 371 -10.46 -6.55 35.02
N GLU E 372 -11.53 -6.28 34.27
CA GLU E 372 -12.30 -7.33 33.59
C GLU E 372 -12.27 -7.29 32.07
N LEU E 373 -12.22 -6.08 31.50
CA LEU E 373 -12.10 -5.90 30.07
C LEU E 373 -10.60 -5.77 29.84
N HIS E 374 -9.87 -5.35 30.88
CA HIS E 374 -8.41 -5.34 30.86
C HIS E 374 -7.87 -6.76 30.94
N ARG E 375 -8.38 -7.54 31.88
CA ARG E 375 -7.99 -8.94 32.03
C ARG E 375 -8.23 -9.72 30.73
N ASN E 376 -9.25 -9.33 29.98
CA ASN E 376 -9.57 -9.95 28.69
C ASN E 376 -8.83 -9.37 27.49
N MET E 377 -8.68 -8.05 27.45
CA MET E 377 -7.91 -7.38 26.40
C MET E 377 -6.41 -7.71 26.52
N GLY E 378 -6.05 -8.44 27.57
CA GLY E 378 -4.71 -8.96 27.74
C GLY E 378 -4.59 -10.38 27.20
N GLU E 379 -5.72 -11.07 27.08
CA GLU E 379 -5.73 -12.43 26.55
C GLU E 379 -6.08 -12.45 25.07
N ARG E 380 -6.80 -11.41 24.64
CA ARG E 380 -7.12 -11.24 23.23
C ARG E 380 -5.91 -10.69 22.47
N ALA E 381 -5.23 -9.71 23.07
CA ALA E 381 -4.01 -9.14 22.51
C ALA E 381 -2.94 -10.21 22.31
N ARG E 382 -2.81 -11.10 23.28
CA ARG E 382 -1.84 -12.20 23.23
C ARG E 382 -2.25 -13.28 22.22
N GLU E 383 -3.45 -13.16 21.65
CA GLU E 383 -3.89 -14.12 20.64
C GLU E 383 -3.82 -13.55 19.23
N SER E 384 -3.79 -12.23 19.12
CA SER E 384 -3.55 -11.56 17.84
C SER E 384 -2.09 -11.72 17.42
N VAL E 385 -1.23 -11.90 18.40
CA VAL E 385 0.18 -12.18 18.16
C VAL E 385 0.42 -13.63 17.71
N TYR E 386 -0.47 -14.54 18.12
CA TYR E 386 -0.32 -15.97 17.77
C TYR E 386 -1.09 -16.41 16.54
N GLU E 387 -1.88 -15.51 15.95
CA GLU E 387 -2.59 -15.81 14.71
C GLU E 387 -1.85 -15.26 13.49
N GLN E 388 -1.63 -13.95 13.46
CA GLN E 388 -0.97 -13.32 12.32
C GLN E 388 0.45 -12.78 12.48
N PHE E 389 1.05 -13.00 13.65
CA PHE E 389 2.44 -12.58 13.90
C PHE E 389 3.40 -13.63 14.42
N ARG E 390 2.87 -14.80 14.74
CA ARG E 390 3.66 -15.94 15.20
C ARG E 390 4.91 -16.04 14.34
N SER E 391 6.00 -16.48 14.98
CA SER E 391 7.28 -16.72 14.32
C SER E 391 7.22 -17.78 13.22
N GLU E 392 6.67 -18.95 13.55
CA GLU E 392 6.58 -20.09 12.62
C GLU E 392 5.91 -19.70 11.31
N LYS E 393 4.87 -18.86 11.41
CA LYS E 393 4.19 -18.37 10.21
C LYS E 393 5.09 -17.39 9.45
N ILE E 394 5.48 -16.30 10.10
CA ILE E 394 6.32 -15.27 9.48
C ILE E 394 7.63 -15.80 8.89
N VAL E 395 8.39 -16.56 9.68
CA VAL E 395 9.67 -17.11 9.23
C VAL E 395 9.46 -17.99 7.99
N SER E 396 8.38 -18.76 7.98
CA SER E 396 8.01 -19.54 6.79
C SER E 396 7.82 -18.67 5.56
N GLN E 397 7.09 -17.56 5.72
CA GLN E 397 6.89 -16.62 4.62
C GLN E 397 8.24 -16.22 4.04
N TYR E 398 9.16 -15.85 4.92
CA TYR E 398 10.52 -15.55 4.51
C TYR E 398 11.17 -16.74 3.81
N GLU E 399 10.95 -17.93 4.36
CA GLU E 399 11.56 -19.16 3.84
C GLU E 399 11.11 -19.49 2.41
N THR E 400 9.82 -19.35 2.13
CA THR E 400 9.29 -19.60 0.78
C THR E 400 9.74 -18.50 -0.20
N ILE E 401 9.97 -17.30 0.33
CA ILE E 401 10.54 -16.19 -0.46
C ILE E 401 11.89 -16.57 -1.05
N TYR E 402 12.70 -17.23 -0.22
CA TYR E 402 14.02 -17.72 -0.62
C TYR E 402 13.94 -18.74 -1.73
N TYR E 403 13.09 -19.73 -1.55
CA TYR E 403 12.94 -20.81 -2.52
C TYR E 403 12.36 -20.34 -3.86
N ASP E 404 11.48 -19.33 -3.81
CA ASP E 404 10.85 -18.82 -5.02
C ASP E 404 11.80 -18.06 -5.92
N VAL E 405 12.63 -17.20 -5.34
CA VAL E 405 13.62 -16.43 -6.10
C VAL E 405 14.78 -17.33 -6.54
N LEU E 406 14.68 -18.62 -6.23
CA LEU E 406 15.72 -19.56 -6.60
C LEU E 406 15.38 -20.41 -7.80
N ARG E 407 14.11 -20.80 -7.96
CA ARG E 407 13.69 -21.64 -9.09
C ARG E 407 13.93 -20.87 -10.39
N ASP E 408 14.27 -21.60 -11.46
CA ASP E 408 14.63 -21.04 -12.73
C ASP E 408 15.78 -20.03 -12.46
N ASP E 409 15.65 -18.81 -13.01
CA ASP E 409 16.54 -17.68 -12.70
C ASP E 409 18.02 -18.06 -12.85
N LYS F 35 36.71 21.91 -24.97
CA LYS F 35 35.27 21.65 -25.28
C LYS F 35 34.60 20.65 -24.32
N LEU F 36 35.37 20.06 -23.41
CA LEU F 36 34.86 18.99 -22.54
C LEU F 36 34.36 19.51 -21.19
N LYS F 37 33.46 18.72 -20.58
CA LYS F 37 32.89 19.02 -19.25
C LYS F 37 33.31 17.93 -18.27
N ILE F 38 34.26 18.26 -17.40
CA ILE F 38 34.95 17.28 -16.55
C ILE F 38 34.55 17.37 -15.07
N GLY F 39 34.26 16.21 -14.48
CA GLY F 39 34.03 16.10 -13.06
C GLY F 39 35.30 15.58 -12.41
N ILE F 40 35.66 16.15 -11.27
CA ILE F 40 36.89 15.82 -10.57
C ILE F 40 36.63 15.62 -9.06
N THR F 41 37.38 14.71 -8.45
CA THR F 41 37.21 14.34 -7.05
C THR F 41 38.55 14.09 -6.36
N CYS F 42 38.68 14.54 -5.12
CA CYS F 42 39.93 14.42 -4.35
C CYS F 42 39.76 14.70 -2.85
N TYR F 43 40.89 14.76 -2.14
CA TYR F 43 40.93 15.02 -0.70
C TYR F 43 41.90 16.17 -0.36
N PRO F 44 41.76 16.76 0.87
CA PRO F 44 42.70 17.79 1.33
C PRO F 44 44.11 17.23 1.52
N GLY F 48 47.99 16.02 0.08
CA GLY F 48 49.07 15.26 -0.54
C GLY F 48 48.68 14.59 -1.85
N SER F 49 47.82 13.58 -1.76
CA SER F 49 47.37 12.85 -2.94
C SER F 49 46.37 13.65 -3.78
N GLY F 50 45.55 14.47 -3.12
CA GLY F 50 44.48 15.21 -3.78
C GLY F 50 44.78 16.63 -4.18
N VAL F 51 46.00 17.09 -3.90
CA VAL F 51 46.42 18.45 -4.27
C VAL F 51 46.78 18.56 -5.75
N VAL F 52 47.22 17.43 -6.32
CA VAL F 52 47.47 17.32 -7.75
C VAL F 52 46.15 17.36 -8.51
N GLY F 53 45.15 16.65 -7.97
CA GLY F 53 43.79 16.64 -8.51
C GLY F 53 43.10 17.99 -8.54
N THR F 54 43.38 18.82 -7.53
CA THR F 54 42.86 20.20 -7.47
C THR F 54 43.56 21.10 -8.48
N GLU F 55 44.88 21.03 -8.50
CA GLU F 55 45.68 21.79 -9.45
C GLU F 55 45.48 21.33 -10.90
N LEU F 56 45.18 20.04 -11.07
CA LEU F 56 44.81 19.53 -12.39
C LEU F 56 43.56 20.25 -12.87
N GLY F 57 42.65 20.52 -11.94
CA GLY F 57 41.39 21.20 -12.24
C GLY F 57 41.56 22.60 -12.76
N LYS F 58 42.35 23.40 -12.06
CA LYS F 58 42.66 24.78 -12.46
C LYS F 58 43.45 24.81 -13.77
N GLN F 59 44.35 23.85 -13.95
CA GLN F 59 45.15 23.69 -15.17
C GLN F 59 44.28 23.38 -16.39
N LEU F 60 43.16 22.70 -16.16
CA LEU F 60 42.24 22.35 -17.24
C LEU F 60 41.19 23.45 -17.47
N ALA F 61 40.75 24.07 -16.37
CA ALA F 61 39.86 25.22 -16.42
C ALA F 61 40.45 26.31 -17.29
N GLU F 62 41.68 26.73 -16.97
CA GLU F 62 42.43 27.71 -17.73
C GLU F 62 42.42 27.43 -19.24
N ARG F 63 42.38 26.15 -19.60
CA ARG F 63 42.41 25.72 -21.00
C ARG F 63 41.04 25.73 -21.68
N GLY F 64 40.01 26.12 -20.95
CA GLY F 64 38.68 26.30 -21.52
C GLY F 64 37.61 25.30 -21.10
N HIS F 65 38.05 24.18 -20.52
CA HIS F 65 37.15 23.12 -20.08
C HIS F 65 36.38 23.52 -18.84
N GLU F 66 35.20 22.94 -18.67
CA GLU F 66 34.31 23.26 -17.55
C GLU F 66 34.50 22.24 -16.43
N ILE F 67 35.21 22.65 -15.38
CA ILE F 67 35.59 21.72 -14.32
C ILE F 67 34.63 21.81 -13.12
N HIS F 68 33.79 20.78 -12.96
CA HIS F 68 32.90 20.69 -11.82
C HIS F 68 33.53 19.88 -10.69
N PHE F 69 34.00 20.57 -9.66
CA PHE F 69 34.62 19.93 -8.50
C PHE F 69 33.58 19.31 -7.57
N ILE F 70 33.41 18.00 -7.66
CA ILE F 70 32.54 17.30 -6.73
C ILE F 70 33.41 16.79 -5.57
N THR F 71 33.67 17.69 -4.63
CA THR F 71 34.56 17.38 -3.50
C THR F 71 33.78 17.07 -2.22
N SER F 72 34.51 16.88 -1.12
CA SER F 72 33.93 16.58 0.19
C SER F 72 34.03 17.73 1.18
N GLY F 73 34.49 18.89 0.71
CA GLY F 73 34.66 20.08 1.55
C GLY F 73 35.28 21.26 0.85
N LEU F 74 36.49 21.65 1.29
CA LEU F 74 37.24 22.77 0.70
C LEU F 74 37.78 22.48 -0.71
N PRO F 75 38.51 21.36 -0.90
CA PRO F 75 39.15 21.06 -2.20
C PRO F 75 38.17 21.07 -3.38
N ASN F 79 42.54 29.08 -4.94
CA ASN F 79 42.13 29.65 -3.67
C ASN F 79 41.18 30.83 -3.87
N LYS F 80 40.95 31.17 -5.12
CA LYS F 80 40.07 32.27 -5.46
C LYS F 80 39.10 31.79 -6.52
N VAL F 81 37.99 32.50 -6.66
CA VAL F 81 37.00 32.08 -7.60
C VAL F 81 37.64 32.10 -8.96
N TYR F 82 37.29 31.14 -9.79
CA TYR F 82 37.83 31.06 -11.12
C TYR F 82 36.66 31.03 -12.07
N PRO F 83 36.89 31.43 -13.31
CA PRO F 83 35.79 31.71 -14.22
C PRO F 83 34.92 30.52 -14.49
N ASN F 84 35.50 29.36 -14.73
CA ASN F 84 34.62 28.22 -14.91
C ASN F 84 34.73 26.97 -14.09
N ILE F 85 35.26 27.12 -12.89
CA ILE F 85 35.21 26.01 -11.92
C ILE F 85 34.16 26.07 -10.83
N TYR F 86 33.37 25.01 -10.74
CA TYR F 86 32.18 24.97 -9.91
C TYR F 86 32.39 24.13 -8.66
N PHE F 87 31.51 24.33 -7.68
CA PHE F 87 31.58 23.62 -6.41
C PHE F 87 30.33 22.80 -6.16
N HIS F 88 30.53 21.63 -5.57
CA HIS F 88 29.43 20.76 -5.14
C HIS F 88 29.89 20.03 -3.87
N GLU F 89 29.31 20.39 -2.73
CA GLU F 89 29.63 19.73 -1.46
C GLU F 89 28.77 18.50 -1.20
N VAL F 90 29.39 17.45 -0.66
CA VAL F 90 28.69 16.21 -0.33
C VAL F 90 28.61 16.26 1.20
N THR F 91 27.54 16.86 1.69
CA THR F 91 27.30 16.95 3.13
C THR F 91 26.45 15.76 3.55
N VAL F 92 26.86 15.11 4.63
CA VAL F 92 26.08 14.04 5.24
C VAL F 92 25.80 14.27 6.73
N ASN F 93 26.02 15.51 7.17
CA ASN F 93 25.77 15.94 8.54
C ASN F 93 24.31 15.77 8.98
N GLN F 94 23.46 15.23 8.12
CA GLN F 94 22.07 15.04 8.50
C GLN F 94 22.07 14.15 9.72
N TYR F 95 22.89 13.12 9.68
CA TYR F 95 23.06 12.30 10.86
C TYR F 95 21.80 11.70 11.47
N SER F 96 20.93 11.11 10.68
CA SER F 96 19.89 10.36 11.35
C SER F 96 20.96 9.52 12.00
N VAL F 97 20.84 9.26 13.28
CA VAL F 97 21.99 8.82 14.04
C VAL F 97 22.79 7.54 13.78
N PHE F 98 22.12 6.42 13.59
CA PHE F 98 22.77 5.10 13.68
C PHE F 98 23.88 4.59 12.74
N GLN F 99 23.73 4.80 11.46
CA GLN F 99 24.53 4.17 10.45
C GLN F 99 26.00 4.45 10.64
N TYR F 100 26.29 5.68 10.99
CA TYR F 100 27.65 6.13 10.99
C TYR F 100 27.55 6.68 9.62
N PRO F 101 27.87 7.93 9.45
CA PRO F 101 27.49 8.59 8.23
C PRO F 101 28.05 7.84 7.07
N PRO F 102 27.24 7.66 6.05
CA PRO F 102 27.64 7.04 4.80
C PRO F 102 27.94 8.23 3.97
N TYR F 103 29.19 8.56 3.83
CA TYR F 103 29.55 9.86 3.24
C TYR F 103 30.03 9.19 1.94
N ASP F 104 30.55 7.97 2.06
CA ASP F 104 31.02 7.19 0.91
C ASP F 104 29.84 6.95 -0.03
N LEU F 105 28.67 6.72 0.53
CA LEU F 105 27.46 6.46 -0.23
C LEU F 105 26.86 7.74 -0.77
N ALA F 106 26.85 8.78 0.07
CA ALA F 106 26.28 10.10 -0.26
C ALA F 106 27.07 10.84 -1.34
N LEU F 107 28.36 10.52 -1.49
CA LEU F 107 29.17 11.08 -2.58
C LEU F 107 28.69 10.56 -3.94
N ALA F 108 28.27 9.31 -3.97
CA ALA F 108 27.78 8.68 -5.20
C ALA F 108 26.51 9.35 -5.72
N SER F 109 25.53 9.54 -4.83
CA SER F 109 24.27 10.16 -5.22
C SER F 109 24.47 11.60 -5.71
N LYS F 110 25.52 12.25 -5.23
CA LYS F 110 25.88 13.59 -5.70
C LYS F 110 26.55 13.52 -7.07
N MET F 111 27.57 12.68 -7.20
CA MET F 111 28.20 12.45 -8.49
C MET F 111 27.11 12.19 -9.52
N ALA F 112 26.20 11.28 -9.20
CA ALA F 112 25.06 10.96 -10.06
C ALA F 112 24.27 12.22 -10.44
N GLU F 113 23.94 13.06 -9.45
CA GLU F 113 23.18 14.28 -9.68
C GLU F 113 23.92 15.20 -10.65
N VAL F 114 25.13 15.61 -10.27
CA VAL F 114 25.95 16.54 -11.07
C VAL F 114 26.27 15.98 -12.45
N ALA F 115 26.06 14.67 -12.61
CA ALA F 115 26.26 14.03 -13.90
C ALA F 115 25.03 14.19 -14.79
N GLN F 116 23.84 14.01 -14.21
CA GLN F 116 22.60 14.17 -14.96
C GLN F 116 22.35 15.65 -15.25
N ARG F 117 22.54 16.49 -14.23
CA ARG F 117 22.24 17.91 -14.32
C ARG F 117 23.13 18.93 -15.02
N GLU F 118 24.44 18.81 -14.85
CA GLU F 118 25.41 19.71 -15.53
C GLU F 118 25.85 18.89 -16.75
N ASN F 119 25.27 17.70 -16.88
CA ASN F 119 25.55 16.74 -17.94
C ASN F 119 26.98 16.36 -18.31
N LEU F 120 27.76 15.97 -17.31
CA LEU F 120 29.15 15.62 -17.52
C LEU F 120 29.51 14.66 -18.63
N ASP F 121 30.64 14.93 -19.29
CA ASP F 121 31.11 14.10 -20.39
C ASP F 121 32.18 13.13 -19.92
N ILE F 122 32.91 13.51 -18.86
CA ILE F 122 33.96 12.69 -18.26
C ILE F 122 34.11 12.91 -16.77
N LEU F 123 34.12 11.83 -16.01
CA LEU F 123 34.33 11.89 -14.57
C LEU F 123 35.70 11.33 -14.20
N HIS F 124 36.53 12.19 -13.61
CA HIS F 124 37.90 11.83 -13.26
C HIS F 124 38.06 11.72 -11.74
N VAL F 125 38.47 10.53 -11.31
CA VAL F 125 38.53 10.17 -9.89
C VAL F 125 39.97 9.88 -9.47
N HIS F 126 40.34 10.34 -8.27
CA HIS F 126 41.73 10.22 -7.83
C HIS F 126 42.36 9.27 -6.80
N TYR F 127 41.77 9.13 -5.61
CA TYR F 127 42.34 8.23 -4.60
C TYR F 127 41.29 7.13 -4.83
N ALA F 128 41.75 5.93 -5.19
CA ALA F 128 40.86 4.90 -5.75
C ALA F 128 39.94 4.16 -4.79
N ILE F 129 40.31 4.05 -3.52
CA ILE F 129 39.51 3.25 -2.57
C ILE F 129 38.22 3.89 -2.06
N PRO F 130 38.22 5.20 -1.79
CA PRO F 130 36.88 5.73 -1.54
C PRO F 130 36.16 5.97 -2.86
N HIS F 131 36.86 6.59 -3.81
CA HIS F 131 36.21 7.25 -4.95
C HIS F 131 35.96 6.38 -6.18
N ALA F 132 36.74 5.33 -6.38
CA ALA F 132 36.59 4.48 -7.57
C ALA F 132 35.27 3.71 -7.57
N ILE F 133 34.95 3.08 -6.44
CA ILE F 133 33.69 2.35 -6.25
C ILE F 133 32.49 3.29 -6.22
N CYS F 134 32.69 4.48 -5.63
CA CYS F 134 31.68 5.53 -5.60
C CYS F 134 31.19 5.89 -7.00
N ALA F 135 32.09 6.43 -7.81
CA ALA F 135 31.76 6.87 -9.16
C ALA F 135 31.39 5.72 -10.09
N TYR F 136 31.35 4.51 -9.54
CA TYR F 136 30.85 3.34 -10.27
C TYR F 136 29.33 3.25 -10.16
N LEU F 137 28.81 3.47 -8.96
CA LEU F 137 27.38 3.51 -8.69
C LEU F 137 26.73 4.65 -9.46
N ALA F 138 27.39 5.82 -9.41
CA ALA F 138 26.95 6.98 -10.15
C ALA F 138 26.64 6.61 -11.61
N LYS F 139 27.59 5.92 -12.24
CA LYS F 139 27.47 5.47 -13.63
C LYS F 139 26.30 4.47 -13.84
N GLN F 140 26.10 3.58 -12.87
CA GLN F 140 25.03 2.58 -12.95
C GLN F 140 23.64 3.21 -12.85
N MET F 141 23.53 4.23 -12.00
CA MET F 141 22.25 4.90 -11.73
C MET F 141 21.80 5.80 -12.88
N ILE F 142 22.76 6.21 -13.70
CA ILE F 142 22.50 7.18 -14.77
C ILE F 142 22.73 6.60 -16.16
N GLY F 143 23.12 5.32 -16.24
CA GLY F 143 23.38 4.69 -17.53
C GLY F 143 24.74 5.04 -18.12
N GLU F 144 25.29 4.12 -18.91
CA GLU F 144 26.65 4.26 -19.44
C GLU F 144 26.79 5.28 -20.59
N ARG F 145 26.85 6.56 -20.23
CA ARG F 145 27.25 7.58 -21.18
C ARG F 145 28.42 8.39 -20.61
N ILE F 146 28.48 8.45 -19.28
CA ILE F 146 29.59 9.08 -18.56
C ILE F 146 30.83 8.17 -18.57
N LYS F 147 31.99 8.79 -18.57
CA LYS F 147 33.25 8.06 -18.60
C LYS F 147 34.04 8.28 -17.30
N ILE F 148 34.45 7.17 -16.69
CA ILE F 148 35.22 7.20 -15.45
C ILE F 148 36.71 7.06 -15.76
N VAL F 149 37.50 8.04 -15.33
CA VAL F 149 38.96 7.92 -15.39
C VAL F 149 39.50 7.86 -13.96
N THR F 150 40.02 6.70 -13.58
CA THR F 150 40.57 6.50 -12.22
C THR F 150 42.08 6.67 -12.20
N THR F 151 42.55 7.44 -11.22
CA THR F 151 43.97 7.69 -11.03
C THR F 151 44.44 7.09 -9.71
N LEU F 152 45.15 5.96 -9.78
CA LEU F 152 45.73 5.38 -8.59
C LEU F 152 46.90 6.24 -8.16
N HIS F 153 46.89 6.66 -6.91
CA HIS F 153 48.03 7.35 -6.33
C HIS F 153 48.75 6.43 -5.36
N GLY F 154 49.66 6.99 -4.57
CA GLY F 154 50.48 6.23 -3.64
C GLY F 154 50.16 5.06 -2.71
N THR F 155 49.22 5.30 -1.79
CA THR F 155 48.96 4.39 -0.68
C THR F 155 47.67 3.62 -1.01
N ASP F 156 47.00 4.00 -2.10
CA ASP F 156 45.82 3.28 -2.59
C ASP F 156 46.07 1.78 -2.59
N ILE F 157 47.19 1.39 -3.19
CA ILE F 157 47.57 0.01 -3.33
C ILE F 157 48.58 -0.33 -2.25
N THR F 158 49.58 0.55 -2.09
CA THR F 158 50.66 0.38 -1.13
C THR F 158 50.21 -0.18 0.22
N VAL F 159 49.36 0.57 0.95
CA VAL F 159 48.99 0.19 2.32
C VAL F 159 47.66 -0.57 2.44
N LEU F 160 46.65 -0.12 1.69
CA LEU F 160 45.37 -0.81 1.67
C LEU F 160 44.93 -1.97 0.76
N GLY F 161 45.57 -2.10 -0.40
CA GLY F 161 45.40 -3.25 -1.32
C GLY F 161 45.56 -4.65 -0.78
N SER F 162 46.68 -4.91 -0.09
CA SER F 162 46.98 -6.18 0.58
C SER F 162 45.97 -6.66 1.63
N ASP F 163 45.24 -5.71 2.21
CA ASP F 163 44.15 -5.94 3.16
C ASP F 163 43.10 -6.86 2.53
N PRO F 164 42.59 -7.85 3.31
CA PRO F 164 41.55 -8.78 2.85
C PRO F 164 40.29 -8.08 2.32
N SER F 165 39.61 -7.36 3.21
CA SER F 165 38.31 -6.77 2.90
C SER F 165 38.38 -5.51 2.02
N LEU F 166 39.55 -5.23 1.47
CA LEU F 166 39.70 -4.07 0.58
C LEU F 166 40.32 -4.41 -0.78
N ASN F 167 41.03 -5.54 -0.85
CA ASN F 167 41.31 -6.16 -2.14
C ASN F 167 39.97 -6.69 -2.64
N ASN F 168 39.90 -7.04 -3.91
CA ASN F 168 38.64 -7.50 -4.50
C ASN F 168 37.52 -6.47 -4.30
N LEU F 169 37.90 -5.22 -4.14
CA LEU F 169 36.95 -4.11 -4.01
C LEU F 169 37.82 -3.14 -4.84
N ILE F 170 38.98 -2.76 -4.31
CA ILE F 170 39.98 -2.05 -5.13
C ILE F 170 40.15 -2.70 -6.49
N ARG F 171 40.22 -4.03 -6.53
CA ARG F 171 40.23 -4.78 -7.78
C ARG F 171 39.01 -4.44 -8.61
N PHE F 172 37.84 -4.47 -7.98
CA PHE F 172 36.57 -4.19 -8.63
C PHE F 172 36.45 -2.76 -9.18
N GLY F 173 37.28 -1.85 -8.68
CA GLY F 173 37.24 -0.47 -9.14
C GLY F 173 38.05 -0.24 -10.39
N ILE F 174 39.32 -0.62 -10.34
CA ILE F 174 40.22 -0.55 -11.50
C ILE F 174 39.60 -1.23 -12.73
N GLU F 175 38.99 -2.39 -12.51
CA GLU F 175 38.37 -3.17 -13.58
C GLU F 175 37.19 -2.43 -14.19
N GLN F 176 36.33 -1.88 -13.33
CA GLN F 176 35.05 -1.34 -13.76
C GLN F 176 35.15 0.11 -14.22
N SER F 177 36.33 0.69 -14.05
CA SER F 177 36.63 2.03 -14.53
C SER F 177 36.85 1.99 -16.05
N ASP F 178 36.78 3.15 -16.70
CA ASP F 178 36.95 3.20 -18.15
C ASP F 178 38.42 3.26 -18.53
N VAL F 179 39.17 4.10 -17.84
CA VAL F 179 40.61 4.20 -17.98
C VAL F 179 41.22 4.31 -16.59
N VAL F 180 42.43 3.78 -16.45
CA VAL F 180 43.15 3.84 -15.18
C VAL F 180 44.60 4.30 -15.33
N THR F 181 45.02 5.22 -14.45
CA THR F 181 46.37 5.74 -14.47
C THR F 181 47.07 5.47 -13.14
N ALA F 182 48.35 5.10 -13.22
CA ALA F 182 49.22 5.11 -12.05
C ALA F 182 50.09 6.37 -12.09
N VAL F 183 50.76 6.65 -10.98
CA VAL F 183 51.63 7.83 -10.89
C VAL F 183 53.13 7.51 -10.94
N SER F 184 53.41 6.25 -11.27
CA SER F 184 54.76 5.74 -11.50
C SER F 184 54.60 4.29 -11.94
N HIS F 185 55.59 3.75 -12.64
CA HIS F 185 55.52 2.38 -13.14
C HIS F 185 55.71 1.37 -12.01
N SER F 186 56.42 1.78 -10.96
CA SER F 186 56.50 0.96 -9.76
C SER F 186 55.09 0.67 -9.28
N LEU F 187 54.26 1.69 -9.31
CA LEU F 187 52.88 1.56 -8.86
C LEU F 187 52.02 0.65 -9.76
N ILE F 188 52.32 0.60 -11.06
CA ILE F 188 51.60 -0.31 -11.95
C ILE F 188 52.01 -1.75 -11.66
N ASN F 189 53.28 -1.97 -11.35
CA ASN F 189 53.76 -3.32 -11.06
C ASN F 189 53.34 -3.83 -9.69
N GLU F 190 53.18 -2.90 -8.74
CA GLU F 190 52.68 -3.26 -7.42
C GLU F 190 51.20 -3.59 -7.51
N THR F 191 50.45 -2.82 -8.28
CA THR F 191 49.01 -3.08 -8.47
C THR F 191 48.73 -4.50 -8.97
N HIS F 192 49.45 -4.93 -10.00
CA HIS F 192 49.26 -6.27 -10.55
C HIS F 192 49.80 -7.38 -9.65
N GLU F 193 50.53 -7.00 -8.59
CA GLU F 193 51.06 -7.96 -7.62
C GLU F 193 50.00 -8.35 -6.59
N LEU F 194 49.45 -7.36 -5.89
CA LEU F 194 48.57 -7.60 -4.75
C LEU F 194 47.09 -7.36 -5.02
N VAL F 195 46.79 -6.45 -5.94
CA VAL F 195 45.40 -6.18 -6.33
C VAL F 195 44.93 -7.15 -7.42
N LYS F 196 45.77 -7.31 -8.46
CA LYS F 196 45.52 -8.27 -9.54
C LYS F 196 44.32 -7.89 -10.42
N PRO F 197 44.24 -6.62 -10.89
CA PRO F 197 43.06 -6.26 -11.64
C PRO F 197 43.17 -6.78 -13.05
N ASN F 198 42.06 -7.26 -13.60
CA ASN F 198 42.05 -7.68 -14.99
C ASN F 198 42.27 -6.52 -15.97
N LYS F 199 42.29 -5.31 -15.44
CA LYS F 199 42.50 -4.08 -16.18
C LYS F 199 43.93 -3.62 -16.47
N ASP F 200 44.15 -3.09 -17.67
CA ASP F 200 45.47 -2.60 -18.07
C ASP F 200 45.63 -1.12 -17.72
N ILE F 201 46.71 -0.80 -17.02
CA ILE F 201 46.94 0.54 -16.51
C ILE F 201 48.04 1.27 -17.31
N GLN F 202 47.99 2.61 -17.34
CA GLN F 202 48.99 3.45 -18.01
C GLN F 202 49.46 4.62 -17.14
N THR F 203 50.77 4.82 -17.10
CA THR F 203 51.40 5.79 -16.21
C THR F 203 51.21 7.23 -16.64
N VAL F 204 50.86 8.09 -15.69
CA VAL F 204 50.95 9.54 -15.84
C VAL F 204 51.52 10.08 -14.51
N TYR F 205 52.59 10.87 -14.60
CA TYR F 205 53.29 11.33 -13.41
C TYR F 205 52.56 12.45 -12.69
N ASN F 206 52.98 12.75 -11.46
CA ASN F 206 52.47 13.91 -10.73
C ASN F 206 53.30 15.16 -11.01
N PHE F 207 52.85 16.31 -10.54
CA PHE F 207 53.54 17.57 -10.86
C PHE F 207 53.50 18.59 -9.73
N ILE F 208 54.25 19.66 -9.91
CA ILE F 208 54.44 20.68 -8.89
C ILE F 208 54.13 22.09 -9.45
N ASP F 209 53.46 22.91 -8.63
CA ASP F 209 53.25 24.31 -8.96
C ASP F 209 54.60 25.03 -8.95
N GLU F 210 55.12 25.33 -10.13
CA GLU F 210 56.42 25.99 -10.27
C GLU F 210 56.45 27.36 -9.56
N ARG F 211 55.26 27.89 -9.29
CA ARG F 211 55.10 29.19 -8.63
C ARG F 211 55.03 29.08 -7.09
N VAL F 212 55.22 27.87 -6.57
CA VAL F 212 55.20 27.61 -5.12
C VAL F 212 56.51 26.98 -4.67
N TYR F 213 57.07 26.12 -5.53
CA TYR F 213 58.32 25.42 -5.27
C TYR F 213 59.41 25.88 -6.25
N PHE F 214 60.11 26.94 -5.87
CA PHE F 214 61.22 27.46 -6.66
C PHE F 214 62.44 27.65 -5.75
N LYS F 215 63.63 27.70 -6.37
CA LYS F 215 64.87 28.00 -5.66
C LYS F 215 64.84 29.46 -5.23
N ARG F 216 65.31 29.73 -4.01
CA ARG F 216 65.37 31.10 -3.48
C ARG F 216 66.42 31.31 -2.40
N ASP F 217 66.70 32.58 -2.09
CA ASP F 217 67.74 32.96 -1.16
C ASP F 217 67.09 33.11 0.21
N MET F 218 66.84 31.98 0.87
CA MET F 218 66.36 31.98 2.25
C MET F 218 67.27 32.08 3.48
N THR F 219 67.69 33.31 3.79
CA THR F 219 68.62 33.56 4.89
C THR F 219 68.16 34.37 6.11
N GLN F 220 67.21 35.28 5.90
CA GLN F 220 66.56 36.00 7.00
C GLN F 220 65.61 35.07 7.75
N LEU F 221 64.94 34.19 7.00
CA LEU F 221 64.09 33.16 7.58
C LEU F 221 64.90 31.90 7.88
N LYS F 222 66.24 32.06 7.85
CA LYS F 222 67.17 31.06 8.36
C LYS F 222 67.54 31.25 9.82
N LYS F 223 67.97 32.47 10.18
CA LYS F 223 68.40 32.80 11.55
C LYS F 223 67.17 33.11 12.42
N GLU F 224 66.01 33.21 11.78
CA GLU F 224 64.72 33.33 12.46
C GLU F 224 64.43 32.03 13.21
N TYR F 225 64.92 30.96 12.63
CA TYR F 225 65.05 29.68 13.27
C TYR F 225 66.37 29.90 13.96
N GLY F 226 67.03 30.96 13.54
CA GLY F 226 68.25 31.43 14.14
C GLY F 226 69.55 30.72 13.85
N ILE F 227 69.59 29.80 12.89
CA ILE F 227 70.87 29.16 12.60
C ILE F 227 71.31 29.20 11.17
N SER F 228 72.36 29.95 10.85
CA SER F 228 72.85 30.00 9.47
C SER F 228 74.38 30.06 9.24
N GLU F 229 75.16 29.73 10.25
CA GLU F 229 76.58 30.01 10.20
C GLU F 229 77.58 29.44 9.19
N SER F 230 77.67 28.12 9.05
CA SER F 230 78.62 27.55 8.11
C SER F 230 77.74 26.59 7.41
N GLU F 231 76.60 26.49 8.04
CA GLU F 231 75.40 25.77 7.59
C GLU F 231 75.69 24.32 7.19
N LYS F 232 75.42 24.02 5.91
CA LYS F 232 75.36 22.65 5.40
C LYS F 232 74.21 21.83 5.98
N ILE F 233 73.02 22.44 5.99
CA ILE F 233 71.85 21.85 6.65
C ILE F 233 70.94 20.91 5.85
N LEU F 234 70.57 19.80 6.48
CA LEU F 234 69.80 18.73 5.85
C LEU F 234 68.35 18.75 6.30
N ILE F 235 67.49 18.11 5.52
CA ILE F 235 66.06 18.03 5.83
C ILE F 235 65.49 16.65 5.50
N HIS F 236 64.63 16.13 6.38
CA HIS F 236 63.91 14.91 6.07
C HIS F 236 62.43 15.04 6.38
N ILE F 237 61.66 15.34 5.35
CA ILE F 237 60.24 15.58 5.49
C ILE F 237 59.46 14.28 5.29
N SER F 238 58.71 13.90 6.33
CA SER F 238 58.11 12.57 6.46
C SER F 238 56.96 12.53 7.47
N ASN F 239 56.11 11.53 7.37
CA ASN F 239 54.98 11.39 8.29
C ASN F 239 55.33 10.67 9.59
N PHE F 240 56.60 10.30 9.75
CA PHE F 240 57.14 9.68 10.98
C PHE F 240 56.63 8.28 11.30
N ARG F 241 56.01 7.60 10.33
CA ARG F 241 55.60 6.21 10.53
C ARG F 241 56.82 5.29 10.44
N LYS F 242 56.60 4.00 10.67
CA LYS F 242 57.67 3.00 10.75
C LYS F 242 58.38 2.70 9.41
N VAL F 243 57.62 2.74 8.32
CA VAL F 243 58.12 2.43 6.97
C VAL F 243 59.19 3.43 6.50
N LYS F 244 59.18 4.62 7.10
CA LYS F 244 59.96 5.75 6.64
C LYS F 244 61.44 5.68 7.01
N ARG F 245 61.76 4.79 7.96
CA ARG F 245 63.12 4.61 8.44
C ARG F 245 63.75 5.95 8.80
N VAL F 246 63.12 6.64 9.75
CA VAL F 246 63.67 7.88 10.30
C VAL F 246 64.95 7.57 11.10
N GLN F 247 65.08 6.31 11.54
CA GLN F 247 66.30 5.83 12.21
C GLN F 247 67.48 5.99 11.27
N ASP F 248 67.44 5.24 10.15
CA ASP F 248 68.43 5.33 9.10
C ASP F 248 68.82 6.78 8.80
N VAL F 249 67.84 7.68 8.77
CA VAL F 249 68.10 9.11 8.55
C VAL F 249 68.91 9.69 9.70
N VAL F 250 68.33 9.70 10.90
CA VAL F 250 69.02 10.20 12.09
C VAL F 250 70.40 9.53 12.23
N GLN F 251 70.47 8.24 11.88
CA GLN F 251 71.71 7.45 11.94
C GLN F 251 72.76 7.94 10.96
N ALA F 252 72.33 8.11 9.71
CA ALA F 252 73.20 8.60 8.64
C ALA F 252 73.66 10.03 8.95
N PHE F 253 72.84 10.75 9.70
CA PHE F 253 73.18 12.10 10.12
C PHE F 253 74.18 12.11 11.26
N ALA F 254 74.15 11.06 12.09
CA ALA F 254 75.10 10.93 13.21
C ALA F 254 76.54 10.87 12.71
N LYS F 255 76.74 10.20 11.57
CA LYS F 255 78.05 10.09 10.95
C LYS F 255 78.42 11.35 10.15
N ILE F 256 77.43 11.90 9.49
CA ILE F 256 77.63 13.09 8.72
C ILE F 256 78.06 14.20 9.61
N VAL F 257 77.45 14.32 10.76
CA VAL F 257 77.76 15.45 11.57
C VAL F 257 79.15 15.68 12.05
N THR F 258 79.99 14.72 11.75
CA THR F 258 81.42 14.80 11.94
C THR F 258 82.01 15.05 10.57
N GLU F 259 83.24 15.50 10.45
CA GLU F 259 83.63 15.80 9.09
C GLU F 259 82.93 17.08 8.69
N VAL F 260 81.63 17.12 8.87
CA VAL F 260 80.87 18.34 8.62
C VAL F 260 79.97 18.77 9.75
N ASP F 261 79.99 20.04 10.08
CA ASP F 261 79.07 20.52 11.12
C ASP F 261 77.74 20.87 10.42
N ALA F 262 76.68 20.14 10.78
CA ALA F 262 75.41 20.25 10.07
C ALA F 262 74.21 20.26 11.01
N LYS F 263 73.08 20.76 10.50
CA LYS F 263 71.81 20.66 11.23
C LYS F 263 70.82 19.85 10.40
N LEU F 264 70.09 18.95 11.05
CA LEU F 264 69.06 18.15 10.38
C LEU F 264 67.68 18.63 10.77
N LEU F 265 66.90 19.05 9.79
CA LEU F 265 65.52 19.41 10.03
C LEU F 265 64.64 18.17 9.89
N LEU F 266 63.96 17.83 10.97
CA LEU F 266 62.94 16.79 10.91
C LEU F 266 61.59 17.47 10.87
N VAL F 267 60.85 17.19 9.79
CA VAL F 267 59.55 17.80 9.56
C VAL F 267 58.06 17.48 9.62
N GLY F 268 57.74 16.36 10.30
CA GLY F 268 56.37 15.88 10.46
C GLY F 268 56.26 15.17 11.80
N ASP F 269 55.08 14.62 12.08
CA ASP F 269 54.81 13.90 13.31
C ASP F 269 53.98 12.65 13.10
N GLY F 270 54.33 11.58 13.80
CA GLY F 270 53.64 10.31 13.68
C GLY F 270 54.01 9.36 14.79
N PRO F 271 53.81 8.04 14.57
CA PRO F 271 54.04 6.96 15.52
C PRO F 271 55.46 6.94 16.12
N GLU F 272 56.47 6.80 15.27
CA GLU F 272 57.86 6.64 15.70
C GLU F 272 58.43 7.83 16.49
N PHE F 273 57.66 8.91 16.59
CA PHE F 273 58.15 10.17 17.16
C PHE F 273 58.97 9.99 18.44
N CYS F 274 58.38 9.35 19.45
CA CYS F 274 59.05 9.15 20.72
C CYS F 274 60.42 8.48 20.55
N THR F 275 60.44 7.33 19.89
CA THR F 275 61.67 6.54 19.75
C THR F 275 62.76 7.33 19.04
N ILE F 276 62.40 7.99 17.94
CA ILE F 276 63.32 8.86 17.22
C ILE F 276 63.82 10.00 18.11
N LEU F 277 62.91 10.58 18.89
CA LEU F 277 63.29 11.62 19.85
C LEU F 277 64.27 11.05 20.89
N GLN F 278 63.97 9.88 21.41
CA GLN F 278 64.85 9.24 22.39
C GLN F 278 65.93 8.43 21.67
N LEU F 279 66.19 8.77 20.41
CA LEU F 279 67.34 8.22 19.67
C LEU F 279 68.40 9.28 19.51
N VAL F 280 68.01 10.49 19.10
CA VAL F 280 68.94 11.61 19.02
C VAL F 280 69.57 11.89 20.39
N LYS F 281 68.83 11.63 21.46
CA LYS F 281 69.29 11.86 22.84
C LYS F 281 70.47 10.97 23.23
N ASN F 282 70.27 9.66 23.20
CA ASN F 282 71.38 8.71 23.47
C ASN F 282 72.20 8.35 22.21
N LEU F 283 72.18 9.27 21.24
CA LEU F 283 73.11 9.24 20.12
C LEU F 283 73.91 10.55 20.09
N HIS F 284 73.84 11.30 21.18
CA HIS F 284 74.69 12.48 21.44
C HIS F 284 74.64 13.76 20.61
N ILE F 285 73.63 13.87 19.76
CA ILE F 285 73.63 14.85 18.69
C ILE F 285 72.26 15.54 18.74
N GLU F 286 71.59 15.49 19.89
CA GLU F 286 70.32 16.19 20.03
C GLU F 286 70.51 17.72 19.94
N ASP F 287 71.75 18.15 20.18
CA ASP F 287 72.17 19.53 20.02
C ASP F 287 71.93 20.04 18.59
N ARG F 288 72.28 19.21 17.61
CA ARG F 288 72.31 19.60 16.20
C ARG F 288 71.13 19.08 15.36
N VAL F 289 70.05 18.69 16.04
CA VAL F 289 68.84 18.18 15.38
C VAL F 289 67.59 18.83 15.98
N LEU F 290 66.88 19.61 15.16
CA LEU F 290 65.64 20.26 15.58
C LEU F 290 64.39 19.60 14.96
N PHE F 291 63.47 19.17 15.83
CA PHE F 291 62.26 18.47 15.41
C PHE F 291 61.15 19.47 15.06
N LEU F 292 61.31 20.11 13.91
CA LEU F 292 60.37 21.12 13.42
C LEU F 292 58.91 20.69 13.53
N GLY F 293 58.66 19.39 13.32
CA GLY F 293 57.33 18.80 13.48
C GLY F 293 56.31 19.28 12.46
N LYS F 294 55.10 18.73 12.52
CA LYS F 294 54.02 19.14 11.63
C LYS F 294 54.04 20.66 11.50
N GLN F 295 54.04 21.12 10.25
CA GLN F 295 54.03 22.54 9.93
C GLN F 295 53.22 22.74 8.66
N ASP F 296 52.87 23.99 8.38
CA ASP F 296 52.05 24.36 7.24
C ASP F 296 52.52 24.54 5.80
N ASN F 297 53.57 25.34 5.64
CA ASN F 297 54.13 25.66 4.30
C ASN F 297 55.50 25.07 4.41
N VAL F 298 55.83 24.16 3.50
CA VAL F 298 57.10 23.44 3.53
C VAL F 298 58.15 24.00 2.58
N ALA F 299 57.71 24.50 1.43
CA ALA F 299 58.62 25.06 0.43
C ALA F 299 59.53 26.14 1.02
N GLU F 300 59.00 26.91 1.96
CA GLU F 300 59.76 27.92 2.69
C GLU F 300 61.09 27.36 3.20
N LEU F 301 61.01 26.24 3.91
CA LEU F 301 62.17 25.60 4.53
C LEU F 301 62.82 24.54 3.64
N LEU F 302 62.13 24.14 2.57
CA LEU F 302 62.71 23.27 1.56
C LEU F 302 63.73 24.05 0.75
N ALA F 303 63.31 25.21 0.25
CA ALA F 303 64.21 26.09 -0.43
C ALA F 303 65.37 26.64 0.38
N MET F 304 65.35 26.31 1.68
CA MET F 304 66.43 26.59 2.62
C MET F 304 67.51 25.58 2.85
N SER F 305 67.15 24.32 2.61
CA SER F 305 68.02 23.19 2.92
C SER F 305 69.03 22.87 1.82
N ASP F 306 70.07 22.11 2.18
CA ASP F 306 71.16 21.79 1.27
C ASP F 306 71.04 20.38 0.69
N LEU F 307 70.41 19.48 1.43
CA LEU F 307 70.30 18.07 1.04
C LEU F 307 69.10 17.41 1.69
N MET F 308 68.40 16.56 0.93
CA MET F 308 67.23 15.89 1.49
C MET F 308 67.41 14.38 1.57
N LEU F 309 67.05 13.81 2.72
CA LEU F 309 67.21 12.38 2.94
C LEU F 309 65.84 11.75 3.01
N LEU F 310 65.56 10.80 2.12
CA LEU F 310 64.29 10.09 2.12
C LEU F 310 64.59 8.61 2.00
N LEU F 311 64.99 8.00 3.11
CA LEU F 311 65.53 6.65 3.08
C LEU F 311 64.32 5.89 3.62
N SER F 312 63.40 5.54 2.73
CA SER F 312 62.15 4.87 3.10
C SER F 312 62.44 3.45 2.68
N GLU F 313 61.63 2.50 3.16
CA GLU F 313 61.77 1.12 2.75
C GLU F 313 60.67 0.76 1.76
N LYS F 314 59.57 1.50 1.81
CA LYS F 314 58.51 1.38 0.83
C LYS F 314 58.03 2.78 0.46
N GLU F 315 58.19 3.13 -0.81
CA GLU F 315 57.81 4.45 -1.28
C GLU F 315 57.21 4.35 -2.67
N SER F 316 55.89 4.45 -2.73
CA SER F 316 55.16 4.35 -3.99
C SER F 316 55.82 5.30 -5.01
N PHE F 317 55.90 6.58 -4.66
CA PHE F 317 56.49 7.59 -5.54
C PHE F 317 56.76 8.27 -4.19
N GLY F 318 57.17 9.54 -4.22
CA GLY F 318 57.58 10.26 -3.02
C GLY F 318 57.22 11.50 -3.84
N LEU F 319 56.43 12.39 -3.27
CA LEU F 319 56.02 13.63 -3.94
C LEU F 319 56.96 14.76 -3.49
N VAL F 320 57.65 14.55 -2.35
CA VAL F 320 58.66 15.50 -1.89
C VAL F 320 59.92 15.45 -2.72
N LEU F 321 60.12 14.33 -3.41
CA LEU F 321 61.23 14.19 -4.34
C LEU F 321 61.15 15.27 -5.42
N LEU F 322 59.94 15.51 -5.93
CA LEU F 322 59.70 16.62 -6.84
C LEU F 322 59.93 17.93 -6.11
N GLU F 323 59.12 18.16 -5.08
CA GLU F 323 59.12 19.39 -4.28
C GLU F 323 60.52 19.93 -3.98
N ALA F 324 61.41 19.04 -3.55
CA ALA F 324 62.78 19.41 -3.24
C ALA F 324 63.53 19.81 -4.51
N MET F 325 63.49 18.93 -5.50
CA MET F 325 64.24 19.13 -6.72
C MET F 325 63.81 20.38 -7.47
N ALA F 326 62.52 20.71 -7.42
CA ALA F 326 62.02 21.97 -7.99
C ALA F 326 62.54 23.17 -7.19
N CYS F 327 62.74 22.97 -5.88
CA CYS F 327 63.28 23.99 -4.98
C CYS F 327 64.79 24.05 -4.99
N GLY F 328 65.42 23.21 -5.80
CA GLY F 328 66.87 23.21 -5.99
C GLY F 328 67.62 22.53 -4.86
N VAL F 329 67.08 21.41 -4.38
CA VAL F 329 67.64 20.66 -3.25
C VAL F 329 67.98 19.21 -3.64
N PRO F 330 69.28 18.89 -3.76
CA PRO F 330 69.76 17.53 -4.05
C PRO F 330 69.42 16.55 -2.93
N CYS F 331 68.80 15.43 -3.27
CA CYS F 331 68.33 14.48 -2.26
C CYS F 331 68.82 13.04 -2.42
N ILE F 332 69.29 12.48 -1.31
CA ILE F 332 69.69 11.08 -1.26
C ILE F 332 68.49 10.24 -0.90
N GLY F 333 68.21 9.25 -1.72
CA GLY F 333 67.09 8.35 -1.50
C GLY F 333 67.44 6.89 -1.68
N THR F 334 66.59 6.05 -1.11
CA THR F 334 66.72 4.60 -1.23
C THR F 334 66.25 4.14 -2.61
N ARG F 335 66.89 3.10 -3.14
CA ARG F 335 66.49 2.44 -4.40
C ARG F 335 65.24 1.73 -3.89
N VAL F 336 64.08 2.32 -4.09
CA VAL F 336 62.83 1.77 -3.55
C VAL F 336 61.74 2.24 -4.53
N GLY F 337 60.87 1.31 -4.90
CA GLY F 337 59.70 1.59 -5.71
C GLY F 337 59.94 2.58 -6.84
N GLY F 338 59.31 3.74 -6.74
CA GLY F 338 59.35 4.76 -7.79
C GLY F 338 60.26 5.94 -7.51
N ILE F 339 61.31 5.71 -6.71
CA ILE F 339 62.35 6.72 -6.44
C ILE F 339 63.39 6.78 -7.58
N PRO F 340 63.82 5.60 -8.10
CA PRO F 340 64.71 5.59 -9.27
C PRO F 340 64.15 6.27 -10.53
N GLU F 341 62.83 6.42 -10.62
CA GLU F 341 62.19 7.16 -11.74
C GLU F 341 62.29 8.69 -11.56
N VAL F 342 62.69 9.13 -10.37
CA VAL F 342 62.76 10.55 -10.05
C VAL F 342 64.21 11.02 -9.90
N ILE F 343 65.02 10.21 -9.23
CA ILE F 343 66.42 10.55 -9.01
C ILE F 343 67.31 9.87 -10.04
N GLN F 344 68.18 10.64 -10.67
CA GLN F 344 69.19 10.11 -11.59
C GLN F 344 70.53 10.11 -10.87
N HIS F 345 71.10 8.91 -10.62
CA HIS F 345 72.18 8.73 -9.63
C HIS F 345 73.41 9.60 -9.36
N GLY F 346 74.05 10.10 -10.40
CA GLY F 346 75.31 10.81 -10.21
C GLY F 346 74.98 12.21 -10.67
N ASP F 347 73.72 12.44 -11.02
CA ASP F 347 73.27 13.61 -11.77
C ASP F 347 72.27 14.68 -11.34
N THR F 348 71.23 14.27 -10.61
CA THR F 348 70.12 15.17 -10.25
C THR F 348 69.84 14.80 -8.80
N GLY F 349 70.67 13.93 -8.23
CA GLY F 349 70.48 13.46 -6.86
C GLY F 349 71.43 12.34 -6.50
N TYR F 350 70.98 11.43 -5.64
CA TYR F 350 71.76 10.23 -5.27
C TYR F 350 70.86 9.07 -4.84
N LEU F 351 71.23 7.87 -5.28
CA LEU F 351 70.52 6.68 -4.87
C LEU F 351 71.45 5.78 -4.07
N CYS F 352 70.90 5.13 -3.06
CA CYS F 352 71.67 4.29 -2.15
C CYS F 352 70.82 3.14 -1.66
N GLU F 353 71.47 2.02 -1.32
CA GLU F 353 70.75 0.83 -0.87
C GLU F 353 70.04 1.09 0.45
N VAL F 354 68.90 0.43 0.63
CA VAL F 354 68.05 0.65 1.81
C VAL F 354 68.71 0.11 3.09
N GLY F 355 68.63 0.91 4.16
CA GLY F 355 69.14 0.51 5.48
C GLY F 355 70.65 0.65 5.65
N ASP F 356 71.32 1.03 4.56
CA ASP F 356 72.76 1.24 4.54
C ASP F 356 73.07 2.61 5.13
N THR F 357 72.87 2.75 6.45
CA THR F 357 73.01 4.02 7.15
C THR F 357 74.38 4.69 6.95
N THR F 358 75.40 3.88 6.62
CA THR F 358 76.76 4.37 6.40
C THR F 358 77.02 4.82 4.97
N GLY F 359 76.37 4.16 4.01
CA GLY F 359 76.50 4.53 2.58
C GLY F 359 75.91 5.90 2.28
N VAL F 360 74.68 6.13 2.74
CA VAL F 360 74.02 7.44 2.70
C VAL F 360 74.91 8.51 3.29
N ALA F 361 75.35 8.28 4.53
CA ALA F 361 76.20 9.20 5.28
C ALA F 361 77.49 9.49 4.52
N ASP F 362 78.19 8.42 4.13
CA ASP F 362 79.50 8.53 3.50
C ASP F 362 79.45 9.25 2.17
N GLN F 363 78.28 9.17 1.51
CA GLN F 363 78.06 9.88 0.26
C GLN F 363 77.53 11.29 0.52
N ALA F 364 76.84 11.46 1.64
CA ALA F 364 76.25 12.75 2.01
C ALA F 364 77.32 13.77 2.38
N ILE F 365 78.39 13.29 3.00
CA ILE F 365 79.52 14.14 3.39
C ILE F 365 80.40 14.51 2.18
N GLN F 366 80.44 13.60 1.21
CA GLN F 366 81.20 13.79 -0.02
C GLN F 366 80.64 14.91 -0.90
N LEU F 367 79.31 15.10 -0.85
CA LEU F 367 78.64 16.11 -1.67
C LEU F 367 78.73 17.51 -1.11
N LEU F 368 78.63 17.63 0.22
CA LEU F 368 78.67 18.94 0.88
C LEU F 368 80.04 19.61 0.78
N LYS F 369 81.07 18.79 0.51
CA LYS F 369 82.45 19.28 0.37
C LYS F 369 82.78 19.81 -1.03
N ASP F 370 82.52 19.02 -2.08
CA ASP F 370 82.69 19.50 -3.46
C ASP F 370 81.61 20.54 -3.76
N GLU F 371 81.87 21.78 -3.36
CA GLU F 371 80.89 22.86 -3.41
C GLU F 371 80.45 23.24 -4.83
N GLU F 372 81.33 23.02 -5.80
CA GLU F 372 81.00 23.24 -7.21
C GLU F 372 80.02 22.19 -7.72
N LEU F 373 80.05 21.00 -7.12
CA LEU F 373 79.12 19.93 -7.47
C LEU F 373 77.72 20.29 -7.00
N HIS F 374 77.63 20.80 -5.77
CA HIS F 374 76.36 21.21 -5.19
C HIS F 374 75.71 22.36 -5.96
N ARG F 375 76.53 23.13 -6.65
CA ARG F 375 76.02 24.18 -7.53
C ARG F 375 75.28 23.58 -8.71
N ASN F 376 75.80 22.46 -9.23
CA ASN F 376 75.28 21.83 -10.44
C ASN F 376 74.37 20.63 -10.17
N MET F 377 74.82 19.74 -9.28
CA MET F 377 74.02 18.61 -8.81
C MET F 377 72.58 19.07 -8.56
N GLY F 378 72.45 20.18 -7.84
CA GLY F 378 71.16 20.78 -7.56
C GLY F 378 70.57 21.53 -8.73
N GLU F 379 71.41 22.28 -9.46
CA GLU F 379 70.98 23.10 -10.60
C GLU F 379 70.36 22.26 -11.70
N ARG F 380 70.76 21.00 -11.78
CA ARG F 380 70.24 20.07 -12.77
C ARG F 380 68.96 19.37 -12.34
N ALA F 381 68.76 19.22 -11.03
CA ALA F 381 67.53 18.64 -10.51
C ALA F 381 66.35 19.48 -10.97
N ARG F 382 66.51 20.79 -10.92
CA ARG F 382 65.50 21.72 -11.39
C ARG F 382 65.46 21.81 -12.92
N GLU F 383 66.45 21.22 -13.59
CA GLU F 383 66.39 21.01 -15.05
C GLU F 383 65.52 19.79 -15.38
N SER F 384 65.72 18.70 -14.63
CA SER F 384 65.02 17.42 -14.86
C SER F 384 63.55 17.45 -14.46
N VAL F 385 63.23 18.16 -13.39
CA VAL F 385 61.85 18.36 -12.96
C VAL F 385 61.02 18.99 -14.08
N TYR F 386 61.58 20.02 -14.72
CA TYR F 386 60.90 20.68 -15.83
C TYR F 386 60.63 19.71 -16.98
N GLU F 387 61.68 19.20 -17.60
CA GLU F 387 61.57 18.28 -18.73
C GLU F 387 60.54 17.16 -18.48
N GLN F 388 60.69 16.48 -17.34
CA GLN F 388 59.91 15.27 -17.04
C GLN F 388 58.48 15.53 -16.54
N PHE F 389 58.34 16.29 -15.45
CA PHE F 389 57.04 16.42 -14.80
C PHE F 389 56.43 17.82 -14.75
N ARG F 390 56.73 18.66 -15.74
CA ARG F 390 56.13 20.01 -15.74
C ARG F 390 54.64 20.08 -15.66
N SER F 391 54.14 21.23 -15.21
CA SER F 391 52.68 21.51 -15.11
C SER F 391 51.83 21.23 -16.35
N GLU F 392 52.24 21.74 -17.51
CA GLU F 392 51.47 21.62 -18.76
C GLU F 392 51.59 20.19 -19.29
N LYS F 393 52.81 19.65 -19.27
CA LYS F 393 53.12 18.36 -19.89
C LYS F 393 52.20 17.25 -19.40
N ILE F 394 52.12 17.12 -18.08
CA ILE F 394 51.31 16.09 -17.41
C ILE F 394 49.82 16.34 -17.63
N VAL F 395 49.43 17.60 -17.56
CA VAL F 395 48.04 18.02 -17.74
C VAL F 395 47.54 17.76 -19.16
N SER F 396 48.46 17.69 -20.11
CA SER F 396 48.11 17.40 -21.51
C SER F 396 47.92 15.91 -21.78
N GLN F 397 48.66 15.06 -21.06
CA GLN F 397 48.53 13.60 -21.18
C GLN F 397 47.20 13.13 -20.63
N TYR F 398 46.80 13.70 -19.50
CA TYR F 398 45.45 13.48 -18.96
C TYR F 398 44.41 14.00 -19.96
N GLU F 399 44.65 15.22 -20.46
CA GLU F 399 43.76 15.87 -21.45
C GLU F 399 43.52 15.01 -22.69
N THR F 400 44.57 14.33 -23.15
CA THR F 400 44.45 13.50 -24.34
C THR F 400 43.84 12.13 -24.02
N ILE F 401 43.92 11.71 -22.75
CA ILE F 401 43.27 10.49 -22.31
C ILE F 401 41.75 10.68 -22.24
N TYR F 402 41.30 11.92 -22.03
CA TYR F 402 39.88 12.25 -22.07
C TYR F 402 39.31 11.99 -23.45
N TYR F 403 39.77 12.76 -24.43
CA TYR F 403 39.28 12.62 -25.81
C TYR F 403 39.43 11.19 -26.31
N ASP F 404 40.60 10.58 -26.06
CA ASP F 404 40.86 9.21 -26.50
C ASP F 404 39.80 8.22 -26.04
N VAL F 405 39.39 8.34 -24.77
CA VAL F 405 38.33 7.49 -24.25
C VAL F 405 36.88 7.77 -24.71
N LEU F 406 36.74 8.69 -25.66
CA LEU F 406 35.43 8.98 -26.25
C LEU F 406 35.12 8.59 -27.70
N ARG F 407 36.09 7.96 -28.36
CA ARG F 407 35.89 7.43 -29.71
C ARG F 407 35.01 6.16 -29.66
N ASP F 408 34.06 6.08 -30.58
CA ASP F 408 33.14 4.93 -30.73
C ASP F 408 32.16 4.66 -29.58
N ASP F 409 31.89 5.68 -28.76
CA ASP F 409 30.97 5.55 -27.63
C ASP F 409 29.90 6.64 -27.63
N LYS G 35 18.20 -21.59 72.32
CA LYS G 35 19.30 -20.78 72.94
C LYS G 35 20.34 -20.30 71.92
N LEU G 36 20.03 -20.48 70.64
CA LEU G 36 20.98 -20.19 69.54
C LEU G 36 20.57 -18.99 68.67
N LYS G 37 21.52 -18.10 68.42
CA LYS G 37 21.32 -16.95 67.53
C LYS G 37 21.59 -17.36 66.09
N ILE G 38 20.55 -17.39 65.26
CA ILE G 38 20.60 -18.02 63.93
C ILE G 38 20.30 -17.09 62.75
N GLY G 39 21.25 -16.95 61.85
CA GLY G 39 21.04 -16.22 60.59
C GLY G 39 20.45 -17.12 59.52
N ILE G 40 19.66 -16.54 58.62
CA ILE G 40 18.99 -17.29 57.56
C ILE G 40 18.92 -16.49 56.26
N THR G 41 19.11 -17.16 55.13
CA THR G 41 19.03 -16.50 53.83
C THR G 41 18.34 -17.34 52.76
N CYS G 42 17.64 -16.66 51.85
CA CYS G 42 16.88 -17.29 50.76
C CYS G 42 16.23 -16.07 50.12
N TYR G 43 15.49 -16.28 49.04
CA TYR G 43 14.62 -15.26 48.46
C TYR G 43 13.27 -14.85 49.04
N PRO G 44 13.01 -13.53 49.14
CA PRO G 44 11.88 -12.95 49.87
C PRO G 44 10.66 -13.86 50.01
N GLY G 48 8.87 -20.70 44.11
CA GLY G 48 10.27 -20.46 44.40
C GLY G 48 10.92 -21.57 45.18
N SER G 49 12.16 -21.34 45.60
CA SER G 49 12.94 -22.31 46.39
C SER G 49 13.14 -21.81 47.83
N GLY G 50 13.44 -20.51 47.96
CA GLY G 50 13.64 -19.88 49.25
C GLY G 50 12.38 -19.77 50.08
N VAL G 51 11.24 -20.11 49.47
CA VAL G 51 9.94 -20.14 50.15
C VAL G 51 9.95 -21.06 51.39
N VAL G 52 10.74 -22.13 51.33
CA VAL G 52 10.84 -23.09 52.42
C VAL G 52 11.76 -22.58 53.53
N GLY G 53 12.72 -21.73 53.15
CA GLY G 53 13.65 -21.13 54.11
C GLY G 53 13.00 -20.14 55.07
N THR G 54 11.99 -19.42 54.58
CA THR G 54 11.25 -18.42 55.36
C THR G 54 10.39 -19.05 56.45
N GLU G 55 9.65 -20.11 56.08
CA GLU G 55 8.81 -20.83 57.02
C GLU G 55 9.66 -21.42 58.15
N LEU G 56 10.87 -21.87 57.81
CA LEU G 56 11.82 -22.37 58.79
C LEU G 56 12.10 -21.34 59.89
N GLY G 57 12.14 -20.06 59.50
CA GLY G 57 12.38 -18.97 60.44
C GLY G 57 11.30 -18.85 61.50
N LYS G 58 10.05 -19.02 61.09
CA LYS G 58 8.90 -18.96 62.00
C LYS G 58 8.99 -20.04 63.07
N GLN G 59 9.09 -21.30 62.63
CA GLN G 59 9.06 -22.47 63.52
C GLN G 59 10.29 -22.60 64.41
N LEU G 60 11.42 -22.07 63.96
CA LEU G 60 12.64 -22.04 64.77
C LEU G 60 12.48 -21.04 65.92
N ALA G 61 12.06 -19.82 65.58
CA ALA G 61 11.85 -18.76 66.57
C ALA G 61 10.96 -19.12 67.76
N GLU G 62 10.00 -20.03 67.52
CA GLU G 62 9.00 -20.44 68.52
C GLU G 62 9.63 -21.43 69.50
N ARG G 63 10.60 -22.21 69.03
CA ARG G 63 11.28 -23.18 69.88
C ARG G 63 12.41 -22.43 70.62
N GLY G 64 12.10 -21.24 71.11
CA GLY G 64 13.05 -20.43 71.86
C GLY G 64 14.36 -20.03 71.20
N HIS G 65 14.29 -19.69 69.91
CA HIS G 65 15.47 -19.30 69.13
C HIS G 65 15.40 -17.85 68.66
N GLU G 66 16.57 -17.23 68.55
CA GLU G 66 16.72 -15.91 67.98
C GLU G 66 17.01 -16.06 66.48
N ILE G 67 16.22 -15.39 65.64
CA ILE G 67 16.31 -15.55 64.18
C ILE G 67 16.65 -14.24 63.46
N HIS G 68 17.59 -14.32 62.52
CA HIS G 68 18.02 -13.16 61.75
C HIS G 68 17.91 -13.41 60.25
N PHE G 69 16.98 -12.71 59.61
CA PHE G 69 16.77 -12.82 58.17
C PHE G 69 17.64 -11.83 57.42
N ILE G 70 18.14 -12.24 56.26
CA ILE G 70 19.03 -11.43 55.43
C ILE G 70 18.69 -11.66 53.96
N THR G 71 18.38 -10.58 53.23
CA THR G 71 18.08 -10.67 51.79
C THR G 71 17.94 -9.28 51.16
N SER G 72 17.55 -9.22 49.89
CA SER G 72 17.29 -7.95 49.21
C SER G 72 15.81 -7.61 49.10
N GLY G 73 15.01 -8.17 50.01
CA GLY G 73 13.55 -7.95 50.04
C GLY G 73 12.86 -8.63 51.20
N VAL G 81 4.08 -9.90 62.57
CA VAL G 81 5.04 -9.33 63.51
C VAL G 81 5.41 -10.34 64.61
N TYR G 82 6.27 -11.30 64.25
CA TYR G 82 6.75 -12.33 65.18
C TYR G 82 7.68 -11.76 66.27
N PRO G 83 7.83 -12.49 67.39
CA PRO G 83 8.66 -12.04 68.53
C PRO G 83 10.12 -11.62 68.55
N ASN G 84 11.04 -12.54 68.26
CA ASN G 84 12.47 -12.24 68.36
C ASN G 84 12.80 -12.82 66.97
N ILE G 85 12.38 -12.12 65.93
CA ILE G 85 12.89 -12.37 64.58
C ILE G 85 13.18 -10.95 64.10
N TYR G 86 14.11 -10.82 63.15
CA TYR G 86 14.50 -9.51 62.65
C TYR G 86 14.70 -9.53 61.13
N PHE G 87 15.05 -8.38 60.57
CA PHE G 87 15.32 -8.24 59.15
C PHE G 87 16.56 -7.39 58.88
N HIS G 88 17.25 -7.69 57.79
CA HIS G 88 18.45 -6.96 57.37
C HIS G 88 18.39 -6.79 55.85
N GLU G 89 18.22 -5.54 55.41
CA GLU G 89 17.72 -5.27 54.06
C GLU G 89 18.67 -5.46 52.87
N VAL G 90 19.98 -5.37 53.10
CA VAL G 90 20.99 -5.51 52.02
C VAL G 90 20.96 -4.66 50.75
N THR G 91 21.05 -3.35 50.93
CA THR G 91 20.95 -2.41 49.81
C THR G 91 21.73 -2.95 48.61
N VAL G 92 21.07 -2.96 47.45
CA VAL G 92 21.71 -3.29 46.19
C VAL G 92 21.56 -1.98 45.40
N ASN G 93 21.73 -0.89 46.15
CA ASN G 93 21.82 0.50 45.70
C ASN G 93 23.03 0.99 44.90
N GLN G 94 24.21 0.50 45.25
CA GLN G 94 25.46 1.14 44.82
C GLN G 94 25.93 0.82 43.43
N TYR G 95 25.27 1.37 42.41
CA TYR G 95 25.75 1.21 41.06
C TYR G 95 26.27 2.52 40.48
N SER G 96 27.52 2.50 40.06
CA SER G 96 28.14 3.63 39.39
C SER G 96 28.45 3.15 38.00
N VAL G 97 29.18 2.03 37.96
CA VAL G 97 29.41 1.33 36.72
C VAL G 97 28.31 0.29 36.75
N PHE G 98 27.26 0.61 36.00
CA PHE G 98 25.99 -0.08 36.01
C PHE G 98 25.98 -1.42 35.31
N GLN G 99 27.02 -1.78 34.59
CA GLN G 99 26.87 -2.89 33.70
C GLN G 99 26.34 -3.99 34.55
N TYR G 100 26.94 -4.16 35.71
CA TYR G 100 26.47 -5.15 36.65
C TYR G 100 26.39 -4.57 38.05
N PRO G 101 25.25 -4.70 38.72
CA PRO G 101 25.19 -4.27 40.12
C PRO G 101 25.69 -5.37 41.07
N PRO G 102 26.75 -5.08 41.83
CA PRO G 102 27.38 -6.05 42.73
C PRO G 102 26.48 -6.40 43.91
N TYR G 103 25.53 -7.31 43.68
CA TYR G 103 24.63 -7.75 44.74
C TYR G 103 25.32 -8.74 45.67
N ASP G 104 25.95 -9.75 45.07
CA ASP G 104 26.63 -10.79 45.83
C ASP G 104 27.51 -10.19 46.91
N LEU G 105 28.48 -9.37 46.47
CA LEU G 105 29.48 -8.78 47.36
C LEU G 105 28.87 -7.83 48.39
N ALA G 106 27.70 -7.28 48.07
CA ALA G 106 26.93 -6.52 49.04
C ALA G 106 26.32 -7.47 50.06
N LEU G 107 25.71 -8.56 49.58
CA LEU G 107 25.09 -9.58 50.42
C LEU G 107 26.11 -10.25 51.34
N ALA G 108 27.28 -10.56 50.78
CA ALA G 108 28.39 -11.16 51.53
C ALA G 108 28.88 -10.26 52.65
N SER G 109 28.77 -8.96 52.45
CA SER G 109 29.16 -8.01 53.46
C SER G 109 28.16 -7.97 54.62
N LYS G 110 26.87 -7.80 54.30
CA LYS G 110 25.84 -7.68 55.33
C LYS G 110 25.85 -8.88 56.27
N MET G 111 25.95 -10.08 55.71
CA MET G 111 26.11 -11.30 56.49
C MET G 111 27.23 -11.15 57.49
N ALA G 112 28.42 -10.78 57.00
CA ALA G 112 29.62 -10.62 57.82
C ALA G 112 29.38 -9.62 58.94
N GLU G 113 28.96 -8.40 58.57
CA GLU G 113 28.72 -7.33 59.54
C GLU G 113 27.63 -7.69 60.56
N VAL G 114 26.64 -8.47 60.12
CA VAL G 114 25.55 -8.91 61.00
C VAL G 114 26.04 -9.93 62.03
N ALA G 115 26.69 -10.99 61.54
CA ALA G 115 27.19 -12.08 62.39
C ALA G 115 28.35 -11.65 63.28
N GLN G 116 29.05 -10.60 62.87
CA GLN G 116 30.14 -10.03 63.64
C GLN G 116 29.62 -9.16 64.79
N ARG G 117 28.40 -8.64 64.61
CA ARG G 117 27.81 -7.70 65.57
C ARG G 117 26.88 -8.40 66.55
N GLU G 118 26.07 -9.32 66.03
CA GLU G 118 25.10 -10.05 66.83
C GLU G 118 25.69 -11.32 67.46
N ASN G 119 27.00 -11.52 67.26
CA ASN G 119 27.70 -12.71 67.77
C ASN G 119 27.01 -14.02 67.38
N LEU G 120 26.61 -14.11 66.11
CA LEU G 120 25.82 -15.24 65.62
C LEU G 120 26.50 -16.59 65.80
N ASP G 121 25.70 -17.63 66.00
CA ASP G 121 26.20 -19.00 66.19
C ASP G 121 26.23 -19.74 64.86
N ILE G 122 25.10 -19.73 64.16
CA ILE G 122 24.91 -20.49 62.93
C ILE G 122 24.54 -19.57 61.77
N LEU G 123 25.09 -19.83 60.59
CA LEU G 123 24.66 -19.14 59.39
C LEU G 123 24.05 -20.14 58.42
N HIS G 124 22.79 -19.91 58.05
CA HIS G 124 22.05 -20.85 57.21
C HIS G 124 21.67 -20.26 55.87
N VAL G 125 22.09 -20.95 54.81
CA VAL G 125 21.89 -20.50 53.45
C VAL G 125 20.96 -21.46 52.71
N HIS G 126 20.07 -20.90 51.88
CA HIS G 126 19.09 -21.70 51.17
C HIS G 126 19.13 -21.78 49.65
N TYR G 127 20.31 -21.55 49.09
CA TYR G 127 20.59 -21.86 47.69
C TYR G 127 22.08 -22.11 47.39
N ALA G 128 22.38 -22.74 46.26
CA ALA G 128 23.73 -23.22 45.98
C ALA G 128 24.74 -22.13 45.67
N ILE G 129 24.47 -21.34 44.63
CA ILE G 129 25.50 -20.43 44.10
C ILE G 129 25.65 -19.01 44.69
N PRO G 130 24.56 -18.22 44.80
CA PRO G 130 24.77 -16.82 45.19
C PRO G 130 24.92 -16.69 46.71
N HIS G 131 24.82 -17.79 47.45
CA HIS G 131 24.83 -17.71 48.92
C HIS G 131 25.84 -18.56 49.71
N ALA G 132 26.29 -19.69 49.15
CA ALA G 132 27.31 -20.51 49.80
C ALA G 132 28.66 -19.87 49.54
N ILE G 133 28.75 -19.15 48.43
CA ILE G 133 29.91 -18.35 48.06
C ILE G 133 29.94 -17.08 48.92
N CYS G 134 28.79 -16.42 49.05
CA CYS G 134 28.65 -15.23 49.89
C CYS G 134 29.02 -15.49 51.35
N ALA G 135 28.66 -16.68 51.83
CA ALA G 135 28.96 -17.09 53.21
C ALA G 135 30.46 -17.26 53.47
N TYR G 136 31.17 -17.94 52.56
CA TYR G 136 32.61 -18.15 52.70
C TYR G 136 33.36 -16.85 52.94
N LEU G 137 33.01 -15.81 52.18
CA LEU G 137 33.66 -14.52 52.28
C LEU G 137 33.35 -13.86 53.61
N ALA G 138 32.09 -13.97 54.05
CA ALA G 138 31.66 -13.42 55.32
C ALA G 138 32.45 -14.01 56.48
N LYS G 139 32.45 -15.34 56.58
CA LYS G 139 33.25 -16.09 57.54
C LYS G 139 34.74 -15.70 57.49
N GLN G 140 35.30 -15.66 56.29
CA GLN G 140 36.70 -15.29 56.07
C GLN G 140 37.02 -13.86 56.48
N MET G 141 36.01 -13.00 56.50
CA MET G 141 36.20 -11.62 56.90
C MET G 141 36.18 -11.46 58.41
N ILE G 142 35.26 -12.15 59.06
CA ILE G 142 35.04 -12.00 60.51
C ILE G 142 35.81 -13.04 61.34
N GLY G 143 36.90 -13.54 60.75
CA GLY G 143 37.78 -14.49 61.45
C GLY G 143 37.41 -15.92 61.77
N GLU G 144 36.38 -16.44 61.09
CA GLU G 144 35.91 -17.83 61.22
C GLU G 144 35.32 -18.30 62.56
N ARG G 145 34.62 -17.39 63.23
CA ARG G 145 33.95 -17.68 64.50
C ARG G 145 32.59 -18.37 64.27
N ILE G 146 32.20 -18.50 63.01
CA ILE G 146 30.85 -18.94 62.65
C ILE G 146 30.83 -20.30 61.92
N LYS G 147 29.75 -21.05 62.14
CA LYS G 147 29.50 -22.30 61.40
C LYS G 147 28.51 -22.06 60.25
N ILE G 148 28.82 -22.63 59.08
CA ILE G 148 28.02 -22.43 57.87
C ILE G 148 27.30 -23.69 57.45
N VAL G 149 25.98 -23.57 57.29
CA VAL G 149 25.15 -24.67 56.81
C VAL G 149 24.59 -24.27 55.45
N THR G 150 24.71 -25.15 54.46
CA THR G 150 24.16 -24.91 53.13
C THR G 150 23.12 -25.98 52.79
N THR G 151 21.95 -25.55 52.34
CA THR G 151 20.92 -26.50 51.95
C THR G 151 20.70 -26.44 50.45
N LEU G 152 21.06 -27.53 49.77
CA LEU G 152 20.93 -27.62 48.32
C LEU G 152 19.48 -27.96 48.00
N HIS G 153 18.80 -26.97 47.43
CA HIS G 153 17.47 -27.14 46.88
C HIS G 153 17.74 -27.47 45.44
N GLY G 154 16.76 -27.93 44.70
CA GLY G 154 17.03 -28.44 43.37
C GLY G 154 17.56 -27.66 42.19
N THR G 155 17.06 -26.47 41.93
CA THR G 155 17.40 -25.82 40.67
C THR G 155 18.87 -25.56 40.53
N ASP G 156 19.51 -25.17 41.60
CA ASP G 156 20.90 -24.77 41.53
C ASP G 156 21.80 -25.89 41.07
N ILE G 157 21.51 -27.11 41.47
CA ILE G 157 22.40 -28.20 41.10
C ILE G 157 22.24 -28.85 39.72
N THR G 158 20.99 -29.12 39.33
CA THR G 158 20.69 -29.86 38.10
C THR G 158 20.87 -28.92 36.91
N VAL G 159 20.60 -27.62 37.11
CA VAL G 159 20.66 -26.64 36.01
C VAL G 159 21.86 -25.71 35.81
N LEU G 160 22.35 -25.10 36.89
CA LEU G 160 23.46 -24.15 36.83
C LEU G 160 24.74 -25.01 36.94
N GLY G 161 24.60 -26.24 37.43
CA GLY G 161 25.72 -27.17 37.56
C GLY G 161 26.26 -27.66 36.23
N SER G 162 25.37 -27.82 35.25
CA SER G 162 25.77 -28.20 33.89
C SER G 162 26.63 -27.12 33.22
N ASP G 163 26.28 -25.85 33.47
CA ASP G 163 27.01 -24.69 32.98
C ASP G 163 28.47 -25.01 33.34
N PRO G 164 29.37 -24.93 32.34
CA PRO G 164 30.77 -25.38 32.43
C PRO G 164 31.54 -24.51 33.43
N SER G 165 31.19 -23.22 33.50
CA SER G 165 31.92 -22.26 34.33
C SER G 165 31.59 -22.34 35.82
N LEU G 166 30.30 -22.45 36.15
CA LEU G 166 29.86 -22.40 37.54
C LEU G 166 30.12 -23.69 38.32
N ASN G 167 30.60 -24.73 37.63
CA ASN G 167 30.81 -26.04 38.23
C ASN G 167 31.82 -26.07 39.36
N ASN G 168 33.01 -25.53 39.11
CA ASN G 168 34.09 -25.54 40.11
C ASN G 168 33.81 -24.62 41.29
N LEU G 169 32.85 -23.73 41.13
CA LEU G 169 32.41 -22.83 42.20
C LEU G 169 31.37 -23.52 43.10
N ILE G 170 30.33 -24.09 42.49
CA ILE G 170 29.32 -24.87 43.21
C ILE G 170 30.01 -25.90 44.10
N ARG G 171 30.99 -26.59 43.54
CA ARG G 171 31.84 -27.52 44.29
C ARG G 171 32.50 -26.84 45.49
N PHE G 172 33.05 -25.65 45.29
CA PHE G 172 33.76 -24.91 46.33
C PHE G 172 32.82 -24.33 47.40
N GLY G 173 31.61 -23.98 46.98
CA GLY G 173 30.59 -23.50 47.91
C GLY G 173 30.16 -24.58 48.89
N ILE G 174 30.23 -25.84 48.45
CA ILE G 174 29.83 -27.00 49.25
C ILE G 174 30.97 -27.53 50.14
N GLU G 175 32.08 -27.87 49.52
CA GLU G 175 33.23 -28.42 50.24
C GLU G 175 33.58 -27.54 51.42
N GLN G 176 33.55 -26.23 51.21
CA GLN G 176 34.04 -25.27 52.20
C GLN G 176 33.00 -24.88 53.25
N SER G 177 31.85 -25.53 53.21
CA SER G 177 30.82 -25.36 54.24
C SER G 177 31.12 -26.21 55.48
N ASP G 178 30.35 -25.98 56.54
CA ASP G 178 30.49 -26.77 57.77
C ASP G 178 29.56 -27.97 57.74
N VAL G 179 28.35 -27.77 57.23
CA VAL G 179 27.35 -28.83 57.08
C VAL G 179 26.58 -28.62 55.80
N VAL G 180 26.31 -29.72 55.11
CA VAL G 180 25.51 -29.66 53.89
C VAL G 180 24.32 -30.63 53.93
N THR G 181 23.13 -30.06 53.82
CA THR G 181 21.89 -30.83 53.73
C THR G 181 21.32 -30.74 52.31
N ALA G 182 20.39 -31.64 51.98
CA ALA G 182 19.73 -31.62 50.67
C ALA G 182 18.21 -31.78 50.90
N VAL G 183 17.45 -31.89 49.82
CA VAL G 183 16.01 -32.18 49.90
C VAL G 183 15.50 -33.51 49.38
N SER G 184 16.42 -34.38 48.96
CA SER G 184 16.08 -35.74 48.52
C SER G 184 17.33 -36.58 48.34
N HIS G 185 17.16 -37.91 48.42
CA HIS G 185 18.23 -38.86 48.13
C HIS G 185 18.68 -38.72 46.67
N SER G 186 17.75 -38.28 45.82
CA SER G 186 17.99 -38.12 44.39
C SER G 186 18.96 -36.99 44.12
N LEU G 187 18.62 -35.80 44.60
CA LEU G 187 19.42 -34.60 44.43
C LEU G 187 20.83 -34.74 45.02
N ILE G 188 20.97 -35.60 46.03
CA ILE G 188 22.27 -35.92 46.59
C ILE G 188 23.09 -36.68 45.54
N ASN G 189 22.44 -37.60 44.84
CA ASN G 189 23.12 -38.38 43.80
C ASN G 189 23.53 -37.56 42.57
N GLU G 190 22.76 -36.50 42.28
CA GLU G 190 23.07 -35.59 41.16
C GLU G 190 24.35 -34.82 41.42
N THR G 191 24.41 -34.17 42.59
CA THR G 191 25.60 -33.43 43.03
C THR G 191 26.88 -34.25 42.83
N HIS G 192 26.85 -35.52 43.21
CA HIS G 192 28.02 -36.36 43.12
C HIS G 192 28.30 -36.86 41.70
N GLU G 193 27.38 -36.58 40.77
CA GLU G 193 27.67 -36.75 39.35
C GLU G 193 28.18 -35.46 38.71
N LEU G 194 27.39 -34.39 38.83
CA LEU G 194 27.68 -33.16 38.09
C LEU G 194 28.74 -32.34 38.81
N VAL G 195 28.75 -32.39 40.14
CA VAL G 195 29.64 -31.56 40.94
C VAL G 195 30.83 -32.34 41.52
N LYS G 196 30.56 -33.56 41.99
CA LYS G 196 31.59 -34.40 42.62
C LYS G 196 32.36 -33.67 43.72
N PRO G 197 31.66 -33.20 44.78
CA PRO G 197 32.41 -32.59 45.87
C PRO G 197 33.06 -33.65 46.75
N ASN G 198 34.02 -33.21 47.55
CA ASN G 198 34.64 -34.05 48.57
C ASN G 198 33.99 -33.96 49.95
N LYS G 199 32.71 -33.62 49.96
CA LYS G 199 31.95 -33.42 51.18
C LYS G 199 30.70 -34.29 51.22
N ASP G 200 30.53 -35.06 52.29
CA ASP G 200 29.32 -35.87 52.45
C ASP G 200 28.12 -34.98 52.71
N ILE G 201 27.09 -35.17 51.90
CA ILE G 201 25.83 -34.43 52.03
C ILE G 201 24.69 -35.38 52.40
N GLN G 202 23.91 -34.99 53.41
CA GLN G 202 22.82 -35.82 53.95
C GLN G 202 21.42 -35.33 53.54
N THR G 203 20.44 -36.24 53.56
CA THR G 203 19.06 -35.95 53.13
C THR G 203 18.21 -35.35 54.25
N VAL G 204 17.53 -34.24 53.93
CA VAL G 204 16.60 -33.55 54.82
C VAL G 204 15.53 -32.88 53.95
N TYR G 205 14.34 -33.47 53.89
CA TYR G 205 13.28 -33.07 52.93
C TYR G 205 12.73 -31.65 53.09
N ASN G 206 11.80 -31.29 52.21
CA ASN G 206 11.09 -30.01 52.29
C ASN G 206 9.64 -30.17 52.76
N PHE G 207 9.26 -29.36 53.74
CA PHE G 207 7.92 -29.42 54.32
C PHE G 207 6.97 -28.43 53.65
N ILE G 208 5.69 -28.74 53.70
CA ILE G 208 4.67 -27.84 53.17
C ILE G 208 3.86 -27.24 54.33
N ASP G 209 3.22 -26.10 54.07
CA ASP G 209 2.44 -25.43 55.12
C ASP G 209 1.02 -25.99 55.22
N GLU G 210 0.70 -26.54 56.39
CA GLU G 210 -0.62 -27.15 56.63
C GLU G 210 -1.74 -26.11 56.56
N ARG G 211 -1.50 -24.93 57.14
CA ARG G 211 -2.50 -23.88 57.21
C ARG G 211 -2.87 -23.30 55.85
N VAL G 212 -2.05 -23.61 54.84
CA VAL G 212 -2.29 -23.15 53.48
C VAL G 212 -2.87 -24.27 52.60
N TYR G 213 -2.58 -25.52 52.96
CA TYR G 213 -3.01 -26.66 52.15
C TYR G 213 -3.80 -27.69 52.96
N PHE G 214 -5.01 -27.99 52.47
CA PHE G 214 -5.90 -28.99 53.06
C PHE G 214 -7.13 -29.19 52.16
N LYS G 215 -7.83 -30.32 52.34
CA LYS G 215 -9.12 -30.53 51.68
C LYS G 215 -10.06 -29.39 52.06
N ARG G 216 -10.63 -28.73 51.05
CA ARG G 216 -11.37 -27.51 51.29
C ARG G 216 -12.72 -27.48 50.56
N ASP G 217 -13.49 -26.42 50.83
CA ASP G 217 -14.77 -26.15 50.18
C ASP G 217 -14.58 -25.51 48.82
N MET G 218 -15.54 -25.73 47.94
CA MET G 218 -15.55 -25.10 46.63
C MET G 218 -16.95 -24.58 46.29
N THR G 219 -17.19 -23.29 46.54
CA THR G 219 -18.50 -22.69 46.22
C THR G 219 -18.70 -21.73 45.06
N GLN G 220 -17.74 -20.83 44.86
CA GLN G 220 -17.84 -19.78 43.84
C GLN G 220 -16.83 -20.20 42.77
N LEU G 221 -15.69 -20.74 43.18
CA LEU G 221 -14.64 -21.15 42.24
C LEU G 221 -15.01 -22.38 41.40
N LYS G 222 -16.00 -23.15 41.85
CA LYS G 222 -16.55 -24.25 41.04
C LYS G 222 -17.20 -23.68 39.79
N LYS G 223 -18.16 -22.78 40.00
CA LYS G 223 -18.99 -22.24 38.93
C LYS G 223 -18.42 -20.96 38.30
N GLU G 224 -17.38 -20.39 38.93
CA GLU G 224 -16.73 -19.16 38.43
C GLU G 224 -16.11 -19.36 37.06
N TYR G 225 -15.33 -20.43 36.89
CA TYR G 225 -14.68 -20.74 35.62
C TYR G 225 -15.57 -21.59 34.71
N GLY G 226 -16.83 -21.73 35.15
CA GLY G 226 -17.86 -22.62 34.61
C GLY G 226 -17.56 -24.11 34.64
N ILE G 227 -17.20 -24.64 35.80
CA ILE G 227 -16.68 -26.02 35.92
C ILE G 227 -17.48 -27.20 36.48
N SER G 228 -18.77 -27.10 36.70
CA SER G 228 -19.51 -28.14 37.44
C SER G 228 -19.63 -29.60 36.91
N GLU G 229 -19.73 -29.74 35.61
CA GLU G 229 -20.35 -30.85 34.89
C GLU G 229 -19.85 -32.13 35.59
N SER G 230 -20.59 -32.53 36.62
CA SER G 230 -20.35 -33.77 37.38
C SER G 230 -18.91 -33.95 37.85
N GLU G 231 -18.30 -32.86 38.32
CA GLU G 231 -16.90 -32.83 38.75
C GLU G 231 -15.86 -33.19 37.67
N LYS G 232 -14.98 -34.13 38.01
CA LYS G 232 -13.93 -34.67 37.11
C LYS G 232 -12.83 -33.94 36.35
N ILE G 233 -12.11 -33.07 37.06
CA ILE G 233 -11.03 -32.27 36.48
C ILE G 233 -9.56 -32.58 36.78
N LEU G 234 -8.67 -32.20 35.86
CA LEU G 234 -7.24 -32.42 35.99
C LEU G 234 -6.45 -31.11 35.96
N ILE G 235 -5.30 -31.09 36.65
CA ILE G 235 -4.46 -29.88 36.75
C ILE G 235 -2.95 -30.09 36.71
N HIS G 236 -2.26 -29.24 35.93
CA HIS G 236 -0.80 -29.25 35.88
C HIS G 236 -0.07 -28.41 36.94
N ILE G 237 -0.39 -27.13 36.96
CA ILE G 237 0.19 -26.26 37.93
C ILE G 237 1.67 -26.43 37.76
N SER G 238 2.07 -26.63 36.53
CA SER G 238 3.46 -26.86 36.21
C SER G 238 4.08 -25.58 35.79
N ASN G 239 5.36 -25.43 36.09
CA ASN G 239 6.05 -24.25 35.69
C ASN G 239 5.97 -24.47 34.24
N PHE G 240 6.18 -23.42 33.49
CA PHE G 240 6.14 -23.45 32.05
C PHE G 240 7.46 -23.40 31.38
N ARG G 241 8.12 -24.50 31.16
CA ARG G 241 9.42 -24.42 30.55
C ARG G 241 9.48 -25.68 29.77
N LYS G 242 10.43 -25.75 28.85
CA LYS G 242 10.49 -26.85 27.93
C LYS G 242 10.64 -28.20 28.60
N VAL G 243 11.41 -28.23 29.68
CA VAL G 243 11.71 -29.45 30.44
C VAL G 243 10.49 -30.01 31.17
N LYS G 244 9.58 -29.11 31.57
CA LYS G 244 8.39 -29.49 32.34
C LYS G 244 7.37 -30.32 31.55
N ARG G 245 7.67 -30.54 30.28
CA ARG G 245 6.91 -31.46 29.41
C ARG G 245 5.41 -31.14 29.32
N VAL G 246 5.05 -29.87 29.40
CA VAL G 246 3.64 -29.45 29.33
C VAL G 246 2.93 -30.09 28.13
N GLN G 247 3.73 -30.44 27.12
CA GLN G 247 3.24 -31.10 25.91
C GLN G 247 2.52 -32.42 26.21
N ASP G 248 2.98 -33.13 27.25
CA ASP G 248 2.47 -34.46 27.60
C ASP G 248 1.20 -34.42 28.45
N VAL G 249 0.96 -33.31 29.12
CA VAL G 249 -0.26 -33.13 29.90
C VAL G 249 -1.44 -32.90 28.95
N VAL G 250 -1.14 -32.54 27.72
CA VAL G 250 -2.15 -32.34 26.69
C VAL G 250 -2.22 -33.53 25.73
N GLN G 251 -1.06 -34.00 25.27
CA GLN G 251 -1.00 -35.12 24.32
C GLN G 251 -1.59 -36.41 24.86
N ALA G 252 -1.51 -36.58 26.18
CA ALA G 252 -2.13 -37.71 26.87
C ALA G 252 -3.55 -37.38 27.32
N PHE G 253 -3.91 -36.10 27.30
CA PHE G 253 -5.26 -35.65 27.69
C PHE G 253 -6.32 -36.09 26.68
N ALA G 254 -5.98 -36.05 25.39
CA ALA G 254 -6.90 -36.47 24.33
C ALA G 254 -7.21 -37.97 24.38
N LYS G 255 -6.21 -38.75 24.79
CA LYS G 255 -6.37 -40.20 24.99
C LYS G 255 -7.23 -40.50 26.22
N ILE G 256 -7.20 -39.59 27.20
CA ILE G 256 -7.92 -39.75 28.46
C ILE G 256 -9.34 -39.20 28.37
N VAL G 257 -9.47 -38.02 27.78
CA VAL G 257 -10.74 -37.29 27.75
C VAL G 257 -11.83 -38.01 26.95
N THR G 258 -11.43 -38.96 26.11
CA THR G 258 -12.39 -39.76 25.33
C THR G 258 -13.19 -40.71 26.22
N GLU G 259 -12.54 -41.25 27.24
CA GLU G 259 -13.18 -42.24 28.12
C GLU G 259 -14.05 -41.60 29.18
N VAL G 260 -13.48 -40.64 29.93
CA VAL G 260 -14.17 -40.03 31.07
C VAL G 260 -14.48 -38.56 30.78
N ASP G 261 -15.67 -38.12 31.21
CA ASP G 261 -15.98 -36.70 31.27
C ASP G 261 -14.84 -36.00 32.02
N ALA G 262 -14.24 -35.00 31.38
CA ALA G 262 -13.06 -34.34 31.95
C ALA G 262 -12.87 -32.90 31.49
N LYS G 263 -12.17 -32.13 32.31
CA LYS G 263 -11.70 -30.78 31.98
C LYS G 263 -10.27 -30.62 32.48
N LEU G 264 -9.55 -29.63 31.97
CA LEU G 264 -8.15 -29.40 32.33
C LEU G 264 -7.86 -27.96 32.71
N LEU G 265 -7.05 -27.80 33.75
CA LEU G 265 -6.59 -26.49 34.17
C LEU G 265 -5.07 -26.46 34.03
N LEU G 266 -4.59 -25.51 33.23
CA LEU G 266 -3.16 -25.34 33.04
C LEU G 266 -2.68 -24.06 33.70
N VAL G 267 -1.90 -24.24 34.77
CA VAL G 267 -1.45 -23.15 35.60
C VAL G 267 0.04 -22.91 35.37
N GLY G 268 0.41 -21.66 35.08
CA GLY G 268 1.80 -21.29 34.85
C GLY G 268 1.97 -20.65 33.49
N ASP G 269 2.61 -19.49 33.46
CA ASP G 269 2.82 -18.74 32.23
C ASP G 269 4.31 -18.62 31.92
N GLY G 270 4.72 -19.18 30.80
CA GLY G 270 6.13 -19.20 30.40
C GLY G 270 6.43 -19.39 28.92
N PRO G 271 7.67 -19.81 28.61
CA PRO G 271 8.14 -19.91 27.23
C PRO G 271 7.25 -20.80 26.38
N GLU G 272 7.01 -22.03 26.84
CA GLU G 272 6.31 -23.03 26.02
C GLU G 272 4.80 -22.87 25.99
N PHE G 273 4.30 -21.85 26.70
CA PHE G 273 2.86 -21.55 26.74
C PHE G 273 2.31 -21.42 25.32
N CYS G 274 2.86 -20.46 24.59
CA CYS G 274 2.37 -20.06 23.27
C CYS G 274 2.36 -21.20 22.27
N THR G 275 3.20 -22.21 22.51
CA THR G 275 3.26 -23.40 21.67
C THR G 275 2.20 -24.41 22.11
N ILE G 276 1.83 -24.37 23.40
CA ILE G 276 0.77 -25.22 23.95
C ILE G 276 -0.63 -24.62 23.68
N LEU G 277 -0.68 -23.36 23.23
CA LEU G 277 -1.92 -22.79 22.70
C LEU G 277 -2.30 -23.54 21.41
N GLN G 278 -1.28 -24.04 20.72
CA GLN G 278 -1.42 -25.04 19.67
C GLN G 278 -1.38 -26.41 20.37
N LEU G 279 -1.82 -27.46 19.67
CA LEU G 279 -2.06 -28.78 20.27
C LEU G 279 -3.38 -28.83 21.05
N VAL G 280 -3.94 -27.66 21.33
CA VAL G 280 -5.31 -27.57 21.87
C VAL G 280 -6.24 -26.85 20.88
N LYS G 281 -5.74 -25.80 20.23
CA LYS G 281 -6.48 -25.05 19.20
C LYS G 281 -7.10 -25.93 18.09
N ASN G 282 -6.43 -27.04 17.79
CA ASN G 282 -6.81 -27.94 16.72
C ASN G 282 -7.06 -29.45 17.05
N LEU G 283 -6.95 -29.78 18.34
CA LEU G 283 -7.11 -31.16 18.80
C LEU G 283 -8.47 -31.33 19.46
N HIS G 284 -9.43 -30.49 19.08
CA HIS G 284 -10.81 -30.59 19.57
C HIS G 284 -11.02 -30.65 21.08
N ILE G 285 -10.07 -30.12 21.85
CA ILE G 285 -10.04 -30.23 23.31
C ILE G 285 -9.92 -28.75 23.73
N GLU G 286 -10.08 -27.85 22.77
CA GLU G 286 -9.96 -26.41 23.00
C GLU G 286 -10.99 -25.87 24.01
N ASP G 287 -12.20 -26.41 23.95
CA ASP G 287 -13.31 -25.99 24.81
C ASP G 287 -13.28 -26.58 26.22
N ARG G 288 -12.40 -27.56 26.44
CA ARG G 288 -12.32 -28.25 27.73
C ARG G 288 -10.93 -28.18 28.36
N VAL G 289 -10.29 -27.01 28.24
CA VAL G 289 -9.02 -26.71 28.90
C VAL G 289 -9.02 -25.24 29.29
N LEU G 290 -8.55 -24.93 30.49
CA LEU G 290 -8.54 -23.56 31.01
C LEU G 290 -7.14 -23.06 31.32
N PHE G 291 -6.65 -22.15 30.50
CA PHE G 291 -5.33 -21.55 30.70
C PHE G 291 -5.47 -20.37 31.63
N LEU G 292 -4.92 -20.50 32.84
CA LEU G 292 -5.03 -19.45 33.83
C LEU G 292 -3.69 -18.72 33.99
N GLY G 293 -2.63 -19.32 33.42
CA GLY G 293 -1.28 -18.75 33.48
C GLY G 293 -0.81 -18.58 34.91
N LYS G 294 -0.17 -17.46 35.19
CA LYS G 294 0.29 -17.16 36.55
C LYS G 294 -0.88 -16.70 37.41
N GLN G 295 -1.48 -17.64 38.13
CA GLN G 295 -2.50 -17.33 39.13
C GLN G 295 -1.82 -17.21 40.51
N ASP G 296 -2.24 -16.20 41.28
CA ASP G 296 -1.74 -15.99 42.63
C ASP G 296 -2.56 -16.76 43.67
N ASN G 297 -3.86 -16.86 43.43
CA ASN G 297 -4.76 -17.75 44.17
C ASN G 297 -4.41 -19.12 43.59
N VAL G 298 -3.47 -19.80 44.26
CA VAL G 298 -2.82 -21.01 43.74
C VAL G 298 -3.46 -22.26 44.34
N ALA G 299 -3.47 -22.32 45.67
CA ALA G 299 -3.90 -23.51 46.43
C ALA G 299 -5.39 -23.83 46.29
N GLU G 300 -6.21 -22.79 46.12
CA GLU G 300 -7.65 -22.97 45.92
C GLU G 300 -7.97 -23.83 44.71
N LEU G 301 -7.08 -23.81 43.72
CA LEU G 301 -7.29 -24.50 42.45
C LEU G 301 -6.99 -26.01 42.53
N LEU G 302 -6.32 -26.41 43.60
CA LEU G 302 -5.95 -27.82 43.78
C LEU G 302 -7.04 -28.62 44.46
N ALA G 303 -7.53 -28.12 45.60
CA ALA G 303 -8.63 -28.75 46.34
C ALA G 303 -9.86 -28.94 45.46
N MET G 304 -9.89 -28.19 44.36
CA MET G 304 -10.94 -28.24 43.37
C MET G 304 -10.78 -29.44 42.44
N SER G 305 -9.52 -29.74 42.09
CA SER G 305 -9.18 -30.75 41.10
C SER G 305 -9.07 -32.16 41.68
N ASP G 306 -9.15 -33.16 40.80
CA ASP G 306 -9.23 -34.57 41.20
C ASP G 306 -7.98 -35.42 40.91
N LEU G 307 -7.10 -34.91 40.04
CA LEU G 307 -5.86 -35.61 39.67
C LEU G 307 -4.82 -34.67 39.06
N MET G 308 -3.58 -34.78 39.53
CA MET G 308 -2.48 -33.94 39.06
C MET G 308 -1.53 -34.71 38.15
N LEU G 309 -1.05 -34.04 37.11
CA LEU G 309 -0.05 -34.61 36.21
C LEU G 309 1.26 -33.82 36.25
N LEU G 310 2.34 -34.51 36.60
CA LEU G 310 3.67 -33.94 36.56
C LEU G 310 4.54 -34.90 35.76
N LEU G 311 4.49 -34.74 34.44
CA LEU G 311 5.16 -35.68 33.55
C LEU G 311 6.48 -35.11 33.03
N SER G 312 7.18 -34.37 33.90
CA SER G 312 8.43 -33.70 33.57
C SER G 312 9.52 -34.72 33.38
N GLU G 313 10.54 -34.35 32.59
CA GLU G 313 11.64 -35.29 32.28
C GLU G 313 12.80 -35.24 33.29
N LYS G 314 12.76 -34.25 34.17
CA LYS G 314 13.72 -34.08 35.26
C LYS G 314 13.02 -33.29 36.36
N GLU G 315 13.35 -33.59 37.60
CA GLU G 315 12.80 -32.86 38.68
C GLU G 315 13.70 -32.93 39.86
N SER G 316 13.53 -31.96 40.72
CA SER G 316 14.34 -31.82 41.87
C SER G 316 13.32 -32.52 42.70
N PHE G 317 13.17 -32.15 43.94
CA PHE G 317 12.13 -32.70 44.82
C PHE G 317 10.71 -32.80 44.27
N GLY G 318 10.33 -31.92 43.36
CA GLY G 318 8.93 -31.75 42.99
C GLY G 318 8.06 -31.23 44.13
N LEU G 319 8.43 -30.07 44.68
CA LEU G 319 7.74 -29.42 45.78
C LEU G 319 6.24 -29.13 45.63
N VAL G 320 5.78 -29.05 44.38
CA VAL G 320 4.38 -28.79 44.08
C VAL G 320 3.48 -30.02 44.25
N LEU G 321 4.08 -31.18 44.58
CA LEU G 321 3.34 -32.43 44.77
C LEU G 321 2.76 -32.60 46.17
N LEU G 322 3.52 -32.16 47.18
CA LEU G 322 3.02 -32.14 48.55
C LEU G 322 1.81 -31.23 48.58
N GLU G 323 1.93 -30.08 47.93
CA GLU G 323 0.85 -29.12 47.75
C GLU G 323 -0.38 -29.75 47.10
N ALA G 324 -0.20 -30.95 46.52
CA ALA G 324 -1.28 -31.66 45.85
C ALA G 324 -1.82 -32.82 46.69
N MET G 325 -0.93 -33.54 47.36
CA MET G 325 -1.35 -34.67 48.19
C MET G 325 -2.01 -34.22 49.48
N ALA G 326 -1.52 -33.12 50.06
CA ALA G 326 -2.09 -32.56 51.30
C ALA G 326 -3.51 -32.05 51.08
N CYS G 327 -3.86 -31.83 49.82
CA CYS G 327 -5.22 -31.43 49.44
C CYS G 327 -6.06 -32.63 49.03
N GLY G 328 -5.52 -33.82 49.24
CA GLY G 328 -6.21 -35.05 48.91
C GLY G 328 -6.37 -35.28 47.42
N VAL G 329 -5.38 -34.81 46.65
CA VAL G 329 -5.36 -35.01 45.20
C VAL G 329 -4.20 -35.95 44.83
N PRO G 330 -4.53 -37.11 44.24
CA PRO G 330 -3.51 -38.08 43.81
C PRO G 330 -2.78 -37.55 42.60
N CYS G 331 -1.58 -38.07 42.35
CA CYS G 331 -0.72 -37.54 41.31
C CYS G 331 -0.07 -38.65 40.48
N ILE G 332 -0.25 -38.59 39.17
CA ILE G 332 0.51 -39.44 38.26
C ILE G 332 1.86 -38.78 38.00
N GLY G 333 2.93 -39.54 38.18
CA GLY G 333 4.28 -39.01 38.03
C GLY G 333 5.17 -39.80 37.10
N THR G 334 6.40 -39.33 36.91
CA THR G 334 7.38 -40.02 36.08
C THR G 334 8.31 -40.74 37.04
N ARG G 335 9.09 -41.65 36.48
CA ARG G 335 10.08 -42.45 37.23
C ARG G 335 11.40 -41.77 37.60
N VAL G 336 11.52 -40.50 37.24
CA VAL G 336 12.77 -39.74 37.44
C VAL G 336 12.99 -38.81 38.63
N GLY G 337 14.23 -38.36 38.80
CA GLY G 337 14.60 -37.44 39.86
C GLY G 337 14.10 -37.84 41.23
N GLY G 338 13.46 -36.90 41.91
CA GLY G 338 12.94 -37.11 43.26
C GLY G 338 11.43 -37.26 43.29
N ILE G 339 10.90 -38.05 42.37
CA ILE G 339 9.47 -38.32 42.32
C ILE G 339 9.07 -39.60 43.10
N PRO G 340 9.80 -40.73 42.88
CA PRO G 340 9.48 -41.93 43.67
C PRO G 340 9.60 -41.72 45.19
N GLU G 341 10.31 -40.66 45.58
CA GLU G 341 10.52 -40.34 46.99
C GLU G 341 9.26 -39.73 47.62
N VAL G 342 8.36 -39.24 46.77
CA VAL G 342 7.10 -38.65 47.22
C VAL G 342 5.86 -39.48 46.86
N ILE G 343 5.89 -40.07 45.66
CA ILE G 343 4.82 -40.94 45.16
C ILE G 343 5.18 -42.39 45.43
N GLN G 344 4.33 -43.09 46.17
CA GLN G 344 4.42 -44.55 46.29
C GLN G 344 3.49 -45.19 45.28
N HIS G 345 4.06 -45.96 44.35
CA HIS G 345 3.29 -46.62 43.29
C HIS G 345 2.22 -47.53 43.87
N GLY G 346 2.15 -47.43 45.19
CA GLY G 346 1.12 -48.05 45.99
C GLY G 346 -0.03 -47.05 45.94
N ASP G 347 -0.76 -46.93 47.03
CA ASP G 347 -1.96 -46.09 47.09
C ASP G 347 -1.88 -44.59 46.84
N THR G 348 -0.79 -43.94 47.23
CA THR G 348 -0.68 -42.48 47.11
C THR G 348 -0.76 -41.86 45.71
N GLY G 349 -0.11 -42.47 44.74
CA GLY G 349 -0.15 -42.01 43.35
C GLY G 349 0.38 -43.06 42.41
N TYR G 350 0.89 -42.62 41.26
CA TYR G 350 1.42 -43.53 40.23
C TYR G 350 2.75 -43.05 39.63
N LEU G 351 3.50 -43.99 39.06
CA LEU G 351 4.80 -43.70 38.45
C LEU G 351 4.86 -44.24 37.04
N CYS G 352 4.83 -43.33 36.06
CA CYS G 352 4.85 -43.66 34.64
C CYS G 352 6.15 -43.21 33.98
N GLU G 353 6.45 -43.77 32.82
CA GLU G 353 7.68 -43.47 32.09
C GLU G 353 7.69 -42.07 31.51
N VAL G 354 8.83 -41.68 30.93
CA VAL G 354 8.99 -40.37 30.33
C VAL G 354 8.52 -40.37 28.87
N GLY G 355 7.34 -39.80 28.65
CA GLY G 355 6.75 -39.72 27.32
C GLY G 355 5.88 -40.92 26.95
N ASP G 356 5.38 -41.61 27.97
CA ASP G 356 4.49 -42.75 27.75
C ASP G 356 3.05 -42.29 27.96
N THR G 357 2.54 -41.53 26.99
CA THR G 357 1.21 -40.93 27.05
C THR G 357 0.10 -41.95 27.31
N THR G 358 0.19 -43.10 26.65
CA THR G 358 -0.79 -44.19 26.79
C THR G 358 -0.78 -44.81 28.19
N GLY G 359 0.42 -44.93 28.77
CA GLY G 359 0.59 -45.42 30.14
C GLY G 359 -0.06 -44.49 31.15
N VAL G 360 -0.02 -43.19 30.86
CA VAL G 360 -0.68 -42.16 31.66
C VAL G 360 -2.17 -42.13 31.35
N ALA G 361 -2.54 -42.53 30.14
CA ALA G 361 -3.93 -42.65 29.74
C ALA G 361 -4.66 -43.75 30.52
N ASP G 362 -3.92 -44.77 30.95
CA ASP G 362 -4.47 -45.88 31.71
C ASP G 362 -4.86 -45.73 33.19
N GLN G 363 -3.94 -45.16 33.97
CA GLN G 363 -4.09 -45.09 35.43
C GLN G 363 -4.79 -43.77 35.78
N ALA G 364 -5.26 -43.07 34.75
CA ALA G 364 -6.11 -41.89 34.92
C ALA G 364 -7.57 -42.26 34.67
N ILE G 365 -7.86 -42.87 33.51
CA ILE G 365 -9.21 -43.34 33.19
C ILE G 365 -9.63 -44.43 34.17
N GLN G 366 -8.66 -45.24 34.59
CA GLN G 366 -8.86 -46.29 35.58
C GLN G 366 -9.29 -45.67 36.93
N LEU G 367 -8.62 -44.57 37.32
CA LEU G 367 -8.95 -43.87 38.55
C LEU G 367 -10.25 -43.09 38.48
N LEU G 368 -10.46 -42.40 37.36
CA LEU G 368 -11.66 -41.59 37.18
C LEU G 368 -12.94 -42.43 37.08
N LYS G 369 -12.77 -43.74 37.04
CA LYS G 369 -13.89 -44.68 37.10
C LYS G 369 -14.32 -45.34 38.41
N ASP G 370 -13.34 -45.73 39.22
CA ASP G 370 -13.58 -46.36 40.53
C ASP G 370 -13.49 -45.17 41.50
N GLU G 371 -14.65 -44.72 42.00
CA GLU G 371 -14.72 -43.61 42.94
C GLU G 371 -14.21 -43.87 44.36
N GLU G 372 -13.90 -45.13 44.65
CA GLU G 372 -13.29 -45.54 45.91
C GLU G 372 -11.79 -45.89 46.01
N LEU G 373 -11.17 -46.10 44.86
CA LEU G 373 -9.72 -46.13 44.76
C LEU G 373 -9.10 -44.74 44.66
N HIS G 374 -9.71 -43.89 43.84
CA HIS G 374 -9.35 -42.48 43.71
C HIS G 374 -9.65 -41.71 44.98
N ARG G 375 -10.77 -42.04 45.64
CA ARG G 375 -11.13 -41.38 46.88
C ARG G 375 -10.46 -41.99 48.10
N ASN G 376 -9.95 -43.21 47.95
CA ASN G 376 -9.18 -43.86 49.01
C ASN G 376 -7.68 -43.59 48.86
N MET G 377 -7.28 -43.06 47.71
CA MET G 377 -5.95 -42.48 47.54
C MET G 377 -5.95 -41.05 48.04
N GLY G 378 -7.11 -40.39 47.94
CA GLY G 378 -7.30 -39.03 48.46
C GLY G 378 -6.92 -38.93 49.93
N GLU G 379 -7.37 -39.91 50.71
CA GLU G 379 -6.96 -40.03 52.10
C GLU G 379 -5.48 -40.44 52.18
N ARG G 380 -5.15 -41.57 51.56
CA ARG G 380 -3.79 -42.14 51.59
C ARG G 380 -2.68 -41.17 51.18
N ALA G 381 -3.03 -40.19 50.35
CA ALA G 381 -2.10 -39.14 49.91
C ALA G 381 -1.58 -38.36 51.12
N ARG G 382 -2.48 -37.61 51.75
CA ARG G 382 -2.13 -36.84 52.96
C ARG G 382 -1.78 -37.74 54.15
N GLU G 383 -2.14 -39.02 54.06
CA GLU G 383 -1.76 -40.01 55.06
C GLU G 383 -0.31 -40.47 54.91
N SER G 384 0.43 -39.79 54.04
CA SER G 384 1.87 -39.98 53.90
C SER G 384 2.60 -38.64 53.96
N VAL G 385 1.83 -37.55 53.80
CA VAL G 385 2.37 -36.19 53.89
C VAL G 385 2.62 -35.79 55.33
N TYR G 386 1.61 -35.97 56.18
CA TYR G 386 1.72 -35.72 57.62
C TYR G 386 2.62 -36.72 58.33
N GLU G 387 3.07 -37.73 57.60
CA GLU G 387 3.92 -38.79 58.12
C GLU G 387 5.42 -38.55 58.11
N GLN G 388 5.94 -38.11 56.97
CA GLN G 388 7.37 -37.92 56.75
C GLN G 388 7.76 -36.52 56.28
N PHE G 389 6.76 -35.76 55.82
CA PHE G 389 6.96 -34.39 55.33
C PHE G 389 6.32 -33.42 56.33
N ARG G 390 6.32 -33.79 57.60
CA ARG G 390 5.73 -32.99 58.67
C ARG G 390 6.49 -31.66 58.86
N SER G 391 5.73 -30.59 59.08
CA SER G 391 6.32 -29.26 59.26
C SER G 391 7.30 -29.18 60.43
N GLU G 392 6.93 -29.77 61.56
CA GLU G 392 7.77 -29.71 62.78
C GLU G 392 8.78 -30.85 62.89
N LYS G 393 8.63 -31.88 62.04
CA LYS G 393 9.56 -33.01 62.02
C LYS G 393 10.87 -32.62 61.33
N ILE G 394 10.72 -32.08 60.13
CA ILE G 394 11.85 -31.69 59.30
C ILE G 394 12.59 -30.51 59.96
N VAL G 395 11.83 -29.60 60.55
CA VAL G 395 12.40 -28.52 61.37
C VAL G 395 13.17 -29.09 62.57
N SER G 396 12.69 -30.21 63.11
CA SER G 396 13.35 -30.87 64.24
C SER G 396 14.73 -31.41 63.88
N GLN G 397 14.96 -31.64 62.58
CA GLN G 397 16.25 -32.09 62.10
C GLN G 397 17.24 -30.95 61.97
N TYR G 398 16.79 -29.82 61.43
CA TYR G 398 17.63 -28.63 61.29
C TYR G 398 18.24 -28.21 62.62
N GLU G 399 17.51 -28.46 63.72
CA GLU G 399 17.98 -28.13 65.06
C GLU G 399 19.13 -29.03 65.51
N THR G 400 18.90 -30.34 65.49
CA THR G 400 19.96 -31.31 65.84
C THR G 400 21.13 -31.20 64.87
N ILE G 401 20.90 -30.59 63.72
CA ILE G 401 21.96 -30.26 62.75
C ILE G 401 22.70 -29.00 63.20
N TYR G 402 21.97 -27.93 63.52
CA TYR G 402 22.57 -26.68 64.02
C TYR G 402 23.39 -26.96 65.27
N TYR G 403 22.91 -27.89 66.08
CA TYR G 403 23.59 -28.29 67.32
C TYR G 403 24.78 -29.21 67.05
N ASP G 404 24.58 -30.21 66.20
CA ASP G 404 25.58 -31.26 65.96
C ASP G 404 26.90 -30.69 65.44
N VAL G 405 26.82 -29.59 64.72
CA VAL G 405 28.00 -28.94 64.15
C VAL G 405 28.80 -28.16 65.21
N LEU G 406 28.17 -27.89 66.35
CA LEU G 406 28.76 -27.03 67.40
C LEU G 406 29.51 -27.72 68.56
N ARG G 407 30.00 -28.94 68.33
CA ARG G 407 30.72 -29.68 69.36
C ARG G 407 32.24 -29.76 69.19
N ASP G 408 32.95 -29.85 70.31
CA ASP G 408 34.43 -29.94 70.35
C ASP G 408 35.12 -28.74 69.66
N ASP G 409 34.42 -27.62 69.56
CA ASP G 409 34.95 -26.39 68.97
C ASP G 409 35.00 -25.47 70.18
N LYS H 35 59.44 -15.35 30.00
CA LYS H 35 58.95 -16.75 30.18
C LYS H 35 57.62 -16.86 30.95
N LEU H 36 57.23 -15.78 31.63
CA LEU H 36 56.01 -15.76 32.46
C LEU H 36 54.71 -15.91 31.68
N LYS H 37 53.65 -16.32 32.36
CA LYS H 37 52.33 -16.49 31.74
C LYS H 37 51.31 -15.71 32.56
N ILE H 38 50.92 -14.54 32.07
CA ILE H 38 50.08 -13.62 32.83
C ILE H 38 48.62 -13.70 32.40
N GLY H 39 47.71 -13.47 33.35
CA GLY H 39 46.28 -13.39 33.07
C GLY H 39 45.65 -12.14 33.65
N ILE H 40 45.27 -11.21 32.77
CA ILE H 40 44.73 -9.90 33.16
C ILE H 40 43.21 -9.87 33.09
N THR H 41 42.61 -8.98 33.87
CA THR H 41 41.15 -8.79 33.88
C THR H 41 40.81 -7.33 34.11
N CYS H 42 40.08 -6.75 33.17
CA CYS H 42 39.70 -5.34 33.26
C CYS H 42 38.37 -5.06 32.59
N TYR H 43 37.69 -4.00 33.05
CA TYR H 43 36.48 -3.51 32.42
C TYR H 43 36.70 -3.27 30.92
N PRO H 44 35.69 -3.59 30.08
CA PRO H 44 35.74 -3.45 28.61
C PRO H 44 36.47 -2.24 27.98
N SER H 45 35.96 -1.04 28.23
CA SER H 45 36.60 0.21 27.81
C SER H 45 35.73 1.29 28.45
N VAL H 46 35.94 2.54 28.06
CA VAL H 46 35.13 3.69 28.53
C VAL H 46 35.47 3.92 30.01
N GLY H 47 36.73 3.64 30.37
CA GLY H 47 37.21 3.78 31.74
C GLY H 47 38.71 3.63 31.78
N GLY H 48 39.35 4.35 32.71
CA GLY H 48 40.79 4.32 32.89
C GLY H 48 41.31 2.90 33.04
N SER H 49 40.70 2.16 33.97
CA SER H 49 41.06 0.77 34.24
C SER H 49 41.13 -0.12 32.99
N GLY H 50 40.29 0.18 32.02
CA GLY H 50 40.19 -0.61 30.78
C GLY H 50 41.34 -0.40 29.82
N VAL H 51 41.66 0.86 29.55
CA VAL H 51 42.73 1.22 28.63
C VAL H 51 44.07 0.64 29.09
N VAL H 52 44.41 0.92 30.34
CA VAL H 52 45.71 0.56 30.94
C VAL H 52 45.92 -0.94 30.99
N GLY H 53 44.90 -1.66 31.47
CA GLY H 53 44.90 -3.13 31.50
C GLY H 53 45.09 -3.75 30.12
N THR H 54 44.27 -3.32 29.17
CA THR H 54 44.36 -3.77 27.78
C THR H 54 45.77 -3.59 27.21
N GLU H 55 46.31 -2.37 27.36
CA GLU H 55 47.64 -2.04 26.86
C GLU H 55 48.73 -2.84 27.54
N LEU H 56 48.69 -2.91 28.87
CA LEU H 56 49.63 -3.74 29.61
C LEU H 56 49.64 -5.15 29.04
N GLY H 57 48.48 -5.61 28.58
CA GLY H 57 48.36 -6.90 27.91
C GLY H 57 49.15 -6.99 26.61
N LYS H 58 48.96 -5.99 25.75
CA LYS H 58 49.58 -5.95 24.42
C LYS H 58 51.09 -5.70 24.51
N GLN H 59 51.46 -4.73 25.33
CA GLN H 59 52.87 -4.40 25.55
C GLN H 59 53.65 -5.61 26.07
N LEU H 60 52.99 -6.44 26.88
CA LEU H 60 53.60 -7.65 27.43
C LEU H 60 53.63 -8.77 26.41
N ALA H 61 52.63 -8.81 25.52
CA ALA H 61 52.58 -9.79 24.44
C ALA H 61 53.82 -9.70 23.54
N GLU H 62 54.20 -8.47 23.22
CA GLU H 62 55.37 -8.19 22.39
C GLU H 62 56.69 -8.43 23.15
N ARG H 63 56.59 -9.02 24.35
CA ARG H 63 57.77 -9.30 25.17
C ARG H 63 58.09 -10.79 25.32
N GLY H 64 57.13 -11.65 24.95
CA GLY H 64 57.36 -13.09 24.97
C GLY H 64 56.39 -13.89 25.81
N HIS H 65 55.94 -13.31 26.92
CA HIS H 65 54.95 -13.93 27.79
C HIS H 65 53.64 -14.15 27.02
N GLU H 66 52.83 -15.12 27.45
CA GLU H 66 51.49 -15.30 26.88
C GLU H 66 50.45 -14.61 27.74
N ILE H 67 49.50 -13.94 27.09
CA ILE H 67 48.50 -13.15 27.82
C ILE H 67 47.07 -13.69 27.65
N HIS H 68 46.40 -13.90 28.78
CA HIS H 68 45.03 -14.44 28.79
C HIS H 68 44.06 -13.43 29.37
N PHE H 69 43.07 -13.04 28.58
CA PHE H 69 42.11 -12.02 29.01
C PHE H 69 40.79 -12.60 29.53
N ILE H 70 40.72 -12.81 30.83
CA ILE H 70 39.49 -13.31 31.44
C ILE H 70 38.59 -12.13 31.77
N THR H 71 37.75 -11.75 30.83
CA THR H 71 36.85 -10.61 31.00
C THR H 71 35.57 -10.76 30.18
N SER H 72 34.79 -9.68 30.08
CA SER H 72 33.50 -9.67 29.39
C SER H 72 33.58 -9.91 27.88
N GLY H 73 34.66 -9.46 27.24
CA GLY H 73 34.88 -9.78 25.83
C GLY H 73 35.40 -8.70 24.89
N LEU H 74 35.03 -7.45 25.15
CA LEU H 74 35.27 -6.37 24.19
C LEU H 74 36.45 -5.40 24.49
N PRO H 75 37.49 -5.84 25.24
CA PRO H 75 38.62 -4.93 25.43
C PRO H 75 39.36 -4.62 24.13
N LYS H 80 41.37 -6.63 17.52
CA LYS H 80 42.33 -6.99 16.48
C LYS H 80 42.93 -8.39 16.76
N VAL H 81 44.15 -8.64 16.28
CA VAL H 81 44.77 -9.96 16.39
C VAL H 81 46.30 -9.91 16.61
N TYR H 82 46.72 -10.21 17.84
CA TYR H 82 48.14 -10.31 18.20
C TYR H 82 48.49 -11.77 18.48
N PRO H 83 49.59 -12.28 17.87
CA PRO H 83 49.94 -13.71 17.92
C PRO H 83 50.08 -14.32 19.32
N ASN H 84 50.39 -13.51 20.32
CA ASN H 84 50.60 -14.02 21.69
C ASN H 84 49.53 -13.67 22.74
N ILE H 85 48.47 -12.97 22.34
CA ILE H 85 47.34 -12.72 23.25
C ILE H 85 46.21 -13.72 22.99
N TYR H 86 45.75 -14.35 24.07
CA TYR H 86 44.63 -15.29 24.02
C TYR H 86 43.43 -14.71 24.75
N PHE H 87 42.26 -15.30 24.52
CA PHE H 87 41.00 -14.71 24.96
C PHE H 87 40.02 -15.69 25.61
N HIS H 88 39.42 -15.27 26.73
CA HIS H 88 38.45 -16.07 27.49
C HIS H 88 37.26 -15.20 27.87
N GLU H 89 36.06 -15.71 27.64
CA GLU H 89 34.87 -14.84 27.52
C GLU H 89 33.98 -14.55 28.74
N VAL H 90 33.81 -15.52 29.64
CA VAL H 90 32.86 -15.43 30.78
C VAL H 90 31.35 -15.12 30.65
N THR H 91 30.64 -15.96 29.88
CA THR H 91 29.20 -15.79 29.69
C THR H 91 28.26 -15.88 30.88
N VAL H 92 27.56 -14.78 31.16
CA VAL H 92 26.68 -14.65 32.33
C VAL H 92 25.26 -15.16 32.07
N ASN H 93 25.14 -16.48 31.88
CA ASN H 93 23.86 -17.14 31.56
C ASN H 93 22.72 -16.80 32.54
N SER H 96 16.93 -20.70 34.92
CA SER H 96 17.71 -19.50 35.22
C SER H 96 17.00 -18.62 36.25
N VAL H 97 17.29 -18.87 37.53
CA VAL H 97 16.76 -18.06 38.64
C VAL H 97 17.40 -16.74 38.20
N PHE H 98 16.57 -15.75 37.90
CA PHE H 98 16.99 -14.42 37.35
C PHE H 98 17.73 -13.28 38.11
N GLN H 99 17.33 -13.04 39.35
CA GLN H 99 17.49 -11.80 40.14
C GLN H 99 18.51 -10.75 39.65
N TYR H 100 19.74 -11.19 39.42
CA TYR H 100 20.81 -10.33 38.96
C TYR H 100 21.71 -11.14 38.03
N PRO H 101 22.57 -10.47 37.22
CA PRO H 101 23.54 -11.19 36.41
C PRO H 101 24.74 -11.67 37.25
N PRO H 102 24.90 -13.01 37.41
CA PRO H 102 25.98 -13.58 38.24
C PRO H 102 27.37 -13.41 37.61
N TYR H 103 27.79 -12.18 37.38
CA TYR H 103 29.07 -11.87 36.76
C TYR H 103 30.23 -12.02 37.75
N ASP H 104 30.06 -11.43 38.94
CA ASP H 104 31.06 -11.48 40.00
C ASP H 104 31.38 -12.91 40.41
N LEU H 105 30.56 -13.85 39.97
CA LEU H 105 30.78 -15.27 40.24
C LEU H 105 31.23 -16.04 38.99
N ALA H 106 30.66 -15.68 37.83
CA ALA H 106 31.06 -16.28 36.56
C ALA H 106 32.53 -16.00 36.27
N LEU H 107 32.94 -14.76 36.54
CA LEU H 107 34.33 -14.36 36.39
C LEU H 107 35.17 -15.09 37.41
N ALA H 108 34.71 -15.09 38.66
CA ALA H 108 35.40 -15.77 39.76
C ALA H 108 35.52 -17.29 39.60
N SER H 109 34.93 -17.82 38.52
CA SER H 109 35.06 -19.24 38.20
C SER H 109 35.74 -19.50 36.87
N LYS H 110 35.67 -18.51 35.98
CA LYS H 110 36.43 -18.55 34.75
C LYS H 110 37.89 -18.27 35.06
N MET H 111 38.14 -17.31 35.96
CA MET H 111 39.51 -17.01 36.41
C MET H 111 40.20 -18.32 36.80
N ALA H 112 39.55 -19.06 37.70
CA ALA H 112 40.07 -20.35 38.19
C ALA H 112 40.20 -21.40 37.09
N GLU H 113 39.18 -21.51 36.24
CA GLU H 113 39.16 -22.44 35.11
C GLU H 113 40.35 -22.22 34.18
N VAL H 114 40.64 -20.94 33.92
CA VAL H 114 41.72 -20.54 33.01
C VAL H 114 43.07 -20.48 33.74
N ALA H 115 43.02 -20.51 35.07
CA ALA H 115 44.24 -20.53 35.89
C ALA H 115 44.80 -21.94 36.05
N GLN H 116 43.91 -22.93 36.03
CA GLN H 116 44.31 -24.34 36.16
C GLN H 116 44.66 -24.95 34.81
N ARG H 117 43.85 -24.68 33.80
CA ARG H 117 44.07 -25.18 32.44
C ARG H 117 45.37 -24.66 31.83
N GLU H 118 45.52 -23.33 31.81
CA GLU H 118 46.67 -22.68 31.19
C GLU H 118 47.85 -22.51 32.16
N ASN H 119 47.62 -22.86 33.43
CA ASN H 119 48.68 -22.84 34.46
C ASN H 119 49.28 -21.45 34.66
N LEU H 120 48.43 -20.42 34.63
CA LEU H 120 48.85 -19.03 34.82
C LEU H 120 49.70 -18.86 36.09
N ASP H 121 50.79 -18.09 35.96
CA ASP H 121 51.70 -17.83 37.08
C ASP H 121 51.24 -16.59 37.85
N ILE H 122 50.74 -15.60 37.11
CA ILE H 122 50.27 -14.34 37.69
C ILE H 122 48.84 -14.07 37.23
N LEU H 123 48.00 -13.62 38.16
CA LEU H 123 46.62 -13.25 37.89
C LEU H 123 46.44 -11.77 38.16
N HIS H 124 46.46 -10.96 37.11
CA HIS H 124 46.52 -9.51 37.24
C HIS H 124 45.15 -8.84 37.10
N VAL H 125 44.42 -8.81 38.20
CA VAL H 125 43.16 -8.11 38.30
C VAL H 125 43.42 -6.61 38.25
N HIS H 126 42.64 -5.93 37.42
CA HIS H 126 42.67 -4.49 37.25
C HIS H 126 41.36 -3.88 37.74
N TYR H 127 41.48 -2.84 38.55
CA TYR H 127 40.34 -2.17 39.13
C TYR H 127 40.15 -2.57 40.57
N ALA H 128 39.50 -3.69 40.81
CA ALA H 128 39.29 -4.15 42.17
C ALA H 128 37.91 -4.59 42.52
N ILE H 129 37.03 -3.64 42.71
CA ILE H 129 35.77 -4.00 43.41
C ILE H 129 35.05 -5.28 42.98
N PRO H 130 34.90 -5.53 41.66
CA PRO H 130 34.35 -6.86 41.39
C PRO H 130 35.47 -7.90 41.42
N HIS H 131 36.71 -7.46 41.15
CA HIS H 131 37.80 -8.39 40.83
C HIS H 131 38.75 -8.75 41.97
N ALA H 132 38.94 -7.84 42.93
CA ALA H 132 39.82 -8.09 44.07
C ALA H 132 39.29 -9.26 44.91
N ILE H 133 37.97 -9.39 44.98
CA ILE H 133 37.32 -10.51 45.65
C ILE H 133 37.17 -11.72 44.74
N CYS H 134 36.88 -11.49 43.45
CA CYS H 134 36.88 -12.55 42.44
C CYS H 134 38.19 -13.33 42.45
N ALA H 135 39.29 -12.57 42.38
CA ALA H 135 40.64 -13.13 42.42
C ALA H 135 40.81 -14.03 43.65
N TYR H 136 40.48 -13.51 44.83
CA TYR H 136 40.55 -14.26 46.08
C TYR H 136 39.89 -15.63 45.97
N LEU H 137 38.64 -15.66 45.48
CA LEU H 137 37.91 -16.91 45.30
C LEU H 137 38.66 -17.89 44.41
N ALA H 138 38.98 -17.44 43.20
CA ALA H 138 39.66 -18.29 42.22
C ALA H 138 41.05 -18.68 42.68
N LYS H 139 41.60 -17.91 43.62
CA LYS H 139 42.87 -18.27 44.25
C LYS H 139 42.64 -19.38 45.27
N GLN H 140 41.54 -19.30 45.99
CA GLN H 140 41.20 -20.30 47.01
C GLN H 140 40.70 -21.60 46.38
N MET H 141 40.34 -21.54 45.10
CA MET H 141 39.75 -22.67 44.40
C MET H 141 40.79 -23.60 43.80
N ILE H 142 41.90 -23.03 43.35
CA ILE H 142 42.95 -23.85 42.76
C ILE H 142 44.10 -24.08 43.76
N GLY H 143 43.83 -23.77 45.02
CA GLY H 143 44.81 -23.87 46.09
C GLY H 143 45.62 -22.59 46.22
N GLU H 144 46.58 -22.59 47.13
CA GLU H 144 47.47 -21.45 47.36
C GLU H 144 48.61 -21.60 46.34
N ARG H 145 48.25 -21.52 45.05
CA ARG H 145 49.14 -21.86 43.96
C ARG H 145 49.39 -20.88 42.81
N ILE H 146 48.55 -19.85 42.73
CA ILE H 146 48.65 -18.82 41.68
C ILE H 146 48.89 -17.57 42.53
N LYS H 147 49.77 -16.67 42.07
CA LYS H 147 50.00 -15.38 42.73
C LYS H 147 49.12 -14.28 42.11
N ILE H 148 48.47 -13.50 42.96
CA ILE H 148 47.56 -12.43 42.53
C ILE H 148 48.18 -11.05 42.73
N VAL H 149 47.97 -10.17 41.75
CA VAL H 149 48.40 -8.79 41.88
C VAL H 149 47.25 -7.85 41.51
N THR H 150 46.68 -7.23 42.54
CA THR H 150 45.59 -6.26 42.40
C THR H 150 46.14 -4.85 42.13
N THR H 151 45.36 -4.04 41.39
CA THR H 151 45.79 -2.69 41.01
C THR H 151 44.69 -1.65 41.26
N LEU H 152 44.95 -0.68 42.14
CA LEU H 152 43.91 0.31 42.42
C LEU H 152 43.86 1.38 41.36
N HIS H 153 42.72 1.51 40.70
CA HIS H 153 42.62 2.46 39.60
C HIS H 153 42.00 3.82 39.85
N GLY H 154 40.88 3.87 40.53
CA GLY H 154 40.29 5.18 40.75
C GLY H 154 39.23 5.27 41.79
N THR H 155 37.99 5.23 41.32
CA THR H 155 36.84 5.33 42.18
C THR H 155 36.87 4.20 43.14
N ASP H 156 37.16 3.03 42.62
CA ASP H 156 37.09 1.87 43.53
C ASP H 156 37.44 2.19 44.98
N ILE H 157 38.28 3.21 45.19
CA ILE H 157 38.64 3.66 46.52
C ILE H 157 37.93 4.98 46.92
N THR H 158 37.96 5.97 46.03
CA THR H 158 37.41 7.31 46.30
C THR H 158 35.89 7.35 46.50
N VAL H 159 35.16 6.44 45.86
CA VAL H 159 33.73 6.31 46.14
C VAL H 159 33.14 5.01 46.72
N LEU H 160 33.67 3.86 46.33
CA LEU H 160 33.15 2.56 46.75
C LEU H 160 33.71 2.32 48.15
N GLY H 161 34.87 2.89 48.44
CA GLY H 161 35.48 2.83 49.78
C GLY H 161 34.72 3.60 50.86
N SER H 162 33.92 4.58 50.44
CA SER H 162 33.08 5.35 51.36
C SER H 162 31.68 4.74 51.53
N ASP H 163 31.50 3.54 50.99
CA ASP H 163 30.27 2.77 51.16
C ASP H 163 30.48 1.78 52.30
N PRO H 164 29.59 1.80 53.31
CA PRO H 164 29.70 0.96 54.51
C PRO H 164 29.58 -0.55 54.26
N SER H 165 28.80 -0.94 53.25
CA SER H 165 28.66 -2.35 52.87
C SER H 165 29.93 -2.87 52.17
N LEU H 166 30.27 -2.25 51.04
CA LEU H 166 31.46 -2.65 50.25
C LEU H 166 32.82 -2.36 50.88
N ASN H 167 32.85 -1.43 51.84
CA ASN H 167 34.11 -0.98 52.48
C ASN H 167 35.13 -1.93 53.09
N ASN H 168 34.69 -2.82 53.96
CA ASN H 168 35.60 -3.67 54.73
C ASN H 168 35.78 -4.93 53.89
N LEU H 169 34.99 -5.03 52.81
CA LEU H 169 35.18 -6.07 51.82
C LEU H 169 36.35 -5.68 50.88
N ILE H 170 36.35 -4.43 50.41
CA ILE H 170 37.50 -3.90 49.65
C ILE H 170 38.78 -4.13 50.43
N ARG H 171 38.80 -3.65 51.68
CA ARG H 171 39.92 -3.85 52.58
C ARG H 171 40.39 -5.28 52.47
N PHE H 172 39.49 -6.22 52.78
CA PHE H 172 39.81 -7.65 52.71
C PHE H 172 40.41 -8.05 51.36
N GLY H 173 39.72 -7.70 50.28
CA GLY H 173 40.21 -7.98 48.93
C GLY H 173 41.59 -7.43 48.70
N ILE H 174 41.80 -6.18 49.11
CA ILE H 174 43.10 -5.52 49.01
C ILE H 174 44.16 -6.33 49.76
N GLU H 175 43.95 -6.52 51.07
CA GLU H 175 44.90 -7.20 51.95
C GLU H 175 45.28 -8.58 51.44
N GLN H 176 44.28 -9.34 51.02
CA GLN H 176 44.48 -10.73 50.61
C GLN H 176 45.23 -10.89 49.29
N SER H 177 45.45 -9.76 48.60
CA SER H 177 46.27 -9.76 47.39
C SER H 177 47.75 -9.95 47.72
N ASP H 178 48.52 -10.40 46.75
CA ASP H 178 49.94 -10.66 46.94
C ASP H 178 50.77 -9.41 46.68
N VAL H 179 50.42 -8.66 45.63
CA VAL H 179 51.02 -7.33 45.40
C VAL H 179 49.93 -6.31 45.06
N VAL H 180 49.93 -5.18 45.76
CA VAL H 180 48.95 -4.16 45.47
C VAL H 180 49.63 -2.90 44.92
N THR H 181 49.23 -2.50 43.71
CA THR H 181 49.76 -1.30 43.07
C THR H 181 48.68 -0.24 42.85
N ALA H 182 49.02 1.00 43.19
CA ALA H 182 48.16 2.15 42.93
C ALA H 182 48.66 2.91 41.71
N VAL H 183 47.75 3.67 41.10
CA VAL H 183 48.07 4.43 39.89
C VAL H 183 48.74 5.77 40.21
N SER H 184 48.59 6.22 41.45
CA SER H 184 49.29 7.41 41.93
C SER H 184 49.57 7.34 43.44
N HIS H 185 50.63 8.03 43.87
CA HIS H 185 50.92 8.26 45.28
C HIS H 185 49.66 8.68 46.02
N SER H 186 49.03 9.74 45.53
CA SER H 186 47.81 10.27 46.10
C SER H 186 46.79 9.19 46.52
N LEU H 187 46.50 8.27 45.60
CA LEU H 187 45.51 7.23 45.85
C LEU H 187 45.91 6.25 46.95
N ILE H 188 47.20 5.93 47.02
CA ILE H 188 47.73 5.13 48.12
C ILE H 188 47.31 5.74 49.46
N ASN H 189 47.51 7.05 49.58
CA ASN H 189 47.15 7.79 50.79
C ASN H 189 45.66 7.69 51.10
N GLU H 190 44.82 8.03 50.12
CA GLU H 190 43.38 8.00 50.32
C GLU H 190 42.86 6.60 50.60
N THR H 191 43.70 5.60 50.38
CA THR H 191 43.35 4.22 50.72
C THR H 191 43.55 3.96 52.21
N HIS H 192 44.63 4.50 52.77
CA HIS H 192 44.91 4.40 54.20
C HIS H 192 44.06 5.35 55.06
N GLU H 193 43.14 6.06 54.42
CA GLU H 193 42.24 6.97 55.12
C GLU H 193 40.78 6.52 55.06
N LEU H 194 40.40 5.85 53.98
CA LEU H 194 39.02 5.39 53.81
C LEU H 194 38.88 3.87 53.94
N VAL H 195 39.77 3.13 53.29
CA VAL H 195 39.72 1.67 53.30
C VAL H 195 40.53 1.08 54.46
N LYS H 196 41.63 1.75 54.81
CA LYS H 196 42.51 1.36 55.93
C LYS H 196 42.96 -0.13 55.94
N PRO H 197 43.61 -0.60 54.85
CA PRO H 197 44.06 -1.99 54.85
C PRO H 197 45.30 -2.15 55.72
N ASN H 198 45.63 -3.39 56.04
CA ASN H 198 46.88 -3.72 56.71
C ASN H 198 47.94 -4.11 55.70
N LYS H 199 47.68 -3.77 54.44
CA LYS H 199 48.62 -4.04 53.35
C LYS H 199 49.32 -2.76 52.94
N ASP H 200 50.56 -2.89 52.50
CA ASP H 200 51.26 -1.80 51.82
C ASP H 200 51.02 -1.90 50.32
N ILE H 201 51.01 -0.76 49.65
CA ILE H 201 50.78 -0.73 48.22
C ILE H 201 51.79 0.20 47.54
N GLN H 202 52.19 -0.10 46.31
CA GLN H 202 53.24 0.66 45.66
C GLN H 202 52.80 1.39 44.39
N THR H 203 53.34 2.59 44.18
CA THR H 203 52.95 3.44 43.05
C THR H 203 53.52 2.96 41.71
N VAL H 204 52.63 2.55 40.82
CA VAL H 204 52.99 2.27 39.44
C VAL H 204 51.98 3.00 38.55
N TYR H 205 52.44 4.07 37.91
CA TYR H 205 51.56 5.00 37.18
C TYR H 205 50.84 4.39 35.97
N ASN H 206 50.01 5.21 35.32
CA ASN H 206 49.40 4.80 34.05
C ASN H 206 50.26 5.17 32.85
N PHE H 207 49.84 4.71 31.69
CA PHE H 207 50.55 4.96 30.46
C PHE H 207 49.60 4.90 29.28
N ILE H 208 49.94 5.61 28.21
CA ILE H 208 49.21 5.49 26.97
C ILE H 208 50.17 5.11 25.84
N ASP H 209 49.63 4.43 24.83
CA ASP H 209 50.36 4.14 23.61
C ASP H 209 50.77 5.46 22.97
N GLU H 210 52.06 5.60 22.66
CA GLU H 210 52.58 6.83 22.10
C GLU H 210 52.63 6.74 20.56
N ARG H 211 52.58 5.51 20.05
CA ARG H 211 52.49 5.25 18.62
C ARG H 211 51.14 5.72 18.04
N VAL H 212 50.24 6.16 18.94
CA VAL H 212 48.86 6.55 18.58
C VAL H 212 48.52 8.04 18.66
N TYR H 213 49.40 8.82 19.31
CA TYR H 213 49.19 10.26 19.52
C TYR H 213 50.27 11.09 18.86
N PHE H 214 49.87 12.03 18.00
CA PHE H 214 50.81 12.89 17.30
C PHE H 214 50.11 14.12 16.70
N LYS H 215 50.89 15.13 16.33
CA LYS H 215 50.35 16.40 15.83
C LYS H 215 50.13 15.58 14.58
N ARG H 216 48.85 15.50 14.27
CA ARG H 216 48.26 14.85 13.14
C ARG H 216 47.86 15.96 12.21
N ASP H 217 47.73 15.60 10.95
CA ASP H 217 47.57 16.53 9.85
C ASP H 217 46.20 16.92 9.41
N MET H 218 45.16 16.48 10.06
CA MET H 218 43.89 16.82 9.49
C MET H 218 43.49 18.22 9.87
N THR H 219 43.63 19.11 8.89
CA THR H 219 43.30 20.51 9.04
C THR H 219 41.91 20.70 8.46
N GLN H 220 41.30 19.60 8.05
CA GLN H 220 39.99 19.71 7.52
C GLN H 220 38.77 19.14 8.26
N LEU H 221 39.03 18.21 9.19
CA LEU H 221 37.98 17.58 9.99
C LEU H 221 37.43 18.63 10.97
N LYS H 222 38.10 19.78 10.99
CA LYS H 222 37.68 20.93 11.76
C LYS H 222 36.46 21.60 11.11
N LYS H 223 36.41 21.59 9.78
CA LYS H 223 35.32 22.22 9.03
C LYS H 223 34.05 21.37 9.02
N GLU H 224 34.16 20.11 9.47
CA GLU H 224 32.99 19.27 9.73
C GLU H 224 32.25 19.78 10.96
N TYR H 225 33.00 20.18 11.98
CA TYR H 225 32.44 20.69 13.23
C TYR H 225 32.21 22.21 13.14
N GLY H 226 32.45 22.78 11.95
CA GLY H 226 32.28 24.22 11.72
C GLY H 226 33.18 25.08 12.58
N ILE H 227 34.28 24.50 13.03
CA ILE H 227 35.24 25.21 13.86
C ILE H 227 36.57 25.85 13.43
N SER H 228 36.71 26.05 12.13
CA SER H 228 37.94 26.63 11.56
C SER H 228 37.88 28.16 11.47
N GLU H 229 38.06 28.82 12.62
CA GLU H 229 38.03 30.28 12.74
C GLU H 229 39.39 30.66 13.37
N SER H 230 40.47 30.38 12.63
CA SER H 230 41.85 30.66 13.06
C SER H 230 42.10 29.88 14.35
N GLU H 231 41.56 28.66 14.42
CA GLU H 231 41.77 27.72 15.54
C GLU H 231 41.45 28.24 16.96
N LYS H 232 42.43 28.12 17.86
CA LYS H 232 42.29 28.32 19.30
C LYS H 232 41.27 27.65 20.23
N ILE H 233 41.02 26.36 19.98
CA ILE H 233 40.14 25.54 20.83
C ILE H 233 40.65 24.72 22.01
N LEU H 234 39.99 24.90 23.15
CA LEU H 234 40.27 24.11 24.35
C LEU H 234 39.27 22.97 24.54
N ILE H 235 39.77 21.83 25.03
CA ILE H 235 39.04 20.56 25.07
C ILE H 235 38.82 20.07 26.52
N HIS H 236 37.85 19.18 26.69
CA HIS H 236 37.64 18.49 27.96
C HIS H 236 36.89 17.19 27.71
N ILE H 237 37.51 16.08 28.08
CA ILE H 237 36.87 14.77 27.99
C ILE H 237 36.80 14.13 29.36
N SER H 238 35.62 13.60 29.70
CA SER H 238 35.36 12.94 30.97
C SER H 238 34.11 12.08 30.91
N ASN H 239 33.67 11.59 32.06
CA ASN H 239 32.46 10.77 32.14
C ASN H 239 31.22 11.55 32.56
N PHE H 240 31.39 12.85 32.81
CA PHE H 240 30.32 13.77 33.18
C PHE H 240 29.64 13.51 34.53
N ARG H 241 30.41 13.03 35.51
CA ARG H 241 29.92 12.84 36.87
C ARG H 241 29.99 14.16 37.63
N LYS H 242 29.24 14.23 38.74
CA LYS H 242 29.23 15.43 39.58
C LYS H 242 30.64 15.79 40.00
N VAL H 243 31.45 14.75 40.21
CA VAL H 243 32.83 14.85 40.69
C VAL H 243 33.75 15.52 39.66
N LYS H 244 33.52 15.24 38.38
CA LYS H 244 34.37 15.80 37.32
C LYS H 244 34.22 17.31 37.16
N ARG H 245 33.23 17.90 37.83
CA ARG H 245 33.03 19.35 37.91
C ARG H 245 32.98 20.03 36.55
N VAL H 246 32.17 19.48 35.65
CA VAL H 246 32.04 20.02 34.30
C VAL H 246 31.46 21.43 34.34
N GLN H 247 30.67 21.72 35.37
CA GLN H 247 30.12 23.06 35.62
C GLN H 247 31.24 24.10 35.58
N ASP H 248 32.40 23.73 36.09
CA ASP H 248 33.56 24.63 36.19
C ASP H 248 34.31 24.77 34.88
N VAL H 249 34.33 23.71 34.08
CA VAL H 249 34.87 23.80 32.73
C VAL H 249 34.16 24.91 31.95
N VAL H 250 32.82 24.90 32.02
CA VAL H 250 31.96 25.84 31.27
C VAL H 250 31.84 27.23 31.90
N GLN H 251 31.60 27.28 33.21
CA GLN H 251 31.54 28.56 33.94
C GLN H 251 32.85 29.33 33.79
N ALA H 252 33.94 28.57 33.64
CA ALA H 252 35.26 29.15 33.39
C ALA H 252 35.46 29.46 31.92
N PHE H 253 34.59 28.92 31.08
CA PHE H 253 34.72 29.07 29.64
C PHE H 253 34.10 30.37 29.15
N ALA H 254 33.05 30.82 29.83
CA ALA H 254 32.45 32.12 29.53
C ALA H 254 33.53 33.21 29.61
N LYS H 255 34.38 33.08 30.62
CA LYS H 255 35.46 34.03 30.89
C LYS H 255 36.68 33.82 29.98
N ILE H 256 36.78 32.66 29.34
CA ILE H 256 37.81 32.42 28.32
C ILE H 256 37.37 33.10 27.03
N VAL H 257 36.06 33.01 26.76
CA VAL H 257 35.45 33.51 25.52
C VAL H 257 35.59 35.03 25.37
N THR H 258 35.36 35.76 26.46
CA THR H 258 35.44 37.22 26.46
C THR H 258 36.70 37.75 25.75
N GLU H 259 37.85 37.13 26.02
CA GLU H 259 39.13 37.59 25.46
C GLU H 259 39.59 36.94 24.15
N VAL H 260 39.61 35.61 24.12
CA VAL H 260 40.02 34.86 22.94
C VAL H 260 38.77 34.17 22.37
N ASP H 261 38.66 34.15 21.05
CA ASP H 261 37.57 33.49 20.35
C ASP H 261 37.87 31.99 20.18
N ALA H 262 37.23 31.18 21.01
CA ALA H 262 37.53 29.75 21.08
C ALA H 262 36.28 28.91 21.27
N LYS H 263 36.28 27.73 20.65
CA LYS H 263 35.19 26.78 20.82
C LYS H 263 35.61 25.68 21.78
N LEU H 264 34.84 25.52 22.86
CA LEU H 264 35.05 24.42 23.80
C LEU H 264 34.57 23.11 23.18
N LEU H 265 35.37 22.06 23.34
CA LEU H 265 34.98 20.72 22.93
C LEU H 265 34.69 19.88 24.16
N LEU H 266 33.45 19.39 24.28
CA LEU H 266 33.07 18.52 25.38
C LEU H 266 32.86 17.08 24.91
N VAL H 267 33.76 16.21 25.34
CA VAL H 267 33.81 14.82 24.89
C VAL H 267 33.42 13.93 26.06
N GLY H 268 32.71 12.84 25.75
CA GLY H 268 32.22 11.91 26.76
C GLY H 268 31.03 12.47 27.52
N ASP H 269 30.15 11.60 28.03
CA ASP H 269 28.92 12.04 28.71
C ASP H 269 28.34 11.00 29.66
N GLY H 270 27.57 11.47 30.63
CA GLY H 270 26.98 10.61 31.65
C GLY H 270 25.81 11.30 32.33
N PRO H 271 25.73 11.19 33.68
CA PRO H 271 24.57 11.67 34.43
C PRO H 271 24.22 13.15 34.56
N GLU H 272 25.23 14.01 34.66
CA GLU H 272 25.02 15.44 34.85
C GLU H 272 25.08 16.07 33.46
N PHE H 273 24.94 15.24 32.42
CA PHE H 273 24.99 15.71 31.04
C PHE H 273 23.90 16.71 30.73
N CYS H 274 22.65 16.34 31.02
CA CYS H 274 21.51 17.23 30.81
C CYS H 274 21.57 18.45 31.73
N THR H 275 22.19 18.30 32.90
CA THR H 275 22.38 19.40 33.83
C THR H 275 23.38 20.43 33.29
N ILE H 276 24.37 19.95 32.54
CA ILE H 276 25.38 20.83 31.95
C ILE H 276 24.88 21.49 30.67
N LEU H 277 24.11 20.74 29.87
CA LEU H 277 23.52 21.28 28.65
C LEU H 277 22.70 22.54 29.00
N GLN H 278 21.89 22.42 30.08
CA GLN H 278 20.94 23.46 30.59
C GLN H 278 21.64 24.79 30.99
N LEU H 279 22.97 24.81 31.17
CA LEU H 279 23.80 25.96 31.56
C LEU H 279 24.61 26.61 30.46
N VAL H 280 25.19 25.77 29.61
CA VAL H 280 25.85 26.19 28.38
C VAL H 280 24.77 27.02 27.67
N LYS H 281 23.55 26.49 27.66
CA LYS H 281 22.38 27.12 27.05
C LYS H 281 22.06 28.56 27.37
N ASN H 282 21.91 28.87 28.66
CA ASN H 282 21.59 30.22 29.10
C ASN H 282 22.81 31.17 29.13
N LEU H 283 23.99 30.60 28.89
CA LEU H 283 25.21 31.38 28.70
C LEU H 283 25.45 32.01 27.32
N HIS H 284 24.61 31.62 26.37
CA HIS H 284 24.58 32.13 24.98
C HIS H 284 25.86 31.72 24.22
N ILE H 285 26.52 30.66 24.67
CA ILE H 285 27.75 30.18 24.03
C ILE H 285 27.40 28.78 23.49
N GLU H 286 26.10 28.52 23.32
CA GLU H 286 25.60 27.24 22.83
C GLU H 286 26.13 26.93 21.43
N ASP H 287 26.46 27.98 20.68
CA ASP H 287 26.98 27.87 19.32
C ASP H 287 28.44 27.47 19.29
N ARG H 288 29.19 27.84 20.33
CA ARG H 288 30.62 27.61 20.39
C ARG H 288 31.02 26.39 21.23
N VAL H 289 30.06 25.77 21.91
CA VAL H 289 30.36 24.63 22.76
C VAL H 289 29.76 23.35 22.18
N LEU H 290 30.57 22.66 21.39
CA LEU H 290 30.20 21.37 20.83
C LEU H 290 30.03 20.36 21.94
N PHE H 291 29.03 19.50 21.80
CA PHE H 291 28.82 18.40 22.74
C PHE H 291 29.01 17.26 21.76
N LEU H 292 30.26 16.80 21.65
CA LEU H 292 30.61 15.73 20.72
C LEU H 292 29.95 14.50 21.33
N GLY H 293 30.31 14.20 22.57
CA GLY H 293 29.62 13.17 23.33
C GLY H 293 29.97 11.75 22.98
N LYS H 294 30.69 11.09 23.89
CA LYS H 294 31.09 9.68 23.76
C LYS H 294 31.75 9.42 22.40
N GLN H 295 32.44 10.43 21.88
CA GLN H 295 33.20 10.26 20.66
C GLN H 295 34.35 9.31 20.93
N ASP H 296 34.69 8.49 19.94
CA ASP H 296 35.81 7.56 20.05
C ASP H 296 37.03 8.05 19.28
N ASN H 297 38.17 7.40 19.52
CA ASN H 297 39.46 7.82 18.99
C ASN H 297 39.80 9.27 19.34
N VAL H 298 39.76 9.56 20.63
CA VAL H 298 40.04 10.89 21.17
C VAL H 298 41.38 11.47 20.70
N ALA H 299 42.13 10.66 19.96
CA ALA H 299 43.42 11.06 19.38
C ALA H 299 43.22 12.04 18.23
N GLU H 300 42.30 11.70 17.31
CA GLU H 300 41.97 12.56 16.18
C GLU H 300 41.61 13.97 16.64
N LEU H 301 40.64 14.08 17.54
CA LEU H 301 40.21 15.39 18.05
C LEU H 301 41.21 16.07 18.99
N LEU H 302 42.19 15.30 19.48
CA LEU H 302 43.31 15.88 20.25
C LEU H 302 44.38 16.51 19.36
N ALA H 303 44.35 16.18 18.07
CA ALA H 303 45.21 16.84 17.08
C ALA H 303 44.80 18.29 16.89
N MET H 304 43.50 18.50 16.65
CA MET H 304 42.94 19.84 16.46
C MET H 304 42.85 20.63 17.77
N SER H 305 42.96 19.93 18.90
CA SER H 305 42.93 20.54 20.23
C SER H 305 44.11 21.48 20.47
N ASP H 306 43.93 22.45 21.36
CA ASP H 306 44.99 23.39 21.74
C ASP H 306 45.27 23.45 23.24
N LEU H 307 44.22 23.31 24.05
CA LEU H 307 44.32 23.35 25.50
C LEU H 307 43.30 22.42 26.16
N MET H 308 43.63 21.89 27.32
CA MET H 308 42.72 20.99 28.04
C MET H 308 42.27 21.53 29.41
N LEU H 309 41.09 21.09 29.84
CA LEU H 309 40.56 21.46 31.13
C LEU H 309 40.11 20.22 31.91
N LEU H 310 40.67 20.04 33.10
CA LEU H 310 40.21 19.00 34.00
C LEU H 310 40.15 19.57 35.40
N LEU H 311 38.94 19.95 35.81
CA LEU H 311 38.75 20.66 37.08
C LEU H 311 38.09 19.78 38.13
N SER H 312 38.40 18.49 38.11
CA SER H 312 37.86 17.50 39.05
C SER H 312 38.10 17.88 40.49
N GLU H 313 37.14 17.56 41.35
CA GLU H 313 37.27 17.86 42.78
C GLU H 313 37.81 16.64 43.54
N LYS H 314 37.87 15.53 42.82
CA LYS H 314 38.40 14.30 43.32
C LYS H 314 39.02 13.52 42.18
N GLU H 315 40.32 13.62 41.93
CA GLU H 315 40.88 12.85 40.83
C GLU H 315 41.98 11.89 41.18
N SER H 316 41.74 10.63 40.92
CA SER H 316 42.71 9.63 41.23
C SER H 316 43.99 9.81 40.44
N PHE H 317 43.86 10.04 39.14
CA PHE H 317 44.97 10.20 38.24
C PHE H 317 44.25 10.25 36.94
N GLY H 318 44.34 11.33 36.19
CA GLY H 318 43.57 11.30 34.97
C GLY H 318 44.30 10.75 33.80
N LEU H 319 44.01 9.53 33.41
CA LEU H 319 44.70 9.03 32.20
C LEU H 319 44.53 9.98 31.02
N VAL H 320 43.45 10.76 31.03
CA VAL H 320 43.13 11.71 29.97
C VAL H 320 44.26 12.73 29.73
N LEU H 321 44.95 13.12 30.80
CA LEU H 321 46.00 14.14 30.71
C LEU H 321 47.22 13.68 29.93
N LEU H 322 47.62 12.42 30.13
CA LEU H 322 48.74 11.83 29.41
C LEU H 322 48.46 11.72 27.92
N GLU H 323 47.20 11.46 27.58
CA GLU H 323 46.75 11.39 26.19
C GLU H 323 46.89 12.76 25.52
N ALA H 324 46.56 13.82 26.26
CA ALA H 324 46.68 15.18 25.76
C ALA H 324 48.15 15.55 25.56
N MET H 325 48.90 15.58 26.66
CA MET H 325 50.34 15.90 26.62
C MET H 325 51.12 15.03 25.60
N ALA H 326 50.73 13.77 25.46
CA ALA H 326 51.42 12.81 24.59
C ALA H 326 51.51 13.23 23.13
N CYS H 327 50.67 14.20 22.73
CA CYS H 327 50.70 14.73 21.37
C CYS H 327 51.07 16.23 21.30
N GLY H 328 50.97 16.94 22.43
CA GLY H 328 51.47 18.31 22.50
C GLY H 328 50.53 19.36 23.06
N VAL H 329 49.37 18.93 23.52
CA VAL H 329 48.38 19.83 24.12
C VAL H 329 48.64 20.00 25.63
N PRO H 330 48.87 21.25 26.07
CA PRO H 330 49.10 21.58 27.48
C PRO H 330 47.81 21.55 28.28
N CYS H 331 47.86 20.99 29.49
CA CYS H 331 46.66 20.86 30.32
C CYS H 331 46.61 21.89 31.43
N ILE H 332 45.38 22.24 31.85
CA ILE H 332 45.13 23.00 33.07
C ILE H 332 44.22 22.20 34.00
N GLY H 333 44.70 21.89 35.20
CA GLY H 333 43.93 21.07 36.14
C GLY H 333 43.66 21.75 37.46
N THR H 334 42.98 21.04 38.35
CA THR H 334 42.86 21.49 39.73
C THR H 334 43.80 20.68 40.62
N ARG H 335 44.42 21.37 41.58
CA ARG H 335 45.48 20.82 42.41
C ARG H 335 45.22 19.56 43.26
N VAL H 336 43.98 19.09 43.23
CA VAL H 336 43.59 17.86 43.94
C VAL H 336 44.07 16.49 43.50
N GLY H 337 44.00 15.53 44.42
CA GLY H 337 44.31 14.13 44.13
C GLY H 337 45.62 13.91 43.42
N GLY H 338 45.58 13.13 42.35
CA GLY H 338 46.79 12.73 41.63
C GLY H 338 47.21 13.67 40.51
N ILE H 339 46.47 14.77 40.34
CA ILE H 339 46.76 15.77 39.31
C ILE H 339 48.17 16.38 39.43
N PRO H 340 48.58 16.79 40.65
CA PRO H 340 49.90 17.42 40.81
C PRO H 340 51.10 16.45 40.67
N GLU H 341 50.83 15.22 40.23
CA GLU H 341 51.89 14.23 39.96
C GLU H 341 52.08 14.04 38.46
N VAL H 342 51.20 14.66 37.68
CA VAL H 342 51.31 14.69 36.21
C VAL H 342 51.50 16.07 35.62
N ILE H 343 50.83 17.07 36.20
CA ILE H 343 50.90 18.44 35.70
C ILE H 343 51.87 19.19 36.61
N GLN H 344 53.01 19.57 36.05
CA GLN H 344 54.00 20.38 36.75
C GLN H 344 53.63 21.85 36.58
N HIS H 345 53.29 22.50 37.69
CA HIS H 345 52.69 23.83 37.65
C HIS H 345 53.78 24.64 36.96
N GLY H 346 53.40 25.42 35.96
CA GLY H 346 54.35 26.26 35.24
C GLY H 346 55.49 25.78 34.36
N ASP H 347 55.51 24.49 34.05
CA ASP H 347 56.54 23.92 33.19
C ASP H 347 55.80 23.22 32.05
N THR H 348 54.93 22.26 32.41
CA THR H 348 54.22 21.43 31.42
C THR H 348 52.72 21.71 31.42
N GLY H 349 52.33 22.76 32.14
CA GLY H 349 50.92 23.12 32.27
C GLY H 349 50.71 23.94 33.53
N TYR H 350 49.46 24.19 33.87
CA TYR H 350 49.16 24.93 35.08
C TYR H 350 48.13 24.18 35.89
N LEU H 351 48.09 24.47 37.20
CA LEU H 351 47.03 23.99 38.06
C LEU H 351 46.77 24.98 39.17
N CYS H 352 45.49 25.24 39.41
CA CYS H 352 45.05 26.20 40.42
C CYS H 352 43.95 25.59 41.25
N GLU H 353 43.71 26.19 42.41
CA GLU H 353 42.75 25.66 43.39
C GLU H 353 41.41 25.30 42.75
N VAL H 354 40.71 24.33 43.34
CA VAL H 354 39.42 23.86 42.82
C VAL H 354 38.29 24.88 43.03
N GLY H 355 37.44 25.03 42.02
CA GLY H 355 36.33 25.99 42.08
C GLY H 355 36.79 27.42 41.94
N ASP H 356 37.82 27.63 41.13
CA ASP H 356 38.37 28.95 40.84
C ASP H 356 38.28 29.19 39.34
N THR H 357 37.04 29.32 38.86
CA THR H 357 36.75 29.45 37.43
C THR H 357 37.57 30.56 36.77
N THR H 358 37.61 31.73 37.40
CA THR H 358 38.49 32.82 36.96
C THR H 358 39.94 32.34 36.97
N GLY H 359 40.37 31.76 38.09
CA GLY H 359 41.73 31.24 38.24
C GLY H 359 42.21 30.40 37.07
N VAL H 360 41.35 29.49 36.61
CA VAL H 360 41.63 28.70 35.41
C VAL H 360 41.51 29.59 34.18
N ALA H 361 40.43 30.36 34.12
CA ALA H 361 40.14 31.25 32.97
C ALA H 361 41.30 32.17 32.60
N ASP H 362 41.58 33.14 33.47
CA ASP H 362 42.67 34.10 33.22
C ASP H 362 44.03 33.43 33.07
N GLN H 363 44.19 32.25 33.68
CA GLN H 363 45.37 31.42 33.51
C GLN H 363 45.46 30.87 32.09
N ALA H 364 44.30 30.47 31.55
CA ALA H 364 44.21 29.92 30.21
C ALA H 364 44.23 31.00 29.14
N ILE H 365 43.42 32.04 29.32
CA ILE H 365 43.35 33.15 28.34
C ILE H 365 44.73 33.71 28.05
N GLN H 366 45.49 33.95 29.12
CA GLN H 366 46.87 34.42 29.03
C GLN H 366 47.69 33.52 28.11
N LEU H 367 47.69 32.23 28.41
CA LEU H 367 48.53 31.25 27.70
C LEU H 367 48.22 31.15 26.22
N LEU H 368 46.94 31.29 25.86
CA LEU H 368 46.49 31.16 24.48
C LEU H 368 46.97 32.31 23.58
N LYS H 369 47.11 33.48 24.19
CA LYS H 369 47.63 34.68 23.49
C LYS H 369 49.11 34.55 23.16
N ASP H 370 49.92 34.27 24.19
CA ASP H 370 51.37 34.11 24.05
C ASP H 370 51.70 32.85 23.25
N GLU H 371 51.95 33.03 21.95
CA GLU H 371 52.18 31.92 21.03
C GLU H 371 53.55 31.27 21.11
N GLU H 372 54.37 31.74 22.05
CA GLU H 372 55.68 31.12 22.30
C GLU H 372 55.85 30.46 23.67
N LEU H 373 55.11 30.96 24.66
CA LEU H 373 54.97 30.29 25.95
C LEU H 373 54.24 28.96 25.73
N HIS H 374 53.16 29.02 24.95
CA HIS H 374 52.39 27.83 24.55
C HIS H 374 53.25 26.82 23.79
N ARG H 375 53.92 27.28 22.73
CA ARG H 375 54.73 26.42 21.86
C ARG H 375 55.92 25.75 22.57
N ASN H 376 56.16 26.16 23.82
CA ASN H 376 57.24 25.59 24.63
C ASN H 376 56.70 24.75 25.78
N MET H 377 55.65 25.23 26.44
CA MET H 377 54.91 24.43 27.42
C MET H 377 54.27 23.24 26.71
N GLY H 378 54.00 23.42 25.42
CA GLY H 378 53.54 22.33 24.57
C GLY H 378 54.54 21.19 24.54
N GLU H 379 55.72 21.44 23.99
CA GLU H 379 56.73 20.38 23.85
C GLU H 379 57.40 19.98 25.17
N ARG H 380 57.25 20.82 26.20
CA ARG H 380 57.70 20.44 27.55
C ARG H 380 56.84 19.32 28.14
N ALA H 381 55.52 19.48 28.02
CA ALA H 381 54.56 18.45 28.43
C ALA H 381 54.76 17.14 27.67
N ARG H 382 55.05 17.25 26.38
CA ARG H 382 55.26 16.08 25.51
C ARG H 382 56.52 15.30 25.89
N GLU H 383 57.57 16.03 26.25
CA GLU H 383 58.78 15.43 26.79
C GLU H 383 58.42 14.75 28.12
N SER H 384 57.69 15.49 28.95
CA SER H 384 57.25 15.04 30.26
C SER H 384 56.62 13.65 30.24
N VAL H 385 56.04 13.27 29.11
CA VAL H 385 55.42 11.96 28.95
C VAL H 385 56.46 10.90 28.56
N TYR H 386 57.25 11.17 27.54
CA TYR H 386 58.25 10.20 27.09
C TYR H 386 59.37 10.06 28.12
N GLU H 387 59.31 10.90 29.15
CA GLU H 387 60.28 10.89 30.24
C GLU H 387 60.10 9.96 31.46
N GLN H 388 58.95 10.11 32.13
CA GLN H 388 58.69 9.50 33.42
C GLN H 388 57.49 8.55 33.25
N PHE H 389 56.56 8.94 32.38
CA PHE H 389 55.34 8.16 32.12
C PHE H 389 55.45 7.27 30.87
N ARG H 390 56.67 7.08 30.37
CA ARG H 390 56.90 6.41 29.09
C ARG H 390 56.40 4.96 29.11
N SER H 391 55.73 4.57 28.04
CA SER H 391 55.12 3.24 27.93
C SER H 391 56.03 2.10 28.36
N GLU H 392 57.24 2.07 27.80
CA GLU H 392 58.21 1.01 28.08
C GLU H 392 58.72 1.02 29.53
N LYS H 393 58.76 2.20 30.15
CA LYS H 393 59.24 2.32 31.52
C LYS H 393 58.25 1.72 32.52
N ILE H 394 56.96 2.00 32.32
CA ILE H 394 55.95 1.54 33.27
C ILE H 394 55.64 0.04 33.11
N VAL H 395 55.72 -0.47 31.89
CA VAL H 395 55.49 -1.90 31.63
C VAL H 395 56.56 -2.79 32.30
N SER H 396 57.82 -2.33 32.22
CA SER H 396 58.94 -3.03 32.85
C SER H 396 58.89 -2.94 34.38
N GLN H 397 57.97 -2.13 34.89
CA GLN H 397 57.76 -2.00 36.33
C GLN H 397 56.78 -3.04 36.84
N TYR H 398 55.74 -3.33 36.06
CA TYR H 398 54.82 -4.43 36.38
C TYR H 398 55.55 -5.76 36.22
N GLU H 399 56.42 -5.83 35.20
CA GLU H 399 57.26 -6.98 34.99
C GLU H 399 58.02 -7.31 36.26
N THR H 400 58.90 -6.40 36.68
CA THR H 400 59.75 -6.63 37.85
C THR H 400 58.94 -6.77 39.13
N ILE H 401 57.63 -6.48 39.06
CA ILE H 401 56.72 -6.79 40.15
C ILE H 401 56.32 -8.27 40.07
N TYR H 402 56.02 -8.75 38.87
CA TYR H 402 55.66 -10.15 38.70
C TYR H 402 56.80 -11.06 39.16
N TYR H 403 57.99 -10.89 38.58
CA TYR H 403 59.15 -11.74 38.87
C TYR H 403 59.54 -11.73 40.35
N ASP H 404 59.51 -10.55 40.96
CA ASP H 404 59.85 -10.42 42.39
C ASP H 404 58.86 -11.14 43.31
N VAL H 405 57.60 -11.23 42.89
CA VAL H 405 56.59 -11.98 43.64
C VAL H 405 56.49 -13.44 43.15
N LEU H 406 57.54 -13.91 42.49
CA LEU H 406 57.62 -15.32 42.10
C LEU H 406 58.92 -15.97 42.61
N ARG H 407 59.76 -15.15 43.22
CA ARG H 407 60.95 -15.63 43.90
C ARG H 407 60.74 -15.41 45.38
N ASP H 408 61.51 -16.09 46.22
CA ASP H 408 61.36 -15.93 47.65
C ASP H 408 60.16 -16.76 48.05
N ASP H 409 59.63 -17.49 47.08
CA ASP H 409 58.44 -18.31 47.28
C ASP H 409 57.29 -17.70 46.52
N1 UDP I . -35.56 -7.84 -29.33
C2 UDP I . -34.20 -7.90 -29.59
N3 UDP I . -33.35 -8.53 -28.70
C4 UDP I . -33.85 -9.08 -27.53
C5 UDP I . -35.21 -9.02 -27.26
C6 UDP I . -36.05 -8.39 -28.18
O2 UDP I . -33.70 -7.43 -30.62
O4 UDP I . -33.09 -9.63 -26.74
C1' UDP I . -36.50 -7.16 -30.27
C2' UDP I . -36.84 -8.04 -31.46
O2' UDP I . -36.19 -7.59 -32.63
C3' UDP I . -38.35 -7.96 -31.59
C4' UDP I . -38.83 -7.08 -30.44
O4' UDP I . -37.71 -6.85 -29.60
O3' UDP I . -38.68 -7.34 -32.81
C5' UDP I . -40.05 -7.67 -29.71
O5' UDP I . -39.70 -8.40 -28.55
PA UDP I . -40.65 -8.52 -27.24
O1A UDP I . -39.98 -7.91 -26.07
O2A UDP I . -41.01 -9.94 -26.94
O3A UDP I . -41.96 -7.64 -27.59
PB UDP I . -43.26 -8.27 -28.32
O1B UDP I . -42.83 -9.23 -29.39
O2B UDP I . -44.05 -7.18 -28.96
O3B UDP I . -44.07 -8.99 -27.31
C1 GOL J . -68.36 4.31 -22.02
O1 GOL J . -67.14 4.71 -21.44
C2 GOL J . -68.43 2.79 -22.23
O2 GOL J . -69.77 2.40 -22.44
C3 GOL J . -67.88 2.04 -21.03
O3 GOL J . -67.65 0.69 -21.35
C1 GOL K . -53.45 7.73 -49.94
O1 GOL K . -52.67 8.78 -49.42
C2 GOL K . -52.57 6.69 -50.63
O2 GOL K . -52.69 6.80 -52.03
C3 GOL K . -52.90 5.26 -50.18
O3 GOL K . -54.30 5.04 -50.17
C1 GOL L . -58.47 -1.59 -41.36
O1 GOL L . -57.52 -1.78 -42.40
C2 GOL L . -59.52 -2.72 -41.35
O2 GOL L . -60.59 -2.38 -42.22
C3 GOL L . -60.06 -2.90 -39.92
O3 GOL L . -60.78 -4.10 -39.81
C1 GOL M . -48.46 -9.08 -25.37
O1 GOL M . -49.57 -9.94 -25.43
C2 GOL M . -47.43 -9.44 -26.45
O2 GOL M . -46.23 -9.84 -25.83
C3 GOL M . -47.17 -8.24 -27.35
O3 GOL M . -46.91 -8.66 -28.68
C1 GOL N . -52.67 -8.07 -47.19
O1 GOL N . -52.16 -9.25 -47.78
C2 GOL N . -53.17 -8.30 -45.76
O2 GOL N . -52.72 -9.54 -45.23
C3 GOL N . -54.69 -8.28 -45.73
O3 GOL N . -55.13 -6.97 -45.97
C1 MLT O . -42.97 -2.66 -25.26
O1 MLT O . -43.62 -2.40 -26.28
O2 MLT O . -42.16 -1.81 -24.80
C2 MLT O . -43.13 -3.98 -24.59
O3 MLT O . -43.81 -4.88 -25.44
C3 MLT O . -43.92 -3.80 -23.30
C4 MLT O . -43.84 -5.04 -22.43
O4 MLT O . -43.90 -4.94 -21.18
O5 MLT O . -43.72 -6.19 -22.93
C1 GOL P . -39.82 34.20 -5.83
O1 GOL P . -39.23 33.25 -6.69
C2 GOL P . -40.24 33.58 -4.49
O2 GOL P . -39.70 32.29 -4.32
C3 GOL P . -41.76 33.49 -4.36
O3 GOL P . -42.34 34.73 -4.01
C1 GOL Q . -37.03 38.34 -8.59
O1 GOL Q . -37.51 39.66 -8.49
C2 GOL Q . -38.20 37.39 -8.87
O2 GOL Q . -38.50 36.65 -7.71
C3 GOL Q . -37.83 36.44 -10.01
O3 GOL Q . -38.07 37.05 -11.26
N1 UDP R . -23.12 2.07 -9.37
C2 UDP R . -23.32 0.87 -8.69
N3 UDP R . -24.49 0.17 -8.85
C4 UDP R . -25.48 0.65 -9.68
C5 UDP R . -25.28 1.85 -10.35
C6 UDP R . -24.02 2.44 -10.33
O2 UDP R . -22.45 0.41 -7.94
O4 UDP R . -26.52 0.02 -9.81
C1' UDP R . -21.89 2.83 -9.21
C2' UDP R . -21.69 3.15 -7.74
O2' UDP R . -22.15 4.46 -7.47
C3' UDP R . -20.20 3.02 -7.53
C4' UDP R . -19.68 2.28 -8.75
O4' UDP R . -20.76 2.08 -9.62
O3' UDP R . -19.64 4.29 -7.48
C5' UDP R . -19.04 0.94 -8.39
O5' UDP R . -17.62 1.07 -8.36
PA UDP R . -16.68 0.05 -7.52
O1A UDP R . -16.91 0.26 -6.07
O2A UDP R . -15.25 0.23 -7.88
O3A UDP R . -17.21 -1.41 -7.93
PB UDP R . -16.52 -2.23 -9.14
O1B UDP R . -15.09 -2.41 -8.80
O2B UDP R . -16.66 -1.43 -10.37
O3B UDP R . -17.20 -3.53 -9.30
C1 GOL S . -24.85 6.31 -9.16
O1 GOL S . -24.83 5.05 -8.53
C2 GOL S . -23.43 6.85 -9.29
O2 GOL S . -23.30 8.05 -8.56
C3 GOL S . -23.11 7.09 -10.76
O3 GOL S . -23.64 8.34 -11.15
C1 GOL T . -2.46 21.45 -4.06
O1 GOL T . -3.63 22.16 -3.74
C2 GOL T . -2.22 21.43 -5.57
O2 GOL T . -2.45 22.71 -6.11
C3 GOL T . -3.16 20.43 -6.25
O3 GOL T . -2.89 19.13 -5.80
C1 MLT U . -16.04 -1.41 -14.26
O1 MLT U . -17.01 -1.60 -13.51
O2 MLT U . -16.01 -0.39 -15.00
C2 MLT U . -14.93 -2.41 -14.29
O3 MLT U . -15.22 -3.54 -13.49
C3 MLT U . -13.60 -1.79 -13.89
C4 MLT U . -13.48 -1.38 -12.44
O4 MLT U . -12.81 -2.08 -11.64
O5 MLT U . -14.02 -0.33 -12.02
MG MG V . -13.05 -1.17 -7.35
C1 GOL W . -10.54 -10.85 -24.27
O1 GOL W . -9.32 -10.54 -24.91
C2 GOL W . -10.41 -10.65 -22.76
O2 GOL W . -10.60 -11.88 -22.09
C3 GOL W . -11.45 -9.65 -22.28
O3 GOL W . -11.81 -9.91 -20.94
C1 GOL X . -41.78 -9.27 -73.44
O1 GOL X . -42.44 -10.52 -73.39
C2 GOL X . -40.67 -9.20 -72.40
O2 GOL X . -40.12 -10.48 -72.14
C3 GOL X . -41.19 -8.55 -71.12
O3 GOL X . -40.22 -8.63 -70.10
C1 GOL Y . -46.83 -9.56 -64.65
O1 GOL Y . -47.33 -10.88 -64.71
C2 GOL Y . -47.21 -8.81 -65.93
O2 GOL Y . -46.09 -8.69 -66.77
C3 GOL Y . -47.80 -7.45 -65.57
O3 GOL Y . -46.85 -6.41 -65.70
N1 UDP Z . 14.95 -3.12 22.74
C2 UDP Z . 15.15 -1.94 23.47
N3 UDP Z . 15.83 -2.01 24.68
C4 UDP Z . 16.30 -3.24 25.12
C5 UDP Z . 16.10 -4.40 24.38
C6 UDP Z . 15.63 -4.25 23.09
O2 UDP Z . 14.74 -0.85 23.09
O4 UDP Z . 16.91 -3.31 26.19
C1' UDP Z . 14.24 -3.20 21.43
C2' UDP Z . 12.79 -3.61 21.60
O2' UDP Z . 12.72 -4.99 21.83
C3' UDP Z . 12.21 -3.24 20.25
C4' UDP Z . 13.22 -2.30 19.63
O4' UDP Z . 14.19 -2.04 20.62
O3' UDP Z . 12.08 -4.39 19.46
C5' UDP Z . 12.58 -1.03 19.11
O5' UDP Z . 12.36 -1.16 17.72
PA UDP Z . 11.24 -0.31 16.91
O1A UDP Z . 9.91 -0.92 17.08
O2A UDP Z . 11.60 -0.19 15.47
O3A UDP Z . 11.27 1.15 17.59
PB UDP Z . 12.51 2.14 17.35
O1B UDP Z . 13.77 1.36 17.42
O2B UDP Z . 12.52 3.17 18.42
O3B UDP Z . 12.38 2.77 16.02
C1 GOL AA . -15.33 -4.04 24.99
O1 GOL AA . -14.85 -4.08 23.66
C2 GOL AA . -16.39 -2.96 25.11
O2 GOL AA . -15.92 -1.93 25.95
C3 GOL AA . -17.70 -3.55 25.65
O3 GOL AA . -17.59 -3.92 27.01
C1 GOL BA . 14.50 -9.54 24.88
O1 GOL BA . 14.41 -9.81 26.26
C2 GOL BA . 14.15 -8.07 24.64
O2 GOL BA . 12.75 -7.92 24.72
C3 GOL BA . 14.63 -7.66 23.24
O3 GOL BA . 16.01 -7.40 23.26
C1 GOL CA . 0.13 -11.72 30.49
O1 GOL CA . 0.38 -13.11 30.51
C2 GOL CA . -1.27 -11.43 31.01
O2 GOL CA . -2.22 -11.64 29.99
C3 GOL CA . -1.30 -9.98 31.52
O3 GOL CA . -2.62 -9.56 31.81
C1 GOL DA . 10.46 -7.66 -5.41
O1 GOL DA . 9.92 -7.88 -4.13
C2 GOL DA . 9.72 -8.50 -6.44
O2 GOL DA . 9.30 -9.75 -5.92
C3 GOL DA . 10.59 -8.70 -7.68
O3 GOL DA . 10.58 -7.53 -8.48
C1 MLT EA . 15.58 3.22 14.80
O1 MLT EA . 15.42 4.17 14.01
O2 MLT EA . 16.02 3.44 15.95
C2 MLT EA . 15.22 1.82 14.37
O3 MLT EA . 15.19 0.97 15.49
C3 MLT EA . 16.23 1.30 13.33
C4 MLT EA . 17.52 0.88 14.02
O4 MLT EA . 17.81 -0.32 14.14
O5 MLT EA . 18.32 1.73 14.48
MG MG FA . 10.25 1.07 13.45
C1 GOL GA . 69.67 25.37 -2.52
O1 GOL GA . 70.63 24.70 -1.73
C2 GOL GA . 68.55 25.91 -1.62
O2 GOL GA . 67.95 24.84 -0.91
C3 GOL GA . 67.48 26.59 -2.47
O3 GOL GA . 67.78 27.95 -2.64
C1 GOL HA . 38.48 28.24 -6.69
O1 GOL HA . 39.65 28.29 -7.48
C2 GOL HA . 38.89 28.14 -5.22
O2 GOL HA . 38.75 26.81 -4.77
C3 GOL HA . 38.09 29.10 -4.34
O3 GOL HA . 36.70 28.85 -4.44
C1 GOL IA . 32.19 9.94 9.50
O1 GOL IA . 33.43 10.18 10.12
C2 GOL IA . 31.70 11.22 8.82
O2 GOL IA . 30.62 11.75 9.54
C3 GOL IA . 31.30 11.00 7.37
O3 GOL IA . 30.92 9.66 7.13
C1 GOL JA . 53.33 8.32 -2.65
O1 GOL JA . 53.72 9.56 -3.19
C2 GOL JA . 54.24 7.97 -1.49
O2 GOL JA . 55.49 7.55 -1.98
C3 GOL JA . 53.60 6.86 -0.64
O3 GOL JA . 54.27 5.62 -0.79
N1 UDP KA . 36.76 7.89 27.77
C2 UDP KA . 36.15 8.25 26.56
N3 UDP KA . 34.86 8.77 26.56
C4 UDP KA . 34.17 8.94 27.75
C5 UDP KA . 34.77 8.59 28.95
C6 UDP KA . 36.03 8.01 28.94
O2 UDP KA . 36.72 8.11 25.48
O4 UDP KA . 33.03 9.40 27.75
C1' UDP KA . 38.14 7.30 27.85
C2' UDP KA . 39.24 8.29 27.45
O2' UDP KA . 39.81 7.90 26.22
C3' UDP KA . 40.25 8.27 28.57
C4' UDP KA . 39.64 7.40 29.68
O4' UDP KA . 38.44 6.87 29.17
O3' UDP KA . 41.45 7.68 28.16
C5' UDP KA . 39.40 8.20 30.96
O5' UDP KA . 39.62 7.38 32.09
PA UDP KA . 39.60 7.97 33.60
O1A UDP KA . 40.87 8.68 33.89
O2A UDP KA . 39.36 6.89 34.58
O3A UDP KA . 38.38 9.04 33.61
PB UDP KA . 36.83 8.62 33.74
O1B UDP KA . 36.63 7.26 33.19
O2B UDP KA . 36.01 9.58 32.95
O3B UDP KA . 36.42 8.66 35.15
C1 GOL LA . 64.95 -15.71 34.85
O1 GOL LA . 63.86 -16.59 35.02
C2 GOL LA . 64.43 -14.29 34.67
O2 GOL LA . 64.36 -13.95 33.30
C3 GOL LA . 65.31 -13.31 35.44
O3 GOL LA . 64.76 -13.12 36.72
C1 MLT MA . 34.89 5.51 36.74
O1 MLT MA . 34.63 4.67 37.62
O2 MLT MA . 34.00 6.33 36.40
C2 MLT MA . 36.24 5.59 36.09
O3 MLT MA . 36.09 5.33 34.71
C3 MLT MA . 37.24 4.62 36.73
C4 MLT MA . 37.26 3.32 35.97
O4 MLT MA . 36.45 2.41 36.22
O5 MLT MA . 38.12 3.13 35.07
#